data_5KVU
#
_entry.id   5KVU
#
_cell.length_a   74.827
_cell.length_b   110.861
_cell.length_c   114.914
_cell.angle_alpha   86.010
_cell.angle_beta   78.620
_cell.angle_gamma   76.790
#
_symmetry.space_group_name_H-M   'P 1'
#
loop_
_entity.id
_entity.type
_entity.pdbx_description
1 polymer 'Isocitrate dehydrogenase'
2 non-polymer 'NADP NICOTINAMIDE-ADENINE-DINUCLEOTIDE PHOSPHATE'
3 non-polymer D-MALATE
4 non-polymer 1,2-ETHANEDIOL
5 non-polymer 'MALONIC ACID'
6 non-polymer 'SUCCINIC ACID'
7 non-polymer GLYCEROL
8 water water
#
_entity_poly.entity_id   1
_entity_poly.type   'polypeptide(L)'
_entity_poly.pdbx_seq_one_letter_code
;MSAEQPTIIYTLTDEAPLLATYAFLPIVRAFAEPAGIKIEASDISVAARILAEFPDYLTEEQRVPDNLAELGRLTQLPDT
NIIKLPNISASVPQLVAAIKELQDKGYAVPDYPADPKTDQEKAIKERYARCLGSAVNPVLRQGNSDRRAPKAVKEYARKH
PHSMGEWSMASRTHVAHMRHGDFYAGEKSMTLDRARNVRMELLAKSGKTIVLKPEVPLDDGDVIDSMFMSKKALCDFYEE
QMQDAFETGVMFSLHVKATMMKVSHPIVFGHAVRIFYKDAFAKHQELFDDLGVNVNNGLSDLYSKIESLPASQRDEIIED
LHRCHEHRPELAMVDSARGISNFHSPSDVIVDASMPAMIRAGGKMYGADGKLKDTKAVNPESTFSRIYQEIINFCKTNGQ
FDPTTMGTVPNVGLMAQQAEEYGSHDKTFEIPEDGVANIVDVATGEVLLTENVEAGDIWRMCIVKDAPIRDWVKLAVTRA
RISGMPVLFWLDPYRPHENELIKKVKTYLKDHDTEGLDIQIMSQVRSMRYTCERLVRGLDTIAATGNILRDYLTDLFPIL
ELGTSAKMLSVVPLMAGGGMYETGAGGSAPKHVKQLVEENHLRWDSLGEFLALGAGFEDIGIKTGNERAKLLGKTLDAAI
GKLLDNDKSPSRKTGELDNRGSQFYLAMYWAQELAAQTDDQQLAEHFASLADVLTKNEDVIVRELTEVQGEPVDIGGYYA
PDSDMTTAVMRPSKTFNAALEAVQG
;
_entity_poly.pdbx_strand_id   A,B,C,D
#
# COMPACT_ATOMS: atom_id res chain seq x y z
N GLN A 5 64.25 -35.23 7.11
CA GLN A 5 63.82 -33.95 6.55
C GLN A 5 62.31 -33.74 6.74
N PRO A 6 61.92 -32.52 7.17
CA PRO A 6 60.52 -32.19 7.44
C PRO A 6 59.60 -32.33 6.22
N THR A 7 58.42 -32.91 6.43
CA THR A 7 57.44 -33.04 5.36
C THR A 7 56.10 -32.42 5.77
N ILE A 8 55.56 -31.55 4.91
CA ILE A 8 54.20 -31.06 5.08
C ILE A 8 53.27 -31.78 4.13
N ILE A 9 52.30 -32.50 4.68
CA ILE A 9 51.28 -33.13 3.85
C ILE A 9 50.20 -32.11 3.53
N TYR A 10 50.00 -31.85 2.24
CA TYR A 10 49.00 -30.89 1.79
C TYR A 10 47.85 -31.63 1.11
N THR A 11 46.65 -31.53 1.68
CA THR A 11 45.51 -32.31 1.16
C THR A 11 44.91 -31.74 -0.12
N LEU A 12 44.73 -32.62 -1.11
CA LEU A 12 43.97 -32.28 -2.29
C LEU A 12 42.54 -32.78 -2.06
N THR A 13 41.60 -31.84 -2.00
CA THR A 13 40.22 -32.20 -1.71
C THR A 13 39.31 -31.97 -2.90
N ASP A 14 38.15 -31.38 -2.65
CA ASP A 14 37.17 -31.22 -3.72
C ASP A 14 36.78 -29.77 -3.87
N GLU A 15 36.37 -29.41 -5.09
CA GLU A 15 35.74 -28.11 -5.34
C GLU A 15 36.64 -26.88 -5.10
N ALA A 16 36.08 -25.89 -4.41
CA ALA A 16 36.73 -24.59 -4.28
C ALA A 16 38.14 -24.64 -3.68
N PRO A 17 38.29 -25.26 -2.49
CA PRO A 17 39.66 -25.31 -1.95
C PRO A 17 40.59 -26.08 -2.89
N LEU A 18 40.07 -27.05 -3.64
CA LEU A 18 40.89 -27.77 -4.61
C LEU A 18 41.43 -26.83 -5.67
N LEU A 19 40.54 -26.04 -6.28
CA LEU A 19 40.98 -25.07 -7.29
C LEU A 19 41.99 -24.06 -6.73
N ALA A 20 41.66 -23.52 -5.55
CA ALA A 20 42.58 -22.63 -4.83
C ALA A 20 43.96 -23.27 -4.69
N THR A 21 43.97 -24.56 -4.36
CA THR A 21 45.20 -25.32 -4.19
C THR A 21 45.93 -25.46 -5.52
N TYR A 22 45.18 -25.57 -6.61
CA TYR A 22 45.80 -25.60 -7.92
C TYR A 22 46.49 -24.27 -8.18
N ALA A 23 45.95 -23.19 -7.62
CA ALA A 23 46.61 -21.89 -7.80
C ALA A 23 47.69 -21.56 -6.75
N PHE A 24 47.74 -22.30 -5.64
CA PHE A 24 48.56 -21.90 -4.50
C PHE A 24 49.70 -22.88 -4.19
N LEU A 25 49.48 -24.15 -4.48
CA LEU A 25 50.48 -25.17 -4.18
C LEU A 25 51.86 -24.92 -4.80
N PRO A 26 51.91 -24.46 -6.08
CA PRO A 26 53.21 -24.09 -6.64
C PRO A 26 53.89 -22.97 -5.85
N ILE A 27 53.12 -22.01 -5.36
CA ILE A 27 53.66 -20.95 -4.51
C ILE A 27 54.29 -21.55 -3.24
N VAL A 28 53.54 -22.42 -2.54
CA VAL A 28 54.03 -23.08 -1.34
C VAL A 28 55.34 -23.81 -1.56
N ARG A 29 55.43 -24.63 -2.60
CA ARG A 29 56.66 -25.35 -2.94
C ARG A 29 57.84 -24.40 -3.18
N ALA A 30 57.58 -23.28 -3.84
CA ALA A 30 58.64 -22.33 -4.16
C ALA A 30 59.16 -21.61 -2.92
N PHE A 31 58.37 -21.59 -1.85
CA PHE A 31 58.76 -20.94 -0.61
C PHE A 31 59.33 -21.94 0.40
N ALA A 32 58.80 -23.16 0.40
CA ALA A 32 59.23 -24.17 1.35
C ALA A 32 60.56 -24.81 0.94
N GLU A 33 60.85 -24.76 -0.35
CA GLU A 33 62.07 -25.39 -0.87
C GLU A 33 63.36 -24.84 -0.23
N PRO A 34 63.56 -23.50 -0.23
CA PRO A 34 64.78 -22.98 0.40
C PRO A 34 64.95 -23.36 1.87
N ALA A 35 63.88 -23.81 2.52
CA ALA A 35 63.95 -24.17 3.94
C ALA A 35 64.04 -25.67 4.16
N GLY A 36 64.19 -26.43 3.08
CA GLY A 36 64.32 -27.87 3.22
C GLY A 36 63.07 -28.55 3.74
N ILE A 37 61.91 -28.00 3.40
CA ILE A 37 60.64 -28.61 3.73
C ILE A 37 60.06 -29.21 2.46
N LYS A 38 59.79 -30.52 2.48
CA LYS A 38 59.15 -31.18 1.35
C LYS A 38 57.63 -30.96 1.41
N ILE A 39 57.03 -30.70 0.25
CA ILE A 39 55.58 -30.51 0.18
C ILE A 39 54.95 -31.72 -0.51
N GLU A 40 54.28 -32.57 0.26
CA GLU A 40 53.68 -33.80 -0.26
C GLU A 40 52.16 -33.71 -0.36
N ALA A 41 51.67 -33.63 -1.58
CA ALA A 41 50.22 -33.56 -1.82
C ALA A 41 49.57 -34.93 -1.66
N SER A 42 48.49 -34.98 -0.88
CA SER A 42 47.74 -36.22 -0.65
C SER A 42 46.30 -36.09 -1.16
N ASP A 43 45.98 -36.82 -2.23
CA ASP A 43 44.64 -36.75 -2.82
C ASP A 43 43.64 -37.56 -2.01
N ILE A 44 42.75 -36.86 -1.32
CA ILE A 44 41.69 -37.49 -0.53
C ILE A 44 40.32 -37.01 -0.99
N SER A 45 40.25 -36.56 -2.24
CA SER A 45 38.99 -36.15 -2.86
C SER A 45 38.00 -37.33 -2.88
N VAL A 46 36.74 -37.05 -3.17
CA VAL A 46 35.74 -38.11 -3.24
C VAL A 46 36.13 -39.13 -4.30
N ALA A 47 36.40 -38.61 -5.50
CA ALA A 47 36.81 -39.44 -6.64
C ALA A 47 37.98 -40.34 -6.28
N ALA A 48 38.99 -39.74 -5.65
CA ALA A 48 40.17 -40.48 -5.21
C ALA A 48 39.83 -41.61 -4.25
N ARG A 49 39.00 -41.33 -3.25
CA ARG A 49 38.66 -42.34 -2.26
C ARG A 49 37.83 -43.47 -2.89
N ILE A 50 37.05 -43.11 -3.90
CA ILE A 50 36.32 -44.08 -4.72
C ILE A 50 37.30 -45.01 -5.43
N LEU A 51 38.21 -44.42 -6.21
CA LEU A 51 39.20 -45.18 -6.96
C LEU A 51 40.04 -46.07 -6.04
N ALA A 52 40.41 -45.55 -4.89
CA ALA A 52 41.17 -46.29 -3.90
C ALA A 52 40.34 -47.39 -3.29
N GLU A 53 39.02 -47.26 -3.34
CA GLU A 53 38.16 -48.33 -2.84
C GLU A 53 38.04 -49.50 -3.83
N PHE A 54 38.08 -49.19 -5.13
CA PHE A 54 37.89 -50.20 -6.15
C PHE A 54 39.07 -50.37 -7.12
N PRO A 55 40.20 -50.90 -6.63
CA PRO A 55 41.34 -51.10 -7.54
C PRO A 55 41.10 -52.28 -8.47
N ASP A 56 40.31 -53.25 -8.02
CA ASP A 56 39.99 -54.45 -8.82
C ASP A 56 38.95 -54.19 -9.92
N TYR A 57 38.87 -52.93 -10.35
CA TYR A 57 38.05 -52.54 -11.48
C TYR A 57 38.91 -51.61 -12.32
N LEU A 58 40.14 -51.40 -11.85
CA LEU A 58 41.05 -50.42 -12.46
C LEU A 58 42.24 -51.06 -13.14
N THR A 59 42.87 -50.31 -14.05
CA THR A 59 44.05 -50.78 -14.74
C THR A 59 45.27 -50.72 -13.82
N GLU A 60 46.45 -50.65 -14.43
CA GLU A 60 47.69 -50.46 -13.69
C GLU A 60 47.88 -48.97 -13.39
N GLU A 61 47.80 -48.16 -14.44
CA GLU A 61 48.09 -46.73 -14.36
C GLU A 61 46.93 -45.93 -13.77
N GLN A 62 45.76 -46.58 -13.64
CA GLN A 62 44.58 -45.93 -13.09
C GLN A 62 44.60 -45.94 -11.57
N ARG A 63 45.14 -47.01 -11.00
CA ARG A 63 45.09 -47.25 -9.57
C ARG A 63 45.70 -46.14 -8.71
N VAL A 64 45.23 -46.08 -7.47
CA VAL A 64 45.53 -44.98 -6.57
C VAL A 64 45.76 -45.56 -5.19
N PRO A 65 46.79 -45.10 -4.48
CA PRO A 65 47.04 -45.60 -3.13
C PRO A 65 45.97 -45.11 -2.15
N ASP A 66 45.63 -45.93 -1.16
CA ASP A 66 44.71 -45.51 -0.10
C ASP A 66 45.35 -44.37 0.70
N ASN A 67 45.25 -43.14 0.17
CA ASN A 67 45.88 -42.00 0.81
C ASN A 67 45.29 -41.68 2.19
N LEU A 68 43.99 -41.91 2.34
CA LEU A 68 43.33 -41.62 3.61
C LEU A 68 43.89 -42.53 4.71
N ALA A 69 44.04 -43.81 4.40
CA ALA A 69 44.62 -44.75 5.34
C ALA A 69 46.05 -44.36 5.68
N GLU A 70 46.79 -43.91 4.66
CA GLU A 70 48.16 -43.44 4.87
C GLU A 70 48.20 -42.29 5.87
N LEU A 71 47.39 -41.27 5.64
CA LEU A 71 47.27 -40.16 6.57
C LEU A 71 46.89 -40.64 7.98
N GLY A 72 45.99 -41.62 8.03
CA GLY A 72 45.56 -42.21 9.28
C GLY A 72 46.74 -42.76 10.05
N ARG A 73 47.55 -43.57 9.39
CA ARG A 73 48.78 -44.06 9.98
C ARG A 73 49.69 -42.91 10.42
N LEU A 74 49.85 -41.92 9.55
CA LEU A 74 50.70 -40.76 9.82
C LEU A 74 50.28 -40.00 11.08
N THR A 75 49.00 -40.00 11.40
CA THR A 75 48.50 -39.31 12.60
C THR A 75 49.12 -39.86 13.89
N GLN A 76 49.70 -41.05 13.80
CA GLN A 76 50.27 -41.68 15.00
C GLN A 76 51.78 -41.44 15.13
N LEU A 77 52.33 -40.64 14.24
CA LEU A 77 53.76 -40.31 14.25
C LEU A 77 54.01 -38.86 14.67
N PRO A 78 55.05 -38.63 15.49
CA PRO A 78 55.32 -37.31 16.09
C PRO A 78 55.70 -36.26 15.05
N ASP A 79 56.34 -36.69 13.97
CA ASP A 79 56.88 -35.78 12.96
C ASP A 79 55.90 -35.41 11.86
N THR A 80 54.64 -35.78 12.04
CA THR A 80 53.62 -35.57 11.01
C THR A 80 53.13 -34.13 11.00
N ASN A 81 52.97 -33.57 9.80
CA ASN A 81 52.46 -32.21 9.66
C ASN A 81 51.53 -32.12 8.48
N ILE A 82 50.23 -31.98 8.78
CA ILE A 82 49.21 -32.03 7.76
C ILE A 82 48.47 -30.69 7.63
N ILE A 83 48.44 -30.16 6.40
CA ILE A 83 47.55 -29.05 6.10
C ILE A 83 46.28 -29.64 5.50
N LYS A 84 45.21 -29.63 6.31
CA LYS A 84 43.92 -30.21 5.94
C LYS A 84 42.97 -29.14 5.39
N LEU A 85 42.60 -29.29 4.13
CA LEU A 85 41.62 -28.41 3.51
C LEU A 85 40.23 -29.07 3.57
N PRO A 86 39.16 -28.25 3.56
CA PRO A 86 37.80 -28.81 3.66
C PRO A 86 37.54 -29.82 2.55
N ASN A 87 36.84 -30.90 2.88
CA ASN A 87 36.52 -31.90 1.88
C ASN A 87 35.04 -32.30 1.97
N ILE A 88 34.49 -32.72 0.83
CA ILE A 88 33.10 -33.16 0.75
C ILE A 88 32.82 -34.43 1.55
N SER A 89 31.86 -34.38 2.47
CA SER A 89 31.31 -35.60 3.06
C SER A 89 30.15 -36.03 2.20
N ALA A 90 30.45 -36.86 1.19
CA ALA A 90 29.51 -37.16 0.13
C ALA A 90 28.19 -37.77 0.59
N SER A 91 27.10 -37.28 0.00
CA SER A 91 25.81 -37.93 0.10
C SER A 91 25.70 -38.89 -1.08
N VAL A 92 24.73 -39.81 -1.03
CA VAL A 92 24.49 -40.75 -2.13
C VAL A 92 24.34 -40.07 -3.51
N PRO A 93 23.57 -38.95 -3.60
CA PRO A 93 23.49 -38.30 -4.91
C PRO A 93 24.87 -37.84 -5.42
N GLN A 94 25.67 -37.28 -4.51
CA GLN A 94 27.01 -36.80 -4.87
C GLN A 94 27.94 -37.95 -5.26
N LEU A 95 27.89 -39.02 -4.47
CA LEU A 95 28.64 -40.23 -4.79
C LEU A 95 28.30 -40.71 -6.19
N VAL A 96 26.99 -40.74 -6.49
CA VAL A 96 26.50 -41.15 -7.80
C VAL A 96 27.03 -40.26 -8.93
N ALA A 97 26.87 -38.95 -8.80
CA ALA A 97 27.39 -38.01 -9.79
C ALA A 97 28.89 -38.20 -10.05
N ALA A 98 29.63 -38.38 -8.97
CA ALA A 98 31.07 -38.61 -9.03
C ALA A 98 31.39 -39.91 -9.80
N ILE A 99 30.73 -41.00 -9.42
CA ILE A 99 30.88 -42.28 -10.10
C ILE A 99 30.61 -42.13 -11.62
N LYS A 100 29.54 -41.41 -11.96
CA LYS A 100 29.22 -41.12 -13.35
C LYS A 100 30.38 -40.42 -14.05
N GLU A 101 30.92 -39.40 -13.39
CA GLU A 101 32.05 -38.64 -13.95
C GLU A 101 33.27 -39.54 -14.20
N LEU A 102 33.57 -40.41 -13.23
CA LEU A 102 34.69 -41.36 -13.35
C LEU A 102 34.49 -42.34 -14.51
N GLN A 103 33.38 -43.09 -14.48
CA GLN A 103 33.05 -44.03 -15.55
C GLN A 103 33.09 -43.35 -16.92
N ASP A 104 32.54 -42.15 -17.01
CA ASP A 104 32.53 -41.39 -18.26
C ASP A 104 33.94 -40.97 -18.64
N LYS A 105 34.84 -40.85 -17.66
CA LYS A 105 36.24 -40.59 -17.95
C LYS A 105 37.02 -41.89 -18.10
N GLY A 106 36.30 -43.00 -18.19
CA GLY A 106 36.90 -44.28 -18.49
C GLY A 106 37.50 -45.02 -17.32
N TYR A 107 36.99 -44.78 -16.11
CA TYR A 107 37.51 -45.48 -14.95
C TYR A 107 36.68 -46.70 -14.57
N ALA A 108 35.64 -46.96 -15.35
CA ALA A 108 34.83 -48.18 -15.26
C ALA A 108 34.68 -48.74 -13.84
N VAL A 109 34.17 -47.91 -12.94
CA VAL A 109 33.87 -48.32 -11.58
C VAL A 109 32.43 -48.84 -11.52
N PRO A 110 32.14 -49.76 -10.59
CA PRO A 110 30.76 -50.28 -10.54
C PRO A 110 29.76 -49.17 -10.21
N ASP A 111 28.53 -49.32 -10.67
CA ASP A 111 27.48 -48.37 -10.31
C ASP A 111 27.19 -48.52 -8.82
N TYR A 112 26.59 -47.50 -8.23
CA TYR A 112 26.13 -47.62 -6.85
C TYR A 112 24.76 -48.29 -6.85
N PRO A 113 24.65 -49.43 -6.17
CA PRO A 113 23.39 -50.16 -6.04
C PRO A 113 22.54 -49.65 -4.88
N ALA A 114 21.58 -48.78 -5.18
CA ALA A 114 20.67 -48.28 -4.16
C ALA A 114 19.86 -49.45 -3.59
N ASP A 115 19.36 -50.31 -4.47
CA ASP A 115 18.62 -51.50 -4.06
C ASP A 115 19.20 -52.75 -4.71
N PRO A 116 20.09 -53.44 -3.97
CA PRO A 116 20.73 -54.70 -4.40
C PRO A 116 19.82 -55.90 -4.15
N THR A 118 20.44 -59.65 -5.34
CA THR A 118 21.80 -60.16 -5.47
C THR A 118 22.55 -60.12 -4.13
N ASP A 119 23.82 -60.50 -4.15
CA ASP A 119 24.64 -60.55 -2.93
C ASP A 119 26.05 -59.99 -3.14
N GLN A 120 26.41 -59.81 -4.40
CA GLN A 120 27.67 -59.14 -4.74
C GLN A 120 27.47 -57.63 -4.62
N GLU A 121 26.35 -57.15 -5.13
CA GLU A 121 26.02 -55.73 -5.09
C GLU A 121 25.81 -55.25 -3.66
N LYS A 122 25.43 -56.16 -2.77
CA LYS A 122 25.37 -55.87 -1.34
C LYS A 122 26.76 -55.49 -0.87
N ALA A 123 27.72 -56.34 -1.19
CA ALA A 123 29.11 -56.14 -0.81
C ALA A 123 29.68 -54.86 -1.40
N ILE A 124 29.42 -54.60 -2.69
CA ILE A 124 29.91 -53.37 -3.32
C ILE A 124 29.24 -52.13 -2.76
N LYS A 125 28.02 -52.30 -2.24
CA LYS A 125 27.33 -51.20 -1.58
C LYS A 125 28.02 -50.92 -0.24
N GLU A 126 28.35 -51.97 0.49
CA GLU A 126 29.06 -51.83 1.77
C GLU A 126 30.44 -51.23 1.55
N ARG A 127 31.03 -51.50 0.39
CA ARG A 127 32.33 -50.94 0.05
C ARG A 127 32.18 -49.46 -0.28
N TYR A 128 31.14 -49.13 -1.04
CA TYR A 128 30.86 -47.74 -1.38
C TYR A 128 30.47 -46.90 -0.16
N ALA A 129 30.01 -47.58 0.89
CA ALA A 129 29.67 -46.91 2.14
C ALA A 129 30.87 -46.21 2.76
N ARG A 130 32.05 -46.78 2.55
CA ARG A 130 33.29 -46.20 3.08
C ARG A 130 33.66 -44.89 2.39
N CYS A 131 33.05 -44.63 1.23
CA CYS A 131 33.26 -43.36 0.53
C CYS A 131 32.15 -42.36 0.85
N LEU A 132 31.19 -42.79 1.66
CA LEU A 132 30.03 -41.97 2.01
C LEU A 132 30.23 -41.23 3.33
N GLY A 133 29.61 -40.06 3.44
CA GLY A 133 29.58 -39.32 4.68
C GLY A 133 30.93 -38.77 5.10
N SER A 134 31.09 -38.54 6.40
CA SER A 134 32.33 -37.98 6.94
C SER A 134 33.37 -39.08 7.11
N ALA A 135 34.11 -39.37 6.04
CA ALA A 135 35.06 -40.48 6.02
C ALA A 135 36.49 -40.04 6.32
N VAL A 136 36.76 -38.75 6.19
CA VAL A 136 38.10 -38.23 6.39
C VAL A 136 38.33 -37.71 7.82
N ASN A 137 37.50 -36.74 8.23
CA ASN A 137 37.73 -36.05 9.50
C ASN A 137 37.85 -36.93 10.77
N PRO A 138 36.95 -37.90 10.96
CA PRO A 138 37.14 -38.79 12.12
C PRO A 138 38.46 -39.57 12.08
N VAL A 139 38.98 -39.87 10.90
CA VAL A 139 40.31 -40.48 10.78
C VAL A 139 41.41 -39.48 11.20
N LEU A 140 41.43 -38.33 10.54
CA LEU A 140 42.49 -37.35 10.76
C LEU A 140 42.47 -36.70 12.15
N ARG A 141 41.29 -36.51 12.70
CA ARG A 141 41.16 -35.79 13.95
C ARG A 141 41.54 -36.63 15.16
N GLN A 142 42.83 -36.88 15.31
CA GLN A 142 43.33 -37.66 16.44
C GLN A 142 43.92 -36.73 17.48
N GLY A 143 43.28 -35.58 17.64
CA GLY A 143 43.62 -34.62 18.69
C GLY A 143 42.43 -33.72 18.90
N ASN A 144 42.45 -32.93 19.96
CA ASN A 144 41.33 -32.02 20.17
C ASN A 144 41.47 -30.76 19.34
N SER A 145 40.44 -29.91 19.34
CA SER A 145 40.39 -28.78 18.43
C SER A 145 40.65 -27.45 19.14
N ASP A 146 41.63 -26.71 18.64
CA ASP A 146 41.87 -25.34 19.08
C ASP A 146 41.53 -24.40 17.92
N ARG A 147 40.31 -23.87 17.94
CA ARG A 147 39.87 -22.95 16.90
C ARG A 147 39.70 -21.54 17.46
N ARG A 148 40.18 -20.54 16.72
CA ARG A 148 40.08 -19.15 17.16
C ARG A 148 40.43 -18.18 16.04
N ALA A 149 39.90 -16.96 16.12
CA ALA A 149 40.22 -15.91 15.14
C ALA A 149 41.44 -15.15 15.61
N PRO A 150 42.52 -15.17 14.82
CA PRO A 150 43.72 -14.42 15.24
C PRO A 150 43.45 -12.92 15.21
N LYS A 151 44.13 -12.18 16.08
CA LYS A 151 43.83 -10.77 16.30
C LYS A 151 43.88 -9.92 15.02
N ALA A 152 44.80 -10.22 14.12
CA ALA A 152 44.88 -9.47 12.87
C ALA A 152 43.62 -9.66 12.03
N VAL A 153 43.11 -10.88 11.99
CA VAL A 153 41.88 -11.19 11.27
C VAL A 153 40.69 -10.44 11.88
N LYS A 154 40.57 -10.51 13.21
CA LYS A 154 39.53 -9.79 13.95
C LYS A 154 39.57 -8.28 13.70
N GLU A 155 40.78 -7.72 13.66
CA GLU A 155 40.93 -6.29 13.42
C GLU A 155 40.58 -5.93 11.98
N TYR A 156 40.89 -6.83 11.05
CA TYR A 156 40.45 -6.62 9.67
C TYR A 156 38.94 -6.59 9.63
N ALA A 157 38.32 -7.50 10.39
CA ALA A 157 36.87 -7.57 10.49
C ALA A 157 36.28 -6.27 11.03
N ARG A 158 36.95 -5.68 12.02
CA ARG A 158 36.52 -4.40 12.56
C ARG A 158 36.65 -3.26 11.55
N LYS A 159 37.75 -3.26 10.80
CA LYS A 159 38.00 -2.19 9.83
C LYS A 159 37.15 -2.31 8.57
N HIS A 160 36.85 -3.55 8.18
CA HIS A 160 36.04 -3.78 6.98
C HIS A 160 34.92 -4.78 7.30
N PRO A 161 33.89 -4.32 8.01
CA PRO A 161 32.77 -5.22 8.37
C PRO A 161 32.05 -5.77 7.14
N HIS A 162 31.72 -7.05 7.19
CA HIS A 162 30.99 -7.71 6.11
C HIS A 162 29.51 -7.34 6.18
N SER A 163 28.75 -7.69 5.15
CA SER A 163 27.31 -7.45 5.16
C SER A 163 26.60 -8.27 6.25
N MET A 164 25.74 -7.61 7.01
CA MET A 164 24.98 -8.29 8.06
C MET A 164 23.50 -7.94 7.93
N GLY A 165 22.66 -8.95 7.75
CA GLY A 165 21.23 -8.73 7.63
C GLY A 165 20.58 -8.12 8.86
N GLU A 166 19.72 -7.13 8.65
CA GLU A 166 19.04 -6.42 9.73
C GLU A 166 18.00 -7.31 10.41
N TRP A 167 17.96 -7.30 11.74
CA TRP A 167 17.01 -8.11 12.51
C TRP A 167 15.80 -7.31 13.02
N SER A 168 14.60 -7.77 12.65
CA SER A 168 13.36 -7.16 13.09
C SER A 168 12.90 -7.74 14.42
N MET A 169 12.41 -6.89 15.31
CA MET A 169 11.84 -7.36 16.59
C MET A 169 10.53 -8.11 16.35
N ALA A 170 9.94 -7.90 15.18
CA ALA A 170 8.71 -8.58 14.80
C ALA A 170 8.97 -9.83 13.94
N SER A 171 10.24 -10.21 13.83
CA SER A 171 10.61 -11.45 13.15
C SER A 171 9.80 -12.63 13.69
N ARG A 172 9.35 -13.50 12.80
CA ARG A 172 8.62 -14.69 13.23
C ARG A 172 9.51 -15.91 13.10
N THR A 173 10.75 -15.66 12.71
CA THR A 173 11.73 -16.73 12.58
C THR A 173 11.97 -17.40 13.93
N HIS A 174 11.99 -18.73 13.92
CA HIS A 174 12.24 -19.49 15.14
C HIS A 174 12.70 -20.89 14.79
N VAL A 175 13.17 -21.58 15.81
CA VAL A 175 13.59 -22.97 15.68
C VAL A 175 12.49 -23.86 16.24
N ALA A 176 12.03 -24.81 15.42
CA ALA A 176 11.14 -25.85 15.89
C ALA A 176 11.94 -27.13 16.06
N HIS A 177 11.90 -27.71 17.26
CA HIS A 177 12.57 -28.97 17.51
C HIS A 177 11.64 -29.87 18.29
N MET A 178 11.89 -31.18 18.28
CA MET A 178 11.03 -32.13 18.97
C MET A 178 11.10 -31.90 20.48
N ARG A 179 9.96 -31.95 21.16
CA ARG A 179 9.96 -31.74 22.61
C ARG A 179 9.84 -33.08 23.35
N HIS A 180 9.77 -34.16 22.58
CA HIS A 180 9.83 -35.52 23.11
C HIS A 180 10.18 -36.47 21.97
N GLY A 181 10.55 -37.70 22.31
CA GLY A 181 10.80 -38.73 21.31
C GLY A 181 12.09 -38.63 20.52
N ASP A 182 12.98 -37.71 20.90
CA ASP A 182 14.24 -37.55 20.19
C ASP A 182 15.42 -38.10 20.99
N PHE A 183 16.61 -38.06 20.41
CA PHE A 183 17.82 -38.53 21.08
C PHE A 183 17.96 -37.90 22.45
N TYR A 184 17.70 -36.60 22.54
CA TYR A 184 17.79 -35.89 23.80
C TYR A 184 16.89 -36.51 24.88
N ALA A 185 15.61 -36.70 24.55
CA ALA A 185 14.60 -37.05 25.55
C ALA A 185 14.77 -38.45 26.14
N GLY A 186 15.25 -39.40 25.35
CA GLY A 186 15.41 -40.76 25.81
C GLY A 186 16.84 -41.16 26.12
N GLU A 187 17.75 -40.19 26.01
CA GLU A 187 19.17 -40.41 26.22
C GLU A 187 19.48 -41.05 27.59
N LYS A 188 20.42 -41.99 27.58
CA LYS A 188 20.92 -42.60 28.81
C LYS A 188 22.43 -42.69 28.70
N SER A 189 23.14 -42.61 29.82
CA SER A 189 24.59 -42.45 29.76
C SER A 189 25.27 -42.97 31.01
N MET A 190 26.51 -43.41 30.86
CA MET A 190 27.31 -43.83 32.01
C MET A 190 28.80 -43.68 31.76
N THR A 191 29.54 -43.60 32.86
CA THR A 191 30.99 -43.60 32.81
C THR A 191 31.51 -44.92 33.33
N LEU A 192 32.28 -45.62 32.50
CA LEU A 192 32.84 -46.91 32.89
C LEU A 192 33.91 -46.77 33.99
N ASP A 193 33.87 -47.70 34.93
CA ASP A 193 34.85 -47.78 36.01
C ASP A 193 35.90 -48.85 35.70
N ARG A 194 35.58 -49.73 34.76
CA ARG A 194 36.47 -50.80 34.33
C ARG A 194 36.38 -50.98 32.82
N ALA A 195 37.39 -51.61 32.23
CA ALA A 195 37.33 -51.95 30.82
C ALA A 195 36.28 -53.03 30.58
N ARG A 196 35.42 -52.82 29.58
CA ARG A 196 34.40 -53.80 29.25
C ARG A 196 34.30 -53.98 27.75
N ASN A 197 33.77 -55.12 27.33
CA ASN A 197 33.42 -55.33 25.93
C ASN A 197 31.92 -55.53 25.85
N VAL A 198 31.26 -54.75 25.01
CA VAL A 198 29.80 -54.73 25.03
C VAL A 198 29.19 -55.13 23.70
N ARG A 199 27.90 -55.43 23.73
CA ARG A 199 27.18 -55.85 22.55
C ARG A 199 25.92 -55.00 22.45
N MET A 200 25.64 -54.48 21.26
CA MET A 200 24.38 -53.78 21.03
C MET A 200 23.38 -54.78 20.44
N GLU A 201 22.37 -55.12 21.23
CA GLU A 201 21.38 -56.11 20.79
C GLU A 201 19.94 -55.67 21.06
N LEU A 202 19.00 -56.28 20.35
CA LEU A 202 17.59 -55.94 20.46
C LEU A 202 16.77 -57.13 20.92
N LEU A 203 16.14 -56.99 22.08
CA LEU A 203 15.19 -57.98 22.59
C LEU A 203 13.84 -57.77 21.92
N ALA A 204 13.57 -58.48 20.83
CA ALA A 204 12.29 -58.38 20.12
C ALA A 204 11.14 -58.90 20.98
N LYS A 205 9.96 -58.29 20.84
CA LYS A 205 8.77 -58.72 21.57
C LYS A 205 8.36 -60.15 21.19
N SER A 206 8.94 -60.65 20.10
CA SER A 206 8.68 -62.00 19.62
C SER A 206 9.44 -63.02 20.46
N GLY A 207 10.35 -62.53 21.31
CA GLY A 207 11.18 -63.40 22.12
C GLY A 207 12.57 -63.55 21.54
N LYS A 208 12.67 -63.33 20.23
CA LYS A 208 13.94 -63.44 19.52
C LYS A 208 14.90 -62.31 19.88
N THR A 209 16.17 -62.64 20.05
CA THR A 209 17.22 -61.64 20.21
C THR A 209 17.82 -61.31 18.85
N ILE A 210 17.98 -60.03 18.56
CA ILE A 210 18.63 -59.61 17.33
C ILE A 210 19.87 -58.82 17.68
N VAL A 211 21.03 -59.27 17.20
CA VAL A 211 22.27 -58.56 17.48
C VAL A 211 22.55 -57.59 16.33
N LEU A 212 22.78 -56.32 16.68
CA LEU A 212 23.06 -55.28 15.69
C LEU A 212 24.56 -55.00 15.67
N LYS A 213 25.18 -55.12 16.83
CA LYS A 213 26.61 -54.89 16.96
C LYS A 213 27.19 -55.95 17.90
N PRO A 214 27.90 -56.94 17.33
CA PRO A 214 28.45 -58.08 18.07
C PRO A 214 29.45 -57.70 19.15
N GLU A 215 30.32 -56.71 18.89
CA GLU A 215 31.34 -56.36 19.88
C GLU A 215 31.86 -54.93 19.73
N VAL A 216 31.83 -54.21 20.84
CA VAL A 216 32.34 -52.85 20.94
C VAL A 216 33.25 -52.82 22.16
N PRO A 217 34.55 -52.68 21.94
CA PRO A 217 35.51 -52.61 23.05
C PRO A 217 35.50 -51.23 23.71
N LEU A 218 35.32 -51.22 25.03
CA LEU A 218 35.30 -49.97 25.80
C LEU A 218 36.45 -49.92 26.80
N ASP A 219 36.99 -48.73 27.03
CA ASP A 219 38.09 -48.58 27.98
C ASP A 219 37.60 -48.08 29.34
N ASP A 220 38.42 -48.29 30.36
CA ASP A 220 38.16 -47.72 31.67
C ASP A 220 38.09 -46.19 31.55
N GLY A 221 37.09 -45.59 32.19
CA GLY A 221 36.94 -44.14 32.19
C GLY A 221 36.17 -43.61 30.99
N ASP A 222 35.77 -44.50 30.08
CA ASP A 222 35.03 -44.07 28.91
C ASP A 222 33.62 -43.61 29.27
N VAL A 223 33.12 -42.60 28.55
CA VAL A 223 31.73 -42.18 28.68
C VAL A 223 30.93 -42.71 27.50
N ILE A 224 29.92 -43.53 27.79
CA ILE A 224 29.08 -44.07 26.73
C ILE A 224 27.63 -43.63 26.88
N ASP A 225 26.95 -43.50 25.76
CA ASP A 225 25.53 -43.15 25.76
C ASP A 225 24.73 -44.03 24.81
N SER A 226 23.48 -44.27 25.19
CA SER A 226 22.50 -44.90 24.33
C SER A 226 21.40 -43.87 24.12
N MET A 227 21.02 -43.67 22.86
CA MET A 227 19.98 -42.70 22.55
C MET A 227 19.21 -43.22 21.36
N PHE A 228 17.94 -42.86 21.26
CA PHE A 228 17.16 -43.24 20.10
C PHE A 228 16.20 -42.13 19.68
N MET A 229 15.84 -42.11 18.40
CA MET A 229 14.81 -41.19 17.94
C MET A 229 13.57 -41.96 17.51
N SER A 230 12.45 -41.68 18.15
CA SER A 230 11.18 -42.32 17.81
C SER A 230 10.68 -41.88 16.44
N LYS A 231 10.45 -42.84 15.55
CA LYS A 231 9.90 -42.56 14.23
C LYS A 231 8.50 -41.94 14.32
N LYS A 232 7.65 -42.49 15.19
CA LYS A 232 6.30 -41.96 15.40
C LYS A 232 6.38 -40.49 15.80
N ALA A 233 7.21 -40.21 16.81
CA ALA A 233 7.37 -38.85 17.32
C ALA A 233 7.92 -37.93 16.24
N LEU A 234 8.86 -38.42 15.46
CA LEU A 234 9.43 -37.63 14.39
C LEU A 234 8.37 -37.24 13.36
N CYS A 235 7.64 -38.23 12.86
CA CYS A 235 6.66 -37.99 11.81
C CYS A 235 5.50 -37.11 12.29
N ASP A 236 5.07 -37.33 13.53
CA ASP A 236 4.07 -36.45 14.12
C ASP A 236 4.59 -35.02 14.19
N PHE A 237 5.80 -34.86 14.72
CA PHE A 237 6.48 -33.56 14.79
C PHE A 237 6.48 -32.85 13.43
N TYR A 238 6.96 -33.53 12.40
CA TYR A 238 6.97 -32.99 11.05
C TYR A 238 5.57 -32.56 10.62
N GLU A 239 4.57 -33.37 10.91
CA GLU A 239 3.21 -33.05 10.51
C GLU A 239 2.73 -31.76 11.18
N GLU A 240 2.84 -31.71 12.51
CA GLU A 240 2.39 -30.54 13.28
C GLU A 240 3.14 -29.27 12.89
N GLN A 241 4.43 -29.40 12.61
CA GLN A 241 5.23 -28.23 12.25
C GLN A 241 4.88 -27.73 10.86
N MET A 242 4.66 -28.66 9.94
CA MET A 242 4.23 -28.28 8.60
C MET A 242 2.88 -27.58 8.64
N GLN A 243 1.97 -28.10 9.47
CA GLN A 243 0.65 -27.47 9.60
C GLN A 243 0.74 -26.09 10.26
N ASP A 244 1.57 -25.95 11.30
CA ASP A 244 1.75 -24.67 11.96
C ASP A 244 2.32 -23.64 10.99
N ALA A 245 3.35 -24.03 10.25
CA ALA A 245 3.97 -23.17 9.25
C ALA A 245 2.94 -22.77 8.20
N PHE A 246 2.15 -23.74 7.77
CA PHE A 246 1.08 -23.49 6.80
C PHE A 246 0.07 -22.47 7.30
N GLU A 247 -0.39 -22.64 8.54
CA GLU A 247 -1.45 -21.79 9.09
C GLU A 247 -0.96 -20.37 9.35
N THR A 248 0.24 -20.27 9.92
CA THR A 248 0.81 -18.96 10.23
C THR A 248 1.37 -18.27 8.99
N GLY A 249 1.44 -18.98 7.88
CA GLY A 249 2.00 -18.43 6.66
C GLY A 249 3.52 -18.23 6.72
N VAL A 250 4.19 -19.01 7.56
CA VAL A 250 5.63 -18.93 7.72
C VAL A 250 6.34 -19.96 6.84
N MET A 251 7.46 -19.58 6.24
CA MET A 251 8.18 -20.47 5.32
C MET A 251 8.89 -21.63 6.04
N PHE A 252 8.65 -22.85 5.57
CA PHE A 252 9.24 -24.05 6.18
C PHE A 252 10.67 -24.28 5.69
N SER A 253 11.61 -24.43 6.63
CA SER A 253 12.96 -24.86 6.27
C SER A 253 13.39 -26.07 7.10
N LEU A 254 14.29 -26.89 6.55
CA LEU A 254 14.78 -28.07 7.26
C LEU A 254 16.30 -28.05 7.38
N HIS A 255 16.80 -28.11 8.62
CA HIS A 255 18.23 -27.98 8.90
C HIS A 255 18.76 -29.18 9.68
N VAL A 256 19.40 -30.10 8.97
CA VAL A 256 19.93 -31.32 9.56
C VAL A 256 21.32 -31.62 9.01
N LYS A 257 22.08 -32.51 9.68
CA LYS A 257 23.28 -33.09 9.08
C LYS A 257 22.97 -34.47 8.58
N ALA A 258 22.71 -34.62 7.28
CA ALA A 258 22.36 -35.92 6.74
C ALA A 258 23.56 -36.90 6.67
N THR A 259 24.73 -36.44 7.10
CA THR A 259 25.93 -37.28 7.07
C THR A 259 26.28 -37.83 8.45
N MET A 260 25.74 -37.20 9.48
CA MET A 260 25.92 -37.65 10.85
C MET A 260 24.83 -38.65 11.19
N MET A 261 24.05 -38.98 10.16
CA MET A 261 23.03 -40.01 10.25
CA MET A 261 23.03 -40.01 10.25
C MET A 261 23.45 -41.18 9.38
N LYS A 262 22.52 -42.10 9.14
CA LYS A 262 22.77 -43.17 8.18
C LYS A 262 22.88 -42.48 6.84
N VAL A 263 24.11 -42.36 6.31
CA VAL A 263 24.33 -41.61 5.08
C VAL A 263 23.66 -42.29 3.89
N SER A 264 23.51 -43.61 3.97
CA SER A 264 22.79 -44.37 2.95
C SER A 264 21.28 -44.20 3.10
N HIS A 265 20.83 -44.10 4.35
CA HIS A 265 19.40 -43.99 4.63
C HIS A 265 19.05 -42.83 5.58
N PRO A 266 19.20 -41.58 5.10
CA PRO A 266 18.94 -40.38 5.93
C PRO A 266 17.47 -40.26 6.32
N ILE A 267 17.07 -41.01 7.33
CA ILE A 267 15.66 -41.14 7.73
C ILE A 267 15.00 -39.82 8.12
N VAL A 268 15.72 -39.02 8.89
CA VAL A 268 15.20 -37.72 9.34
C VAL A 268 14.82 -36.82 8.14
N PHE A 269 15.54 -36.97 7.04
CA PHE A 269 15.31 -36.16 5.84
C PHE A 269 14.18 -36.74 5.00
N GLY A 270 14.31 -38.03 4.69
CA GLY A 270 13.34 -38.74 3.89
C GLY A 270 11.94 -38.64 4.46
N HIS A 271 11.80 -38.80 5.77
CA HIS A 271 10.49 -38.67 6.39
C HIS A 271 9.90 -37.29 6.15
N ALA A 272 10.74 -36.25 6.26
CA ALA A 272 10.28 -34.90 5.99
C ALA A 272 9.76 -34.79 4.57
N VAL A 273 10.54 -35.26 3.61
CA VAL A 273 10.09 -35.23 2.22
C VAL A 273 8.75 -35.96 2.01
N ARG A 274 8.66 -37.21 2.48
CA ARG A 274 7.48 -38.03 2.26
C ARG A 274 6.23 -37.47 2.94
N ILE A 275 6.40 -36.93 4.14
CA ILE A 275 5.29 -36.33 4.86
C ILE A 275 4.84 -35.02 4.21
N PHE A 276 5.78 -34.22 3.70
CA PHE A 276 5.41 -33.00 3.00
C PHE A 276 4.51 -33.33 1.81
N TYR A 277 4.92 -34.32 1.02
CA TYR A 277 4.19 -34.68 -0.19
C TYR A 277 3.32 -35.94 0.00
N LYS A 278 2.78 -36.13 1.20
CA LYS A 278 2.01 -37.34 1.51
C LYS A 278 0.81 -37.58 0.60
N ASP A 279 0.17 -36.50 0.15
CA ASP A 279 -0.98 -36.59 -0.74
C ASP A 279 -0.58 -37.11 -2.12
N ALA A 280 0.61 -36.75 -2.56
CA ALA A 280 1.16 -37.27 -3.81
C ALA A 280 1.60 -38.73 -3.62
N PHE A 281 2.34 -38.99 -2.55
CA PHE A 281 2.86 -40.32 -2.27
C PHE A 281 1.74 -41.34 -2.02
N ALA A 282 0.60 -40.87 -1.55
CA ALA A 282 -0.54 -41.76 -1.32
C ALA A 282 -1.13 -42.25 -2.64
N LYS A 283 -0.90 -41.50 -3.70
CA LYS A 283 -1.52 -41.78 -5.00
C LYS A 283 -0.62 -42.55 -5.97
N HIS A 284 0.69 -42.50 -5.74
CA HIS A 284 1.65 -43.17 -6.60
C HIS A 284 2.60 -44.06 -5.81
N GLN A 285 2.19 -44.50 -4.62
CA GLN A 285 3.06 -45.30 -3.76
C GLN A 285 3.57 -46.53 -4.49
N GLU A 286 2.64 -47.25 -5.11
CA GLU A 286 2.93 -48.46 -5.88
C GLU A 286 3.94 -48.23 -7.02
N LEU A 287 3.73 -47.18 -7.80
CA LEU A 287 4.62 -46.88 -8.93
C LEU A 287 6.00 -46.44 -8.44
N PHE A 288 6.01 -45.64 -7.37
CA PHE A 288 7.25 -45.16 -6.77
C PHE A 288 8.10 -46.31 -6.27
N ASP A 289 7.47 -47.22 -5.52
CA ASP A 289 8.12 -48.44 -5.05
C ASP A 289 8.62 -49.29 -6.21
N ASP A 290 7.78 -49.45 -7.23
CA ASP A 290 8.15 -50.22 -8.42
C ASP A 290 9.26 -49.56 -9.24
N LEU A 291 9.51 -48.28 -8.95
CA LEU A 291 10.57 -47.53 -9.63
C LEU A 291 11.85 -47.48 -8.80
N GLY A 292 11.75 -47.92 -7.55
CA GLY A 292 12.88 -47.84 -6.63
C GLY A 292 13.11 -46.43 -6.14
N VAL A 293 12.02 -45.71 -5.89
CA VAL A 293 12.10 -44.33 -5.43
C VAL A 293 12.45 -44.25 -3.94
N ASN A 294 13.45 -43.44 -3.63
CA ASN A 294 13.93 -43.26 -2.26
C ASN A 294 14.28 -41.79 -2.00
N VAL A 295 13.34 -41.06 -1.41
CA VAL A 295 13.55 -39.63 -1.19
C VAL A 295 14.46 -39.34 0.02
N ASN A 296 15.04 -40.39 0.58
CA ASN A 296 16.10 -40.22 1.57
C ASN A 296 17.33 -39.62 0.91
N ASN A 297 17.44 -39.83 -0.40
CA ASN A 297 18.47 -39.19 -1.21
C ASN A 297 17.90 -37.98 -1.92
N GLY A 298 16.81 -37.45 -1.36
CA GLY A 298 16.23 -36.21 -1.84
C GLY A 298 15.27 -36.34 -3.01
N LEU A 299 14.48 -35.29 -3.20
CA LEU A 299 13.47 -35.25 -4.25
C LEU A 299 14.09 -35.49 -5.64
N SER A 300 15.34 -35.06 -5.79
CA SER A 300 16.14 -35.35 -6.99
C SER A 300 16.00 -36.80 -7.41
N ASP A 301 16.26 -37.70 -6.46
CA ASP A 301 16.14 -39.14 -6.69
C ASP A 301 14.84 -39.42 -7.45
N LEU A 302 13.73 -38.97 -6.88
CA LEU A 302 12.40 -39.19 -7.46
C LEU A 302 12.41 -38.76 -8.91
N TYR A 303 12.77 -37.51 -9.14
CA TYR A 303 12.80 -36.94 -10.49
C TYR A 303 13.56 -37.84 -11.45
N SER A 304 14.71 -38.34 -11.03
CA SER A 304 15.50 -39.23 -11.87
C SER A 304 14.66 -40.43 -12.29
N LYS A 305 14.14 -41.15 -11.29
CA LYS A 305 13.38 -42.36 -11.55
C LYS A 305 12.16 -42.03 -12.40
N ILE A 306 11.76 -40.76 -12.39
CA ILE A 306 10.55 -40.34 -13.05
C ILE A 306 10.77 -40.13 -14.55
N GLU A 307 12.02 -39.84 -14.92
CA GLU A 307 12.30 -39.45 -16.31
C GLU A 307 12.01 -40.53 -17.37
N SER A 308 12.20 -41.79 -17.01
CA SER A 308 11.93 -42.90 -17.92
C SER A 308 10.46 -42.96 -18.35
N LEU A 309 9.56 -42.62 -17.43
CA LEU A 309 8.13 -42.57 -17.72
C LEU A 309 7.82 -41.62 -18.90
N PRO A 310 6.62 -41.74 -19.49
CA PRO A 310 6.26 -40.85 -20.61
C PRO A 310 6.12 -39.37 -20.23
N ALA A 311 4.92 -38.83 -20.42
CA ALA A 311 4.63 -37.45 -20.03
C ALA A 311 3.13 -37.30 -19.86
N SER A 312 2.48 -38.39 -19.49
CA SER A 312 1.04 -38.40 -19.26
C SER A 312 0.77 -38.79 -17.81
N GLN A 313 1.41 -39.88 -17.38
CA GLN A 313 1.35 -40.30 -15.99
C GLN A 313 2.51 -39.72 -15.21
N ARG A 314 3.43 -39.05 -15.92
CA ARG A 314 4.56 -38.36 -15.30
C ARG A 314 4.16 -36.94 -14.88
N ASP A 315 3.60 -36.20 -15.82
CA ASP A 315 3.09 -34.87 -15.55
C ASP A 315 1.94 -34.93 -14.54
N GLU A 316 1.32 -36.10 -14.43
CA GLU A 316 0.31 -36.31 -13.40
C GLU A 316 1.00 -36.32 -12.03
N ILE A 317 2.18 -36.93 -11.97
CA ILE A 317 2.98 -36.93 -10.74
C ILE A 317 3.39 -35.52 -10.39
N ILE A 318 3.95 -34.81 -11.37
CA ILE A 318 4.35 -33.42 -11.15
C ILE A 318 3.18 -32.58 -10.63
N GLU A 319 2.02 -32.77 -11.26
CA GLU A 319 0.80 -32.09 -10.84
C GLU A 319 0.36 -32.46 -9.43
N ASP A 320 0.61 -33.70 -9.01
CA ASP A 320 0.27 -34.13 -7.65
C ASP A 320 1.20 -33.52 -6.61
N LEU A 321 2.49 -33.51 -6.96
CA LEU A 321 3.53 -32.93 -6.11
C LEU A 321 3.28 -31.45 -5.91
N HIS A 322 2.92 -30.76 -6.98
CA HIS A 322 2.61 -29.34 -6.87
C HIS A 322 1.25 -29.09 -6.21
N ARG A 323 0.31 -30.02 -6.41
CA ARG A 323 -0.98 -29.98 -5.74
C ARG A 323 -0.77 -30.03 -4.23
N CYS A 324 0.26 -30.75 -3.80
CA CYS A 324 0.60 -30.81 -2.38
C CYS A 324 0.92 -29.45 -1.75
N HIS A 325 1.37 -28.50 -2.57
CA HIS A 325 1.71 -27.15 -2.07
C HIS A 325 0.49 -26.34 -1.60
N GLU A 326 -0.71 -26.78 -1.99
CA GLU A 326 -1.92 -26.08 -1.60
C GLU A 326 -2.21 -26.22 -0.11
N HIS A 327 -1.76 -27.31 0.49
CA HIS A 327 -2.06 -27.59 1.88
C HIS A 327 -0.80 -27.60 2.75
N ARG A 328 0.34 -27.41 2.11
CA ARG A 328 1.63 -27.40 2.79
C ARG A 328 2.21 -26.00 2.75
N PRO A 329 3.12 -25.68 3.68
CA PRO A 329 3.66 -24.32 3.73
C PRO A 329 4.65 -24.03 2.60
N GLU A 330 5.06 -22.78 2.49
CA GLU A 330 6.09 -22.38 1.54
C GLU A 330 7.39 -23.07 1.94
N LEU A 331 8.24 -23.38 0.96
CA LEU A 331 9.43 -24.17 1.22
C LEU A 331 10.71 -23.40 0.92
N ALA A 332 11.59 -23.30 1.91
CA ALA A 332 12.89 -22.66 1.74
C ALA A 332 13.62 -23.21 0.53
N MET A 333 14.38 -22.37 -0.16
CA MET A 333 15.06 -22.75 -1.39
C MET A 333 16.58 -22.70 -1.24
N VAL A 334 17.26 -23.60 -1.96
CA VAL A 334 18.72 -23.61 -2.02
C VAL A 334 19.16 -22.70 -3.14
N ASP A 335 18.47 -22.82 -4.27
CA ASP A 335 18.71 -21.98 -5.46
C ASP A 335 17.36 -21.66 -6.12
N SER A 336 16.90 -20.41 -5.94
CA SER A 336 15.60 -19.98 -6.46
C SER A 336 15.60 -19.92 -7.98
N ALA A 337 16.73 -19.54 -8.55
CA ALA A 337 16.86 -19.47 -10.00
C ALA A 337 16.64 -20.84 -10.68
N ARG A 338 17.26 -21.88 -10.15
CA ARG A 338 17.17 -23.21 -10.77
C ARG A 338 16.07 -24.09 -10.17
N GLY A 339 15.25 -23.51 -9.30
CA GLY A 339 14.21 -24.27 -8.64
C GLY A 339 14.79 -25.43 -7.84
N ILE A 340 15.75 -25.11 -6.97
CA ILE A 340 16.30 -26.11 -6.06
C ILE A 340 15.78 -25.84 -4.66
N SER A 341 14.87 -26.68 -4.19
CA SER A 341 14.28 -26.49 -2.86
C SER A 341 15.13 -27.12 -1.75
N ASN A 342 14.67 -26.97 -0.52
CA ASN A 342 15.32 -27.55 0.65
C ASN A 342 15.26 -29.08 0.63
N PHE A 343 14.35 -29.65 -0.17
CA PHE A 343 14.14 -31.09 -0.22
C PHE A 343 14.87 -31.78 -1.36
N HIS A 344 15.56 -31.01 -2.17
CA HIS A 344 16.19 -31.54 -3.37
C HIS A 344 17.24 -32.61 -3.05
N SER A 345 18.20 -32.24 -2.21
CA SER A 345 19.25 -33.16 -1.79
C SER A 345 19.46 -32.99 -0.29
N PRO A 346 19.70 -34.10 0.42
CA PRO A 346 19.93 -34.08 1.88
C PRO A 346 21.18 -33.29 2.27
N SER A 347 22.09 -33.09 1.31
CA SER A 347 23.37 -32.46 1.61
C SER A 347 23.45 -30.98 1.24
N ASP A 348 22.45 -30.45 0.53
CA ASP A 348 22.46 -29.03 0.16
C ASP A 348 22.45 -28.12 1.39
N VAL A 349 21.40 -28.25 2.18
CA VAL A 349 21.26 -27.46 3.40
C VAL A 349 21.79 -28.23 4.60
N ILE A 350 23.00 -27.89 5.04
CA ILE A 350 23.61 -28.52 6.21
C ILE A 350 23.54 -27.56 7.39
N VAL A 351 22.92 -28.01 8.48
CA VAL A 351 22.61 -27.17 9.65
C VAL A 351 23.73 -26.22 10.10
N ASP A 352 24.94 -26.77 10.27
CA ASP A 352 26.07 -26.01 10.79
C ASP A 352 26.39 -24.77 9.97
N ALA A 353 26.22 -24.86 8.64
CA ALA A 353 26.44 -23.71 7.78
C ALA A 353 25.15 -22.92 7.55
N SER A 354 24.06 -23.64 7.35
CA SER A 354 22.80 -23.02 6.96
C SER A 354 22.16 -22.15 8.03
N MET A 355 22.15 -22.62 9.28
CA MET A 355 21.59 -21.80 10.36
C MET A 355 22.32 -20.47 10.54
N PRO A 356 23.67 -20.48 10.58
CA PRO A 356 24.35 -19.18 10.70
C PRO A 356 24.07 -18.29 9.50
N ALA A 357 24.04 -18.88 8.30
CA ALA A 357 23.72 -18.13 7.10
C ALA A 357 22.39 -17.40 7.30
N MET A 358 21.41 -18.13 7.82
CA MET A 358 20.07 -17.61 8.04
C MET A 358 20.06 -16.49 9.12
N ILE A 359 20.76 -16.74 10.22
CA ILE A 359 20.89 -15.76 11.30
C ILE A 359 21.59 -14.49 10.81
N ARG A 360 22.68 -14.68 10.08
CA ARG A 360 23.39 -13.54 9.48
C ARG A 360 22.48 -12.71 8.58
N ALA A 361 21.57 -13.38 7.87
CA ALA A 361 20.65 -12.71 6.96
C ALA A 361 19.50 -11.96 7.67
N GLY A 362 19.52 -11.94 9.00
CA GLY A 362 18.47 -11.27 9.74
C GLY A 362 17.29 -12.20 9.95
N GLY A 363 17.59 -13.50 10.06
CA GLY A 363 16.57 -14.52 10.30
C GLY A 363 15.82 -14.94 9.05
N LYS A 364 16.48 -14.87 7.90
CA LYS A 364 15.78 -15.05 6.63
C LYS A 364 16.42 -16.07 5.68
N MET A 365 15.58 -16.72 4.87
CA MET A 365 16.08 -17.58 3.80
C MET A 365 15.31 -17.28 2.53
N TYR A 366 15.76 -17.84 1.41
CA TYR A 366 15.10 -17.58 0.13
C TYR A 366 13.88 -18.49 -0.12
N GLY A 367 12.74 -17.88 -0.43
CA GLY A 367 11.56 -18.59 -0.89
C GLY A 367 11.64 -18.77 -2.41
N ALA A 368 10.63 -19.41 -2.99
CA ALA A 368 10.62 -19.65 -4.44
C ALA A 368 10.68 -18.36 -5.27
N ASP A 369 10.11 -17.28 -4.74
CA ASP A 369 10.03 -16.03 -5.48
C ASP A 369 11.37 -15.29 -5.55
N GLY A 370 12.36 -15.81 -4.83
CA GLY A 370 13.68 -15.21 -4.85
C GLY A 370 13.91 -14.17 -3.76
N LYS A 371 12.93 -13.99 -2.88
CA LYS A 371 13.05 -13.02 -1.79
C LYS A 371 13.42 -13.67 -0.47
N LEU A 372 14.05 -12.89 0.40
CA LEU A 372 14.35 -13.35 1.75
C LEU A 372 13.10 -13.20 2.60
N LYS A 373 12.76 -14.26 3.34
CA LYS A 373 11.57 -14.27 4.20
C LYS A 373 11.92 -14.92 5.53
N ASP A 374 11.06 -14.65 6.52
CA ASP A 374 11.15 -15.30 7.82
C ASP A 374 10.89 -16.79 7.65
N THR A 375 11.44 -17.61 8.54
CA THR A 375 11.30 -19.04 8.39
C THR A 375 11.14 -19.77 9.71
N LYS A 376 10.36 -20.84 9.70
CA LYS A 376 10.39 -21.84 10.75
C LYS A 376 11.55 -22.77 10.42
N ALA A 377 12.62 -22.67 11.21
CA ALA A 377 13.82 -23.48 10.96
C ALA A 377 13.72 -24.80 11.72
N VAL A 378 13.34 -25.86 11.01
CA VAL A 378 13.14 -27.16 11.63
C VAL A 378 14.46 -27.88 11.87
N ASN A 379 14.81 -28.01 13.14
CA ASN A 379 15.90 -28.87 13.56
C ASN A 379 15.30 -29.90 14.48
N PRO A 380 14.90 -31.06 13.91
CA PRO A 380 14.18 -32.08 14.69
C PRO A 380 14.89 -32.40 15.99
N GLU A 381 16.16 -32.80 15.93
CA GLU A 381 16.89 -33.11 17.15
C GLU A 381 17.12 -31.87 18.00
N SER A 382 16.69 -31.94 19.25
CA SER A 382 16.73 -30.78 20.13
C SER A 382 18.06 -30.65 20.86
N THR A 383 18.87 -31.71 20.84
CA THR A 383 20.10 -31.75 21.62
C THR A 383 20.98 -30.50 21.47
N PHE A 384 21.14 -30.03 20.24
CA PHE A 384 22.08 -28.96 19.96
C PHE A 384 21.42 -27.80 19.23
N SER A 385 20.10 -27.79 19.17
CA SER A 385 19.41 -26.79 18.39
C SER A 385 18.76 -25.68 19.23
N ARG A 386 18.59 -25.94 20.53
CA ARG A 386 18.07 -24.90 21.42
C ARG A 386 18.93 -23.63 21.40
N ILE A 387 20.25 -23.81 21.32
CA ILE A 387 21.20 -22.70 21.30
C ILE A 387 20.90 -21.71 20.17
N TYR A 388 20.39 -22.26 19.07
CA TYR A 388 20.00 -21.47 17.91
C TYR A 388 18.80 -20.59 18.22
N GLN A 389 17.80 -21.17 18.87
CA GLN A 389 16.65 -20.38 19.32
C GLN A 389 17.10 -19.29 20.28
N GLU A 390 18.04 -19.63 21.16
CA GLU A 390 18.53 -18.62 22.10
C GLU A 390 19.20 -17.45 21.40
N ILE A 391 20.11 -17.73 20.46
CA ILE A 391 20.75 -16.63 19.72
C ILE A 391 19.77 -15.85 18.83
N ILE A 392 18.73 -16.53 18.36
CA ILE A 392 17.71 -15.87 17.54
C ILE A 392 16.89 -14.90 18.37
N ASN A 393 16.44 -15.34 19.53
CA ASN A 393 15.73 -14.42 20.43
C ASN A 393 16.67 -13.27 20.85
N PHE A 394 17.95 -13.59 21.01
CA PHE A 394 18.92 -12.55 21.32
C PHE A 394 19.03 -11.50 20.22
N CYS A 395 19.00 -11.93 18.95
CA CYS A 395 19.02 -10.97 17.83
C CYS A 395 17.72 -10.20 17.66
N LYS A 396 16.59 -10.89 17.82
CA LYS A 396 15.28 -10.23 17.81
C LYS A 396 15.21 -9.14 18.87
N THR A 397 15.82 -9.40 20.03
CA THR A 397 15.78 -8.45 21.15
C THR A 397 16.81 -7.32 21.03
N ASN A 398 18.01 -7.64 20.56
CA ASN A 398 19.12 -6.70 20.56
C ASN A 398 19.56 -6.26 19.16
N GLY A 399 18.84 -6.69 18.14
CA GLY A 399 19.26 -6.42 16.78
C GLY A 399 20.43 -7.30 16.37
N GLN A 400 20.85 -7.16 15.10
CA GLN A 400 21.99 -7.91 14.58
C GLN A 400 23.28 -7.54 15.31
N PHE A 401 24.26 -8.44 15.27
CA PHE A 401 25.58 -8.18 15.85
C PHE A 401 26.37 -7.15 15.05
N ASP A 402 27.40 -6.59 15.68
CA ASP A 402 28.24 -5.58 15.07
C ASP A 402 29.70 -6.03 15.07
N PRO A 403 30.21 -6.46 13.91
CA PRO A 403 31.59 -6.93 13.83
C PRO A 403 32.61 -5.86 14.26
N THR A 404 32.23 -4.59 14.20
CA THR A 404 33.15 -3.53 14.62
C THR A 404 33.30 -3.45 16.13
N THR A 405 32.35 -4.02 16.88
CA THR A 405 32.38 -3.89 18.34
C THR A 405 32.25 -5.21 19.09
N MET A 406 31.70 -6.22 18.44
CA MET A 406 31.44 -7.50 19.12
C MET A 406 32.73 -8.20 19.51
N GLY A 407 32.69 -8.91 20.64
CA GLY A 407 33.83 -9.68 21.09
C GLY A 407 34.05 -10.92 20.25
N THR A 408 34.69 -11.92 20.83
CA THR A 408 35.00 -13.12 20.06
C THR A 408 34.74 -14.39 20.87
N VAL A 409 34.49 -15.49 20.17
CA VAL A 409 34.20 -16.76 20.82
C VAL A 409 35.13 -17.85 20.30
N PRO A 410 36.35 -17.94 20.86
CA PRO A 410 37.20 -19.07 20.50
C PRO A 410 36.55 -20.36 20.96
N ASN A 411 36.90 -21.48 20.33
CA ASN A 411 36.36 -22.78 20.75
C ASN A 411 37.45 -23.81 21.04
N VAL A 412 37.33 -24.47 22.19
CA VAL A 412 38.15 -25.63 22.49
C VAL A 412 37.23 -26.85 22.40
N GLY A 413 37.40 -27.62 21.33
CA GLY A 413 36.45 -28.68 21.02
C GLY A 413 36.96 -30.07 21.30
N LEU A 414 36.11 -30.87 21.95
CA LEU A 414 36.43 -32.26 22.26
C LEU A 414 36.09 -33.14 21.06
N MET A 415 37.11 -33.70 20.42
CA MET A 415 36.89 -34.48 19.21
C MET A 415 37.88 -35.62 18.97
N ALA A 416 38.86 -35.75 19.84
CA ALA A 416 39.94 -36.71 19.63
C ALA A 416 39.44 -38.16 19.70
N GLN A 417 39.98 -39.00 18.82
CA GLN A 417 39.63 -40.43 18.74
C GLN A 417 38.14 -40.66 18.44
N GLN A 418 37.64 -40.05 17.37
CA GLN A 418 36.25 -40.21 16.93
C GLN A 418 35.26 -39.99 18.10
N ALA A 419 35.47 -38.91 18.85
CA ALA A 419 34.68 -38.65 20.05
C ALA A 419 33.18 -38.44 19.77
N GLU A 420 32.35 -39.05 20.61
CA GLU A 420 30.89 -38.87 20.59
C GLU A 420 30.22 -39.28 19.26
N GLU A 421 29.26 -38.45 18.82
CA GLU A 421 28.45 -38.78 17.64
C GLU A 421 29.25 -38.94 16.34
N TYR A 422 30.46 -38.40 16.30
CA TYR A 422 31.32 -38.54 15.13
C TYR A 422 31.91 -39.94 15.01
N GLY A 423 31.82 -40.72 16.08
CA GLY A 423 32.36 -42.06 16.06
C GLY A 423 31.28 -43.12 16.06
N SER A 424 30.03 -42.70 15.91
CA SER A 424 28.92 -43.61 16.07
C SER A 424 28.34 -44.13 14.76
N HIS A 425 29.12 -44.01 13.69
N HIS A 425 29.12 -44.04 13.69
CA HIS A 425 28.67 -44.46 12.37
CA HIS A 425 28.62 -44.45 12.38
C HIS A 425 28.46 -45.97 12.31
C HIS A 425 28.55 -45.97 12.21
N ASP A 426 29.30 -46.71 13.02
CA ASP A 426 29.21 -48.17 13.02
C ASP A 426 28.43 -48.68 14.22
N LYS A 427 27.77 -47.76 14.93
CA LYS A 427 26.93 -48.11 16.08
C LYS A 427 25.57 -47.40 15.98
N THR A 428 25.12 -47.19 14.74
CA THR A 428 23.83 -46.54 14.52
C THR A 428 22.97 -47.48 13.67
N PHE A 429 21.76 -47.74 14.14
CA PHE A 429 20.92 -48.74 13.50
C PHE A 429 19.48 -48.28 13.34
N GLU A 430 18.82 -48.76 12.30
CA GLU A 430 17.38 -48.62 12.20
C GLU A 430 16.77 -49.86 12.83
N ILE A 431 16.05 -49.66 13.93
CA ILE A 431 15.41 -50.75 14.66
C ILE A 431 14.40 -51.49 13.76
N PRO A 432 14.61 -52.81 13.61
CA PRO A 432 13.80 -53.64 12.71
C PRO A 432 12.41 -53.97 13.26
N GLU A 433 12.28 -54.07 14.58
CA GLU A 433 10.98 -54.34 15.20
C GLU A 433 10.94 -53.90 16.66
N ASP A 434 9.74 -53.71 17.18
CA ASP A 434 9.54 -53.25 18.57
C ASP A 434 10.27 -54.14 19.58
N GLY A 435 10.80 -53.54 20.64
CA GLY A 435 11.46 -54.29 21.68
C GLY A 435 12.41 -53.47 22.54
N VAL A 436 13.38 -54.15 23.15
CA VAL A 436 14.29 -53.51 24.10
C VAL A 436 15.73 -53.46 23.58
N ALA A 437 16.22 -52.25 23.30
CA ALA A 437 17.58 -52.04 22.82
C ALA A 437 18.59 -51.97 23.98
N ASN A 438 19.43 -52.99 24.11
CA ASN A 438 20.38 -53.09 25.20
C ASN A 438 21.84 -53.05 24.76
N ILE A 439 22.66 -52.49 25.66
CA ILE A 439 24.10 -52.60 25.58
C ILE A 439 24.53 -53.53 26.71
N VAL A 440 24.96 -54.74 26.37
CA VAL A 440 25.23 -55.77 27.37
C VAL A 440 26.69 -56.19 27.44
N ASP A 441 27.15 -56.52 28.65
CA ASP A 441 28.50 -57.02 28.82
C ASP A 441 28.60 -58.41 28.20
N VAL A 442 29.55 -58.58 27.28
CA VAL A 442 29.72 -59.85 26.59
C VAL A 442 30.14 -60.96 27.57
N ALA A 443 30.83 -60.57 28.63
CA ALA A 443 31.25 -61.53 29.66
C ALA A 443 30.10 -61.87 30.60
N THR A 444 29.63 -60.86 31.30
CA THR A 444 28.65 -61.05 32.36
C THR A 444 27.20 -61.15 31.88
N GLY A 445 26.90 -60.52 30.75
CA GLY A 445 25.52 -60.44 30.29
C GLY A 445 24.77 -59.33 31.00
N GLU A 446 25.50 -58.50 31.73
CA GLU A 446 24.90 -57.38 32.44
C GLU A 446 24.45 -56.29 31.47
N VAL A 447 23.23 -55.80 31.65
CA VAL A 447 22.72 -54.71 30.83
C VAL A 447 23.24 -53.39 31.39
N LEU A 448 24.08 -52.70 30.62
CA LEU A 448 24.62 -51.43 31.08
C LEU A 448 23.62 -50.30 30.81
N LEU A 449 23.07 -50.30 29.60
CA LEU A 449 22.12 -49.28 29.18
C LEU A 449 20.99 -49.93 28.38
N THR A 450 19.77 -49.44 28.61
CA THR A 450 18.59 -50.01 27.98
C THR A 450 17.64 -48.92 27.48
N GLU A 451 16.97 -49.17 26.36
CA GLU A 451 15.99 -48.26 25.82
C GLU A 451 14.80 -49.06 25.32
N ASN A 452 13.60 -48.52 25.46
CA ASN A 452 12.45 -49.13 24.81
C ASN A 452 12.25 -48.50 23.44
N VAL A 453 12.28 -49.33 22.40
CA VAL A 453 12.24 -48.82 21.03
C VAL A 453 11.22 -49.53 20.15
N GLU A 454 10.81 -48.85 19.09
CA GLU A 454 9.80 -49.37 18.17
C GLU A 454 10.43 -49.49 16.79
N ALA A 455 9.80 -50.26 15.91
CA ALA A 455 10.30 -50.42 14.55
C ALA A 455 10.43 -49.09 13.83
N GLY A 456 11.57 -48.89 13.18
CA GLY A 456 11.81 -47.71 12.39
C GLY A 456 12.58 -46.65 13.15
N ASP A 457 12.76 -46.89 14.43
CA ASP A 457 13.50 -45.95 15.26
C ASP A 457 14.98 -45.97 14.91
N ILE A 458 15.68 -44.90 15.22
CA ILE A 458 17.13 -44.91 15.05
C ILE A 458 17.80 -44.98 16.40
N TRP A 459 18.56 -46.06 16.62
CA TRP A 459 19.25 -46.28 17.88
C TRP A 459 20.73 -46.04 17.67
N ARG A 460 21.32 -45.26 18.56
CA ARG A 460 22.72 -44.91 18.46
C ARG A 460 23.44 -45.08 19.79
N MET A 461 24.65 -45.60 19.73
CA MET A 461 25.56 -45.63 20.87
C MET A 461 26.73 -44.68 20.60
N CYS A 462 27.07 -43.89 21.62
CA CYS A 462 28.19 -42.96 21.50
C CYS A 462 29.24 -43.25 22.54
N ILE A 463 30.48 -42.94 22.22
CA ILE A 463 31.61 -43.15 23.11
C ILE A 463 32.56 -41.96 23.04
N VAL A 464 32.99 -41.47 24.20
CA VAL A 464 34.12 -40.56 24.26
C VAL A 464 35.09 -41.07 25.33
N LYS A 465 36.37 -41.20 24.95
CA LYS A 465 37.37 -41.83 25.80
C LYS A 465 38.05 -40.86 26.77
N ASP A 466 38.62 -41.40 27.84
CA ASP A 466 39.13 -40.59 28.94
C ASP A 466 40.30 -39.69 28.56
N ALA A 467 41.28 -40.24 27.85
CA ALA A 467 42.46 -39.47 27.45
C ALA A 467 42.14 -38.22 26.62
N PRO A 468 41.25 -38.34 25.60
CA PRO A 468 40.84 -37.11 24.91
C PRO A 468 40.12 -36.10 25.80
N ILE A 469 39.40 -36.56 26.82
CA ILE A 469 38.71 -35.64 27.75
C ILE A 469 39.72 -34.90 28.61
N ARG A 470 40.72 -35.64 29.10
CA ARG A 470 41.79 -35.05 29.90
C ARG A 470 42.54 -34.01 29.08
N ASP A 471 42.88 -34.38 27.84
CA ASP A 471 43.57 -33.45 26.95
C ASP A 471 42.68 -32.26 26.60
N TRP A 472 41.38 -32.47 26.61
CA TRP A 472 40.42 -31.43 26.29
C TRP A 472 40.38 -30.38 27.39
N VAL A 473 40.22 -30.84 28.63
CA VAL A 473 40.34 -29.96 29.80
C VAL A 473 41.69 -29.24 29.80
N LYS A 474 42.78 -29.99 29.62
CA LYS A 474 44.12 -29.40 29.59
C LYS A 474 44.25 -28.30 28.53
N LEU A 475 43.67 -28.53 27.36
CA LEU A 475 43.70 -27.55 26.29
C LEU A 475 42.86 -26.32 26.65
N ALA A 476 41.75 -26.55 27.34
CA ALA A 476 40.89 -25.46 27.79
C ALA A 476 41.68 -24.55 28.71
N VAL A 477 42.23 -25.13 29.78
CA VAL A 477 43.07 -24.40 30.73
C VAL A 477 44.24 -23.68 30.04
N THR A 478 44.97 -24.42 29.20
CA THR A 478 46.06 -23.87 28.39
C THR A 478 45.63 -22.59 27.68
N ARG A 479 44.52 -22.67 26.95
CA ARG A 479 44.01 -21.53 26.18
C ARG A 479 43.55 -20.38 27.07
N ALA A 480 42.98 -20.72 28.22
CA ALA A 480 42.56 -19.71 29.20
C ALA A 480 43.77 -18.91 29.70
N ARG A 481 44.83 -19.63 30.05
CA ARG A 481 46.04 -19.00 30.58
C ARG A 481 46.78 -18.19 29.51
N ILE A 482 46.86 -18.72 28.30
CA ILE A 482 47.48 -17.99 27.20
C ILE A 482 46.71 -16.72 26.83
N SER A 483 45.41 -16.84 26.61
CA SER A 483 44.61 -15.73 26.08
C SER A 483 44.09 -14.76 27.12
N GLY A 484 44.02 -15.21 28.37
CA GLY A 484 43.47 -14.38 29.42
C GLY A 484 41.95 -14.26 29.34
N MET A 485 41.35 -15.08 28.48
CA MET A 485 39.89 -15.07 28.36
C MET A 485 39.30 -16.01 29.38
N PRO A 486 38.06 -15.73 29.81
CA PRO A 486 37.35 -16.72 30.63
C PRO A 486 36.99 -17.94 29.80
N VAL A 487 36.79 -19.07 30.46
CA VAL A 487 36.38 -20.28 29.76
C VAL A 487 35.02 -20.72 30.27
N LEU A 488 34.18 -21.14 29.33
CA LEU A 488 32.85 -21.63 29.64
C LEU A 488 32.71 -23.03 29.06
N PHE A 489 32.47 -24.02 29.91
CA PHE A 489 32.17 -25.38 29.46
C PHE A 489 30.68 -25.51 29.16
N TRP A 490 30.33 -25.63 27.88
CA TRP A 490 28.91 -25.69 27.51
C TRP A 490 28.34 -27.08 27.82
N LEU A 491 27.87 -27.28 29.04
CA LEU A 491 27.40 -28.60 29.44
C LEU A 491 26.06 -28.54 30.16
N ASP A 492 25.08 -29.24 29.59
CA ASP A 492 23.74 -29.35 30.16
C ASP A 492 23.66 -30.53 31.12
N PRO A 493 23.59 -30.24 32.43
CA PRO A 493 23.55 -31.28 33.47
C PRO A 493 22.28 -32.13 33.39
N TYR A 494 21.27 -31.65 32.65
CA TYR A 494 20.03 -32.39 32.43
C TYR A 494 20.15 -33.34 31.25
N ARG A 495 21.30 -33.28 30.58
CA ARG A 495 21.66 -34.28 29.57
C ARG A 495 22.72 -35.18 30.19
N PRO A 496 22.39 -36.48 30.33
CA PRO A 496 23.21 -37.50 31.00
C PRO A 496 24.68 -37.52 30.55
N HIS A 497 24.89 -37.51 29.23
CA HIS A 497 26.24 -37.47 28.65
C HIS A 497 27.01 -36.27 29.16
N GLU A 498 26.40 -35.10 29.05
CA GLU A 498 27.05 -33.87 29.50
C GLU A 498 27.20 -33.81 31.01
N ASN A 499 26.36 -34.53 31.74
CA ASN A 499 26.50 -34.61 33.19
C ASN A 499 27.75 -35.40 33.56
N GLU A 500 27.89 -36.57 32.93
CA GLU A 500 29.12 -37.35 33.06
C GLU A 500 30.36 -36.52 32.69
N LEU A 501 30.29 -35.83 31.56
CA LEU A 501 31.38 -34.93 31.18
C LEU A 501 31.66 -33.89 32.28
N ILE A 502 30.60 -33.39 32.92
CA ILE A 502 30.75 -32.39 33.97
C ILE A 502 31.54 -33.00 35.12
N LYS A 503 31.23 -34.23 35.49
CA LYS A 503 32.03 -34.92 36.50
C LYS A 503 33.50 -34.99 36.08
N LYS A 504 33.73 -35.41 34.83
CA LYS A 504 35.09 -35.41 34.28
C LYS A 504 35.81 -34.06 34.46
N VAL A 505 35.13 -32.98 34.08
CA VAL A 505 35.72 -31.64 34.05
C VAL A 505 36.02 -31.12 35.45
N LYS A 506 35.07 -31.32 36.35
CA LYS A 506 35.26 -30.98 37.76
C LYS A 506 36.47 -31.73 38.30
N THR A 507 36.57 -33.02 38.00
CA THR A 507 37.71 -33.81 38.46
C THR A 507 39.05 -33.31 37.90
N TYR A 508 39.09 -33.07 36.60
CA TYR A 508 40.34 -32.77 35.91
C TYR A 508 40.78 -31.30 35.99
N LEU A 509 39.89 -30.42 36.45
CA LEU A 509 40.27 -29.03 36.65
C LEU A 509 41.23 -28.88 37.84
N LYS A 510 41.27 -29.90 38.70
CA LYS A 510 42.16 -29.90 39.86
C LYS A 510 43.53 -30.46 39.53
N ASP A 511 43.75 -30.79 38.25
CA ASP A 511 45.04 -31.30 37.80
C ASP A 511 45.85 -30.21 37.11
N HIS A 512 45.34 -28.98 37.16
CA HIS A 512 46.04 -27.85 36.57
C HIS A 512 45.98 -26.63 37.49
N ASP A 513 46.92 -25.70 37.29
CA ASP A 513 46.90 -24.44 38.02
C ASP A 513 45.87 -23.55 37.34
N THR A 514 44.67 -23.50 37.93
CA THR A 514 43.57 -22.68 37.42
C THR A 514 43.42 -21.44 38.27
N GLU A 515 44.49 -21.10 38.96
CA GLU A 515 44.53 -19.96 39.86
C GLU A 515 44.50 -18.66 39.07
N GLY A 516 43.53 -17.80 39.38
CA GLY A 516 43.37 -16.54 38.67
C GLY A 516 42.73 -16.71 37.30
N LEU A 517 42.20 -17.90 37.04
CA LEU A 517 41.51 -18.18 35.78
C LEU A 517 39.99 -18.20 36.00
N ASP A 518 39.25 -17.66 35.03
CA ASP A 518 37.79 -17.67 35.08
C ASP A 518 37.28 -18.89 34.31
N ILE A 519 36.87 -19.92 35.03
CA ILE A 519 36.40 -21.15 34.41
C ILE A 519 35.07 -21.57 35.00
N GLN A 520 34.03 -21.58 34.17
CA GLN A 520 32.69 -21.92 34.65
C GLN A 520 32.07 -23.04 33.82
N ILE A 521 31.01 -23.64 34.38
CA ILE A 521 30.21 -24.60 33.63
C ILE A 521 28.75 -24.16 33.66
N MET A 522 28.16 -23.99 32.48
CA MET A 522 26.74 -23.66 32.37
C MET A 522 26.10 -24.54 31.30
N SER A 523 24.77 -24.60 31.28
CA SER A 523 24.07 -25.36 30.25
C SER A 523 24.30 -24.68 28.90
N GLN A 524 24.16 -25.45 27.82
CA GLN A 524 24.35 -24.92 26.48
C GLN A 524 23.57 -23.63 26.21
N VAL A 525 22.30 -23.60 26.60
CA VAL A 525 21.45 -22.42 26.37
C VAL A 525 21.93 -21.23 27.20
N ARG A 526 22.16 -21.48 28.49
CA ARG A 526 22.71 -20.45 29.36
C ARG A 526 24.08 -19.99 28.86
N SER A 527 24.91 -20.93 28.44
CA SER A 527 26.25 -20.58 27.94
C SER A 527 26.17 -19.70 26.69
N MET A 528 25.28 -20.06 25.76
CA MET A 528 25.01 -19.24 24.59
C MET A 528 24.56 -17.83 24.96
N ARG A 529 23.65 -17.74 25.93
CA ARG A 529 23.09 -16.46 26.34
C ARG A 529 24.15 -15.56 26.97
N TYR A 530 24.84 -16.10 27.97
CA TYR A 530 25.96 -15.46 28.64
C TYR A 530 27.00 -14.97 27.63
N THR A 531 27.36 -15.85 26.72
CA THR A 531 28.34 -15.55 25.68
C THR A 531 27.88 -14.41 24.80
N CYS A 532 26.60 -14.37 24.44
CA CYS A 532 26.10 -13.28 23.61
C CYS A 532 26.11 -11.94 24.37
N GLU A 533 25.59 -11.98 25.60
CA GLU A 533 25.59 -10.81 26.48
C GLU A 533 27.01 -10.26 26.64
N ARG A 534 28.01 -11.14 26.64
CA ARG A 534 29.41 -10.70 26.67
C ARG A 534 29.88 -10.18 25.32
N LEU A 535 29.34 -10.78 24.26
CA LEU A 535 29.73 -10.48 22.89
C LEU A 535 29.39 -9.05 22.52
N VAL A 536 28.15 -8.65 22.83
CA VAL A 536 27.71 -7.31 22.46
C VAL A 536 28.43 -6.21 23.25
N ARG A 537 29.16 -6.62 24.28
CA ARG A 537 29.93 -5.67 25.09
C ARG A 537 31.41 -5.65 24.70
N GLY A 538 31.77 -6.47 23.71
CA GLY A 538 33.16 -6.54 23.26
C GLY A 538 34.01 -7.46 24.11
N LEU A 539 33.35 -8.28 24.93
CA LEU A 539 34.06 -9.22 25.79
C LEU A 539 34.23 -10.58 25.11
N ASP A 540 35.36 -11.22 25.38
CA ASP A 540 35.66 -12.51 24.77
C ASP A 540 35.26 -13.64 25.73
N THR A 541 34.97 -14.81 25.17
CA THR A 541 34.61 -15.96 25.98
C THR A 541 35.04 -17.21 25.23
N ILE A 542 35.77 -18.09 25.89
CA ILE A 542 36.17 -19.34 25.24
C ILE A 542 35.09 -20.40 25.41
N ALA A 543 34.58 -20.93 24.30
CA ALA A 543 33.61 -22.02 24.38
C ALA A 543 34.30 -23.38 24.37
N ALA A 544 34.41 -23.98 25.53
CA ALA A 544 34.91 -25.36 25.64
C ALA A 544 33.71 -26.30 25.52
N THR A 545 33.67 -27.05 24.42
CA THR A 545 32.47 -27.80 24.06
C THR A 545 32.73 -29.19 23.51
N GLY A 546 31.64 -29.91 23.24
CA GLY A 546 31.73 -31.21 22.58
C GLY A 546 31.98 -31.04 21.09
N ASN A 547 31.96 -32.17 20.38
CA ASN A 547 32.33 -32.21 18.96
C ASN A 547 31.34 -31.47 18.05
N ILE A 548 30.07 -31.85 18.19
CA ILE A 548 28.99 -31.23 17.44
C ILE A 548 29.01 -29.72 17.68
N LEU A 549 29.07 -29.33 18.96
CA LEU A 549 29.05 -27.91 19.31
C LEU A 549 30.29 -27.21 18.78
N ARG A 550 31.40 -27.92 18.72
CA ARG A 550 32.58 -27.41 18.06
C ARG A 550 32.22 -27.01 16.63
N ASP A 551 31.64 -27.96 15.88
CA ASP A 551 31.18 -27.69 14.51
C ASP A 551 30.24 -26.47 14.42
N TYR A 552 29.15 -26.54 15.18
CA TYR A 552 28.07 -25.53 15.16
C TYR A 552 28.56 -24.14 15.50
N LEU A 553 29.22 -24.01 16.65
CA LEU A 553 29.69 -22.73 17.15
C LEU A 553 30.79 -22.15 16.26
N THR A 554 31.71 -23.01 15.79
CA THR A 554 32.78 -22.52 14.94
C THR A 554 32.32 -22.22 13.53
N ASP A 555 31.11 -22.63 13.17
CA ASP A 555 30.53 -22.06 11.96
C ASP A 555 29.77 -20.77 12.29
N LEU A 556 28.98 -20.81 13.36
CA LEU A 556 28.09 -19.71 13.74
C LEU A 556 28.82 -18.42 14.07
N PHE A 557 29.57 -18.42 15.17
CA PHE A 557 30.24 -17.23 15.65
C PHE A 557 31.21 -16.58 14.65
N PRO A 558 32.13 -17.37 14.05
CA PRO A 558 33.05 -16.71 13.11
C PRO A 558 32.35 -16.08 11.89
N ILE A 559 31.26 -16.67 11.43
CA ILE A 559 30.50 -16.10 10.32
C ILE A 559 29.96 -14.71 10.72
N LEU A 560 29.38 -14.63 11.92
CA LEU A 560 28.93 -13.33 12.44
C LEU A 560 30.09 -12.35 12.59
N GLU A 561 31.19 -12.82 13.19
CA GLU A 561 32.35 -11.98 13.45
C GLU A 561 33.13 -11.59 12.19
N LEU A 562 33.28 -12.52 11.24
CA LEU A 562 34.23 -12.32 10.13
C LEU A 562 33.60 -12.41 8.73
N GLY A 563 32.33 -12.78 8.66
CA GLY A 563 31.68 -12.99 7.37
C GLY A 563 31.78 -14.45 6.96
N THR A 564 32.88 -15.11 7.31
CA THR A 564 33.02 -16.53 7.01
C THR A 564 33.93 -17.27 7.98
N SER A 565 33.61 -18.54 8.23
CA SER A 565 34.38 -19.36 9.16
C SER A 565 35.74 -19.78 8.59
N ALA A 566 35.97 -19.47 7.33
CA ALA A 566 37.24 -19.83 6.68
C ALA A 566 38.41 -19.00 7.22
N LYS A 567 38.14 -17.81 7.74
CA LYS A 567 39.18 -16.92 8.24
C LYS A 567 39.60 -17.27 9.67
N MET A 568 39.46 -18.54 10.03
CA MET A 568 39.76 -18.99 11.38
C MET A 568 41.06 -19.79 11.42
N LEU A 569 41.68 -19.80 12.59
CA LEU A 569 42.81 -20.65 12.85
C LEU A 569 42.23 -21.91 13.48
N SER A 570 42.63 -23.08 12.96
CA SER A 570 42.08 -24.35 13.42
C SER A 570 43.20 -25.37 13.62
N VAL A 571 43.73 -25.43 14.84
CA VAL A 571 44.90 -26.25 15.11
C VAL A 571 44.56 -27.49 15.95
N VAL A 572 44.92 -28.64 15.39
CA VAL A 572 44.71 -29.95 16.01
C VAL A 572 46.05 -30.53 16.41
N PRO A 573 46.45 -30.31 17.67
CA PRO A 573 47.66 -30.91 18.24
C PRO A 573 47.44 -32.40 18.44
N LEU A 574 47.95 -33.19 17.50
CA LEU A 574 47.78 -34.63 17.52
C LEU A 574 48.31 -35.27 18.80
N MET A 575 47.58 -36.25 19.32
CA MET A 575 47.96 -36.99 20.52
C MET A 575 49.41 -37.48 20.46
N ALA A 576 49.79 -38.07 19.33
CA ALA A 576 51.13 -38.63 19.16
C ALA A 576 52.24 -37.58 18.99
N GLY A 577 51.85 -36.30 18.93
CA GLY A 577 52.82 -35.22 18.88
C GLY A 577 52.88 -34.51 17.55
N GLY A 578 52.18 -35.05 16.55
CA GLY A 578 52.14 -34.41 15.25
C GLY A 578 51.25 -33.19 15.24
N GLY A 579 51.13 -32.55 14.08
CA GLY A 579 50.28 -31.40 13.94
C GLY A 579 49.36 -31.51 12.74
N MET A 580 48.08 -31.24 12.96
CA MET A 580 47.19 -30.98 11.83
C MET A 580 46.66 -29.56 11.92
N TYR A 581 46.55 -28.91 10.77
CA TYR A 581 46.09 -27.54 10.70
C TYR A 581 45.04 -27.51 9.63
N GLU A 582 43.81 -27.26 10.06
CA GLU A 582 42.70 -27.16 9.13
C GLU A 582 42.61 -25.72 8.66
N THR A 583 42.36 -25.55 7.36
CA THR A 583 42.35 -24.25 6.73
C THR A 583 41.01 -23.54 6.91
N GLY A 584 40.71 -23.18 8.16
CA GLY A 584 39.42 -22.58 8.48
C GLY A 584 38.45 -23.58 9.10
N ALA A 585 37.20 -23.16 9.30
CA ALA A 585 36.18 -24.00 9.92
C ALA A 585 35.00 -24.26 8.99
N GLY A 586 35.11 -23.82 7.73
CA GLY A 586 34.02 -24.01 6.79
C GLY A 586 34.22 -25.21 5.88
N GLY A 587 33.33 -25.36 4.91
CA GLY A 587 33.43 -26.45 3.96
C GLY A 587 34.03 -26.07 2.62
N SER A 588 33.71 -26.87 1.60
CA SER A 588 34.35 -26.76 0.29
C SER A 588 33.64 -25.80 -0.67
N ALA A 589 32.66 -25.08 -0.14
CA ALA A 589 31.97 -23.98 -0.83
C ALA A 589 31.64 -24.22 -2.31
N PRO A 590 30.78 -25.22 -2.59
CA PRO A 590 30.45 -25.61 -3.97
C PRO A 590 29.86 -24.49 -4.81
N LYS A 591 29.30 -23.46 -4.17
CA LYS A 591 28.73 -22.34 -4.91
C LYS A 591 29.79 -21.50 -5.62
N HIS A 592 31.02 -21.53 -5.11
CA HIS A 592 32.10 -20.74 -5.70
C HIS A 592 32.55 -21.37 -7.03
N VAL A 593 32.50 -22.70 -7.08
CA VAL A 593 32.91 -23.47 -8.24
C VAL A 593 32.10 -23.01 -9.44
N LYS A 594 30.84 -22.76 -9.18
CA LYS A 594 29.90 -22.23 -10.17
C LYS A 594 30.43 -20.96 -10.82
N GLN A 595 30.58 -19.91 -10.01
CA GLN A 595 31.05 -18.62 -10.47
C GLN A 595 32.42 -18.72 -11.16
N LEU A 596 33.23 -19.69 -10.74
CA LEU A 596 34.51 -19.91 -11.42
C LEU A 596 34.34 -20.50 -12.82
N VAL A 597 33.67 -21.64 -12.92
CA VAL A 597 33.55 -22.32 -14.20
C VAL A 597 32.76 -21.49 -15.22
N GLU A 598 31.88 -20.62 -14.74
CA GLU A 598 31.05 -19.85 -15.68
C GLU A 598 31.47 -18.38 -15.87
N GLU A 599 32.26 -17.84 -14.94
CA GLU A 599 32.69 -16.44 -15.03
C GLU A 599 34.18 -16.25 -14.80
N ASN A 600 34.88 -17.35 -14.50
CA ASN A 600 36.29 -17.33 -14.16
C ASN A 600 36.62 -16.33 -13.06
N HIS A 601 35.79 -16.36 -12.02
CA HIS A 601 36.08 -15.62 -10.80
C HIS A 601 35.97 -16.58 -9.62
N LEU A 602 37.07 -16.78 -8.90
CA LEU A 602 37.02 -17.58 -7.69
C LEU A 602 37.03 -16.66 -6.49
N ARG A 603 35.90 -16.59 -5.78
CA ARG A 603 35.79 -15.71 -4.62
C ARG A 603 36.19 -16.43 -3.33
N TRP A 604 36.78 -17.62 -3.48
CA TRP A 604 37.29 -18.37 -2.34
C TRP A 604 38.45 -17.64 -1.67
N ASP A 605 38.33 -17.45 -0.36
CA ASP A 605 39.38 -16.80 0.41
C ASP A 605 40.34 -17.87 0.94
N SER A 606 41.62 -17.74 0.62
CA SER A 606 42.60 -18.74 1.03
C SER A 606 43.30 -18.39 2.35
N LEU A 607 42.82 -17.34 3.00
CA LEU A 607 43.40 -16.88 4.27
C LEU A 607 43.52 -18.01 5.29
N GLY A 608 42.58 -18.95 5.26
CA GLY A 608 42.65 -20.12 6.11
C GLY A 608 43.86 -20.98 5.80
N GLU A 609 44.13 -21.20 4.51
CA GLU A 609 45.33 -21.94 4.09
C GLU A 609 46.59 -21.23 4.53
N PHE A 610 46.59 -19.90 4.43
CA PHE A 610 47.75 -19.09 4.78
C PHE A 610 48.05 -19.23 6.27
N LEU A 611 47.02 -19.00 7.08
CA LEU A 611 47.13 -19.12 8.53
C LEU A 611 47.58 -20.53 8.96
N ALA A 612 46.94 -21.53 8.38
CA ALA A 612 47.25 -22.91 8.71
C ALA A 612 48.71 -23.20 8.39
N LEU A 613 49.14 -22.77 7.20
CA LEU A 613 50.51 -22.95 6.74
C LEU A 613 51.51 -22.27 7.69
N GLY A 614 51.16 -21.06 8.14
CA GLY A 614 52.01 -20.33 9.07
C GLY A 614 52.18 -21.08 10.38
N ALA A 615 51.06 -21.47 10.97
CA ALA A 615 51.09 -22.28 12.18
C ALA A 615 51.95 -23.54 12.00
N GLY A 616 51.79 -24.18 10.84
CA GLY A 616 52.54 -25.39 10.55
C GLY A 616 54.04 -25.15 10.51
N PHE A 617 54.46 -24.11 9.78
CA PHE A 617 55.87 -23.76 9.70
C PHE A 617 56.43 -23.44 11.08
N GLU A 618 55.68 -22.67 11.86
CA GLU A 618 56.14 -22.29 13.19
C GLU A 618 56.30 -23.53 14.07
N ASP A 619 55.37 -24.47 13.96
CA ASP A 619 55.43 -25.68 14.79
C ASP A 619 56.59 -26.59 14.38
N ILE A 620 56.78 -26.73 13.07
CA ILE A 620 57.92 -27.50 12.54
C ILE A 620 59.20 -26.89 13.08
N GLY A 621 59.29 -25.57 13.02
CA GLY A 621 60.45 -24.85 13.53
C GLY A 621 60.68 -25.12 15.00
N ILE A 622 59.63 -25.00 15.81
CA ILE A 622 59.73 -25.24 17.25
C ILE A 622 60.14 -26.69 17.58
N LYS A 623 59.66 -27.66 16.80
CA LYS A 623 59.89 -29.07 17.09
C LYS A 623 61.24 -29.60 16.59
N THR A 624 61.68 -29.12 15.43
CA THR A 624 62.88 -29.64 14.78
C THR A 624 64.08 -28.70 14.91
N GLY A 625 63.83 -27.49 15.39
CA GLY A 625 64.88 -26.48 15.48
C GLY A 625 65.34 -25.96 14.13
N ASN A 626 64.55 -26.22 13.09
CA ASN A 626 64.80 -25.59 11.79
C ASN A 626 64.52 -24.10 11.87
N GLU A 627 65.58 -23.30 11.88
CA GLU A 627 65.43 -21.85 11.98
C GLU A 627 64.70 -21.27 10.77
N ARG A 628 64.97 -21.84 9.59
CA ARG A 628 64.37 -21.36 8.36
C ARG A 628 62.85 -21.59 8.33
N ALA A 629 62.41 -22.69 8.93
CA ALA A 629 60.98 -22.97 9.09
C ALA A 629 60.31 -21.90 9.95
N LYS A 630 60.93 -21.61 11.09
CA LYS A 630 60.46 -20.52 11.95
C LYS A 630 60.40 -19.22 11.18
N LEU A 631 61.39 -18.99 10.33
CA LEU A 631 61.46 -17.79 9.52
C LEU A 631 60.31 -17.69 8.53
N LEU A 632 59.98 -18.82 7.93
CA LEU A 632 58.83 -18.90 7.04
C LEU A 632 57.54 -18.63 7.81
N GLY A 633 57.44 -19.14 9.04
CA GLY A 633 56.30 -18.87 9.89
C GLY A 633 56.11 -17.38 10.17
N LYS A 634 57.15 -16.77 10.74
CA LYS A 634 57.15 -15.34 11.05
C LYS A 634 56.83 -14.49 9.83
N THR A 635 57.57 -14.72 8.76
CA THR A 635 57.42 -13.92 7.56
C THR A 635 56.04 -14.11 6.92
N LEU A 636 55.51 -15.32 6.99
CA LEU A 636 54.18 -15.57 6.44
C LEU A 636 53.09 -14.90 7.27
N ASP A 637 53.19 -15.00 8.60
CA ASP A 637 52.23 -14.33 9.46
C ASP A 637 52.24 -12.81 9.23
N ALA A 638 53.44 -12.25 9.12
CA ALA A 638 53.58 -10.82 8.85
C ALA A 638 53.01 -10.44 7.48
N ALA A 639 53.29 -11.28 6.48
CA ALA A 639 52.78 -11.08 5.12
C ALA A 639 51.26 -11.15 5.08
N ILE A 640 50.67 -11.97 5.95
CA ILE A 640 49.23 -12.06 6.09
C ILE A 640 48.74 -10.76 6.68
N GLY A 641 49.42 -10.29 7.73
CA GLY A 641 49.15 -8.98 8.28
C GLY A 641 49.15 -7.87 7.23
N LYS A 642 50.08 -7.95 6.28
CA LYS A 642 50.16 -6.97 5.21
C LYS A 642 49.04 -7.18 4.18
N LEU A 643 48.60 -8.44 4.04
CA LEU A 643 47.53 -8.77 3.11
C LEU A 643 46.24 -8.16 3.60
N LEU A 644 46.04 -8.24 4.91
CA LEU A 644 44.86 -7.67 5.58
C LEU A 644 44.92 -6.14 5.63
N ASP A 645 46.06 -5.60 6.04
CA ASP A 645 46.23 -4.14 6.12
C ASP A 645 45.90 -3.46 4.79
N ASN A 646 46.20 -4.14 3.69
CA ASN A 646 46.00 -3.58 2.35
C ASN A 646 44.72 -4.06 1.69
N ASP A 647 43.91 -4.81 2.43
CA ASP A 647 42.62 -5.29 1.95
C ASP A 647 42.77 -6.00 0.61
N LYS A 648 43.71 -6.94 0.53
CA LYS A 648 43.95 -7.66 -0.71
C LYS A 648 43.23 -9.02 -0.68
N SER A 649 42.19 -9.11 0.13
CA SER A 649 41.30 -10.28 0.16
C SER A 649 40.51 -10.33 -1.14
N PRO A 650 40.06 -11.52 -1.56
CA PRO A 650 39.28 -11.65 -2.80
C PRO A 650 37.96 -10.89 -2.72
N SER A 651 37.41 -10.54 -3.88
CA SER A 651 36.11 -9.88 -3.97
C SER A 651 35.08 -10.88 -4.42
N ARG A 652 33.79 -10.56 -4.26
CA ARG A 652 32.74 -11.44 -4.75
C ARG A 652 32.48 -11.17 -6.24
N LYS A 653 32.73 -9.93 -6.65
CA LYS A 653 32.39 -9.45 -8.00
C LYS A 653 33.35 -9.94 -9.08
N THR A 654 32.79 -10.55 -10.14
CA THR A 654 33.56 -10.86 -11.33
C THR A 654 34.19 -9.59 -11.89
N GLY A 655 35.47 -9.67 -12.28
CA GLY A 655 36.17 -8.50 -12.78
C GLY A 655 37.00 -7.82 -11.71
N GLU A 656 36.71 -8.14 -10.45
CA GLU A 656 37.52 -7.62 -9.34
C GLU A 656 38.48 -8.68 -8.81
N LEU A 657 39.24 -8.32 -7.78
CA LEU A 657 40.27 -9.21 -7.25
C LEU A 657 39.68 -10.53 -6.78
N ASP A 658 40.31 -11.63 -7.17
CA ASP A 658 39.85 -12.95 -6.74
C ASP A 658 40.95 -13.74 -6.04
N ASN A 659 40.69 -15.02 -5.84
CA ASN A 659 41.62 -15.91 -5.15
C ASN A 659 43.05 -15.84 -5.67
N ARG A 660 43.20 -15.82 -6.99
CA ARG A 660 44.52 -15.83 -7.61
C ARG A 660 45.32 -14.54 -7.35
N GLY A 661 44.67 -13.39 -7.51
CA GLY A 661 45.31 -12.10 -7.25
C GLY A 661 45.64 -11.95 -5.78
N SER A 662 44.75 -12.46 -4.93
CA SER A 662 45.00 -12.43 -3.50
C SER A 662 46.25 -13.25 -3.18
N GLN A 663 46.32 -14.46 -3.74
CA GLN A 663 47.50 -15.30 -3.59
C GLN A 663 48.77 -14.64 -4.12
N PHE A 664 48.65 -13.91 -5.22
CA PHE A 664 49.78 -13.16 -5.73
C PHE A 664 50.25 -12.13 -4.71
N TYR A 665 49.32 -11.35 -4.19
CA TYR A 665 49.69 -10.33 -3.22
C TYR A 665 50.36 -10.96 -2.01
N LEU A 666 49.84 -12.11 -1.59
CA LEU A 666 50.44 -12.82 -0.48
C LEU A 666 51.89 -13.20 -0.81
N ALA A 667 52.10 -13.80 -1.98
CA ALA A 667 53.45 -14.15 -2.43
C ALA A 667 54.39 -12.95 -2.40
N MET A 668 53.94 -11.83 -2.95
CA MET A 668 54.71 -10.61 -2.98
C MET A 668 55.12 -10.18 -1.56
N TYR A 669 54.12 -10.02 -0.69
CA TYR A 669 54.37 -9.53 0.67
C TYR A 669 55.29 -10.47 1.45
N TRP A 670 55.09 -11.77 1.23
CA TRP A 670 55.91 -12.81 1.85
C TRP A 670 57.35 -12.66 1.40
N ALA A 671 57.54 -12.53 0.08
CA ALA A 671 58.86 -12.36 -0.49
C ALA A 671 59.54 -11.14 0.12
N GLN A 672 58.81 -10.04 0.21
CA GLN A 672 59.34 -8.80 0.80
C GLN A 672 59.75 -8.99 2.25
N GLU A 673 58.90 -9.67 3.01
CA GLU A 673 59.15 -9.93 4.42
C GLU A 673 60.41 -10.78 4.57
N LEU A 674 60.61 -11.71 3.63
CA LEU A 674 61.77 -12.59 3.64
C LEU A 674 63.06 -11.87 3.19
N ALA A 675 62.90 -10.86 2.35
CA ALA A 675 64.03 -10.07 1.87
C ALA A 675 64.40 -9.02 2.89
N ALA A 676 63.49 -8.78 3.85
CA ALA A 676 63.70 -7.76 4.86
C ALA A 676 64.23 -8.30 6.19
N GLN A 677 64.06 -9.60 6.43
CA GLN A 677 64.47 -10.19 7.71
C GLN A 677 66.00 -10.27 7.82
N THR A 678 66.49 -10.28 9.06
CA THR A 678 67.92 -10.19 9.33
C THR A 678 68.46 -11.41 10.06
N ASP A 679 67.76 -12.53 9.94
CA ASP A 679 68.16 -13.75 10.62
C ASP A 679 68.96 -14.68 9.71
N ASP A 680 68.65 -14.63 8.42
CA ASP A 680 69.26 -15.51 7.44
C ASP A 680 69.57 -14.73 6.17
N GLN A 681 70.81 -14.27 6.06
CA GLN A 681 71.21 -13.40 4.97
C GLN A 681 71.06 -14.04 3.59
N GLN A 682 71.48 -15.30 3.46
CA GLN A 682 71.37 -16.00 2.18
C GLN A 682 69.90 -16.12 1.78
N LEU A 683 69.03 -16.29 2.77
CA LEU A 683 67.60 -16.42 2.50
C LEU A 683 67.02 -15.11 2.00
N ALA A 684 67.34 -14.04 2.73
CA ALA A 684 67.00 -12.69 2.30
C ALA A 684 67.45 -12.44 0.86
N GLU A 685 68.64 -12.94 0.52
CA GLU A 685 69.17 -12.80 -0.84
C GLU A 685 68.33 -13.61 -1.83
N HIS A 686 67.97 -14.82 -1.43
CA HIS A 686 67.22 -15.72 -2.29
C HIS A 686 65.87 -15.11 -2.65
N PHE A 687 65.23 -14.49 -1.67
CA PHE A 687 63.90 -13.94 -1.89
C PHE A 687 63.88 -12.47 -2.30
N ALA A 688 65.04 -11.82 -2.28
CA ALA A 688 65.15 -10.43 -2.71
C ALA A 688 64.79 -10.31 -4.19
N SER A 689 65.34 -11.22 -4.98
CA SER A 689 65.10 -11.27 -6.42
C SER A 689 63.61 -11.39 -6.71
N LEU A 690 62.98 -12.39 -6.11
CA LEU A 690 61.54 -12.63 -6.30
C LEU A 690 60.73 -11.42 -5.87
N ALA A 691 61.04 -10.90 -4.68
CA ALA A 691 60.38 -9.71 -4.15
C ALA A 691 60.41 -8.55 -5.15
N ASP A 692 61.60 -8.27 -5.69
CA ASP A 692 61.75 -7.19 -6.66
C ASP A 692 61.01 -7.44 -7.98
N VAL A 693 61.04 -8.69 -8.46
CA VAL A 693 60.34 -9.03 -9.69
C VAL A 693 58.82 -8.87 -9.55
N LEU A 694 58.28 -9.42 -8.46
CA LEU A 694 56.85 -9.35 -8.18
C LEU A 694 56.39 -7.93 -7.89
N THR A 695 57.17 -7.18 -7.13
CA THR A 695 56.83 -5.78 -6.84
C THR A 695 56.87 -4.93 -8.12
N LYS A 696 57.86 -5.17 -8.97
CA LYS A 696 57.98 -4.46 -10.23
C LYS A 696 56.78 -4.71 -11.14
N ASN A 697 56.46 -5.99 -11.37
CA ASN A 697 55.40 -6.35 -12.30
C ASN A 697 54.03 -6.57 -11.66
N GLU A 698 53.76 -5.81 -10.60
CA GLU A 698 52.50 -5.92 -9.87
C GLU A 698 51.30 -5.66 -10.77
N ASP A 699 51.23 -4.47 -11.36
CA ASP A 699 50.13 -4.10 -12.25
C ASP A 699 50.02 -5.05 -13.45
N VAL A 700 51.17 -5.53 -13.93
CA VAL A 700 51.20 -6.44 -15.08
C VAL A 700 50.53 -7.77 -14.73
N ILE A 701 50.93 -8.34 -13.60
CA ILE A 701 50.37 -9.60 -13.13
C ILE A 701 48.89 -9.48 -12.76
N VAL A 702 48.55 -8.44 -11.99
CA VAL A 702 47.18 -8.14 -11.65
C VAL A 702 46.32 -8.08 -12.91
N ARG A 703 46.75 -7.27 -13.87
CA ARG A 703 46.04 -7.17 -15.15
C ARG A 703 45.92 -8.54 -15.82
N GLU A 704 47.00 -9.32 -15.79
CA GLU A 704 47.00 -10.67 -16.34
C GLU A 704 45.99 -11.58 -15.64
N LEU A 705 45.61 -11.21 -14.43
CA LEU A 705 44.69 -12.02 -13.64
C LEU A 705 43.23 -11.55 -13.78
N THR A 706 43.02 -10.26 -14.04
CA THR A 706 41.67 -9.75 -14.25
C THR A 706 41.24 -9.85 -15.72
N GLU A 707 42.21 -10.02 -16.63
CA GLU A 707 41.94 -10.18 -18.05
C GLU A 707 41.03 -11.38 -18.29
N VAL A 708 41.47 -12.53 -17.79
CA VAL A 708 40.75 -13.79 -17.97
C VAL A 708 39.35 -13.77 -17.34
N GLN A 709 39.11 -12.84 -16.43
CA GLN A 709 37.84 -12.77 -15.72
C GLN A 709 36.70 -12.23 -16.59
N GLY A 710 35.56 -12.92 -16.54
CA GLY A 710 34.37 -12.46 -17.25
C GLY A 710 33.94 -13.41 -18.34
N GLU A 711 34.56 -14.59 -18.39
CA GLU A 711 34.28 -15.55 -19.45
C GLU A 711 34.16 -16.98 -18.89
N PRO A 712 33.23 -17.76 -19.44
CA PRO A 712 33.08 -19.18 -19.06
C PRO A 712 34.38 -19.93 -19.27
N VAL A 713 34.62 -20.94 -18.44
CA VAL A 713 35.91 -21.62 -18.43
C VAL A 713 35.73 -23.11 -18.20
N ASP A 714 36.58 -23.93 -18.82
CA ASP A 714 36.44 -25.38 -18.75
C ASP A 714 37.57 -26.00 -17.92
N ILE A 715 37.19 -26.67 -16.83
CA ILE A 715 38.16 -27.34 -15.98
C ILE A 715 38.09 -28.86 -16.19
N GLY A 716 37.25 -29.28 -17.15
CA GLY A 716 37.20 -30.66 -17.59
C GLY A 716 36.76 -31.63 -16.52
N GLY A 717 35.74 -31.26 -15.76
CA GLY A 717 35.24 -32.13 -14.71
C GLY A 717 34.77 -31.34 -13.49
N TYR A 718 34.20 -32.04 -12.51
CA TYR A 718 33.76 -31.42 -11.27
C TYR A 718 34.31 -32.20 -10.08
N TYR A 719 34.04 -33.51 -10.06
CA TYR A 719 34.52 -34.36 -8.98
C TYR A 719 35.91 -34.90 -9.29
N ALA A 720 36.27 -34.85 -10.57
CA ALA A 720 37.60 -35.27 -11.03
C ALA A 720 38.07 -34.38 -12.16
N PRO A 721 38.31 -33.09 -11.88
CA PRO A 721 38.72 -32.17 -12.94
C PRO A 721 40.15 -32.48 -13.42
N ASP A 722 40.41 -32.28 -14.72
CA ASP A 722 41.74 -32.57 -15.28
C ASP A 722 42.79 -31.60 -14.75
N SER A 723 43.88 -32.15 -14.23
CA SER A 723 44.95 -31.36 -13.64
C SER A 723 45.51 -30.27 -14.56
N ASP A 724 45.73 -30.60 -15.82
CA ASP A 724 46.34 -29.65 -16.75
C ASP A 724 45.40 -28.50 -17.15
N MET A 725 44.13 -28.81 -17.37
CA MET A 725 43.14 -27.77 -17.72
C MET A 725 42.92 -26.87 -16.53
N THR A 726 42.78 -27.51 -15.36
CA THR A 726 42.55 -26.81 -14.11
C THR A 726 43.72 -25.89 -13.78
N THR A 727 44.94 -26.35 -14.02
CA THR A 727 46.13 -25.54 -13.76
C THR A 727 46.30 -24.47 -14.83
N ALA A 728 45.75 -24.73 -16.01
CA ALA A 728 45.70 -23.73 -17.08
C ALA A 728 44.80 -22.55 -16.69
N VAL A 729 43.66 -22.87 -16.08
CA VAL A 729 42.73 -21.83 -15.62
C VAL A 729 43.21 -21.13 -14.35
N MET A 730 43.71 -21.90 -13.39
CA MET A 730 44.04 -21.38 -12.07
C MET A 730 45.38 -20.64 -12.04
N ARG A 731 46.26 -20.96 -12.97
CA ARG A 731 47.49 -20.18 -13.13
C ARG A 731 47.61 -19.66 -14.57
N PRO A 732 46.93 -18.54 -14.86
CA PRO A 732 46.90 -17.96 -16.20
C PRO A 732 47.92 -16.83 -16.37
N SER A 733 48.52 -16.36 -15.28
CA SER A 733 49.53 -15.32 -15.35
C SER A 733 50.91 -15.89 -15.69
N LYS A 734 51.28 -15.83 -16.97
CA LYS A 734 52.58 -16.34 -17.42
C LYS A 734 53.75 -15.62 -16.74
N THR A 735 53.58 -14.32 -16.50
CA THR A 735 54.59 -13.52 -15.80
C THR A 735 54.83 -14.05 -14.40
N PHE A 736 53.75 -14.16 -13.63
CA PHE A 736 53.78 -14.69 -12.27
C PHE A 736 54.40 -16.08 -12.25
N ASN A 737 53.92 -16.96 -13.14
CA ASN A 737 54.44 -18.33 -13.22
C ASN A 737 55.93 -18.37 -13.48
N ALA A 738 56.39 -17.55 -14.42
CA ALA A 738 57.80 -17.48 -14.77
C ALA A 738 58.63 -16.92 -13.62
N ALA A 739 58.03 -16.01 -12.85
CA ALA A 739 58.68 -15.46 -11.66
C ALA A 739 58.87 -16.56 -10.62
N LEU A 740 57.84 -17.38 -10.42
CA LEU A 740 57.94 -18.48 -9.48
C LEU A 740 58.93 -19.54 -9.93
N GLU A 741 58.97 -19.77 -11.25
CA GLU A 741 59.83 -20.81 -11.82
C GLU A 741 61.30 -20.42 -11.81
N ALA A 742 61.55 -19.12 -11.77
CA ALA A 742 62.91 -18.59 -11.66
C ALA A 742 63.55 -18.92 -10.32
N VAL A 743 62.82 -19.61 -9.45
CA VAL A 743 63.26 -19.95 -8.09
C VAL A 743 63.50 -18.68 -7.26
N PRO B 6 30.69 7.49 -50.90
CA PRO B 6 29.41 8.11 -50.55
C PRO B 6 28.24 7.46 -51.28
N THR B 7 27.46 6.65 -50.58
CA THR B 7 26.36 5.92 -51.19
C THR B 7 25.01 6.16 -50.49
N ILE B 8 23.93 5.89 -51.22
CA ILE B 8 22.58 6.03 -50.72
C ILE B 8 21.84 4.72 -50.94
N ILE B 9 21.42 4.07 -49.86
CA ILE B 9 20.63 2.86 -49.99
C ILE B 9 19.18 3.24 -50.31
N TYR B 10 18.64 2.65 -51.37
CA TYR B 10 17.24 2.86 -51.74
C TYR B 10 16.50 1.52 -51.62
N THR B 11 15.57 1.43 -50.68
CA THR B 11 14.89 0.17 -50.42
C THR B 11 13.86 -0.17 -51.49
N LEU B 12 13.93 -1.38 -52.01
CA LEU B 12 12.91 -1.91 -52.90
C LEU B 12 11.95 -2.65 -52.00
N THR B 13 10.68 -2.27 -52.02
CA THR B 13 9.74 -2.83 -51.05
C THR B 13 8.60 -3.58 -51.73
N ASP B 14 7.38 -3.23 -51.34
CA ASP B 14 6.21 -3.95 -51.78
C ASP B 14 5.21 -3.01 -52.41
N GLU B 15 4.40 -3.54 -53.33
CA GLU B 15 3.24 -2.81 -53.86
C GLU B 15 3.52 -1.42 -54.44
N ALA B 16 2.67 -0.46 -54.07
CA ALA B 16 2.67 0.86 -54.69
C ALA B 16 4.02 1.62 -54.64
N PRO B 17 4.62 1.76 -53.45
CA PRO B 17 5.93 2.42 -53.45
C PRO B 17 6.99 1.66 -54.28
N LEU B 18 6.81 0.35 -54.44
CA LEU B 18 7.73 -0.45 -55.25
C LEU B 18 7.55 -0.14 -56.74
N LEU B 19 6.29 -0.09 -57.20
CA LEU B 19 6.00 0.32 -58.56
C LEU B 19 6.60 1.70 -58.84
N ALA B 20 6.28 2.64 -57.94
CA ALA B 20 6.81 4.00 -58.02
C ALA B 20 8.33 3.98 -58.10
N THR B 21 8.95 3.07 -57.36
CA THR B 21 10.40 2.90 -57.41
C THR B 21 10.85 2.39 -58.78
N TYR B 22 10.04 1.54 -59.39
CA TYR B 22 10.36 1.00 -60.70
C TYR B 22 10.35 2.10 -61.75
N ALA B 23 9.53 3.11 -61.53
CA ALA B 23 9.53 4.27 -62.42
C ALA B 23 10.60 5.31 -62.08
N PHE B 24 10.89 5.47 -60.80
CA PHE B 24 11.64 6.62 -60.28
C PHE B 24 13.12 6.37 -60.06
N LEU B 25 13.47 5.14 -59.71
CA LEU B 25 14.86 4.76 -59.46
C LEU B 25 15.84 5.08 -60.61
N PRO B 26 15.46 4.78 -61.87
CA PRO B 26 16.33 5.15 -62.99
C PRO B 26 16.69 6.64 -62.99
N ILE B 27 15.70 7.49 -62.73
CA ILE B 27 15.88 8.93 -62.64
C ILE B 27 16.93 9.33 -61.58
N VAL B 28 16.81 8.76 -60.39
CA VAL B 28 17.73 9.07 -59.30
C VAL B 28 19.16 8.67 -59.64
N ARG B 29 19.33 7.49 -60.24
CA ARG B 29 20.62 7.06 -60.74
C ARG B 29 21.09 8.03 -61.81
N ALA B 30 20.16 8.40 -62.70
CA ALA B 30 20.45 9.33 -63.80
C ALA B 30 20.86 10.73 -63.32
N PHE B 31 20.47 11.08 -62.09
CA PHE B 31 20.79 12.40 -61.54
C PHE B 31 21.98 12.35 -60.59
N ALA B 32 22.21 11.20 -59.97
CA ALA B 32 23.19 11.11 -58.88
C ALA B 32 24.62 10.77 -59.30
N GLU B 33 24.82 10.35 -60.54
CA GLU B 33 26.18 10.01 -60.98
C GLU B 33 27.20 11.18 -60.97
N PRO B 34 26.81 12.38 -61.47
CA PRO B 34 27.88 13.39 -61.54
C PRO B 34 28.22 14.00 -60.18
N ALA B 35 27.49 13.60 -59.14
CA ALA B 35 27.80 14.01 -57.79
C ALA B 35 28.73 13.01 -57.11
N GLY B 36 29.01 11.92 -57.81
CA GLY B 36 29.78 10.84 -57.22
C GLY B 36 28.96 10.12 -56.18
N ILE B 37 27.65 10.10 -56.39
CA ILE B 37 26.72 9.45 -55.48
C ILE B 37 26.38 8.05 -55.98
N LYS B 38 26.74 7.04 -55.21
CA LYS B 38 26.42 5.67 -55.55
C LYS B 38 24.99 5.39 -55.09
N ILE B 39 24.17 4.78 -55.93
CA ILE B 39 22.81 4.43 -55.55
C ILE B 39 22.65 2.91 -55.42
N GLU B 40 22.55 2.44 -54.17
CA GLU B 40 22.48 1.00 -53.90
C GLU B 40 21.06 0.55 -53.56
N ALA B 41 20.37 -0.04 -54.53
CA ALA B 41 19.05 -0.61 -54.29
C ALA B 41 19.18 -1.82 -53.36
N SER B 42 18.21 -1.97 -52.46
CA SER B 42 18.21 -3.11 -51.55
C SER B 42 16.80 -3.68 -51.37
N ASP B 43 16.57 -4.88 -51.88
CA ASP B 43 15.24 -5.49 -51.84
C ASP B 43 14.93 -6.03 -50.46
N ILE B 44 13.84 -5.53 -49.87
CA ILE B 44 13.37 -6.00 -48.57
C ILE B 44 11.88 -6.32 -48.62
N SER B 45 11.39 -6.67 -49.80
CA SER B 45 10.00 -7.10 -49.95
C SER B 45 9.72 -8.36 -49.12
N VAL B 46 8.46 -8.78 -49.08
CA VAL B 46 8.12 -9.99 -48.35
C VAL B 46 8.83 -11.18 -49.01
N ALA B 47 8.80 -11.20 -50.34
CA ALA B 47 9.45 -12.25 -51.11
C ALA B 47 10.95 -12.31 -50.83
N ALA B 48 11.62 -11.16 -50.89
CA ALA B 48 13.06 -11.10 -50.67
C ALA B 48 13.45 -11.62 -49.28
N ARG B 49 12.57 -11.45 -48.31
CA ARG B 49 12.86 -11.85 -46.93
C ARG B 49 12.50 -13.31 -46.67
N ILE B 50 11.49 -13.81 -47.36
CA ILE B 50 11.18 -15.24 -47.35
C ILE B 50 12.35 -16.02 -47.94
N LEU B 51 12.75 -15.62 -49.15
CA LEU B 51 13.96 -16.12 -49.79
C LEU B 51 15.17 -16.02 -48.86
N ALA B 52 15.34 -14.86 -48.23
CA ALA B 52 16.45 -14.66 -47.30
C ALA B 52 16.43 -15.65 -46.13
N GLU B 53 15.24 -16.04 -45.70
CA GLU B 53 15.12 -16.92 -44.56
C GLU B 53 15.37 -18.38 -44.95
N PHE B 54 15.13 -18.70 -46.21
CA PHE B 54 15.26 -20.08 -46.66
C PHE B 54 16.27 -20.31 -47.80
N PRO B 55 17.55 -19.92 -47.58
CA PRO B 55 18.52 -20.15 -48.67
C PRO B 55 18.79 -21.64 -48.87
N ASP B 56 18.64 -22.43 -47.81
CA ASP B 56 18.86 -23.87 -47.85
C ASP B 56 17.79 -24.63 -48.66
N TYR B 57 16.76 -23.93 -49.12
CA TYR B 57 15.72 -24.53 -49.96
C TYR B 57 15.85 -24.03 -51.39
N LEU B 58 16.89 -23.27 -51.66
CA LEU B 58 17.05 -22.64 -52.96
C LEU B 58 18.33 -23.08 -53.66
N THR B 59 18.31 -23.04 -54.99
CA THR B 59 19.51 -23.28 -55.79
C THR B 59 20.45 -22.09 -55.60
N GLU B 60 21.73 -22.30 -55.89
CA GLU B 60 22.73 -21.23 -55.75
C GLU B 60 22.35 -19.96 -56.53
N GLU B 61 21.67 -20.15 -57.67
CA GLU B 61 21.23 -19.04 -58.51
C GLU B 61 20.04 -18.29 -57.90
N GLN B 62 19.17 -19.04 -57.22
CA GLN B 62 17.97 -18.46 -56.59
C GLN B 62 18.29 -17.67 -55.33
N ARG B 63 19.39 -18.02 -54.66
CA ARG B 63 19.77 -17.40 -53.40
C ARG B 63 19.95 -15.88 -53.51
N VAL B 64 19.17 -15.14 -52.73
CA VAL B 64 19.37 -13.71 -52.57
C VAL B 64 20.06 -13.49 -51.23
N PRO B 65 20.79 -12.36 -51.06
CA PRO B 65 21.44 -12.12 -49.77
C PRO B 65 20.44 -11.65 -48.71
N ASP B 66 20.82 -11.72 -47.43
CA ASP B 66 19.98 -11.19 -46.36
C ASP B 66 20.17 -9.67 -46.30
N ASN B 67 19.38 -8.96 -47.09
CA ASN B 67 19.53 -7.52 -47.20
C ASN B 67 19.18 -6.80 -45.89
N LEU B 68 18.18 -7.31 -45.18
CA LEU B 68 17.74 -6.69 -43.94
C LEU B 68 18.81 -6.74 -42.86
N ALA B 69 19.52 -7.86 -42.79
CA ALA B 69 20.61 -8.00 -41.84
C ALA B 69 21.72 -7.01 -42.18
N GLU B 70 21.94 -6.81 -43.48
CA GLU B 70 22.96 -5.88 -43.96
C GLU B 70 22.63 -4.42 -43.62
N LEU B 71 21.40 -4.00 -43.90
CA LEU B 71 20.94 -2.68 -43.51
C LEU B 71 21.06 -2.54 -41.99
N GLY B 72 20.73 -3.63 -41.28
CA GLY B 72 20.87 -3.67 -39.84
C GLY B 72 22.28 -3.33 -39.40
N ARG B 73 23.27 -3.91 -40.08
CA ARG B 73 24.67 -3.63 -39.78
C ARG B 73 25.04 -2.20 -40.15
N LEU B 74 24.55 -1.76 -41.30
CA LEU B 74 24.84 -0.41 -41.80
C LEU B 74 24.31 0.67 -40.86
N THR B 75 23.23 0.38 -40.15
CA THR B 75 22.66 1.33 -39.21
C THR B 75 23.66 1.68 -38.11
N GLN B 76 24.69 0.85 -37.99
CA GLN B 76 25.73 1.05 -36.98
C GLN B 76 26.95 1.75 -37.56
N LEU B 77 26.85 2.17 -38.82
CA LEU B 77 27.95 2.87 -39.48
C LEU B 77 27.63 4.35 -39.76
N PRO B 78 28.50 5.26 -39.28
CA PRO B 78 28.30 6.72 -39.30
C PRO B 78 28.05 7.33 -40.69
N ASP B 79 28.48 6.65 -41.75
CA ASP B 79 28.32 7.18 -43.10
C ASP B 79 27.24 6.49 -43.91
N THR B 80 26.26 5.91 -43.21
CA THR B 80 25.14 5.24 -43.88
C THR B 80 24.05 6.25 -44.24
N ASN B 81 23.52 6.13 -45.45
CA ASN B 81 22.38 6.93 -45.86
C ASN B 81 21.30 6.04 -46.45
N ILE B 82 20.17 5.93 -45.75
CA ILE B 82 19.12 5.02 -46.18
C ILE B 82 17.89 5.78 -46.61
N ILE B 83 17.40 5.50 -47.82
CA ILE B 83 16.08 5.97 -48.22
C ILE B 83 15.12 4.80 -48.04
N LYS B 84 14.20 4.94 -47.09
CA LYS B 84 13.32 3.85 -46.70
C LYS B 84 11.89 4.08 -47.15
N LEU B 85 11.42 3.22 -48.04
CA LEU B 85 10.05 3.30 -48.53
C LEU B 85 9.16 2.36 -47.73
N PRO B 86 7.85 2.66 -47.66
CA PRO B 86 6.92 1.83 -46.88
C PRO B 86 6.98 0.38 -47.32
N ASN B 87 7.00 -0.54 -46.36
CA ASN B 87 7.02 -1.96 -46.68
C ASN B 87 5.96 -2.70 -45.89
N ILE B 88 5.47 -3.81 -46.43
CA ILE B 88 4.41 -4.59 -45.81
C ILE B 88 4.82 -5.24 -44.48
N SER B 89 4.04 -4.98 -43.44
CA SER B 89 4.08 -5.82 -42.24
C SER B 89 3.13 -6.98 -42.49
N ALA B 90 3.68 -8.12 -42.90
CA ALA B 90 2.87 -9.22 -43.42
C ALA B 90 2.04 -9.98 -42.37
N SER B 91 0.76 -10.14 -42.68
CA SER B 91 -0.10 -11.03 -41.91
C SER B 91 0.05 -12.42 -42.51
N VAL B 92 -0.46 -13.41 -41.79
CA VAL B 92 -0.42 -14.79 -42.25
C VAL B 92 -0.96 -14.98 -43.68
N PRO B 93 -2.16 -14.44 -43.98
CA PRO B 93 -2.67 -14.62 -45.34
C PRO B 93 -1.73 -14.08 -46.42
N GLN B 94 -1.12 -12.92 -46.17
CA GLN B 94 -0.22 -12.32 -47.15
C GLN B 94 1.03 -13.15 -47.36
N LEU B 95 1.65 -13.56 -46.25
CA LEU B 95 2.82 -14.44 -46.29
C LEU B 95 2.51 -15.69 -47.10
N VAL B 96 1.36 -16.30 -46.82
CA VAL B 96 0.91 -17.48 -47.54
C VAL B 96 0.81 -17.22 -49.05
N ALA B 97 0.14 -16.14 -49.41
CA ALA B 97 0.01 -15.76 -50.84
C ALA B 97 1.38 -15.57 -51.50
N ALA B 98 2.31 -15.03 -50.72
CA ALA B 98 3.67 -14.79 -51.20
C ALA B 98 4.41 -16.10 -51.43
N ILE B 99 4.24 -17.04 -50.50
CA ILE B 99 4.86 -18.36 -50.58
C ILE B 99 4.34 -19.08 -51.81
N LYS B 100 3.02 -19.06 -52.02
CA LYS B 100 2.42 -19.61 -53.23
C LYS B 100 3.04 -18.99 -54.47
N GLU B 101 3.11 -17.66 -54.48
CA GLU B 101 3.61 -16.93 -55.63
C GLU B 101 5.06 -17.31 -55.94
N LEU B 102 5.82 -17.62 -54.90
CA LEU B 102 7.23 -17.96 -55.07
C LEU B 102 7.38 -19.40 -55.57
N GLN B 103 6.53 -20.27 -55.03
CA GLN B 103 6.50 -21.68 -55.43
C GLN B 103 6.12 -21.83 -56.90
N ASP B 104 5.16 -21.03 -57.36
CA ASP B 104 4.76 -21.06 -58.76
C ASP B 104 5.80 -20.44 -59.67
N LYS B 105 6.87 -19.92 -59.08
CA LYS B 105 8.02 -19.41 -59.83
C LYS B 105 9.25 -20.29 -59.64
N GLY B 106 9.05 -21.47 -59.06
CA GLY B 106 10.14 -22.41 -58.92
C GLY B 106 10.97 -22.23 -57.66
N TYR B 107 10.57 -21.28 -56.82
CA TYR B 107 11.21 -21.12 -55.53
C TYR B 107 10.58 -22.10 -54.56
N ALA B 108 11.26 -23.21 -54.33
CA ALA B 108 10.72 -24.31 -53.53
C ALA B 108 10.90 -24.06 -52.04
N VAL B 109 10.33 -22.96 -51.56
CA VAL B 109 10.27 -22.70 -50.12
C VAL B 109 9.12 -23.52 -49.55
N PRO B 110 9.26 -23.95 -48.29
CA PRO B 110 8.25 -24.85 -47.71
C PRO B 110 6.90 -24.16 -47.55
N ASP B 111 5.83 -24.94 -47.48
CA ASP B 111 4.52 -24.36 -47.21
C ASP B 111 4.47 -23.89 -45.77
N TYR B 112 3.62 -22.91 -45.48
CA TYR B 112 3.42 -22.45 -44.12
C TYR B 112 2.50 -23.42 -43.39
N PRO B 113 3.01 -24.06 -42.33
CA PRO B 113 2.20 -24.97 -41.53
C PRO B 113 1.23 -24.24 -40.61
N ALA B 114 -0.07 -24.31 -40.93
CA ALA B 114 -1.10 -23.71 -40.10
C ALA B 114 -1.09 -24.29 -38.68
N ASP B 115 -1.43 -25.57 -38.57
CA ASP B 115 -1.40 -26.28 -37.30
C ASP B 115 -0.34 -27.39 -37.33
N PRO B 116 0.90 -27.06 -36.92
CA PRO B 116 2.02 -28.01 -36.93
C PRO B 116 1.92 -29.10 -35.85
N LYS B 117 2.20 -30.33 -36.24
CA LYS B 117 2.11 -31.48 -35.32
C LYS B 117 3.47 -32.18 -35.14
N THR B 118 4.46 -31.76 -35.93
CA THR B 118 5.79 -32.37 -35.88
C THR B 118 6.86 -31.32 -35.68
N ASP B 119 7.98 -31.70 -35.07
CA ASP B 119 9.08 -30.78 -34.79
C ASP B 119 9.53 -30.03 -36.04
N GLN B 120 9.52 -30.73 -37.17
CA GLN B 120 9.91 -30.15 -38.46
C GLN B 120 8.99 -28.99 -38.81
N GLU B 121 7.69 -29.25 -38.80
CA GLU B 121 6.69 -28.24 -39.13
C GLU B 121 6.78 -27.05 -38.20
N LYS B 122 6.94 -27.32 -36.90
CA LYS B 122 7.07 -26.27 -35.91
C LYS B 122 8.29 -25.39 -36.19
N ALA B 123 9.38 -26.04 -36.58
CA ALA B 123 10.60 -25.30 -36.91
C ALA B 123 10.42 -24.43 -38.16
N ILE B 124 9.73 -24.97 -39.16
CA ILE B 124 9.40 -24.21 -40.37
C ILE B 124 8.56 -22.99 -40.00
N LYS B 125 7.58 -23.20 -39.12
CA LYS B 125 6.69 -22.14 -38.68
C LYS B 125 7.44 -21.05 -37.92
N GLU B 126 8.35 -21.47 -37.06
CA GLU B 126 9.15 -20.54 -36.26
C GLU B 126 10.10 -19.77 -37.17
N ARG B 127 10.52 -20.39 -38.26
CA ARG B 127 11.36 -19.71 -39.25
C ARG B 127 10.55 -18.66 -40.04
N TYR B 128 9.34 -19.04 -40.45
CA TYR B 128 8.44 -18.13 -41.16
C TYR B 128 8.03 -16.96 -40.28
N ALA B 129 8.01 -17.21 -38.97
CA ALA B 129 7.68 -16.18 -37.98
C ALA B 129 8.59 -14.94 -38.08
N ARG B 130 9.82 -15.15 -38.55
CA ARG B 130 10.76 -14.06 -38.70
C ARG B 130 10.43 -13.19 -39.91
N CYS B 131 9.58 -13.70 -40.79
CA CYS B 131 9.14 -12.95 -41.96
C CYS B 131 7.77 -12.32 -41.72
N LEU B 132 7.22 -12.58 -40.53
CA LEU B 132 5.87 -12.11 -40.20
C LEU B 132 5.86 -10.74 -39.51
N GLY B 133 4.79 -10.00 -39.74
CA GLY B 133 4.58 -8.71 -39.08
C GLY B 133 5.66 -7.68 -39.37
N SER B 134 5.96 -6.84 -38.39
CA SER B 134 6.91 -5.75 -38.61
C SER B 134 8.34 -6.19 -38.37
N ALA B 135 8.98 -6.73 -39.41
CA ALA B 135 10.33 -7.26 -39.30
C ALA B 135 11.39 -6.26 -39.70
N VAL B 136 11.02 -5.36 -40.60
CA VAL B 136 11.97 -4.42 -41.20
C VAL B 136 12.22 -3.17 -40.35
N ASN B 137 11.15 -2.46 -40.01
CA ASN B 137 11.27 -1.20 -39.26
C ASN B 137 11.95 -1.24 -37.88
N PRO B 138 11.68 -2.27 -37.06
CA PRO B 138 12.41 -2.35 -35.79
C PRO B 138 13.92 -2.48 -35.97
N VAL B 139 14.34 -3.09 -37.08
CA VAL B 139 15.77 -3.25 -37.39
C VAL B 139 16.41 -1.93 -37.84
N LEU B 140 15.79 -1.26 -38.79
CA LEU B 140 16.34 -0.03 -39.36
C LEU B 140 16.33 1.15 -38.38
N ARG B 141 15.24 1.28 -37.64
CA ARG B 141 15.01 2.46 -36.80
C ARG B 141 15.91 2.52 -35.58
N GLN B 142 17.19 2.76 -35.82
CA GLN B 142 18.18 2.84 -34.75
C GLN B 142 18.43 4.28 -34.36
N GLY B 143 17.42 5.11 -34.62
CA GLY B 143 17.37 6.48 -34.14
C GLY B 143 15.92 6.79 -33.80
N ASN B 144 15.67 7.98 -33.29
CA ASN B 144 14.30 8.39 -32.99
C ASN B 144 13.67 9.15 -34.16
N SER B 145 12.37 9.35 -34.10
CA SER B 145 11.62 9.86 -35.24
C SER B 145 11.35 11.36 -35.21
N ASP B 146 11.86 12.07 -36.23
CA ASP B 146 11.51 13.46 -36.45
C ASP B 146 10.56 13.56 -37.64
N ARG B 147 9.26 13.58 -37.37
CA ARG B 147 8.27 13.68 -38.44
C ARG B 147 7.57 15.04 -38.44
N ARG B 148 7.44 15.64 -39.62
CA ARG B 148 6.82 16.96 -39.75
C ARG B 148 6.55 17.30 -41.20
N ALA B 149 5.56 18.15 -41.43
CA ALA B 149 5.28 18.63 -42.78
C ALA B 149 6.13 19.86 -43.08
N PRO B 150 6.91 19.80 -44.16
CA PRO B 150 7.63 21.00 -44.61
C PRO B 150 6.63 22.06 -45.10
N LYS B 151 6.96 23.34 -44.90
CA LYS B 151 6.00 24.42 -45.13
C LYS B 151 5.48 24.52 -46.56
N ALA B 152 6.27 24.01 -47.50
CA ALA B 152 5.87 24.02 -48.90
C ALA B 152 4.66 23.11 -49.11
N VAL B 153 4.69 21.96 -48.43
CA VAL B 153 3.61 21.00 -48.50
C VAL B 153 2.37 21.52 -47.78
N LYS B 154 2.59 22.12 -46.61
CA LYS B 154 1.50 22.71 -45.85
C LYS B 154 0.78 23.80 -46.67
N GLU B 155 1.58 24.65 -47.31
CA GLU B 155 1.05 25.72 -48.17
C GLU B 155 0.29 25.13 -49.36
N TYR B 156 0.86 24.07 -49.95
CA TYR B 156 0.15 23.37 -51.03
C TYR B 156 -1.23 22.91 -50.55
N ALA B 157 -1.28 22.38 -49.33
CA ALA B 157 -2.53 21.89 -48.74
C ALA B 157 -3.54 23.03 -48.51
N ARG B 158 -3.05 24.19 -48.09
CA ARG B 158 -3.91 25.36 -47.91
C ARG B 158 -4.46 25.90 -49.24
N LYS B 159 -3.64 25.86 -50.29
CA LYS B 159 -4.04 26.36 -51.61
C LYS B 159 -4.86 25.35 -52.41
N HIS B 160 -4.57 24.06 -52.25
CA HIS B 160 -5.31 23.04 -52.96
C HIS B 160 -5.93 22.05 -51.96
N PRO B 161 -6.93 22.50 -51.20
CA PRO B 161 -7.45 21.71 -50.08
C PRO B 161 -8.10 20.41 -50.53
N HIS B 162 -7.85 19.35 -49.77
CA HIS B 162 -8.41 18.04 -50.02
C HIS B 162 -9.82 17.93 -49.41
N SER B 163 -10.54 16.87 -49.78
CA SER B 163 -11.91 16.69 -49.32
C SER B 163 -11.97 16.34 -47.83
N MET B 164 -12.84 17.05 -47.10
CA MET B 164 -13.09 16.76 -45.69
C MET B 164 -14.59 16.55 -45.46
N GLY B 165 -14.94 15.44 -44.81
CA GLY B 165 -16.34 15.13 -44.57
C GLY B 165 -16.90 15.94 -43.41
N GLU B 166 -18.17 16.32 -43.52
CA GLU B 166 -18.81 17.13 -42.48
C GLU B 166 -19.08 16.33 -41.20
N TRP B 167 -19.00 17.01 -40.07
CA TRP B 167 -19.26 16.39 -38.78
C TRP B 167 -20.54 16.93 -38.15
N SER B 168 -21.54 16.07 -37.99
CA SER B 168 -22.77 16.45 -37.31
C SER B 168 -22.57 16.43 -35.81
N MET B 169 -23.22 17.36 -35.10
CA MET B 169 -23.19 17.35 -33.64
C MET B 169 -24.02 16.18 -33.14
N ALA B 170 -24.91 15.69 -34.00
CA ALA B 170 -25.76 14.57 -33.65
C ALA B 170 -25.17 13.23 -34.14
N SER B 171 -23.87 13.22 -34.42
CA SER B 171 -23.20 11.98 -34.84
C SER B 171 -23.19 10.93 -33.74
N ARG B 172 -23.49 9.69 -34.10
CA ARG B 172 -23.47 8.61 -33.14
C ARG B 172 -22.14 7.88 -33.15
N THR B 173 -21.25 8.27 -34.07
CA THR B 173 -19.92 7.66 -34.15
C THR B 173 -19.16 7.81 -32.83
N HIS B 174 -18.50 6.75 -32.40
CA HIS B 174 -17.77 6.77 -31.14
C HIS B 174 -16.81 5.60 -31.11
N VAL B 175 -15.79 5.71 -30.25
CA VAL B 175 -14.83 4.64 -30.07
C VAL B 175 -15.22 3.79 -28.87
N ALA B 176 -15.26 2.47 -29.06
CA ALA B 176 -15.52 1.56 -27.95
C ALA B 176 -14.28 0.75 -27.65
N HIS B 177 -13.79 0.85 -26.42
CA HIS B 177 -12.61 0.11 -25.99
C HIS B 177 -12.92 -0.58 -24.68
N MET B 178 -12.15 -1.63 -24.37
CA MET B 178 -12.31 -2.32 -23.10
C MET B 178 -12.07 -1.37 -21.93
N ARG B 179 -12.89 -1.51 -20.89
CA ARG B 179 -12.79 -0.66 -19.71
C ARG B 179 -12.16 -1.42 -18.55
N HIS B 180 -11.78 -2.67 -18.83
CA HIS B 180 -11.03 -3.50 -17.90
C HIS B 180 -10.50 -4.73 -18.65
N GLY B 181 -9.46 -5.36 -18.11
CA GLY B 181 -8.97 -6.62 -18.67
C GLY B 181 -8.19 -6.51 -19.97
N ASP B 182 -7.84 -5.28 -20.37
CA ASP B 182 -6.98 -5.09 -21.54
C ASP B 182 -5.54 -4.88 -21.09
N PHE B 183 -4.64 -4.65 -22.04
CA PHE B 183 -3.23 -4.44 -21.72
C PHE B 183 -3.08 -3.29 -20.74
N TYR B 184 -3.86 -2.24 -20.97
CA TYR B 184 -3.81 -1.06 -20.12
C TYR B 184 -4.14 -1.39 -18.65
N ALA B 185 -5.31 -2.00 -18.42
CA ALA B 185 -5.79 -2.23 -17.07
C ALA B 185 -4.90 -3.14 -16.20
N GLY B 186 -4.24 -4.12 -16.80
CA GLY B 186 -3.41 -5.03 -16.03
C GLY B 186 -1.93 -4.71 -15.99
N GLU B 187 -1.52 -3.68 -16.72
CA GLU B 187 -0.11 -3.36 -16.90
C GLU B 187 0.66 -3.10 -15.59
N LYS B 188 1.85 -3.68 -15.52
CA LYS B 188 2.81 -3.43 -14.44
C LYS B 188 4.10 -2.97 -15.10
N SER B 189 4.84 -2.08 -14.45
CA SER B 189 6.07 -1.58 -15.05
C SER B 189 7.10 -1.18 -14.02
N MET B 190 8.38 -1.18 -14.44
CA MET B 190 9.46 -0.77 -13.57
C MET B 190 10.67 -0.26 -14.35
N THR B 191 11.53 0.50 -13.66
CA THR B 191 12.80 0.92 -14.23
C THR B 191 13.92 0.18 -13.49
N LEU B 192 14.92 -0.28 -14.24
CA LEU B 192 16.02 -1.05 -13.66
C LEU B 192 17.13 -0.15 -13.14
N ASP B 193 17.74 -0.55 -12.02
CA ASP B 193 18.86 0.16 -11.42
C ASP B 193 20.19 -0.58 -11.66
N ARG B 194 20.11 -1.72 -12.32
CA ARG B 194 21.29 -2.52 -12.64
C ARG B 194 21.01 -3.32 -13.91
N ALA B 195 22.06 -3.82 -14.54
CA ALA B 195 21.86 -4.73 -15.66
C ALA B 195 21.42 -6.09 -15.12
N ARG B 196 20.35 -6.64 -15.69
CA ARG B 196 19.88 -7.97 -15.31
C ARG B 196 19.65 -8.81 -16.56
N ASN B 197 19.78 -10.12 -16.42
CA ASN B 197 19.30 -11.03 -17.44
C ASN B 197 18.02 -11.65 -16.91
N VAL B 198 16.95 -11.57 -17.69
CA VAL B 198 15.66 -12.04 -17.20
C VAL B 198 15.08 -13.14 -18.08
N ARG B 199 13.94 -13.66 -17.65
CA ARG B 199 13.32 -14.83 -18.26
C ARG B 199 11.81 -14.68 -18.12
N MET B 200 11.07 -14.98 -19.17
CA MET B 200 9.62 -14.96 -19.10
C MET B 200 9.13 -16.37 -18.96
N GLU B 201 8.52 -16.69 -17.83
CA GLU B 201 8.06 -18.06 -17.60
C GLU B 201 6.66 -18.07 -17.02
N LEU B 202 5.95 -19.16 -17.27
CA LEU B 202 4.60 -19.31 -16.75
C LEU B 202 4.57 -20.43 -15.71
N LEU B 203 4.19 -20.07 -14.49
CA LEU B 203 3.94 -21.05 -13.44
C LEU B 203 2.50 -21.50 -13.58
N ALA B 204 2.29 -22.57 -14.34
CA ALA B 204 0.96 -23.11 -14.57
C ALA B 204 0.33 -23.61 -13.28
N LYS B 205 -1.00 -23.56 -13.20
CA LYS B 205 -1.72 -24.16 -12.07
C LYS B 205 -1.62 -25.69 -12.11
N SER B 206 -1.05 -26.22 -13.19
CA SER B 206 -0.86 -27.66 -13.36
C SER B 206 0.44 -28.14 -12.72
N GLY B 207 1.17 -27.22 -12.10
CA GLY B 207 2.45 -27.56 -11.50
C GLY B 207 3.58 -27.55 -12.49
N LYS B 208 3.27 -27.18 -13.73
CA LYS B 208 4.29 -27.08 -14.76
C LYS B 208 4.86 -25.67 -14.83
N THR B 209 6.16 -25.58 -15.09
CA THR B 209 6.79 -24.28 -15.31
C THR B 209 7.19 -24.18 -16.77
N ILE B 210 6.35 -23.49 -17.55
CA ILE B 210 6.65 -23.27 -18.96
C ILE B 210 7.50 -22.01 -19.09
N VAL B 211 8.69 -22.16 -19.66
CA VAL B 211 9.56 -21.04 -19.95
C VAL B 211 9.27 -20.55 -21.36
N LEU B 212 8.51 -19.46 -21.46
CA LEU B 212 8.16 -18.88 -22.76
C LEU B 212 9.38 -18.25 -23.43
N LYS B 213 10.24 -17.61 -22.63
CA LYS B 213 11.47 -17.02 -23.16
C LYS B 213 12.61 -17.12 -22.16
N PRO B 214 13.64 -17.90 -22.52
CA PRO B 214 14.72 -18.24 -21.58
C PRO B 214 15.71 -17.10 -21.35
N GLU B 215 15.92 -16.26 -22.35
CA GLU B 215 16.95 -15.23 -22.21
C GLU B 215 16.51 -13.86 -22.75
N VAL B 216 16.41 -12.88 -21.86
CA VAL B 216 16.17 -11.50 -22.25
C VAL B 216 17.15 -10.59 -21.52
N PRO B 217 18.20 -10.15 -22.23
CA PRO B 217 19.20 -9.25 -21.62
C PRO B 217 18.64 -7.85 -21.40
N LEU B 218 18.87 -7.30 -20.21
CA LEU B 218 18.37 -5.97 -19.87
C LEU B 218 19.50 -5.09 -19.32
N ASP B 219 19.60 -3.86 -19.81
CA ASP B 219 20.63 -2.95 -19.34
C ASP B 219 20.15 -2.04 -18.21
N ASP B 220 21.09 -1.50 -17.46
CA ASP B 220 20.82 -0.53 -16.41
C ASP B 220 19.98 0.62 -17.00
N GLY B 221 18.97 1.05 -16.25
CA GLY B 221 18.15 2.18 -16.67
C GLY B 221 17.02 1.86 -17.63
N ASP B 222 16.95 0.60 -18.07
CA ASP B 222 15.88 0.18 -18.97
C ASP B 222 14.51 0.25 -18.29
N VAL B 223 13.48 0.50 -19.08
CA VAL B 223 12.11 0.46 -18.59
C VAL B 223 11.44 -0.78 -19.15
N ILE B 224 10.94 -1.63 -18.26
CA ILE B 224 10.24 -2.83 -18.70
C ILE B 224 8.79 -2.85 -18.24
N ASP B 225 7.94 -3.42 -19.09
CA ASP B 225 6.53 -3.51 -18.81
C ASP B 225 6.08 -4.94 -19.01
N SER B 226 5.18 -5.37 -18.14
CA SER B 226 4.52 -6.66 -18.29
C SER B 226 3.04 -6.33 -18.42
N MET B 227 2.41 -6.84 -19.46
CA MET B 227 1.00 -6.53 -19.72
C MET B 227 0.33 -7.76 -20.29
N PHE B 228 -1.00 -7.83 -20.16
CA PHE B 228 -1.72 -8.95 -20.71
C PHE B 228 -3.16 -8.58 -21.02
N MET B 229 -3.73 -9.27 -22.00
CA MET B 229 -5.14 -9.09 -22.30
C MET B 229 -5.92 -10.35 -21.94
N SER B 230 -6.96 -10.19 -21.14
CA SER B 230 -7.79 -11.32 -20.74
C SER B 230 -8.67 -11.72 -21.91
N LYS B 231 -8.70 -13.01 -22.23
CA LYS B 231 -9.55 -13.49 -23.32
C LYS B 231 -11.02 -13.32 -22.96
N LYS B 232 -11.39 -13.73 -21.74
CA LYS B 232 -12.78 -13.65 -21.31
C LYS B 232 -13.30 -12.22 -21.37
N ALA B 233 -12.50 -11.30 -20.86
CA ALA B 233 -12.86 -9.89 -20.88
C ALA B 233 -13.08 -9.43 -22.32
N LEU B 234 -12.14 -9.80 -23.20
CA LEU B 234 -12.23 -9.45 -24.61
C LEU B 234 -13.51 -9.96 -25.28
N CYS B 235 -13.87 -11.20 -24.99
CA CYS B 235 -15.03 -11.83 -25.64
C CYS B 235 -16.35 -11.29 -25.11
N ASP B 236 -16.41 -11.09 -23.80
CA ASP B 236 -17.57 -10.42 -23.19
C ASP B 236 -17.72 -9.03 -23.79
N PHE B 237 -16.60 -8.33 -23.96
CA PHE B 237 -16.61 -6.99 -24.51
C PHE B 237 -17.14 -6.99 -25.94
N TYR B 238 -16.61 -7.90 -26.75
CA TYR B 238 -17.08 -8.05 -28.12
C TYR B 238 -18.58 -8.31 -28.17
N GLU B 239 -19.06 -9.25 -27.37
CA GLU B 239 -20.48 -9.57 -27.38
C GLU B 239 -21.35 -8.37 -26.98
N GLU B 240 -20.97 -7.71 -25.88
CA GLU B 240 -21.75 -6.59 -25.38
C GLU B 240 -21.72 -5.38 -26.33
N GLN B 241 -20.62 -5.19 -27.04
CA GLN B 241 -20.50 -4.10 -28.01
C GLN B 241 -21.27 -4.43 -29.30
N MET B 242 -21.34 -5.71 -29.63
CA MET B 242 -22.12 -6.11 -30.78
C MET B 242 -23.59 -5.94 -30.48
N GLN B 243 -23.98 -6.32 -29.27
CA GLN B 243 -25.37 -6.19 -28.85
C GLN B 243 -25.74 -4.71 -28.79
N ASP B 244 -24.84 -3.89 -28.24
CA ASP B 244 -25.08 -2.47 -28.17
C ASP B 244 -25.25 -1.86 -29.56
N ALA B 245 -24.32 -2.16 -30.46
CA ALA B 245 -24.39 -1.64 -31.81
C ALA B 245 -25.67 -2.12 -32.51
N PHE B 246 -26.12 -3.31 -32.12
CA PHE B 246 -27.32 -3.87 -32.73
C PHE B 246 -28.58 -3.13 -32.28
N GLU B 247 -28.76 -3.00 -30.98
CA GLU B 247 -29.92 -2.31 -30.43
C GLU B 247 -29.95 -0.80 -30.75
N THR B 248 -28.79 -0.17 -30.89
CA THR B 248 -28.75 1.25 -31.25
C THR B 248 -28.87 1.46 -32.76
N GLY B 249 -28.61 0.41 -33.52
CA GLY B 249 -28.70 0.49 -34.97
C GLY B 249 -27.50 1.14 -35.65
N VAL B 250 -26.36 1.18 -34.96
CA VAL B 250 -25.17 1.76 -35.56
C VAL B 250 -24.28 0.68 -36.16
N MET B 251 -23.60 1.01 -37.25
CA MET B 251 -22.75 0.06 -37.94
C MET B 251 -21.54 -0.30 -37.09
N PHE B 252 -21.22 -1.59 -37.04
CA PHE B 252 -20.10 -2.10 -36.25
C PHE B 252 -18.80 -2.09 -37.08
N SER B 253 -17.74 -1.52 -36.52
CA SER B 253 -16.43 -1.60 -37.18
C SER B 253 -15.34 -2.02 -36.20
N LEU B 254 -14.26 -2.60 -36.72
CA LEU B 254 -13.19 -3.08 -35.87
C LEU B 254 -11.85 -2.50 -36.30
N HIS B 255 -11.14 -1.90 -35.36
CA HIS B 255 -9.91 -1.19 -35.67
C HIS B 255 -8.79 -1.67 -34.77
N VAL B 256 -8.01 -2.62 -35.30
CA VAL B 256 -6.84 -3.13 -34.60
C VAL B 256 -5.65 -3.13 -35.55
N LYS B 257 -4.45 -3.22 -34.98
CA LYS B 257 -3.28 -3.56 -35.75
C LYS B 257 -2.95 -5.01 -35.45
N ALA B 258 -3.63 -5.92 -36.16
CA ALA B 258 -3.49 -7.36 -35.91
C ALA B 258 -2.04 -7.83 -36.02
N THR B 259 -1.25 -7.20 -36.88
CA THR B 259 0.15 -7.58 -37.08
C THR B 259 1.05 -7.27 -35.88
N MET B 260 0.47 -6.73 -34.81
CA MET B 260 1.23 -6.46 -33.59
C MET B 260 0.48 -7.02 -32.39
N MET B 261 -0.45 -7.93 -32.66
CA MET B 261 -1.27 -8.52 -31.60
C MET B 261 -1.12 -10.03 -31.65
N LYS B 262 0.13 -10.50 -31.52
CA LYS B 262 0.49 -11.90 -31.72
C LYS B 262 0.15 -12.27 -33.17
N VAL B 263 0.92 -11.71 -34.10
CA VAL B 263 0.63 -11.81 -35.54
C VAL B 263 0.49 -13.24 -36.09
N SER B 264 1.22 -14.18 -35.50
CA SER B 264 1.11 -15.59 -35.90
C SER B 264 -0.29 -16.15 -35.63
N HIS B 265 -1.00 -15.53 -34.69
CA HIS B 265 -2.32 -16.01 -34.26
C HIS B 265 -3.16 -14.87 -33.68
N PRO B 266 -3.54 -13.89 -34.53
CA PRO B 266 -4.17 -12.63 -34.08
C PRO B 266 -5.52 -12.86 -33.40
N ILE B 267 -5.45 -13.29 -32.15
CA ILE B 267 -6.61 -13.60 -31.30
C ILE B 267 -7.64 -12.48 -31.22
N VAL B 268 -7.17 -11.25 -31.04
CA VAL B 268 -8.02 -10.06 -30.96
C VAL B 268 -9.00 -9.97 -32.13
N PHE B 269 -8.53 -10.31 -33.33
CA PHE B 269 -9.36 -10.24 -34.52
C PHE B 269 -10.27 -11.48 -34.68
N GLY B 270 -9.64 -12.66 -34.58
CA GLY B 270 -10.34 -13.91 -34.75
C GLY B 270 -11.50 -14.08 -33.80
N HIS B 271 -11.31 -13.68 -32.55
CA HIS B 271 -12.38 -13.74 -31.57
C HIS B 271 -13.56 -12.88 -31.99
N ALA B 272 -13.27 -11.73 -32.59
CA ALA B 272 -14.33 -10.85 -33.06
C ALA B 272 -15.12 -11.55 -34.17
N VAL B 273 -14.40 -12.20 -35.08
CA VAL B 273 -15.07 -12.91 -36.17
C VAL B 273 -15.93 -14.07 -35.65
N ARG B 274 -15.36 -14.87 -34.75
CA ARG B 274 -16.04 -16.03 -34.16
C ARG B 274 -17.26 -15.63 -33.34
N ILE B 275 -17.16 -14.51 -32.64
CA ILE B 275 -18.27 -14.04 -31.82
C ILE B 275 -19.38 -13.45 -32.69
N PHE B 276 -19.01 -12.67 -33.70
CA PHE B 276 -19.98 -12.14 -34.64
C PHE B 276 -20.83 -13.24 -35.28
N TYR B 277 -20.17 -14.28 -35.79
CA TYR B 277 -20.88 -15.39 -36.43
C TYR B 277 -20.98 -16.61 -35.50
N LYS B 278 -21.26 -16.36 -34.22
CA LYS B 278 -21.28 -17.43 -33.24
C LYS B 278 -22.29 -18.54 -33.56
N ASP B 279 -23.33 -18.21 -34.32
CA ASP B 279 -24.37 -19.18 -34.66
C ASP B 279 -23.92 -20.17 -35.72
N ALA B 280 -23.48 -19.65 -36.86
CA ALA B 280 -22.93 -20.47 -37.94
C ALA B 280 -21.85 -21.41 -37.40
N PHE B 281 -20.98 -20.86 -36.56
CA PHE B 281 -19.96 -21.64 -35.89
C PHE B 281 -20.55 -22.67 -34.93
N ALA B 282 -21.60 -22.29 -34.22
CA ALA B 282 -22.26 -23.18 -33.28
C ALA B 282 -22.78 -24.43 -34.00
N LYS B 283 -23.21 -24.27 -35.25
CA LYS B 283 -23.74 -25.42 -35.96
C LYS B 283 -22.88 -25.93 -37.13
N HIS B 284 -21.62 -25.48 -37.20
CA HIS B 284 -20.68 -26.04 -38.19
C HIS B 284 -19.29 -26.23 -37.57
N GLN B 285 -19.22 -26.22 -36.24
CA GLN B 285 -17.94 -26.22 -35.52
C GLN B 285 -17.10 -27.45 -35.85
N GLU B 286 -17.77 -28.58 -36.02
CA GLU B 286 -17.09 -29.84 -36.33
C GLU B 286 -16.41 -29.76 -37.70
N LEU B 287 -17.13 -29.27 -38.70
CA LEU B 287 -16.64 -29.17 -40.05
C LEU B 287 -15.49 -28.15 -40.09
N PHE B 288 -15.65 -27.07 -39.33
CA PHE B 288 -14.64 -26.03 -39.26
C PHE B 288 -13.34 -26.56 -38.64
N ASP B 289 -13.46 -27.26 -37.52
CA ASP B 289 -12.31 -27.87 -36.84
C ASP B 289 -11.63 -28.93 -37.72
N ASP B 290 -12.43 -29.66 -38.49
CA ASP B 290 -11.90 -30.67 -39.40
C ASP B 290 -11.12 -30.03 -40.54
N LEU B 291 -11.72 -29.03 -41.16
CA LEU B 291 -11.15 -28.35 -42.32
C LEU B 291 -9.93 -27.50 -41.95
N GLY B 292 -9.78 -27.25 -40.65
CA GLY B 292 -8.72 -26.39 -40.15
C GLY B 292 -9.04 -24.92 -40.39
N VAL B 293 -10.31 -24.58 -40.26
CA VAL B 293 -10.75 -23.19 -40.42
C VAL B 293 -10.18 -22.32 -39.31
N ASN B 294 -9.47 -21.26 -39.70
CA ASN B 294 -8.91 -20.32 -38.74
C ASN B 294 -9.30 -18.88 -39.08
N VAL B 295 -10.35 -18.37 -38.44
CA VAL B 295 -10.85 -17.03 -38.76
C VAL B 295 -9.94 -15.92 -38.24
N ASN B 296 -8.96 -16.27 -37.42
CA ASN B 296 -7.92 -15.33 -37.06
C ASN B 296 -7.22 -14.82 -38.33
N ASN B 297 -7.25 -15.65 -39.37
CA ASN B 297 -6.72 -15.25 -40.67
C ASN B 297 -7.82 -14.64 -41.53
N GLY B 298 -8.99 -14.45 -40.93
CA GLY B 298 -10.08 -13.78 -41.62
C GLY B 298 -11.19 -14.69 -42.09
N LEU B 299 -12.26 -14.08 -42.60
CA LEU B 299 -13.39 -14.81 -43.16
C LEU B 299 -13.00 -15.44 -44.48
N SER B 300 -11.98 -14.86 -45.13
CA SER B 300 -11.46 -15.38 -46.38
C SER B 300 -10.93 -16.80 -46.18
N ASP B 301 -10.32 -17.05 -45.03
CA ASP B 301 -9.84 -18.38 -44.67
C ASP B 301 -10.99 -19.37 -44.69
N LEU B 302 -12.07 -19.04 -43.99
CA LEU B 302 -13.26 -19.87 -43.99
C LEU B 302 -13.77 -20.12 -45.41
N TYR B 303 -13.87 -19.05 -46.20
CA TYR B 303 -14.36 -19.15 -47.57
C TYR B 303 -13.49 -20.05 -48.43
N SER B 304 -12.20 -20.13 -48.12
CA SER B 304 -11.26 -20.92 -48.90
C SER B 304 -11.27 -22.38 -48.47
N LYS B 305 -11.44 -22.61 -47.17
CA LYS B 305 -11.45 -23.97 -46.63
C LYS B 305 -12.68 -24.75 -47.11
N ILE B 306 -13.74 -24.04 -47.46
CA ILE B 306 -15.00 -24.69 -47.85
C ILE B 306 -15.25 -24.66 -49.36
N GLU B 307 -14.20 -24.45 -50.14
CA GLU B 307 -14.35 -24.42 -51.59
C GLU B 307 -14.08 -25.80 -52.20
N SER B 308 -13.56 -26.71 -51.38
CA SER B 308 -13.37 -28.10 -51.78
C SER B 308 -14.69 -28.87 -51.65
N LEU B 309 -15.69 -28.20 -51.08
CA LEU B 309 -16.95 -28.85 -50.72
C LEU B 309 -17.99 -28.83 -51.84
N PRO B 310 -18.98 -29.74 -51.79
CA PRO B 310 -20.12 -29.69 -52.73
C PRO B 310 -20.93 -28.42 -52.56
N ALA B 311 -21.40 -27.84 -53.66
CA ALA B 311 -22.06 -26.53 -53.64
C ALA B 311 -23.27 -26.39 -52.72
N SER B 312 -23.98 -27.50 -52.49
CA SER B 312 -25.18 -27.49 -51.64
C SER B 312 -24.87 -27.15 -50.19
N GLN B 313 -23.98 -27.94 -49.58
CA GLN B 313 -23.56 -27.72 -48.21
C GLN B 313 -22.80 -26.41 -48.05
N ARG B 314 -21.98 -26.10 -49.05
CA ARG B 314 -21.23 -24.83 -49.10
C ARG B 314 -22.18 -23.64 -48.99
N ASP B 315 -23.11 -23.55 -49.94
CA ASP B 315 -24.08 -22.46 -49.95
C ASP B 315 -24.99 -22.49 -48.72
N GLU B 316 -25.14 -23.65 -48.10
CA GLU B 316 -25.84 -23.72 -46.82
C GLU B 316 -25.05 -22.94 -45.75
N ILE B 317 -23.78 -23.28 -45.59
CA ILE B 317 -22.87 -22.56 -44.71
C ILE B 317 -22.91 -21.04 -44.98
N ILE B 318 -22.79 -20.67 -46.25
CA ILE B 318 -22.85 -19.27 -46.67
C ILE B 318 -24.14 -18.58 -46.23
N GLU B 319 -25.26 -19.26 -46.45
CA GLU B 319 -26.56 -18.69 -46.11
C GLU B 319 -26.74 -18.59 -44.59
N ASP B 320 -26.01 -19.41 -43.84
CA ASP B 320 -26.08 -19.35 -42.38
C ASP B 320 -25.22 -18.21 -41.82
N LEU B 321 -24.04 -18.03 -42.42
CA LEU B 321 -23.26 -16.82 -42.18
C LEU B 321 -24.12 -15.59 -42.42
N HIS B 322 -24.78 -15.55 -43.57
CA HIS B 322 -25.65 -14.43 -43.90
C HIS B 322 -26.83 -14.33 -42.91
N ARG B 323 -27.25 -15.47 -42.38
CA ARG B 323 -28.34 -15.51 -41.42
C ARG B 323 -27.92 -14.87 -40.10
N CYS B 324 -26.62 -14.94 -39.80
CA CYS B 324 -26.10 -14.31 -38.58
C CYS B 324 -26.35 -12.79 -38.54
N HIS B 325 -26.47 -12.16 -39.69
CA HIS B 325 -26.72 -10.72 -39.77
C HIS B 325 -28.08 -10.29 -39.23
N GLU B 326 -28.99 -11.23 -39.02
CA GLU B 326 -30.34 -10.91 -38.58
C GLU B 326 -30.35 -10.31 -37.17
N HIS B 327 -29.51 -10.85 -36.29
CA HIS B 327 -29.47 -10.38 -34.91
C HIS B 327 -28.06 -9.90 -34.56
N ARG B 328 -27.37 -9.39 -35.56
CA ARG B 328 -26.07 -8.79 -35.38
C ARG B 328 -26.09 -7.42 -36.06
N PRO B 329 -25.31 -6.46 -35.52
CA PRO B 329 -25.32 -5.13 -36.11
C PRO B 329 -24.79 -5.18 -37.54
N GLU B 330 -25.22 -4.25 -38.38
CA GLU B 330 -24.67 -4.13 -39.73
C GLU B 330 -23.17 -3.93 -39.61
N LEU B 331 -22.41 -4.53 -40.53
CA LEU B 331 -20.94 -4.51 -40.45
C LEU B 331 -20.31 -3.52 -41.44
N ALA B 332 -19.15 -2.98 -41.08
CA ALA B 332 -18.42 -2.06 -41.96
C ALA B 332 -17.76 -2.80 -43.11
N MET B 333 -17.54 -2.11 -44.22
CA MET B 333 -17.00 -2.73 -45.43
C MET B 333 -15.68 -2.12 -45.87
N VAL B 334 -14.81 -2.96 -46.43
CA VAL B 334 -13.55 -2.49 -47.02
C VAL B 334 -13.79 -2.18 -48.50
N ASP B 335 -14.67 -2.96 -49.10
CA ASP B 335 -15.05 -2.80 -50.50
C ASP B 335 -16.46 -3.35 -50.68
N SER B 336 -17.46 -2.48 -50.51
CA SER B 336 -18.86 -2.91 -50.55
C SER B 336 -19.25 -3.50 -51.90
N ALA B 337 -18.74 -2.92 -52.98
CA ALA B 337 -19.05 -3.39 -54.32
C ALA B 337 -18.21 -4.60 -54.71
N ARG B 338 -18.02 -5.51 -53.75
CA ARG B 338 -17.15 -6.66 -53.92
C ARG B 338 -17.37 -7.60 -52.74
N GLY B 339 -18.21 -7.16 -51.81
CA GLY B 339 -18.58 -7.94 -50.64
C GLY B 339 -17.51 -8.11 -49.58
N ILE B 340 -16.43 -7.35 -49.70
CA ILE B 340 -15.33 -7.41 -48.74
C ILE B 340 -15.64 -6.61 -47.48
N SER B 341 -15.80 -7.30 -46.35
CA SER B 341 -16.15 -6.66 -45.08
C SER B 341 -14.95 -6.42 -44.16
N ASN B 342 -15.24 -5.92 -42.95
CA ASN B 342 -14.22 -5.64 -41.94
C ASN B 342 -13.54 -6.92 -41.51
N PHE B 343 -14.25 -8.04 -41.60
CA PHE B 343 -13.78 -9.32 -41.11
C PHE B 343 -13.12 -10.19 -42.19
N HIS B 344 -12.96 -9.64 -43.39
CA HIS B 344 -12.37 -10.41 -44.48
C HIS B 344 -10.94 -10.85 -44.19
N SER B 345 -10.10 -9.90 -43.78
CA SER B 345 -8.70 -10.18 -43.49
C SER B 345 -8.18 -9.25 -42.41
N PRO B 346 -7.37 -9.78 -41.49
CA PRO B 346 -6.83 -9.02 -40.35
C PRO B 346 -5.93 -7.85 -40.75
N SER B 347 -5.46 -7.84 -42.00
CA SER B 347 -4.55 -6.82 -42.47
C SER B 347 -5.23 -5.68 -43.24
N ASP B 348 -6.44 -5.92 -43.75
CA ASP B 348 -7.14 -4.93 -44.57
C ASP B 348 -7.43 -3.62 -43.82
N VAL B 349 -8.07 -3.72 -42.66
CA VAL B 349 -8.37 -2.55 -41.84
C VAL B 349 -7.39 -2.40 -40.67
N ILE B 350 -6.42 -1.49 -40.81
CA ILE B 350 -5.44 -1.26 -39.75
C ILE B 350 -5.71 0.06 -39.04
N VAL B 351 -5.87 -0.01 -37.71
CA VAL B 351 -6.32 1.12 -36.89
C VAL B 351 -5.71 2.49 -37.26
N ASP B 352 -4.38 2.51 -37.41
CA ASP B 352 -3.65 3.75 -37.64
C ASP B 352 -4.03 4.47 -38.94
N ALA B 353 -4.53 3.72 -39.92
CA ALA B 353 -4.97 4.32 -41.18
C ALA B 353 -6.48 4.42 -41.23
N SER B 354 -7.16 3.37 -40.77
CA SER B 354 -8.61 3.28 -40.81
C SER B 354 -9.30 4.36 -40.00
N MET B 355 -8.81 4.61 -38.79
CA MET B 355 -9.41 5.63 -37.92
C MET B 355 -9.35 7.06 -38.51
N PRO B 356 -8.16 7.51 -38.95
CA PRO B 356 -8.13 8.85 -39.55
C PRO B 356 -8.99 8.94 -40.81
N ALA B 357 -9.01 7.88 -41.60
CA ALA B 357 -9.89 7.83 -42.77
C ALA B 357 -11.33 8.07 -42.33
N MET B 358 -11.75 7.34 -41.31
CA MET B 358 -13.10 7.44 -40.77
C MET B 358 -13.37 8.85 -40.23
N ILE B 359 -12.39 9.42 -39.53
CA ILE B 359 -12.51 10.73 -38.92
C ILE B 359 -12.60 11.81 -39.99
N ARG B 360 -11.75 11.72 -41.00
CA ARG B 360 -11.77 12.64 -42.14
C ARG B 360 -13.10 12.56 -42.88
N ALA B 361 -13.66 11.36 -42.97
CA ALA B 361 -14.93 11.19 -43.69
C ALA B 361 -16.12 11.72 -42.88
N GLY B 362 -15.82 12.31 -41.72
CA GLY B 362 -16.87 12.87 -40.88
C GLY B 362 -17.43 11.81 -39.97
N GLY B 363 -16.56 10.91 -39.53
CA GLY B 363 -16.94 9.84 -38.62
C GLY B 363 -17.81 8.82 -39.31
N LYS B 364 -17.49 8.53 -40.56
CA LYS B 364 -18.30 7.60 -41.32
C LYS B 364 -17.46 6.53 -42.02
N MET B 365 -18.04 5.34 -42.14
CA MET B 365 -17.43 4.27 -42.93
C MET B 365 -18.48 3.67 -43.88
N TYR B 366 -18.01 3.02 -44.94
CA TYR B 366 -18.92 2.40 -45.91
C TYR B 366 -19.61 1.15 -45.38
N GLY B 367 -20.93 1.09 -45.58
CA GLY B 367 -21.71 -0.05 -45.17
C GLY B 367 -22.01 -1.00 -46.32
N ALA B 368 -22.81 -2.03 -46.04
CA ALA B 368 -23.19 -3.02 -47.05
C ALA B 368 -23.79 -2.39 -48.31
N ASP B 369 -24.65 -1.40 -48.12
CA ASP B 369 -25.33 -0.73 -49.24
C ASP B 369 -24.43 0.20 -50.04
N GLY B 370 -23.19 0.39 -49.60
CA GLY B 370 -22.24 1.24 -50.30
C GLY B 370 -22.27 2.70 -49.89
N LYS B 371 -23.04 3.01 -48.84
CA LYS B 371 -23.17 4.39 -48.38
C LYS B 371 -22.46 4.64 -47.05
N LEU B 372 -22.04 5.89 -46.82
CA LEU B 372 -21.36 6.25 -45.58
C LEU B 372 -22.32 6.30 -44.40
N LYS B 373 -21.93 5.66 -43.30
CA LYS B 373 -22.74 5.64 -42.08
C LYS B 373 -21.87 5.90 -40.85
N ASP B 374 -22.51 6.37 -39.79
CA ASP B 374 -21.84 6.50 -38.51
C ASP B 374 -21.47 5.09 -38.06
N THR B 375 -20.40 4.99 -37.27
CA THR B 375 -19.96 3.68 -36.81
C THR B 375 -19.58 3.67 -35.34
N LYS B 376 -19.72 2.49 -34.74
CA LYS B 376 -19.07 2.18 -33.49
C LYS B 376 -17.70 1.61 -33.86
N ALA B 377 -16.66 2.45 -33.71
CA ALA B 377 -15.29 2.04 -33.98
C ALA B 377 -14.72 1.31 -32.78
N VAL B 378 -14.77 -0.02 -32.82
CA VAL B 378 -14.23 -0.84 -31.76
C VAL B 378 -12.70 -0.89 -31.82
N ASN B 379 -12.06 -0.33 -30.80
CA ASN B 379 -10.62 -0.45 -30.59
C ASN B 379 -10.46 -1.10 -29.23
N PRO B 380 -10.43 -2.45 -29.18
CA PRO B 380 -10.46 -3.21 -27.93
C PRO B 380 -9.44 -2.71 -26.91
N GLU B 381 -8.19 -2.58 -27.32
CA GLU B 381 -7.14 -2.05 -26.46
C GLU B 381 -7.33 -0.55 -26.19
N SER B 382 -7.46 -0.18 -24.93
CA SER B 382 -7.72 1.22 -24.56
C SER B 382 -6.45 2.08 -24.51
N THR B 383 -5.29 1.44 -24.38
CA THR B 383 -4.01 2.12 -24.19
C THR B 383 -3.80 3.36 -25.08
N PHE B 384 -4.07 3.21 -26.37
CA PHE B 384 -3.82 4.29 -27.32
C PHE B 384 -5.07 4.74 -28.06
N SER B 385 -6.25 4.33 -27.60
CA SER B 385 -7.45 4.59 -28.38
C SER B 385 -8.37 5.66 -27.79
N ARG B 386 -8.02 6.16 -26.60
CA ARG B 386 -8.82 7.20 -25.96
C ARG B 386 -8.69 8.51 -26.72
N ILE B 387 -7.49 8.75 -27.26
CA ILE B 387 -7.21 9.93 -28.07
C ILE B 387 -8.22 10.03 -29.20
N TYR B 388 -8.59 8.90 -29.78
CA TYR B 388 -9.50 8.88 -30.91
C TYR B 388 -10.86 9.39 -30.49
N GLN B 389 -11.38 8.85 -29.39
CA GLN B 389 -12.66 9.33 -28.87
C GLN B 389 -12.60 10.83 -28.55
N GLU B 390 -11.47 11.28 -28.01
CA GLU B 390 -11.32 12.70 -27.69
C GLU B 390 -11.41 13.59 -28.93
N ILE B 391 -10.62 13.27 -29.96
CA ILE B 391 -10.67 14.04 -31.21
C ILE B 391 -12.03 13.92 -31.92
N ILE B 392 -12.71 12.78 -31.74
CA ILE B 392 -14.05 12.60 -32.30
C ILE B 392 -15.05 13.54 -31.64
N ASN B 393 -15.04 13.55 -30.31
CA ASN B 393 -15.86 14.48 -29.54
C ASN B 393 -15.58 15.93 -29.92
N PHE B 394 -14.30 16.26 -30.04
CA PHE B 394 -13.89 17.58 -30.48
C PHE B 394 -14.48 17.90 -31.86
N CYS B 395 -14.58 16.90 -32.73
CA CYS B 395 -15.12 17.14 -34.07
C CYS B 395 -16.63 17.28 -34.07
N LYS B 396 -17.31 16.57 -33.17
CA LYS B 396 -18.76 16.68 -33.07
C LYS B 396 -19.14 18.04 -32.53
N THR B 397 -18.38 18.49 -31.54
CA THR B 397 -18.59 19.79 -30.91
C THR B 397 -18.26 20.93 -31.88
N ASN B 398 -17.07 20.89 -32.46
CA ASN B 398 -16.53 22.00 -33.22
C ASN B 398 -16.64 21.91 -34.75
N GLY B 399 -17.01 20.74 -35.27
CA GLY B 399 -17.07 20.54 -36.70
C GLY B 399 -15.76 20.00 -37.27
N GLN B 400 -15.76 19.69 -38.56
CA GLN B 400 -14.56 19.19 -39.22
C GLN B 400 -13.44 20.24 -39.20
N PHE B 401 -12.19 19.78 -39.23
CA PHE B 401 -11.06 20.70 -39.32
C PHE B 401 -11.02 21.39 -40.67
N ASP B 402 -10.28 22.48 -40.71
CA ASP B 402 -10.13 23.27 -41.92
C ASP B 402 -8.65 23.36 -42.22
N PRO B 403 -8.21 22.64 -43.26
CA PRO B 403 -6.81 22.57 -43.70
C PRO B 403 -6.26 23.93 -44.10
N THR B 404 -7.09 24.81 -44.65
CA THR B 404 -6.63 26.14 -45.05
C THR B 404 -6.14 26.97 -43.86
N THR B 405 -6.64 26.67 -42.66
CA THR B 405 -6.32 27.48 -41.49
C THR B 405 -5.69 26.71 -40.34
N MET B 406 -5.97 25.41 -40.27
CA MET B 406 -5.52 24.61 -39.14
C MET B 406 -4.00 24.62 -39.01
N GLY B 407 -3.52 24.44 -37.79
CA GLY B 407 -2.08 24.38 -37.55
C GLY B 407 -1.52 23.03 -37.96
N THR B 408 -0.39 22.68 -37.36
CA THR B 408 0.27 21.43 -37.67
C THR B 408 0.71 20.75 -36.38
N VAL B 409 0.85 19.42 -36.43
CA VAL B 409 1.32 18.66 -35.28
C VAL B 409 2.54 17.82 -35.67
N PRO B 410 3.74 18.41 -35.57
CA PRO B 410 4.98 17.65 -35.74
C PRO B 410 5.09 16.58 -34.67
N ASN B 411 5.93 15.58 -34.90
CA ASN B 411 6.00 14.46 -33.98
C ASN B 411 7.44 14.00 -33.70
N VAL B 412 7.80 13.98 -32.43
CA VAL B 412 9.08 13.45 -31.99
C VAL B 412 8.79 12.10 -31.33
N GLY B 413 9.12 11.03 -32.04
CA GLY B 413 8.75 9.70 -31.63
C GLY B 413 9.88 8.86 -31.04
N LEU B 414 9.61 8.27 -29.88
CA LEU B 414 10.54 7.36 -29.23
C LEU B 414 10.45 5.99 -29.90
N MET B 415 11.50 5.61 -30.61
CA MET B 415 11.49 4.34 -31.36
C MET B 415 12.82 3.58 -31.32
N ALA B 416 13.90 4.29 -31.03
CA ALA B 416 15.27 3.75 -31.13
C ALA B 416 15.48 2.41 -30.42
N GLN B 417 16.14 1.48 -31.10
CA GLN B 417 16.45 0.15 -30.57
C GLN B 417 15.20 -0.63 -30.16
N GLN B 418 14.24 -0.74 -31.08
CA GLN B 418 13.02 -1.49 -30.84
C GLN B 418 12.29 -1.04 -29.57
N ALA B 419 11.97 0.25 -29.51
CA ALA B 419 11.35 0.83 -28.31
C ALA B 419 9.91 0.34 -28.10
N GLU B 420 9.63 -0.14 -26.90
CA GLU B 420 8.28 -0.52 -26.48
C GLU B 420 7.70 -1.68 -27.31
N GLU B 421 6.40 -1.62 -27.59
CA GLU B 421 5.69 -2.69 -28.28
C GLU B 421 6.38 -3.22 -29.55
N TYR B 422 6.99 -2.33 -30.33
CA TYR B 422 7.66 -2.71 -31.57
C TYR B 422 8.78 -3.73 -31.39
N GLY B 423 9.34 -3.82 -30.19
CA GLY B 423 10.44 -4.73 -29.95
C GLY B 423 10.02 -6.01 -29.28
N SER B 424 8.71 -6.21 -29.17
CA SER B 424 8.20 -7.37 -28.45
C SER B 424 7.52 -8.39 -29.36
N HIS B 425 8.07 -8.55 -30.57
CA HIS B 425 7.62 -9.62 -31.46
C HIS B 425 8.01 -10.96 -30.87
N ASP B 426 9.15 -10.99 -30.18
CA ASP B 426 9.66 -12.23 -29.60
C ASP B 426 9.31 -12.37 -28.11
N LYS B 427 8.54 -11.41 -27.59
CA LYS B 427 8.12 -11.46 -26.20
C LYS B 427 6.61 -11.33 -26.09
N THR B 428 5.90 -11.87 -27.07
CA THR B 428 4.44 -11.85 -27.06
C THR B 428 3.92 -13.27 -27.20
N PHE B 429 3.11 -13.71 -26.24
CA PHE B 429 2.73 -15.11 -26.13
C PHE B 429 1.26 -15.32 -25.84
N GLU B 430 0.64 -16.28 -26.52
CA GLU B 430 -0.67 -16.75 -26.12
C GLU B 430 -0.49 -17.76 -24.97
N ILE B 431 -1.11 -17.47 -23.83
CA ILE B 431 -0.95 -18.30 -22.63
C ILE B 431 -1.66 -19.64 -22.80
N PRO B 432 -0.88 -20.75 -22.73
CA PRO B 432 -1.37 -22.12 -22.96
C PRO B 432 -2.29 -22.63 -21.85
N GLU B 433 -2.16 -22.07 -20.64
CA GLU B 433 -3.00 -22.48 -19.52
C GLU B 433 -2.90 -21.52 -18.33
N ASP B 434 -3.95 -21.50 -17.50
CA ASP B 434 -4.02 -20.61 -16.34
C ASP B 434 -2.78 -20.70 -15.44
N GLY B 435 -2.37 -19.56 -14.89
CA GLY B 435 -1.22 -19.53 -14.00
C GLY B 435 -0.63 -18.15 -13.77
N VAL B 436 0.61 -18.13 -13.29
CA VAL B 436 1.30 -16.90 -13.00
C VAL B 436 2.44 -16.63 -13.99
N ALA B 437 2.28 -15.61 -14.82
CA ALA B 437 3.33 -15.21 -15.75
C ALA B 437 4.32 -14.27 -15.07
N ASN B 438 5.58 -14.70 -15.02
CA ASN B 438 6.62 -13.96 -14.33
C ASN B 438 7.76 -13.53 -15.25
N ILE B 439 8.31 -12.35 -14.95
CA ILE B 439 9.60 -11.94 -15.46
C ILE B 439 10.58 -12.13 -14.30
N VAL B 440 11.55 -13.02 -14.49
CA VAL B 440 12.39 -13.50 -13.41
C VAL B 440 13.86 -13.30 -13.71
N ASP B 441 14.60 -12.78 -12.74
CA ASP B 441 16.05 -12.68 -12.88
C ASP B 441 16.61 -14.10 -12.99
N VAL B 442 17.38 -14.35 -14.05
CA VAL B 442 17.96 -15.67 -14.31
C VAL B 442 19.01 -16.04 -13.26
N ALA B 443 19.70 -15.03 -12.73
CA ALA B 443 20.78 -15.24 -11.77
C ALA B 443 20.29 -15.48 -10.34
N THR B 444 19.29 -14.69 -9.92
CA THR B 444 18.86 -14.68 -8.53
C THR B 444 17.49 -15.32 -8.32
N GLY B 445 16.73 -15.50 -9.40
CA GLY B 445 15.42 -16.11 -9.32
C GLY B 445 14.36 -15.13 -8.84
N GLU B 446 14.78 -13.89 -8.59
CA GLU B 446 13.87 -12.86 -8.10
C GLU B 446 12.80 -12.51 -9.13
N VAL B 447 11.54 -12.55 -8.72
CA VAL B 447 10.44 -12.17 -9.60
C VAL B 447 10.33 -10.65 -9.66
N LEU B 448 10.45 -10.10 -10.86
CA LEU B 448 10.44 -8.65 -11.04
C LEU B 448 9.04 -8.13 -11.30
N LEU B 449 8.38 -8.70 -12.32
CA LEU B 449 6.99 -8.37 -12.61
C LEU B 449 6.19 -9.67 -12.68
N THR B 450 4.97 -9.61 -12.16
CA THR B 450 4.13 -10.79 -12.07
C THR B 450 2.71 -10.49 -12.56
N GLU B 451 2.10 -11.46 -13.21
CA GLU B 451 0.74 -11.32 -13.71
C GLU B 451 -0.05 -12.60 -13.49
N ASN B 452 -1.29 -12.45 -13.03
CA ASN B 452 -2.17 -13.59 -12.97
C ASN B 452 -2.92 -13.72 -14.29
N VAL B 453 -2.55 -14.72 -15.08
CA VAL B 453 -3.12 -14.86 -16.41
C VAL B 453 -3.91 -16.15 -16.55
N GLU B 454 -4.81 -16.17 -17.53
CA GLU B 454 -5.60 -17.36 -17.82
C GLU B 454 -5.28 -17.89 -19.22
N ALA B 455 -5.78 -19.08 -19.52
CA ALA B 455 -5.55 -19.71 -20.82
C ALA B 455 -6.15 -18.85 -21.94
N GLY B 456 -5.37 -18.68 -23.00
CA GLY B 456 -5.83 -17.97 -24.19
C GLY B 456 -5.65 -16.47 -24.08
N ASP B 457 -5.08 -16.03 -22.96
CA ASP B 457 -4.77 -14.62 -22.79
C ASP B 457 -3.49 -14.31 -23.57
N ILE B 458 -3.27 -13.04 -23.89
CA ILE B 458 -2.02 -12.64 -24.53
C ILE B 458 -1.15 -11.90 -23.53
N TRP B 459 0.05 -12.43 -23.31
CA TRP B 459 1.01 -11.82 -22.38
C TRP B 459 2.12 -11.19 -23.19
N ARG B 460 2.55 -10.01 -22.78
CA ARG B 460 3.59 -9.29 -23.50
C ARG B 460 4.54 -8.60 -22.53
N MET B 461 5.83 -8.58 -22.90
CA MET B 461 6.83 -7.81 -22.17
C MET B 461 7.42 -6.77 -23.10
N CYS B 462 7.43 -5.51 -22.68
CA CYS B 462 7.97 -4.44 -23.51
C CYS B 462 9.20 -3.83 -22.86
N ILE B 463 10.14 -3.40 -23.70
CA ILE B 463 11.37 -2.79 -23.20
C ILE B 463 11.65 -1.46 -23.92
N VAL B 464 12.12 -0.47 -23.16
CA VAL B 464 12.70 0.71 -23.79
C VAL B 464 13.97 1.09 -23.04
N LYS B 465 15.04 1.28 -23.81
CA LYS B 465 16.35 1.52 -23.21
C LYS B 465 16.60 3.00 -22.89
N ASP B 466 17.50 3.25 -21.95
CA ASP B 466 17.72 4.60 -21.42
C ASP B 466 18.29 5.57 -22.45
N ALA B 467 19.29 5.13 -23.20
CA ALA B 467 19.91 5.98 -24.21
C ALA B 467 18.89 6.51 -25.24
N PRO B 468 18.06 5.63 -25.82
CA PRO B 468 17.01 6.14 -26.72
C PRO B 468 16.09 7.17 -26.06
N ILE B 469 15.79 6.99 -24.78
CA ILE B 469 14.95 7.94 -24.06
C ILE B 469 15.64 9.30 -24.00
N ARG B 470 16.92 9.29 -23.63
CA ARG B 470 17.70 10.53 -23.57
C ARG B 470 17.73 11.23 -24.93
N ASP B 471 18.04 10.46 -25.96
CA ASP B 471 18.07 10.93 -27.33
C ASP B 471 16.74 11.57 -27.71
N TRP B 472 15.66 10.94 -27.27
CA TRP B 472 14.29 11.35 -27.58
C TRP B 472 13.94 12.69 -26.92
N VAL B 473 14.31 12.83 -25.65
CA VAL B 473 14.14 14.10 -24.96
C VAL B 473 14.93 15.19 -25.67
N LYS B 474 16.21 14.92 -25.88
CA LYS B 474 17.12 15.81 -26.60
C LYS B 474 16.53 16.27 -27.93
N LEU B 475 15.99 15.33 -28.70
CA LEU B 475 15.39 15.65 -30.00
C LEU B 475 14.14 16.51 -29.84
N ALA B 476 13.36 16.24 -28.80
CA ALA B 476 12.19 17.07 -28.53
C ALA B 476 12.59 18.53 -28.26
N VAL B 477 13.54 18.72 -27.34
CA VAL B 477 14.05 20.04 -27.02
C VAL B 477 14.64 20.74 -28.24
N THR B 478 15.49 20.03 -28.98
CA THR B 478 16.06 20.53 -30.23
C THR B 478 14.98 21.05 -31.17
N ARG B 479 13.98 20.21 -31.44
CA ARG B 479 12.89 20.60 -32.32
C ARG B 479 12.08 21.80 -31.80
N ALA B 480 11.92 21.89 -30.48
CA ALA B 480 11.28 23.07 -29.90
C ALA B 480 12.09 24.31 -30.23
N ARG B 481 13.38 24.25 -29.90
CA ARG B 481 14.31 25.35 -30.13
C ARG B 481 14.34 25.83 -31.58
N ILE B 482 14.27 24.90 -32.54
CA ILE B 482 14.25 25.28 -33.96
C ILE B 482 12.89 25.84 -34.38
N SER B 483 11.84 25.07 -34.16
CA SER B 483 10.52 25.44 -34.67
C SER B 483 9.95 26.65 -33.94
N GLY B 484 10.30 26.79 -32.67
CA GLY B 484 9.71 27.82 -31.83
C GLY B 484 8.32 27.36 -31.42
N MET B 485 8.05 26.06 -31.61
CA MET B 485 6.76 25.50 -31.25
C MET B 485 6.81 24.97 -29.82
N PRO B 486 5.65 24.95 -29.14
CA PRO B 486 5.61 24.30 -27.83
C PRO B 486 5.64 22.78 -27.97
N VAL B 487 6.18 22.10 -26.96
CA VAL B 487 6.23 20.64 -26.97
C VAL B 487 5.36 20.02 -25.89
N LEU B 488 4.43 19.15 -26.31
CA LEU B 488 3.64 18.34 -25.41
C LEU B 488 4.18 16.91 -25.37
N PHE B 489 4.69 16.48 -24.23
CA PHE B 489 4.96 15.06 -24.02
C PHE B 489 3.66 14.37 -23.70
N TRP B 490 3.22 13.47 -24.56
CA TRP B 490 1.97 12.73 -24.32
C TRP B 490 2.25 11.52 -23.44
N LEU B 491 2.12 11.69 -22.13
CA LEU B 491 2.39 10.60 -21.19
C LEU B 491 1.33 10.49 -20.09
N ASP B 492 0.52 9.44 -20.17
CA ASP B 492 -0.51 9.14 -19.18
C ASP B 492 0.15 8.68 -17.86
N PRO B 493 0.01 9.48 -16.80
CA PRO B 493 0.63 9.12 -15.51
C PRO B 493 -0.06 7.94 -14.83
N TYR B 494 -1.26 7.60 -15.27
CA TYR B 494 -1.99 6.46 -14.73
C TYR B 494 -1.66 5.18 -15.48
N ARG B 495 -0.77 5.31 -16.47
CA ARG B 495 -0.18 4.15 -17.11
C ARG B 495 1.23 4.02 -16.56
N PRO B 496 1.52 2.88 -15.90
CA PRO B 496 2.80 2.63 -15.22
C PRO B 496 4.01 2.91 -16.12
N HIS B 497 3.98 2.38 -17.33
CA HIS B 497 5.04 2.57 -18.31
C HIS B 497 5.33 4.05 -18.55
N GLU B 498 4.27 4.78 -18.89
CA GLU B 498 4.40 6.19 -19.18
C GLU B 498 4.71 6.99 -17.92
N ASN B 499 4.39 6.43 -16.75
CA ASN B 499 4.77 7.04 -15.49
C ASN B 499 6.30 7.04 -15.34
N GLU B 500 6.88 5.86 -15.56
CA GLU B 500 8.34 5.73 -15.62
C GLU B 500 8.94 6.70 -16.63
N LEU B 501 8.30 6.77 -17.80
CA LEU B 501 8.73 7.72 -18.84
C LEU B 501 8.72 9.16 -18.33
N ILE B 502 7.66 9.55 -17.63
CA ILE B 502 7.54 10.90 -17.06
C ILE B 502 8.70 11.18 -16.13
N LYS B 503 9.08 10.19 -15.33
CA LYS B 503 10.26 10.35 -14.48
C LYS B 503 11.52 10.65 -15.31
N LYS B 504 11.79 9.77 -16.27
CA LYS B 504 12.90 9.98 -17.21
C LYS B 504 12.91 11.39 -17.83
N VAL B 505 11.76 11.80 -18.37
CA VAL B 505 11.62 13.07 -19.07
C VAL B 505 11.91 14.26 -18.16
N LYS B 506 11.34 14.22 -16.96
CA LYS B 506 11.56 15.28 -15.99
C LYS B 506 13.05 15.40 -15.63
N THR B 507 13.71 14.27 -15.36
CA THR B 507 15.14 14.35 -15.03
C THR B 507 16.04 14.77 -16.21
N TYR B 508 15.65 14.38 -17.42
CA TYR B 508 16.47 14.62 -18.61
C TYR B 508 16.24 16.00 -19.26
N LEU B 509 15.13 16.64 -18.90
CA LEU B 509 14.84 17.98 -19.41
C LEU B 509 15.85 19.00 -18.88
N LYS B 510 16.43 18.71 -17.71
CA LYS B 510 17.41 19.59 -17.08
C LYS B 510 18.81 19.38 -17.65
N ASP B 511 18.93 18.54 -18.67
CA ASP B 511 20.20 18.32 -19.34
C ASP B 511 20.25 19.13 -20.61
N HIS B 512 19.18 19.90 -20.86
CA HIS B 512 19.08 20.74 -22.03
C HIS B 512 18.63 22.14 -21.64
N ASP B 513 18.95 23.12 -22.49
CA ASP B 513 18.55 24.48 -22.20
C ASP B 513 17.11 24.70 -22.65
N THR B 514 16.20 24.78 -21.67
CA THR B 514 14.77 24.85 -21.95
C THR B 514 14.21 26.24 -21.69
N GLU B 515 15.11 27.18 -21.39
CA GLU B 515 14.73 28.58 -21.18
C GLU B 515 14.14 29.17 -22.46
N GLY B 516 12.92 29.70 -22.36
CA GLY B 516 12.26 30.30 -23.50
C GLY B 516 11.40 29.33 -24.30
N LEU B 517 11.37 28.08 -23.86
CA LEU B 517 10.56 27.06 -24.55
C LEU B 517 9.28 26.77 -23.77
N ASP B 518 8.25 26.31 -24.47
CA ASP B 518 7.02 25.89 -23.80
C ASP B 518 6.99 24.36 -23.84
N ILE B 519 7.43 23.74 -22.76
CA ILE B 519 7.44 22.29 -22.70
C ILE B 519 6.54 21.81 -21.56
N GLN B 520 5.55 20.99 -21.90
CA GLN B 520 4.63 20.47 -20.90
C GLN B 520 4.45 18.97 -21.04
N ILE B 521 4.02 18.34 -19.95
CA ILE B 521 3.64 16.93 -19.98
C ILE B 521 2.19 16.82 -19.56
N MET B 522 1.40 16.20 -20.43
CA MET B 522 0.00 15.93 -20.11
C MET B 522 -0.30 14.49 -20.48
N SER B 523 -1.43 13.99 -20.00
CA SER B 523 -1.91 12.67 -20.40
C SER B 523 -2.21 12.72 -21.88
N GLN B 524 -2.34 11.55 -22.50
CA GLN B 524 -2.61 11.50 -23.92
C GLN B 524 -3.92 12.21 -24.27
N VAL B 525 -4.99 11.91 -23.54
CA VAL B 525 -6.29 12.51 -23.81
C VAL B 525 -6.27 14.02 -23.69
N ARG B 526 -5.64 14.51 -22.61
CA ARG B 526 -5.52 15.95 -22.39
C ARG B 526 -4.64 16.59 -23.46
N SER B 527 -3.54 15.92 -23.82
CA SER B 527 -2.63 16.43 -24.84
C SER B 527 -3.32 16.54 -26.19
N MET B 528 -4.19 15.58 -26.47
CA MET B 528 -4.99 15.56 -27.68
C MET B 528 -5.97 16.72 -27.71
N ARG B 529 -6.71 16.91 -26.61
CA ARG B 529 -7.65 18.02 -26.52
C ARG B 529 -6.95 19.35 -26.71
N TYR B 530 -5.92 19.58 -25.90
CA TYR B 530 -5.08 20.77 -25.97
C TYR B 530 -4.60 21.02 -27.40
N THR B 531 -4.05 19.98 -28.02
CA THR B 531 -3.54 20.08 -29.37
C THR B 531 -4.62 20.49 -30.39
N CYS B 532 -5.76 19.82 -30.35
CA CYS B 532 -6.88 20.15 -31.23
C CYS B 532 -7.33 21.58 -31.02
N GLU B 533 -7.28 22.03 -29.78
CA GLU B 533 -7.72 23.38 -29.48
C GLU B 533 -6.76 24.41 -30.06
N ARG B 534 -5.47 24.09 -30.04
CA ARG B 534 -4.51 24.95 -30.74
C ARG B 534 -4.66 24.87 -32.26
N LEU B 535 -5.06 23.69 -32.75
CA LEU B 535 -5.15 23.43 -34.19
C LEU B 535 -6.18 24.32 -34.91
N VAL B 536 -7.38 24.40 -34.34
CA VAL B 536 -8.45 25.20 -34.91
C VAL B 536 -8.08 26.68 -34.96
N ARG B 537 -7.12 27.08 -34.12
CA ARG B 537 -6.66 28.46 -34.05
C ARG B 537 -5.40 28.66 -34.89
N GLY B 538 -5.07 27.65 -35.71
CA GLY B 538 -3.90 27.73 -36.57
C GLY B 538 -2.58 27.74 -35.81
N LEU B 539 -2.61 27.28 -34.56
CA LEU B 539 -1.39 27.17 -33.78
C LEU B 539 -0.75 25.79 -33.97
N ASP B 540 0.56 25.71 -33.76
CA ASP B 540 1.31 24.48 -34.00
C ASP B 540 1.78 23.90 -32.67
N THR B 541 1.85 22.56 -32.60
CA THR B 541 2.18 21.90 -31.34
C THR B 541 2.95 20.60 -31.64
N ILE B 542 4.10 20.44 -30.99
CA ILE B 542 4.91 19.26 -31.21
C ILE B 542 4.46 18.14 -30.27
N ALA B 543 4.16 16.98 -30.83
CA ALA B 543 3.80 15.83 -30.01
C ALA B 543 5.02 14.96 -29.77
N ALA B 544 5.53 14.99 -28.55
CA ALA B 544 6.60 14.10 -28.12
C ALA B 544 5.98 12.85 -27.54
N THR B 545 6.10 11.74 -28.25
CA THR B 545 5.34 10.53 -27.91
C THR B 545 6.17 9.26 -28.05
N GLY B 546 5.61 8.16 -27.54
CA GLY B 546 6.19 6.83 -27.71
C GLY B 546 5.96 6.30 -29.11
N ASN B 547 6.40 5.06 -29.35
CA ASN B 547 6.42 4.47 -30.69
C ASN B 547 5.04 4.32 -31.36
N ILE B 548 4.14 3.62 -30.68
CA ILE B 548 2.79 3.46 -31.18
C ILE B 548 2.15 4.81 -31.46
N LEU B 549 2.09 5.68 -30.44
CA LEU B 549 1.51 7.00 -30.61
C LEU B 549 2.14 7.76 -31.76
N ARG B 550 3.44 7.57 -31.99
CA ARG B 550 4.08 8.14 -33.16
C ARG B 550 3.38 7.67 -34.42
N ASP B 551 3.21 6.35 -34.56
CA ASP B 551 2.50 5.83 -35.73
C ASP B 551 1.07 6.40 -35.86
N TYR B 552 0.31 6.33 -34.77
CA TYR B 552 -1.08 6.80 -34.75
C TYR B 552 -1.21 8.28 -35.12
N LEU B 553 -0.48 9.15 -34.43
CA LEU B 553 -0.58 10.59 -34.65
C LEU B 553 -0.05 11.02 -36.01
N THR B 554 1.07 10.44 -36.43
CA THR B 554 1.66 10.81 -37.71
C THR B 554 0.87 10.24 -38.87
N ASP B 555 -0.03 9.31 -38.59
CA ASP B 555 -1.03 8.97 -39.61
C ASP B 555 -2.28 9.86 -39.49
N LEU B 556 -2.64 10.24 -38.26
CA LEU B 556 -3.87 10.97 -37.98
C LEU B 556 -3.82 12.41 -38.48
N PHE B 557 -2.93 13.20 -37.90
CA PHE B 557 -2.88 14.61 -38.22
C PHE B 557 -2.57 14.92 -39.68
N PRO B 558 -1.50 14.32 -40.25
CA PRO B 558 -1.22 14.59 -41.67
C PRO B 558 -2.39 14.31 -42.61
N ILE B 559 -3.15 13.24 -42.40
CA ILE B 559 -4.32 12.97 -43.24
C ILE B 559 -5.35 14.10 -43.15
N LEU B 560 -5.52 14.68 -41.96
CA LEU B 560 -6.43 15.81 -41.80
C LEU B 560 -5.84 17.09 -42.40
N GLU B 561 -4.53 17.28 -42.25
CA GLU B 561 -3.87 18.48 -42.75
C GLU B 561 -3.66 18.42 -44.25
N LEU B 562 -3.09 17.31 -44.71
CA LEU B 562 -2.56 17.21 -46.05
C LEU B 562 -3.28 16.19 -46.92
N GLY B 563 -4.31 15.54 -46.37
CA GLY B 563 -5.04 14.52 -47.11
C GLY B 563 -4.39 13.15 -47.00
N THR B 564 -3.06 13.13 -46.82
CA THR B 564 -2.33 11.86 -46.73
C THR B 564 -1.03 12.02 -45.92
N SER B 565 -0.69 11.00 -45.13
CA SER B 565 0.54 11.05 -44.33
C SER B 565 1.77 10.80 -45.19
N ALA B 566 1.55 10.50 -46.46
CA ALA B 566 2.65 10.26 -47.40
C ALA B 566 3.38 11.55 -47.77
N LYS B 567 2.72 12.69 -47.62
CA LYS B 567 3.32 13.97 -47.96
C LYS B 567 4.15 14.52 -46.80
N MET B 568 4.42 13.66 -45.82
CA MET B 568 5.19 14.07 -44.64
C MET B 568 6.68 13.94 -44.84
N LEU B 569 7.44 14.56 -43.95
CA LEU B 569 8.88 14.34 -43.87
C LEU B 569 9.13 13.47 -42.63
N SER B 570 9.88 12.39 -42.82
CA SER B 570 10.20 11.47 -41.71
C SER B 570 11.70 11.21 -41.64
N VAL B 571 12.36 11.91 -40.73
CA VAL B 571 13.82 11.83 -40.61
C VAL B 571 14.26 11.09 -39.35
N VAL B 572 15.15 10.13 -39.54
CA VAL B 572 15.67 9.31 -38.45
C VAL B 572 17.18 9.45 -38.37
N PRO B 573 17.65 10.35 -37.51
CA PRO B 573 19.09 10.44 -37.25
C PRO B 573 19.53 9.18 -36.52
N LEU B 574 20.31 8.34 -37.18
CA LEU B 574 20.82 7.12 -36.56
C LEU B 574 21.85 7.46 -35.49
N MET B 575 21.81 6.73 -34.38
CA MET B 575 22.68 6.97 -33.24
C MET B 575 24.16 6.92 -33.60
N ALA B 576 24.50 6.03 -34.53
CA ALA B 576 25.89 5.82 -34.93
C ALA B 576 26.42 6.95 -35.81
N GLY B 577 25.55 7.88 -36.18
CA GLY B 577 25.95 9.00 -37.01
C GLY B 577 25.26 9.01 -38.36
N GLY B 578 24.79 7.85 -38.80
CA GLY B 578 24.13 7.72 -40.08
C GLY B 578 22.80 8.46 -40.15
N GLY B 579 22.09 8.27 -41.25
CA GLY B 579 20.80 8.89 -41.43
C GLY B 579 19.85 8.03 -42.24
N MET B 580 18.62 7.89 -41.76
CA MET B 580 17.58 7.22 -42.51
C MET B 580 16.46 8.20 -42.80
N TYR B 581 15.86 8.07 -43.98
CA TYR B 581 14.83 8.99 -44.41
C TYR B 581 13.66 8.19 -44.95
N GLU B 582 12.57 8.16 -44.20
CA GLU B 582 11.38 7.42 -44.61
C GLU B 582 10.54 8.30 -45.52
N THR B 583 10.01 7.70 -46.58
CA THR B 583 9.31 8.48 -47.60
C THR B 583 7.86 8.73 -47.22
N GLY B 584 7.67 9.55 -46.19
CA GLY B 584 6.34 9.81 -45.66
C GLY B 584 6.04 8.95 -44.44
N ALA B 585 4.81 9.05 -43.95
CA ALA B 585 4.41 8.31 -42.76
C ALA B 585 3.25 7.36 -43.05
N GLY B 586 3.15 6.93 -44.30
CA GLY B 586 2.08 6.04 -44.71
C GLY B 586 2.58 4.64 -45.04
N GLY B 587 1.68 3.82 -45.57
CA GLY B 587 2.03 2.45 -45.89
C GLY B 587 2.21 2.22 -47.37
N SER B 588 2.04 0.98 -47.80
CA SER B 588 2.31 0.58 -49.17
C SER B 588 1.07 0.70 -50.06
N ALA B 589 -0.01 1.20 -49.47
CA ALA B 589 -1.22 1.56 -50.21
C ALA B 589 -1.72 0.54 -51.24
N PRO B 590 -2.09 -0.67 -50.78
CA PRO B 590 -2.54 -1.77 -51.65
C PRO B 590 -3.68 -1.40 -52.61
N LYS B 591 -4.56 -0.48 -52.23
CA LYS B 591 -5.67 -0.06 -53.09
C LYS B 591 -5.20 0.59 -54.40
N HIS B 592 -3.98 1.09 -54.41
CA HIS B 592 -3.41 1.73 -55.60
C HIS B 592 -3.04 0.67 -56.64
N VAL B 593 -2.43 -0.42 -56.18
CA VAL B 593 -2.04 -1.54 -57.02
C VAL B 593 -3.21 -2.06 -57.85
N LYS B 594 -4.37 -2.19 -57.19
CA LYS B 594 -5.59 -2.61 -57.87
C LYS B 594 -5.88 -1.72 -59.08
N GLN B 595 -5.77 -0.40 -58.89
CA GLN B 595 -6.07 0.57 -59.94
C GLN B 595 -5.00 0.60 -61.04
N LEU B 596 -3.76 0.25 -60.70
CA LEU B 596 -2.70 0.20 -61.71
C LEU B 596 -2.78 -1.08 -62.56
N VAL B 597 -3.09 -2.20 -61.93
CA VAL B 597 -3.26 -3.47 -62.66
C VAL B 597 -4.55 -3.45 -63.50
N GLU B 598 -5.59 -2.78 -62.99
CA GLU B 598 -6.87 -2.75 -63.69
C GLU B 598 -7.02 -1.59 -64.69
N GLU B 599 -6.34 -0.48 -64.46
CA GLU B 599 -6.57 0.73 -65.27
C GLU B 599 -5.29 1.44 -65.68
N ASN B 600 -4.14 0.88 -65.31
CA ASN B 600 -2.84 1.49 -65.63
C ASN B 600 -2.74 2.95 -65.18
N HIS B 601 -3.32 3.26 -64.04
CA HIS B 601 -3.12 4.55 -63.38
C HIS B 601 -2.65 4.35 -61.94
N LEU B 602 -1.47 4.88 -61.64
CA LEU B 602 -0.91 4.81 -60.30
C LEU B 602 -1.09 6.14 -59.57
N ARG B 603 -2.10 6.23 -58.70
CA ARG B 603 -2.36 7.47 -57.99
C ARG B 603 -1.45 7.65 -56.78
N TRP B 604 -0.39 6.86 -56.71
CA TRP B 604 0.63 7.01 -55.68
C TRP B 604 1.34 8.34 -55.85
N ASP B 605 1.35 9.14 -54.78
CA ASP B 605 2.10 10.37 -54.76
C ASP B 605 3.50 10.08 -54.23
N SER B 606 4.53 10.44 -55.00
CA SER B 606 5.90 10.13 -54.60
C SER B 606 6.63 11.31 -53.95
N LEU B 607 5.87 12.32 -53.52
CA LEU B 607 6.46 13.49 -52.89
C LEU B 607 7.36 13.12 -51.71
N GLY B 608 6.99 12.04 -51.01
CA GLY B 608 7.74 11.57 -49.86
C GLY B 608 9.14 11.13 -50.22
N GLU B 609 9.25 10.46 -51.37
CA GLU B 609 10.54 10.02 -51.86
C GLU B 609 11.40 11.21 -52.25
N PHE B 610 10.79 12.21 -52.87
CA PHE B 610 11.52 13.39 -53.31
C PHE B 610 12.05 14.14 -52.09
N LEU B 611 11.20 14.26 -51.07
CA LEU B 611 11.57 14.97 -49.84
C LEU B 611 12.69 14.25 -49.11
N ALA B 612 12.53 12.93 -48.97
CA ALA B 612 13.56 12.10 -48.35
C ALA B 612 14.89 12.24 -49.08
N LEU B 613 14.83 12.19 -50.41
CA LEU B 613 16.04 12.34 -51.22
C LEU B 613 16.70 13.69 -51.01
N GLY B 614 15.91 14.76 -50.98
CA GLY B 614 16.44 16.10 -50.77
C GLY B 614 17.17 16.17 -49.44
N ALA B 615 16.52 15.65 -48.40
CA ALA B 615 17.12 15.59 -47.07
C ALA B 615 18.43 14.82 -47.09
N GLY B 616 18.42 13.64 -47.72
CA GLY B 616 19.61 12.81 -47.81
C GLY B 616 20.78 13.53 -48.47
N PHE B 617 20.50 14.18 -49.60
CA PHE B 617 21.50 14.97 -50.29
C PHE B 617 22.05 16.09 -49.39
N GLU B 618 21.17 16.79 -48.69
CA GLU B 618 21.60 17.86 -47.78
C GLU B 618 22.52 17.33 -46.68
N ASP B 619 22.18 16.16 -46.15
CA ASP B 619 22.94 15.59 -45.05
C ASP B 619 24.31 15.07 -45.51
N ILE B 620 24.36 14.39 -46.66
CA ILE B 620 25.64 13.99 -47.26
C ILE B 620 26.49 15.23 -47.50
N GLY B 621 25.88 16.24 -48.10
CA GLY B 621 26.53 17.52 -48.36
C GLY B 621 27.17 18.17 -47.14
N ILE B 622 26.42 18.23 -46.05
CA ILE B 622 26.94 18.82 -44.82
C ILE B 622 27.99 17.95 -44.12
N LYS B 623 27.67 16.67 -43.95
CA LYS B 623 28.52 15.74 -43.21
C LYS B 623 29.85 15.42 -43.89
N THR B 624 29.84 15.29 -45.22
CA THR B 624 31.04 14.88 -45.94
C THR B 624 31.77 16.02 -46.65
N GLY B 625 31.13 17.18 -46.71
CA GLY B 625 31.71 18.33 -47.40
C GLY B 625 31.58 18.25 -48.92
N ASN B 626 30.59 17.50 -49.38
CA ASN B 626 30.37 17.27 -50.80
C ASN B 626 29.52 18.35 -51.49
N GLU B 627 30.17 19.24 -52.25
CA GLU B 627 29.47 20.37 -52.88
C GLU B 627 28.42 19.90 -53.93
N ARG B 628 28.75 18.84 -54.64
CA ARG B 628 27.88 18.27 -55.66
C ARG B 628 26.57 17.84 -55.00
N ALA B 629 26.68 17.10 -53.90
CA ALA B 629 25.52 16.62 -53.15
C ALA B 629 24.62 17.76 -52.66
N LYS B 630 25.21 18.76 -51.99
CA LYS B 630 24.45 19.92 -51.52
C LYS B 630 23.70 20.59 -52.66
N LEU B 631 24.34 20.67 -53.83
CA LEU B 631 23.67 21.33 -54.95
C LEU B 631 22.53 20.46 -55.49
N LEU B 632 22.71 19.15 -55.46
CA LEU B 632 21.62 18.22 -55.77
C LEU B 632 20.43 18.41 -54.83
N GLY B 633 20.75 18.64 -53.56
CA GLY B 633 19.75 18.89 -52.54
C GLY B 633 18.96 20.16 -52.80
N LYS B 634 19.67 21.28 -52.90
CA LYS B 634 19.03 22.57 -53.19
C LYS B 634 18.17 22.49 -54.44
N THR B 635 18.74 21.98 -55.51
CA THR B 635 18.02 21.89 -56.79
C THR B 635 16.78 21.01 -56.70
N LEU B 636 16.89 19.88 -56.00
CA LEU B 636 15.75 18.99 -55.84
C LEU B 636 14.64 19.64 -55.02
N ASP B 637 15.01 20.30 -53.92
CA ASP B 637 14.01 20.99 -53.08
C ASP B 637 13.32 22.12 -53.85
N ALA B 638 14.09 22.85 -54.65
CA ALA B 638 13.52 23.89 -55.51
C ALA B 638 12.56 23.28 -56.55
N ALA B 639 12.96 22.16 -57.13
CA ALA B 639 12.11 21.45 -58.08
C ALA B 639 10.80 20.94 -57.44
N ILE B 640 10.88 20.52 -56.18
CA ILE B 640 9.70 20.12 -55.42
C ILE B 640 8.80 21.35 -55.25
N GLY B 641 9.43 22.47 -54.93
CA GLY B 641 8.74 23.75 -54.84
C GLY B 641 7.94 24.04 -56.10
N LYS B 642 8.60 23.96 -57.26
CA LYS B 642 7.92 24.20 -58.53
C LYS B 642 6.85 23.14 -58.83
N LEU B 643 7.10 21.91 -58.42
CA LEU B 643 6.16 20.80 -58.62
C LEU B 643 4.85 21.11 -57.90
N LEU B 644 4.96 21.56 -56.65
CA LEU B 644 3.79 21.97 -55.88
C LEU B 644 3.13 23.20 -56.48
N ASP B 645 3.92 24.24 -56.73
CA ASP B 645 3.42 25.50 -57.27
C ASP B 645 2.60 25.29 -58.55
N ASN B 646 3.03 24.34 -59.37
CA ASN B 646 2.35 24.06 -60.64
C ASN B 646 1.32 22.94 -60.53
N ASP B 647 1.13 22.45 -59.30
CA ASP B 647 0.18 21.37 -58.99
C ASP B 647 0.40 20.14 -59.88
N LYS B 648 1.66 19.72 -59.98
CA LYS B 648 1.99 18.53 -60.76
C LYS B 648 1.94 17.26 -59.89
N SER B 649 0.81 17.09 -59.20
CA SER B 649 0.59 15.92 -58.36
C SER B 649 -0.39 14.96 -59.03
N PRO B 650 -0.25 13.66 -58.74
CA PRO B 650 -1.13 12.66 -59.38
C PRO B 650 -2.58 12.86 -58.99
N SER B 651 -3.50 12.64 -59.93
CA SER B 651 -4.92 12.67 -59.63
C SER B 651 -5.39 11.29 -59.22
N ARG B 652 -6.65 11.18 -58.80
CA ARG B 652 -7.21 9.89 -58.41
C ARG B 652 -7.87 9.20 -59.60
N LYS B 653 -8.13 9.97 -60.65
CA LYS B 653 -8.88 9.46 -61.80
C LYS B 653 -8.00 8.88 -62.90
N THR B 654 -8.42 7.75 -63.46
CA THR B 654 -7.79 7.20 -64.64
C THR B 654 -8.08 8.13 -65.82
N GLY B 655 -7.07 8.38 -66.64
CA GLY B 655 -7.22 9.30 -67.75
C GLY B 655 -6.41 10.55 -67.51
N GLU B 656 -6.21 10.88 -66.24
CA GLU B 656 -5.49 12.08 -65.87
C GLU B 656 -4.09 11.76 -65.33
N LEU B 657 -3.32 12.78 -65.00
CA LEU B 657 -1.92 12.64 -64.60
C LEU B 657 -1.73 11.69 -63.41
N ASP B 658 -0.70 10.84 -63.48
CA ASP B 658 -0.37 9.97 -62.35
C ASP B 658 1.08 10.08 -61.82
N ASN B 659 1.52 9.01 -61.19
CA ASN B 659 2.83 8.94 -60.55
C ASN B 659 3.99 9.19 -61.51
N ARG B 660 3.93 8.54 -62.67
CA ARG B 660 5.00 8.66 -63.66
C ARG B 660 5.04 10.07 -64.23
N GLY B 661 3.87 10.68 -64.43
CA GLY B 661 3.81 12.07 -64.90
C GLY B 661 4.44 13.03 -63.92
N SER B 662 4.10 12.87 -62.65
CA SER B 662 4.65 13.70 -61.58
C SER B 662 6.16 13.55 -61.50
N GLN B 663 6.61 12.30 -61.57
CA GLN B 663 8.03 12.02 -61.56
C GLN B 663 8.71 12.71 -62.74
N PHE B 664 8.05 12.67 -63.91
CA PHE B 664 8.59 13.31 -65.09
C PHE B 664 8.80 14.79 -64.85
N TYR B 665 7.72 15.47 -64.46
CA TYR B 665 7.76 16.91 -64.21
C TYR B 665 8.86 17.24 -63.21
N LEU B 666 8.98 16.41 -62.18
CA LEU B 666 10.01 16.62 -61.18
C LEU B 666 11.40 16.55 -61.81
N ALA B 667 11.62 15.52 -62.62
CA ALA B 667 12.88 15.37 -63.33
C ALA B 667 13.17 16.60 -64.20
N MET B 668 12.13 17.13 -64.83
CA MET B 668 12.28 18.33 -65.65
C MET B 668 12.72 19.54 -64.82
N TYR B 669 11.90 19.92 -63.84
CA TYR B 669 12.20 21.07 -62.99
C TYR B 669 13.58 20.94 -62.33
N TRP B 670 13.96 19.69 -62.06
CA TRP B 670 15.22 19.39 -61.39
C TRP B 670 16.38 19.62 -62.35
N ALA B 671 16.25 19.10 -63.56
CA ALA B 671 17.25 19.31 -64.60
C ALA B 671 17.42 20.80 -64.87
N GLN B 672 16.30 21.49 -65.05
CA GLN B 672 16.30 22.94 -65.26
C GLN B 672 17.07 23.65 -64.15
N GLU B 673 16.69 23.36 -62.90
CA GLU B 673 17.32 23.99 -61.74
C GLU B 673 18.83 23.75 -61.74
N LEU B 674 19.23 22.54 -62.14
CA LEU B 674 20.64 22.16 -62.18
C LEU B 674 21.44 22.85 -63.29
N ALA B 675 20.81 23.06 -64.44
CA ALA B 675 21.44 23.77 -65.55
C ALA B 675 21.48 25.28 -65.26
N ALA B 676 20.59 25.73 -64.39
CA ALA B 676 20.45 27.15 -64.10
C ALA B 676 21.21 27.61 -62.86
N GLN B 677 22.22 26.86 -62.45
CA GLN B 677 22.99 27.22 -61.26
C GLN B 677 24.43 27.65 -61.58
N THR B 678 24.99 28.49 -60.71
CA THR B 678 26.29 29.11 -60.95
C THR B 678 27.35 28.64 -59.96
N ASP B 679 26.98 27.68 -59.11
CA ASP B 679 27.89 27.18 -58.08
C ASP B 679 28.81 26.08 -58.61
N ASP B 680 28.35 25.38 -59.65
CA ASP B 680 29.13 24.33 -60.30
C ASP B 680 28.83 24.35 -61.79
N GLN B 681 29.85 24.64 -62.59
CA GLN B 681 29.67 24.90 -64.02
C GLN B 681 29.74 23.64 -64.88
N GLN B 682 30.63 22.72 -64.53
CA GLN B 682 30.71 21.43 -65.20
C GLN B 682 29.39 20.69 -65.02
N LEU B 683 28.78 20.88 -63.86
CA LEU B 683 27.52 20.24 -63.51
C LEU B 683 26.36 20.84 -64.30
N ALA B 684 26.30 22.16 -64.30
CA ALA B 684 25.28 22.88 -65.05
C ALA B 684 25.34 22.51 -66.54
N GLU B 685 26.56 22.43 -67.07
CA GLU B 685 26.76 21.98 -68.44
C GLU B 685 26.26 20.53 -68.60
N HIS B 686 26.59 19.69 -67.63
CA HIS B 686 26.20 18.27 -67.66
C HIS B 686 24.68 18.11 -67.75
N PHE B 687 23.95 19.00 -67.08
CA PHE B 687 22.49 18.90 -67.08
C PHE B 687 21.78 19.81 -68.08
N ALA B 688 22.54 20.66 -68.76
CA ALA B 688 21.99 21.58 -69.74
C ALA B 688 21.26 20.84 -70.87
N SER B 689 21.93 19.84 -71.43
CA SER B 689 21.36 19.00 -72.49
C SER B 689 20.04 18.36 -72.08
N LEU B 690 20.06 17.67 -70.94
CA LEU B 690 18.89 16.98 -70.42
C LEU B 690 17.74 17.95 -70.14
N ALA B 691 18.05 19.08 -69.54
CA ALA B 691 17.06 20.13 -69.33
C ALA B 691 16.42 20.51 -70.65
N ASP B 692 17.27 20.79 -71.64
CA ASP B 692 16.81 21.16 -72.98
C ASP B 692 15.81 20.15 -73.55
N VAL B 693 16.27 18.91 -73.72
CA VAL B 693 15.43 17.88 -74.33
C VAL B 693 14.14 17.63 -73.53
N LEU B 694 14.25 17.67 -72.21
CA LEU B 694 13.09 17.46 -71.34
C LEU B 694 12.05 18.55 -71.49
N THR B 695 12.47 19.80 -71.26
CA THR B 695 11.60 20.97 -71.38
C THR B 695 10.95 21.02 -72.75
N LYS B 696 11.76 20.73 -73.78
CA LYS B 696 11.30 20.73 -75.17
C LYS B 696 10.21 19.69 -75.40
N ASN B 697 10.40 18.49 -74.86
CA ASN B 697 9.46 17.39 -75.06
C ASN B 697 8.45 17.24 -73.93
N GLU B 698 8.31 18.28 -73.10
CA GLU B 698 7.40 18.24 -71.96
C GLU B 698 5.93 18.25 -72.36
N ASP B 699 5.55 17.37 -73.28
CA ASP B 699 4.21 17.38 -73.85
C ASP B 699 3.88 16.06 -74.55
N VAL B 700 4.71 15.69 -75.52
CA VAL B 700 4.55 14.41 -76.20
C VAL B 700 4.73 13.27 -75.19
N ILE B 701 5.74 13.43 -74.33
CA ILE B 701 6.03 12.50 -73.23
C ILE B 701 4.78 12.26 -72.38
N VAL B 702 4.08 13.34 -72.05
CA VAL B 702 2.83 13.25 -71.30
C VAL B 702 1.79 12.42 -72.04
N ARG B 703 1.60 12.71 -73.33
CA ARG B 703 0.67 11.94 -74.14
C ARG B 703 1.02 10.45 -74.14
N GLU B 704 2.32 10.15 -74.13
CA GLU B 704 2.79 8.78 -74.01
C GLU B 704 2.32 8.20 -72.67
N LEU B 705 2.63 8.93 -71.59
CA LEU B 705 2.22 8.53 -70.24
C LEU B 705 0.73 8.71 -69.98
N THR B 706 -0.06 8.92 -71.05
CA THR B 706 -1.50 9.15 -70.91
C THR B 706 -2.31 8.15 -71.72
N GLU B 707 -1.87 7.91 -72.95
CA GLU B 707 -2.61 7.06 -73.89
C GLU B 707 -2.61 5.60 -73.45
N VAL B 708 -1.57 5.23 -72.70
CA VAL B 708 -1.39 3.86 -72.23
C VAL B 708 -2.21 3.60 -70.95
N GLN B 709 -2.95 4.61 -70.49
CA GLN B 709 -3.86 4.44 -69.37
C GLN B 709 -5.22 3.95 -69.84
N GLY B 710 -6.10 3.61 -68.89
CA GLY B 710 -7.45 3.22 -69.22
C GLY B 710 -7.68 1.74 -69.49
N GLU B 711 -6.59 0.97 -69.53
CA GLU B 711 -6.69 -0.46 -69.83
C GLU B 711 -5.85 -1.33 -68.86
N PRO B 712 -6.25 -2.60 -68.65
CA PRO B 712 -5.51 -3.50 -67.76
C PRO B 712 -4.07 -3.75 -68.20
N VAL B 713 -3.16 -3.91 -67.23
CA VAL B 713 -1.81 -4.35 -67.53
C VAL B 713 -1.45 -5.57 -66.68
N ASP B 714 -0.34 -6.22 -67.02
CA ASP B 714 0.07 -7.44 -66.34
C ASP B 714 1.52 -7.34 -65.91
N ILE B 715 1.73 -7.15 -64.61
CA ILE B 715 3.07 -7.07 -64.03
C ILE B 715 3.57 -8.48 -63.69
N GLY B 716 2.68 -9.46 -63.85
CA GLY B 716 3.02 -10.84 -63.61
C GLY B 716 3.54 -11.10 -62.21
N GLY B 717 2.66 -11.00 -61.22
CA GLY B 717 3.06 -11.18 -59.83
C GLY B 717 2.71 -10.01 -58.94
N TYR B 718 2.21 -10.32 -57.75
CA TYR B 718 1.86 -9.29 -56.76
C TYR B 718 3.02 -9.05 -55.80
N TYR B 719 3.29 -10.04 -54.95
CA TYR B 719 4.39 -9.95 -53.98
C TYR B 719 5.75 -10.09 -54.63
N ALA B 720 5.77 -10.67 -55.82
CA ALA B 720 7.00 -10.81 -56.59
C ALA B 720 6.74 -10.58 -58.08
N PRO B 721 6.60 -9.30 -58.47
CA PRO B 721 6.35 -8.97 -59.88
C PRO B 721 7.60 -9.19 -60.70
N ASP B 722 7.46 -9.45 -62.00
CA ASP B 722 8.63 -9.59 -62.86
C ASP B 722 9.29 -8.24 -63.12
N SER B 723 10.62 -8.19 -63.01
CA SER B 723 11.37 -6.96 -63.18
C SER B 723 11.15 -6.35 -64.57
N ASP B 724 11.15 -7.18 -65.60
CA ASP B 724 11.02 -6.71 -66.98
C ASP B 724 9.62 -6.20 -67.34
N MET B 725 8.59 -6.97 -66.98
CA MET B 725 7.22 -6.56 -67.24
C MET B 725 6.83 -5.31 -66.46
N THR B 726 7.26 -5.23 -65.20
CA THR B 726 6.99 -4.05 -64.38
C THR B 726 7.77 -2.83 -64.90
N THR B 727 9.02 -3.02 -65.31
CA THR B 727 9.80 -1.94 -65.91
C THR B 727 9.13 -1.46 -67.20
N ALA B 728 8.52 -2.41 -67.92
CA ALA B 728 7.74 -2.09 -69.11
C ALA B 728 6.58 -1.16 -68.74
N VAL B 729 5.76 -1.60 -67.78
CA VAL B 729 4.58 -0.83 -67.37
C VAL B 729 4.92 0.55 -66.78
N MET B 730 5.97 0.61 -65.96
CA MET B 730 6.35 1.82 -65.24
C MET B 730 7.09 2.86 -66.08
N ARG B 731 7.72 2.42 -67.17
CA ARG B 731 8.40 3.36 -68.06
C ARG B 731 7.97 3.18 -69.50
N PRO B 732 6.75 3.64 -69.83
CA PRO B 732 6.19 3.50 -71.18
C PRO B 732 6.47 4.72 -72.05
N SER B 733 7.38 5.59 -71.61
CA SER B 733 7.77 6.76 -72.40
C SER B 733 9.15 6.61 -73.03
N LYS B 734 9.18 6.27 -74.32
CA LYS B 734 10.42 6.03 -75.05
C LYS B 734 11.34 7.26 -75.06
N THR B 735 10.75 8.44 -75.20
CA THR B 735 11.48 9.70 -75.27
C THR B 735 12.11 10.03 -73.92
N PHE B 736 11.34 9.80 -72.86
CA PHE B 736 11.79 9.99 -71.49
C PHE B 736 12.97 9.06 -71.19
N ASN B 737 12.78 7.76 -71.44
CA ASN B 737 13.82 6.76 -71.19
C ASN B 737 15.10 7.06 -71.99
N ALA B 738 14.92 7.40 -73.26
CA ALA B 738 16.04 7.75 -74.13
C ALA B 738 16.79 8.98 -73.60
N ALA B 739 16.05 10.03 -73.27
CA ALA B 739 16.63 11.25 -72.73
C ALA B 739 17.44 10.97 -71.46
N LEU B 740 16.89 10.12 -70.59
CA LEU B 740 17.56 9.74 -69.37
C LEU B 740 18.81 8.91 -69.66
N GLU B 741 18.71 8.07 -70.69
CA GLU B 741 19.85 7.26 -71.13
C GLU B 741 20.98 8.16 -71.63
N ALA B 742 20.63 9.37 -72.07
CA ALA B 742 21.61 10.38 -72.44
C ALA B 742 22.09 11.14 -71.19
N VAL B 743 23.11 10.58 -70.53
CA VAL B 743 23.71 11.17 -69.33
C VAL B 743 25.00 10.44 -68.99
N GLN C 5 -32.99 38.83 22.95
CA GLN C 5 -33.37 37.51 22.46
C GLN C 5 -33.16 37.37 20.95
N PRO C 6 -32.36 36.38 20.53
CA PRO C 6 -32.09 36.13 19.11
C PRO C 6 -33.36 35.76 18.36
N THR C 7 -33.39 36.07 17.06
CA THR C 7 -34.59 35.88 16.25
C THR C 7 -34.27 35.19 14.94
N ILE C 8 -35.04 34.15 14.61
CA ILE C 8 -34.95 33.50 13.31
C ILE C 8 -36.11 33.92 12.40
N ILE C 9 -35.77 34.51 11.26
CA ILE C 9 -36.77 34.85 10.26
C ILE C 9 -37.00 33.64 9.36
N TYR C 10 -38.25 33.26 9.19
CA TYR C 10 -38.60 32.12 8.36
C TYR C 10 -39.51 32.61 7.24
N THR C 11 -39.06 32.44 6.00
CA THR C 11 -39.77 32.98 4.86
C THR C 11 -40.94 32.11 4.42
N LEU C 12 -42.09 32.75 4.24
CA LEU C 12 -43.25 32.10 3.67
C LEU C 12 -43.26 32.37 2.17
N THR C 13 -42.90 31.36 1.40
CA THR C 13 -42.76 31.52 -0.05
C THR C 13 -43.97 30.99 -0.79
N ASP C 14 -43.75 30.17 -1.80
CA ASP C 14 -44.83 29.72 -2.69
C ASP C 14 -44.82 28.22 -2.90
N GLU C 15 -45.97 27.68 -3.29
CA GLU C 15 -46.07 26.29 -3.74
C GLU C 15 -45.60 25.25 -2.72
N ALA C 16 -44.72 24.34 -3.16
CA ALA C 16 -44.32 23.19 -2.34
C ALA C 16 -43.63 23.51 -1.00
N PRO C 17 -42.57 24.35 -1.02
CA PRO C 17 -41.96 24.68 0.28
C PRO C 17 -42.91 25.42 1.20
N LEU C 18 -43.83 26.19 0.64
CA LEU C 18 -44.86 26.84 1.46
C LEU C 18 -45.72 25.76 2.13
N LEU C 19 -46.20 24.82 1.32
CA LEU C 19 -47.02 23.72 1.83
C LEU C 19 -46.31 22.94 2.93
N ALA C 20 -45.01 22.73 2.79
CA ALA C 20 -44.24 22.07 3.84
C ALA C 20 -44.13 22.97 5.07
N THR C 21 -43.98 24.26 4.84
CA THR C 21 -43.82 25.23 5.94
C THR C 21 -45.08 25.31 6.81
N TYR C 22 -46.24 25.13 6.19
CA TYR C 22 -47.49 25.09 6.95
C TYR C 22 -47.49 23.93 7.94
N ALA C 23 -46.71 22.89 7.64
CA ALA C 23 -46.68 21.69 8.47
C ALA C 23 -45.45 21.63 9.36
N PHE C 24 -44.46 22.48 9.09
CA PHE C 24 -43.18 22.39 9.79
C PHE C 24 -42.94 23.57 10.73
N LEU C 25 -43.49 24.73 10.37
CA LEU C 25 -43.35 25.92 11.23
C LEU C 25 -43.89 25.74 12.67
N PRO C 26 -45.04 25.05 12.84
CA PRO C 26 -45.47 24.80 14.22
C PRO C 26 -44.41 23.99 14.99
N ILE C 27 -43.85 22.99 14.34
CA ILE C 27 -42.77 22.18 14.92
C ILE C 27 -41.58 23.05 15.37
N VAL C 28 -41.12 23.94 14.49
CA VAL C 28 -40.02 24.85 14.83
C VAL C 28 -40.35 25.71 16.05
N ARG C 29 -41.58 26.23 16.10
CA ARG C 29 -42.02 27.05 17.22
C ARG C 29 -42.02 26.29 18.55
N ALA C 30 -42.36 25.00 18.48
CA ALA C 30 -42.35 24.16 19.67
C ALA C 30 -40.92 24.06 20.23
N PHE C 31 -39.98 23.72 19.37
CA PHE C 31 -38.61 23.47 19.81
C PHE C 31 -37.81 24.74 20.10
N ALA C 32 -38.04 25.80 19.33
CA ALA C 32 -37.23 27.01 19.44
C ALA C 32 -37.55 27.88 20.66
N GLU C 33 -38.84 28.06 20.94
CA GLU C 33 -39.26 28.99 22.00
C GLU C 33 -38.66 28.73 23.40
N PRO C 34 -38.63 27.46 23.85
CA PRO C 34 -37.96 27.17 25.13
C PRO C 34 -36.45 27.43 25.16
N ALA C 35 -35.84 27.73 24.01
CA ALA C 35 -34.44 28.11 23.98
C ALA C 35 -34.30 29.64 24.00
N GLY C 36 -35.43 30.32 23.97
CA GLY C 36 -35.42 31.77 23.95
C GLY C 36 -35.06 32.27 22.56
N ILE C 37 -35.56 31.56 21.55
CA ILE C 37 -35.38 31.99 20.18
C ILE C 37 -36.73 32.30 19.56
N LYS C 38 -36.92 33.56 19.18
CA LYS C 38 -38.16 33.98 18.54
C LYS C 38 -38.19 33.51 17.09
N ILE C 39 -39.37 33.10 16.62
CA ILE C 39 -39.53 32.68 15.25
C ILE C 39 -40.50 33.63 14.54
N GLU C 40 -39.98 34.52 13.71
CA GLU C 40 -40.83 35.43 12.96
C GLU C 40 -41.02 35.00 11.51
N ALA C 41 -42.28 34.81 11.11
CA ALA C 41 -42.58 34.49 9.72
C ALA C 41 -42.60 35.75 8.88
N SER C 42 -42.17 35.64 7.62
CA SER C 42 -42.20 36.77 6.69
C SER C 42 -42.70 36.33 5.32
N ASP C 43 -43.89 36.80 4.93
CA ASP C 43 -44.49 36.39 3.66
C ASP C 43 -43.93 37.20 2.50
N ILE C 44 -43.09 36.56 1.69
CA ILE C 44 -42.54 37.17 0.48
C ILE C 44 -43.01 36.41 -0.76
N SER C 45 -44.13 35.71 -0.61
CA SER C 45 -44.78 35.05 -1.75
C SER C 45 -45.13 36.06 -2.83
N VAL C 46 -45.45 35.55 -4.02
CA VAL C 46 -45.82 36.41 -5.14
C VAL C 46 -47.06 37.24 -4.80
N ALA C 47 -48.07 36.59 -4.24
CA ALA C 47 -49.27 37.28 -3.78
C ALA C 47 -48.93 38.38 -2.79
N ALA C 48 -48.08 38.03 -1.82
CA ALA C 48 -47.68 38.98 -0.78
C ALA C 48 -46.95 40.20 -1.34
N ARG C 49 -46.08 39.99 -2.32
CA ARG C 49 -45.31 41.10 -2.89
C ARG C 49 -46.19 41.95 -3.81
N ILE C 50 -47.14 41.29 -4.47
CA ILE C 50 -48.19 41.97 -5.24
C ILE C 50 -48.98 42.92 -4.34
N LEU C 51 -49.54 42.38 -3.26
CA LEU C 51 -50.32 43.16 -2.31
C LEU C 51 -49.48 44.27 -1.68
N ALA C 52 -48.22 43.96 -1.43
CA ALA C 52 -47.31 44.94 -0.84
C ALA C 52 -47.05 46.08 -1.82
N GLU C 53 -47.12 45.78 -3.11
CA GLU C 53 -46.90 46.81 -4.13
C GLU C 53 -48.13 47.70 -4.36
N PHE C 54 -49.31 47.12 -4.16
CA PHE C 54 -50.54 47.86 -4.41
C PHE C 54 -51.40 48.06 -3.13
N PRO C 55 -50.93 48.88 -2.18
CA PRO C 55 -51.69 49.12 -0.95
C PRO C 55 -52.89 50.03 -1.25
N ASP C 56 -52.71 50.90 -2.24
CA ASP C 56 -53.72 51.87 -2.65
C ASP C 56 -54.92 51.24 -3.38
N TYR C 57 -55.01 49.91 -3.37
CA TYR C 57 -56.16 49.21 -3.96
C TYR C 57 -56.78 48.27 -2.94
N LEU C 58 -56.28 48.35 -1.71
CA LEU C 58 -56.68 47.39 -0.67
C LEU C 58 -57.33 48.08 0.52
N THR C 59 -58.31 47.41 1.11
CA THR C 59 -58.90 47.84 2.37
C THR C 59 -57.85 47.58 3.44
N GLU C 60 -57.92 48.31 4.55
CA GLU C 60 -56.87 48.25 5.57
C GLU C 60 -56.66 46.84 6.15
N GLU C 61 -57.71 46.02 6.16
CA GLU C 61 -57.58 44.61 6.53
C GLU C 61 -56.60 43.95 5.58
N GLN C 62 -56.93 44.01 4.29
CA GLN C 62 -56.21 43.31 3.24
C GLN C 62 -54.72 43.68 3.12
N ARG C 63 -54.40 44.91 3.54
CA ARG C 63 -53.04 45.43 3.42
C ARG C 63 -51.97 44.53 4.03
N VAL C 64 -50.74 44.71 3.55
CA VAL C 64 -49.62 43.86 3.91
C VAL C 64 -48.35 44.71 3.87
N PRO C 65 -47.48 44.56 4.88
CA PRO C 65 -46.21 45.29 4.92
C PRO C 65 -45.26 44.86 3.79
N ASP C 66 -44.38 45.76 3.38
CA ASP C 66 -43.38 45.42 2.39
C ASP C 66 -42.31 44.56 3.06
N ASN C 67 -42.55 43.24 3.09
CA ASN C 67 -41.67 42.35 3.82
C ASN C 67 -40.30 42.18 3.18
N LEU C 68 -40.25 42.17 1.85
CA LEU C 68 -38.98 42.04 1.13
C LEU C 68 -38.07 43.21 1.47
N ALA C 69 -38.63 44.41 1.51
CA ALA C 69 -37.87 45.59 1.89
C ALA C 69 -37.30 45.44 3.30
N GLU C 70 -38.12 44.92 4.22
CA GLU C 70 -37.71 44.74 5.60
C GLU C 70 -36.56 43.75 5.72
N LEU C 71 -36.68 42.62 5.03
CA LEU C 71 -35.61 41.63 5.02
C LEU C 71 -34.35 42.26 4.44
N GLY C 72 -34.54 43.08 3.41
CA GLY C 72 -33.44 43.82 2.79
C GLY C 72 -32.74 44.72 3.78
N ARG C 73 -33.51 45.31 4.69
CA ARG C 73 -32.91 46.10 5.75
CA ARG C 73 -32.94 46.10 5.78
C ARG C 73 -32.14 45.21 6.71
N LEU C 74 -32.79 44.16 7.21
CA LEU C 74 -32.20 43.19 8.13
C LEU C 74 -30.88 42.61 7.63
N THR C 75 -30.70 42.51 6.31
CA THR C 75 -29.45 41.98 5.75
C THR C 75 -28.23 42.79 6.21
N GLN C 76 -28.47 44.00 6.70
CA GLN C 76 -27.40 44.91 7.06
C GLN C 76 -27.09 44.90 8.56
N LEU C 77 -27.82 44.08 9.31
CA LEU C 77 -27.65 44.00 10.76
C LEU C 77 -27.07 42.65 11.20
N PRO C 78 -26.04 42.68 12.07
CA PRO C 78 -25.29 41.50 12.54
C PRO C 78 -26.12 40.42 13.27
N ASP C 79 -27.32 40.77 13.74
CA ASP C 79 -28.16 39.83 14.50
C ASP C 79 -29.23 39.17 13.64
N THR C 80 -29.09 39.29 12.33
CA THR C 80 -30.06 38.75 11.40
C THR C 80 -29.80 37.26 11.13
N ASN C 81 -30.86 36.47 11.23
CA ASN C 81 -30.79 35.05 10.94
C ASN C 81 -32.00 34.67 10.12
N ILE C 82 -31.80 34.49 8.81
CA ILE C 82 -32.92 34.20 7.92
C ILE C 82 -32.87 32.75 7.40
N ILE C 83 -33.98 32.05 7.53
CA ILE C 83 -34.15 30.79 6.83
C ILE C 83 -34.88 31.11 5.53
N LYS C 84 -34.14 31.19 4.44
CA LYS C 84 -34.72 31.51 3.14
C LYS C 84 -35.14 30.24 2.41
N LEU C 85 -36.44 30.11 2.16
CA LEU C 85 -36.95 29.01 1.34
C LEU C 85 -37.10 29.48 -0.11
N PRO C 86 -36.99 28.55 -1.07
CA PRO C 86 -37.09 28.95 -2.48
C PRO C 86 -38.43 29.63 -2.78
N ASN C 87 -38.40 30.70 -3.57
CA ASN C 87 -39.61 31.41 -3.94
C ASN C 87 -39.74 31.48 -5.46
N ILE C 88 -40.95 31.74 -5.95
CA ILE C 88 -41.18 31.88 -7.38
C ILE C 88 -40.62 33.18 -7.97
N SER C 89 -39.72 33.05 -8.93
CA SER C 89 -39.34 34.20 -9.77
C SER C 89 -40.38 34.29 -10.87
N ALA C 90 -41.42 35.06 -10.61
CA ALA C 90 -42.62 35.10 -11.45
C ALA C 90 -42.39 35.49 -12.90
N SER C 91 -42.91 34.68 -13.82
CA SER C 91 -43.07 35.10 -15.20
C SER C 91 -44.43 35.81 -15.32
N VAL C 92 -44.66 36.45 -16.47
CA VAL C 92 -45.92 37.15 -16.71
C VAL C 92 -47.17 36.25 -16.61
N PRO C 93 -47.15 35.04 -17.20
CA PRO C 93 -48.33 34.19 -17.01
C PRO C 93 -48.63 33.90 -15.54
N GLN C 94 -47.59 33.56 -14.78
CA GLN C 94 -47.72 33.28 -13.35
C GLN C 94 -48.25 34.49 -12.59
N LEU C 95 -47.69 35.65 -12.89
CA LEU C 95 -48.12 36.91 -12.30
C LEU C 95 -49.61 37.15 -12.55
N VAL C 96 -50.01 37.04 -13.81
CA VAL C 96 -51.40 37.22 -14.21
C VAL C 96 -52.34 36.26 -13.48
N ALA C 97 -51.94 35.00 -13.39
CA ALA C 97 -52.73 33.99 -12.68
C ALA C 97 -52.87 34.33 -11.19
N ALA C 98 -51.80 34.89 -10.63
CA ALA C 98 -51.78 35.32 -9.24
C ALA C 98 -52.69 36.53 -8.99
N ILE C 99 -52.67 37.47 -9.93
CA ILE C 99 -53.50 38.66 -9.86
C ILE C 99 -54.98 38.26 -9.96
N LYS C 100 -55.28 37.36 -10.89
CA LYS C 100 -56.64 36.88 -11.06
C LYS C 100 -57.11 36.16 -9.79
N GLU C 101 -56.27 35.26 -9.29
CA GLU C 101 -56.58 34.54 -8.06
C GLU C 101 -56.85 35.51 -6.89
N LEU C 102 -56.06 36.58 -6.84
CA LEU C 102 -56.24 37.61 -5.81
C LEU C 102 -57.55 38.37 -5.96
N GLN C 103 -57.89 38.74 -7.20
CA GLN C 103 -59.13 39.45 -7.48
C GLN C 103 -60.35 38.60 -7.13
N ASP C 104 -60.25 37.30 -7.38
CA ASP C 104 -61.31 36.36 -7.06
C ASP C 104 -61.44 36.11 -5.54
N LYS C 105 -60.73 36.92 -4.74
CA LYS C 105 -60.79 36.80 -3.30
C LYS C 105 -61.03 38.15 -2.65
N GLY C 106 -61.42 39.14 -3.45
CA GLY C 106 -61.77 40.45 -2.91
C GLY C 106 -60.58 41.40 -2.87
N TYR C 107 -59.39 40.88 -3.16
CA TYR C 107 -58.22 41.74 -3.28
C TYR C 107 -58.27 42.46 -4.63
N ALA C 108 -58.92 43.61 -4.65
CA ALA C 108 -59.18 44.34 -5.89
C ALA C 108 -57.92 44.97 -6.49
N VAL C 109 -56.93 44.12 -6.79
CA VAL C 109 -55.70 44.56 -7.46
C VAL C 109 -55.98 44.84 -8.94
N PRO C 110 -55.26 45.82 -9.53
CA PRO C 110 -55.50 46.15 -10.93
C PRO C 110 -55.10 45.02 -11.86
N ASP C 111 -55.62 45.01 -13.08
CA ASP C 111 -55.20 44.03 -14.06
C ASP C 111 -53.81 44.38 -14.55
N TYR C 112 -53.03 43.36 -14.92
CA TYR C 112 -51.76 43.62 -15.58
C TYR C 112 -52.04 43.93 -17.04
N PRO C 113 -51.76 45.18 -17.45
CA PRO C 113 -52.08 45.58 -18.83
C PRO C 113 -51.03 45.08 -19.81
N ALA C 114 -51.46 44.36 -20.83
CA ALA C 114 -50.55 43.87 -21.86
C ALA C 114 -50.00 45.06 -22.67
N ASP C 115 -50.83 45.60 -23.54
CA ASP C 115 -50.53 46.86 -24.22
C ASP C 115 -51.40 47.95 -23.60
N PRO C 116 -50.82 48.73 -22.68
CA PRO C 116 -51.54 49.76 -21.92
C PRO C 116 -52.27 50.76 -22.81
N LYS C 117 -53.55 51.01 -22.50
CA LYS C 117 -54.38 51.93 -23.28
C LYS C 117 -54.27 53.35 -22.75
N THR C 118 -54.16 53.48 -21.44
CA THR C 118 -53.98 54.79 -20.80
C THR C 118 -52.58 54.88 -20.19
N ASP C 119 -52.24 56.04 -19.63
CA ASP C 119 -50.94 56.22 -19.01
C ASP C 119 -50.95 55.72 -17.56
N GLN C 120 -52.13 55.76 -16.96
CA GLN C 120 -52.33 55.17 -15.64
C GLN C 120 -52.00 53.69 -15.71
N GLU C 121 -52.47 53.05 -16.77
CA GLU C 121 -52.18 51.64 -17.02
C GLU C 121 -50.68 51.38 -17.18
N LYS C 122 -49.98 52.29 -17.86
CA LYS C 122 -48.52 52.21 -17.97
C LYS C 122 -47.89 52.25 -16.58
N ALA C 123 -48.34 53.19 -15.75
CA ALA C 123 -47.89 53.27 -14.36
C ALA C 123 -48.08 51.93 -13.62
N ILE C 124 -49.31 51.42 -13.67
CA ILE C 124 -49.65 50.12 -13.10
C ILE C 124 -48.66 49.03 -13.56
N LYS C 125 -48.36 49.02 -14.85
CA LYS C 125 -47.46 48.02 -15.44
C LYS C 125 -46.02 48.13 -14.92
N GLU C 126 -45.48 49.36 -14.91
CA GLU C 126 -44.13 49.59 -14.39
C GLU C 126 -44.07 49.17 -12.94
N ARG C 127 -45.17 49.39 -12.20
CA ARG C 127 -45.23 48.98 -10.81
C ARG C 127 -45.21 47.45 -10.65
N TYR C 128 -46.04 46.78 -11.44
CA TYR C 128 -46.05 45.33 -11.49
C TYR C 128 -44.68 44.76 -11.84
N ALA C 129 -43.91 45.50 -12.63
CA ALA C 129 -42.57 45.06 -13.01
C ALA C 129 -41.67 44.75 -11.80
N ARG C 130 -41.97 45.36 -10.65
CA ARG C 130 -41.21 45.12 -9.43
C ARG C 130 -41.60 43.81 -8.76
N CYS C 131 -42.73 43.24 -9.16
CA CYS C 131 -43.16 41.93 -8.66
C CYS C 131 -42.67 40.82 -9.59
N LEU C 132 -42.21 41.22 -10.77
CA LEU C 132 -41.86 40.28 -11.82
C LEU C 132 -40.40 39.80 -11.72
N GLY C 133 -40.17 38.54 -12.10
CA GLY C 133 -38.83 37.99 -12.18
C GLY C 133 -38.15 37.79 -10.83
N SER C 134 -36.82 37.79 -10.83
CA SER C 134 -36.06 37.55 -9.61
C SER C 134 -35.88 38.82 -8.79
N ALA C 135 -36.74 39.01 -7.79
CA ALA C 135 -36.72 40.22 -6.98
C ALA C 135 -36.27 39.97 -5.54
N VAL C 136 -36.52 38.75 -5.05
CA VAL C 136 -36.21 38.39 -3.67
C VAL C 136 -34.72 38.12 -3.48
N ASN C 137 -34.17 37.21 -4.28
CA ASN C 137 -32.82 36.71 -4.07
C ASN C 137 -31.67 37.74 -4.14
N PRO C 138 -31.64 38.60 -5.17
CA PRO C 138 -30.56 39.59 -5.19
C PRO C 138 -30.64 40.56 -4.00
N VAL C 139 -31.83 40.80 -3.46
CA VAL C 139 -31.98 41.61 -2.25
C VAL C 139 -31.35 40.92 -1.04
N LEU C 140 -31.68 39.64 -0.84
CA LEU C 140 -31.20 38.88 0.32
C LEU C 140 -29.72 38.47 0.24
N ARG C 141 -29.25 38.17 -0.97
CA ARG C 141 -27.91 37.60 -1.11
C ARG C 141 -26.82 38.65 -0.92
N GLN C 142 -26.66 39.09 0.32
CA GLN C 142 -25.65 40.08 0.66
C GLN C 142 -24.43 39.40 1.25
N GLY C 143 -24.19 38.18 0.81
CA GLY C 143 -22.99 37.45 1.17
C GLY C 143 -22.66 36.46 0.07
N ASN C 144 -21.49 35.87 0.13
CA ASN C 144 -21.16 34.84 -0.84
C ASN C 144 -21.81 33.50 -0.48
N SER C 145 -21.75 32.55 -1.40
CA SER C 145 -22.47 31.28 -1.23
C SER C 145 -21.52 30.15 -0.85
N ASP C 146 -21.85 29.44 0.22
CA ASP C 146 -21.17 28.20 0.57
C ASP C 146 -22.18 27.07 0.46
N ARG C 147 -22.16 26.36 -0.67
CA ARG C 147 -23.08 25.26 -0.88
C ARG C 147 -22.34 23.91 -0.90
N ARG C 148 -22.85 22.95 -0.15
CA ARG C 148 -22.21 21.64 -0.10
C ARG C 148 -23.11 20.57 0.47
N ALA C 149 -22.79 19.31 0.20
CA ALA C 149 -23.54 18.18 0.76
C ALA C 149 -22.95 17.79 2.11
N PRO C 150 -23.80 17.78 3.15
CA PRO C 150 -23.34 17.32 4.47
C PRO C 150 -22.93 15.87 4.39
N LYS C 151 -22.00 15.45 5.25
CA LYS C 151 -21.46 14.09 5.22
C LYS C 151 -22.56 13.02 5.29
N ALA C 152 -23.47 13.17 6.25
CA ALA C 152 -24.53 12.18 6.45
C ALA C 152 -25.49 12.10 5.26
N VAL C 153 -25.71 13.24 4.59
CA VAL C 153 -26.55 13.26 3.39
C VAL C 153 -25.88 12.45 2.28
N LYS C 154 -24.59 12.71 2.08
CA LYS C 154 -23.81 11.97 1.10
C LYS C 154 -23.87 10.47 1.37
N GLU C 155 -23.64 10.09 2.62
CA GLU C 155 -23.63 8.68 3.00
C GLU C 155 -25.01 8.06 2.80
N TYR C 156 -26.05 8.86 3.05
CA TYR C 156 -27.41 8.41 2.79
C TYR C 156 -27.54 8.08 1.30
N ALA C 157 -27.12 9.02 0.47
CA ALA C 157 -27.24 8.88 -0.97
C ALA C 157 -26.49 7.65 -1.46
N ARG C 158 -25.36 7.38 -0.83
CA ARG C 158 -24.59 6.18 -1.13
C ARG C 158 -25.36 4.92 -0.77
N LYS C 159 -25.93 4.88 0.44
CA LYS C 159 -26.65 3.68 0.88
C LYS C 159 -28.00 3.49 0.16
N HIS C 160 -28.64 4.59 -0.21
CA HIS C 160 -29.94 4.53 -0.87
C HIS C 160 -29.95 5.30 -2.20
N PRO C 161 -29.35 4.70 -3.24
CA PRO C 161 -29.22 5.34 -4.57
C PRO C 161 -30.58 5.79 -5.12
N HIS C 162 -30.56 6.89 -5.87
CA HIS C 162 -31.75 7.38 -6.56
C HIS C 162 -31.66 6.93 -8.00
N SER C 163 -32.76 7.07 -8.75
CA SER C 163 -32.78 6.70 -10.16
C SER C 163 -31.73 7.46 -10.98
N MET C 164 -31.03 6.75 -11.87
CA MET C 164 -30.10 7.37 -12.78
C MET C 164 -30.30 6.77 -14.16
N GLY C 165 -30.69 7.62 -15.12
CA GLY C 165 -30.88 7.17 -16.49
C GLY C 165 -29.57 6.77 -17.13
N GLU C 166 -29.60 5.72 -17.96
CA GLU C 166 -28.40 5.22 -18.60
C GLU C 166 -28.00 6.09 -19.80
N TRP C 167 -26.70 6.21 -20.03
CA TRP C 167 -26.17 6.89 -21.20
C TRP C 167 -25.67 5.92 -22.26
N SER C 168 -26.14 6.13 -23.50
CA SER C 168 -25.65 5.38 -24.65
C SER C 168 -24.49 6.12 -25.29
N MET C 169 -23.47 5.40 -25.73
CA MET C 169 -22.34 6.02 -26.39
C MET C 169 -22.75 6.58 -27.76
N ALA C 170 -23.86 6.08 -28.29
CA ALA C 170 -24.35 6.53 -29.59
C ALA C 170 -25.43 7.60 -29.44
N SER C 171 -25.51 8.20 -28.25
CA SER C 171 -26.44 9.28 -28.00
C SER C 171 -26.19 10.46 -28.94
N ARG C 172 -27.27 11.08 -29.40
CA ARG C 172 -27.16 12.21 -30.31
C ARG C 172 -27.37 13.50 -29.52
N THR C 173 -27.66 13.36 -28.23
CA THR C 173 -27.87 14.51 -27.37
C THR C 173 -26.64 15.40 -27.26
N HIS C 174 -26.84 16.69 -27.50
CA HIS C 174 -25.74 17.64 -27.46
C HIS C 174 -26.28 19.03 -27.15
N VAL C 175 -25.35 19.93 -26.85
CA VAL C 175 -25.68 21.32 -26.58
C VAL C 175 -25.42 22.15 -27.84
N ALA C 176 -26.40 22.94 -28.26
CA ALA C 176 -26.18 23.91 -29.32
C ALA C 176 -26.15 25.32 -28.74
N HIS C 177 -25.04 26.02 -28.96
CA HIS C 177 -24.92 27.41 -28.51
C HIS C 177 -24.39 28.27 -29.65
N MET C 178 -24.55 29.59 -29.52
CA MET C 178 -24.06 30.50 -30.55
C MET C 178 -22.54 30.49 -30.54
N ARG C 179 -21.93 30.50 -31.72
CA ARG C 179 -20.47 30.53 -31.82
C ARG C 179 -19.99 31.93 -32.21
N HIS C 180 -20.95 32.84 -32.38
CA HIS C 180 -20.69 34.27 -32.54
C HIS C 180 -21.96 35.04 -32.24
N GLY C 181 -21.83 36.34 -31.98
CA GLY C 181 -22.98 37.21 -31.83
C GLY C 181 -23.71 37.16 -30.50
N ASP C 182 -23.18 36.39 -29.55
CA ASP C 182 -23.77 36.34 -28.22
C ASP C 182 -22.99 37.21 -27.24
N PHE C 183 -23.34 37.16 -25.96
CA PHE C 183 -22.65 37.97 -24.95
C PHE C 183 -21.16 37.63 -24.86
N TYR C 184 -20.84 36.34 -24.96
CA TYR C 184 -19.46 35.87 -24.85
C TYR C 184 -18.56 36.50 -25.91
N ALA C 185 -19.01 36.44 -27.17
CA ALA C 185 -18.22 36.89 -28.31
C ALA C 185 -17.85 38.37 -28.27
N GLY C 186 -18.82 39.23 -27.97
CA GLY C 186 -18.59 40.67 -27.97
C GLY C 186 -18.21 41.28 -26.63
N GLU C 187 -18.23 40.48 -25.58
CA GLU C 187 -17.93 40.94 -24.22
C GLU C 187 -16.62 41.73 -24.10
N LYS C 188 -16.70 42.83 -23.35
CA LYS C 188 -15.58 43.69 -23.01
C LYS C 188 -15.56 43.82 -21.50
N SER C 189 -14.39 43.93 -20.89
CA SER C 189 -14.32 44.02 -19.44
C SER C 189 -13.11 44.80 -18.97
N MET C 190 -13.25 45.46 -17.82
CA MET C 190 -12.10 46.10 -17.19
C MET C 190 -12.28 46.14 -15.67
N THR C 191 -11.23 46.57 -15.00
CA THR C 191 -11.26 46.74 -13.56
C THR C 191 -10.91 48.19 -13.24
N LEU C 192 -11.67 48.81 -12.34
CA LEU C 192 -11.45 50.21 -11.99
C LEU C 192 -10.29 50.39 -11.01
N ASP C 193 -9.40 51.32 -11.33
CA ASP C 193 -8.29 51.67 -10.44
C ASP C 193 -8.68 52.85 -9.55
N ARG C 194 -9.96 53.24 -9.63
CA ARG C 194 -10.47 54.39 -8.87
C ARG C 194 -11.99 54.44 -8.96
N ALA C 195 -12.62 55.19 -8.07
CA ALA C 195 -14.07 55.39 -8.13
C ALA C 195 -14.45 56.32 -9.27
N ARG C 196 -15.44 55.91 -10.06
CA ARG C 196 -15.91 56.69 -11.20
C ARG C 196 -17.42 56.65 -11.23
N ASN C 197 -18.04 57.74 -11.67
CA ASN C 197 -19.45 57.70 -11.99
C ASN C 197 -19.59 57.63 -13.51
N VAL C 198 -20.32 56.64 -14.01
CA VAL C 198 -20.37 56.43 -15.46
C VAL C 198 -21.77 56.47 -16.02
N ARG C 199 -21.86 56.67 -17.34
CA ARG C 199 -23.13 56.78 -18.03
C ARG C 199 -23.15 55.76 -19.14
N MET C 200 -24.29 55.09 -19.30
CA MET C 200 -24.48 54.16 -20.39
C MET C 200 -25.24 54.88 -21.48
N GLU C 201 -24.59 55.07 -22.63
CA GLU C 201 -25.17 55.88 -23.69
C GLU C 201 -24.95 55.28 -25.07
N LEU C 202 -25.76 55.70 -26.04
CA LEU C 202 -25.68 55.20 -27.41
C LEU C 202 -25.46 56.32 -28.40
N LEU C 203 -24.34 56.26 -29.12
CA LEU C 203 -24.08 57.17 -30.22
C LEU C 203 -24.76 56.64 -31.47
N ALA C 204 -25.93 57.18 -31.80
CA ALA C 204 -26.68 56.77 -32.99
C ALA C 204 -25.98 57.22 -34.27
N LYS C 205 -26.14 56.43 -35.33
CA LYS C 205 -25.61 56.79 -36.65
C LYS C 205 -26.25 58.07 -37.18
N SER C 206 -27.40 58.42 -36.61
CA SER C 206 -28.09 59.67 -36.94
C SER C 206 -27.28 60.87 -36.44
N GLY C 207 -26.30 60.60 -35.58
CA GLY C 207 -25.50 61.66 -35.00
C GLY C 207 -26.01 62.00 -33.62
N LYS C 208 -27.11 61.36 -33.23
CA LYS C 208 -27.73 61.65 -31.94
C LYS C 208 -27.17 60.75 -30.85
N THR C 209 -27.03 61.30 -29.65
CA THR C 209 -26.66 60.49 -28.49
C THR C 209 -27.90 60.16 -27.68
N ILE C 210 -28.12 58.87 -27.43
CA ILE C 210 -29.27 58.44 -26.65
C ILE C 210 -28.80 57.84 -25.32
N VAL C 211 -29.01 58.59 -24.24
CA VAL C 211 -28.65 58.08 -22.91
C VAL C 211 -29.63 57.00 -22.46
N LEU C 212 -29.11 55.83 -22.12
CA LEU C 212 -29.93 54.71 -21.67
C LEU C 212 -29.91 54.63 -20.14
N LYS C 213 -28.80 55.06 -19.55
CA LYS C 213 -28.67 54.99 -18.09
C LYS C 213 -27.75 56.12 -17.62
N PRO C 214 -28.36 57.23 -17.13
CA PRO C 214 -27.68 58.47 -16.71
C PRO C 214 -26.55 58.28 -15.70
N GLU C 215 -26.80 57.59 -14.60
CA GLU C 215 -25.78 57.49 -13.54
C GLU C 215 -25.63 56.07 -12.97
N VAL C 216 -24.41 55.55 -13.07
CA VAL C 216 -24.04 54.31 -12.39
C VAL C 216 -22.77 54.59 -11.58
N PRO C 217 -22.88 54.56 -10.24
CA PRO C 217 -21.71 54.79 -9.38
C PRO C 217 -20.87 53.53 -9.27
N LEU C 218 -19.58 53.66 -9.58
CA LEU C 218 -18.66 52.52 -9.53
C LEU C 218 -17.58 52.77 -8.48
N ASP C 219 -17.13 51.72 -7.82
CA ASP C 219 -16.10 51.84 -6.81
C ASP C 219 -14.73 51.41 -7.33
N ASP C 220 -13.68 51.87 -6.66
CA ASP C 220 -12.32 51.43 -6.91
C ASP C 220 -12.26 49.90 -6.85
N GLY C 221 -11.53 49.29 -7.78
CA GLY C 221 -11.32 47.85 -7.75
C GLY C 221 -12.50 47.03 -8.23
N ASP C 222 -13.59 47.70 -8.59
CA ASP C 222 -14.74 46.99 -9.16
C ASP C 222 -14.38 46.42 -10.53
N VAL C 223 -15.03 45.31 -10.88
CA VAL C 223 -14.89 44.74 -12.20
C VAL C 223 -16.16 44.99 -12.98
N ILE C 224 -16.05 45.68 -14.10
CA ILE C 224 -17.21 45.98 -14.94
C ILE C 224 -17.11 45.36 -16.32
N ASP C 225 -18.27 45.06 -16.89
CA ASP C 225 -18.36 44.40 -18.19
C ASP C 225 -19.42 45.04 -19.05
N SER C 226 -19.18 45.00 -20.35
CA SER C 226 -20.15 45.45 -21.32
C SER C 226 -20.31 44.29 -22.29
N MET C 227 -21.54 43.95 -22.62
CA MET C 227 -21.75 42.82 -23.52
C MET C 227 -23.07 43.00 -24.24
N PHE C 228 -23.19 42.41 -25.42
CA PHE C 228 -24.44 42.51 -26.15
C PHE C 228 -24.74 41.23 -26.92
N MET C 229 -26.02 40.96 -27.13
CA MET C 229 -26.40 39.88 -28.01
C MET C 229 -27.01 40.42 -29.29
N SER C 230 -26.39 40.10 -30.42
CA SER C 230 -26.93 40.46 -31.73
C SER C 230 -28.23 39.72 -32.04
N LYS C 231 -29.28 40.47 -32.36
CA LYS C 231 -30.57 39.91 -32.74
C LYS C 231 -30.50 39.10 -34.04
N LYS C 232 -29.80 39.65 -35.04
CA LYS C 232 -29.59 38.95 -36.31
C LYS C 232 -28.90 37.61 -36.10
N ALA C 233 -27.85 37.63 -35.28
CA ALA C 233 -27.09 36.43 -34.98
C ALA C 233 -27.97 35.43 -34.25
N LEU C 234 -28.75 35.91 -33.31
CA LEU C 234 -29.63 35.05 -32.52
C LEU C 234 -30.66 34.35 -33.42
N CYS C 235 -31.29 35.11 -34.30
CA CYS C 235 -32.34 34.56 -35.17
C CYS C 235 -31.75 33.61 -36.21
N ASP C 236 -30.60 33.98 -36.76
CA ASP C 236 -29.88 33.10 -37.66
C ASP C 236 -29.60 31.78 -36.95
N PHE C 237 -29.12 31.88 -35.72
CA PHE C 237 -28.79 30.73 -34.90
C PHE C 237 -29.99 29.80 -34.68
N TYR C 238 -31.12 30.37 -34.24
CA TYR C 238 -32.33 29.59 -34.05
C TYR C 238 -32.74 28.90 -35.34
N GLU C 239 -32.68 29.65 -36.45
CA GLU C 239 -33.06 29.09 -37.75
C GLU C 239 -32.21 27.88 -38.10
N GLU C 240 -30.90 28.07 -38.06
CA GLU C 240 -29.94 27.04 -38.38
C GLU C 240 -30.11 25.82 -37.51
N GLN C 241 -30.29 26.06 -36.20
CA GLN C 241 -30.38 24.96 -35.25
C GLN C 241 -31.66 24.14 -35.40
N MET C 242 -32.78 24.84 -35.60
CA MET C 242 -34.03 24.14 -35.87
C MET C 242 -33.92 23.34 -37.17
N GLN C 243 -33.28 23.93 -38.17
CA GLN C 243 -33.13 23.25 -39.46
C GLN C 243 -32.31 21.98 -39.28
N ASP C 244 -31.24 22.07 -38.49
CA ASP C 244 -30.38 20.93 -38.23
C ASP C 244 -31.12 19.82 -37.49
N ALA C 245 -31.76 20.20 -36.39
CA ALA C 245 -32.55 19.26 -35.61
C ALA C 245 -33.57 18.55 -36.48
N PHE C 246 -34.16 19.29 -37.41
CA PHE C 246 -35.12 18.71 -38.34
C PHE C 246 -34.47 17.69 -39.27
N GLU C 247 -33.45 18.13 -40.00
CA GLU C 247 -32.75 17.28 -40.94
C GLU C 247 -32.14 16.01 -40.31
N THR C 248 -31.80 16.07 -39.03
CA THR C 248 -31.17 14.93 -38.38
C THR C 248 -32.18 14.01 -37.68
N GLY C 249 -33.38 14.52 -37.41
CA GLY C 249 -34.39 13.73 -36.73
C GLY C 249 -34.27 13.80 -35.21
N VAL C 250 -33.49 14.76 -34.73
CA VAL C 250 -33.31 14.95 -33.29
C VAL C 250 -34.36 15.92 -32.74
N MET C 251 -34.82 15.66 -31.52
CA MET C 251 -35.83 16.52 -30.91
C MET C 251 -35.20 17.83 -30.46
N PHE C 252 -35.94 18.92 -30.63
CA PHE C 252 -35.44 20.26 -30.32
C PHE C 252 -35.85 20.65 -28.90
N SER C 253 -34.90 21.10 -28.10
CA SER C 253 -35.23 21.63 -26.78
C SER C 253 -34.58 22.99 -26.56
N LEU C 254 -35.27 23.85 -25.81
CA LEU C 254 -34.74 25.19 -25.50
C LEU C 254 -34.51 25.35 -24.00
N HIS C 255 -33.28 25.73 -23.65
CA HIS C 255 -32.89 25.85 -22.25
C HIS C 255 -32.32 27.23 -21.98
N VAL C 256 -33.18 28.12 -21.49
CA VAL C 256 -32.77 29.49 -21.17
C VAL C 256 -33.17 29.82 -19.73
N LYS C 257 -32.73 30.97 -19.25
CA LYS C 257 -33.16 31.48 -17.96
C LYS C 257 -33.87 32.81 -18.18
N ALA C 258 -35.17 32.73 -18.49
CA ALA C 258 -35.97 33.88 -18.89
C ALA C 258 -35.89 35.06 -17.90
N THR C 259 -35.87 34.74 -16.62
CA THR C 259 -35.77 35.75 -15.57
C THR C 259 -34.35 36.31 -15.44
N MET C 260 -33.74 36.69 -16.57
CA MET C 260 -32.37 37.19 -16.58
C MET C 260 -32.14 38.13 -17.77
N PRO C 266 -37.38 39.63 -22.78
CA PRO C 266 -37.71 38.21 -22.80
C PRO C 266 -37.56 37.64 -24.21
N ILE C 267 -36.76 38.33 -25.02
CA ILE C 267 -36.70 38.11 -26.48
C ILE C 267 -36.02 36.82 -26.93
N VAL C 268 -35.15 36.26 -26.11
CA VAL C 268 -34.45 35.04 -26.49
C VAL C 268 -35.42 33.86 -26.59
N PHE C 269 -36.55 33.95 -25.90
CA PHE C 269 -37.56 32.91 -25.89
C PHE C 269 -38.60 33.17 -26.98
N GLY C 270 -39.08 34.41 -26.99
CA GLY C 270 -40.07 34.84 -27.96
C GLY C 270 -39.58 34.66 -29.37
N HIS C 271 -38.32 34.99 -29.63
CA HIS C 271 -37.75 34.82 -30.96
C HIS C 271 -37.69 33.35 -31.38
N ALA C 272 -37.37 32.46 -30.44
CA ALA C 272 -37.37 31.03 -30.73
C ALA C 272 -38.79 30.60 -31.11
N VAL C 273 -39.76 31.05 -30.33
CA VAL C 273 -41.15 30.72 -30.64
C VAL C 273 -41.56 31.21 -32.04
N ARG C 274 -41.31 32.48 -32.31
CA ARG C 274 -41.66 33.11 -33.59
C ARG C 274 -41.01 32.40 -34.76
N ILE C 275 -39.70 32.16 -34.66
CA ILE C 275 -38.96 31.53 -35.73
C ILE C 275 -39.46 30.10 -35.96
N PHE C 276 -39.69 29.37 -34.87
CA PHE C 276 -40.16 27.99 -34.99
C PHE C 276 -41.50 27.92 -35.72
N TYR C 277 -42.33 28.94 -35.51
CA TYR C 277 -43.68 28.96 -36.07
C TYR C 277 -43.82 30.04 -37.14
N LYS C 278 -42.69 30.38 -37.78
CA LYS C 278 -42.65 31.48 -38.74
C LYS C 278 -43.71 31.41 -39.83
N ASP C 279 -44.14 30.21 -40.19
CA ASP C 279 -45.17 30.04 -41.21
C ASP C 279 -46.55 30.50 -40.72
N ALA C 280 -46.96 29.97 -39.56
CA ALA C 280 -48.22 30.38 -38.94
C ALA C 280 -48.25 31.89 -38.73
N PHE C 281 -47.16 32.44 -38.18
CA PHE C 281 -47.05 33.88 -37.98
C PHE C 281 -47.06 34.65 -39.30
N ALA C 282 -46.56 34.03 -40.36
CA ALA C 282 -46.58 34.68 -41.67
C ALA C 282 -48.01 34.73 -42.19
N LYS C 283 -48.81 33.73 -41.82
CA LYS C 283 -50.21 33.70 -42.24
C LYS C 283 -51.15 34.56 -41.39
N HIS C 284 -50.81 34.78 -40.12
CA HIS C 284 -51.71 35.51 -39.24
C HIS C 284 -51.06 36.68 -38.49
N GLN C 285 -50.00 37.24 -39.07
CA GLN C 285 -49.24 38.29 -38.39
C GLN C 285 -50.09 39.48 -38.02
N GLU C 286 -50.84 40.00 -39.00
CA GLU C 286 -51.66 41.19 -38.81
C GLU C 286 -52.63 40.99 -37.65
N LEU C 287 -53.36 39.87 -37.70
CA LEU C 287 -54.28 39.51 -36.64
C LEU C 287 -53.57 39.46 -35.29
N PHE C 288 -52.46 38.73 -35.23
CA PHE C 288 -51.70 38.57 -34.00
C PHE C 288 -51.29 39.91 -33.39
N ASP C 289 -50.86 40.83 -34.25
CA ASP C 289 -50.50 42.17 -33.80
C ASP C 289 -51.73 42.93 -33.30
N ASP C 290 -52.86 42.75 -33.98
CA ASP C 290 -54.10 43.40 -33.58
C ASP C 290 -54.64 42.87 -32.23
N LEU C 291 -54.23 41.67 -31.85
CA LEU C 291 -54.68 41.08 -30.59
C LEU C 291 -53.64 41.28 -29.49
N GLY C 292 -52.51 41.89 -29.87
CA GLY C 292 -51.42 42.09 -28.93
C GLY C 292 -50.77 40.77 -28.52
N VAL C 293 -50.72 39.83 -29.44
CA VAL C 293 -50.03 38.56 -29.21
C VAL C 293 -48.56 38.81 -28.93
N ASN C 294 -48.07 38.26 -27.82
CA ASN C 294 -46.68 38.43 -27.40
C ASN C 294 -46.09 37.10 -26.92
N VAL C 295 -45.53 36.34 -27.85
CA VAL C 295 -45.05 35.00 -27.54
C VAL C 295 -43.74 34.99 -26.74
N ASN C 296 -43.30 36.17 -26.30
CA ASN C 296 -42.20 36.26 -25.35
C ASN C 296 -42.65 35.71 -23.99
N ASN C 297 -43.96 35.55 -23.84
CA ASN C 297 -44.56 34.94 -22.66
C ASN C 297 -45.01 33.53 -23.00
N GLY C 298 -44.48 33.02 -24.11
CA GLY C 298 -44.77 31.66 -24.51
C GLY C 298 -45.98 31.54 -25.41
N LEU C 299 -46.29 30.30 -25.79
CA LEU C 299 -47.41 30.02 -26.68
C LEU C 299 -48.76 30.19 -25.97
N SER C 300 -48.74 30.09 -24.64
CA SER C 300 -49.96 30.28 -23.82
C SER C 300 -50.60 31.65 -24.07
N ASP C 301 -49.76 32.66 -24.30
CA ASP C 301 -50.22 34.00 -24.64
C ASP C 301 -51.06 33.98 -25.92
N LEU C 302 -50.49 33.45 -26.99
CA LEU C 302 -51.20 33.31 -28.26
C LEU C 302 -52.50 32.52 -28.08
N TYR C 303 -52.42 31.41 -27.35
CA TYR C 303 -53.58 30.56 -27.11
C TYR C 303 -54.70 31.27 -26.37
N SER C 304 -54.33 32.19 -25.47
CA SER C 304 -55.33 32.93 -24.71
C SER C 304 -55.91 34.11 -25.51
N LYS C 305 -55.09 34.76 -26.34
CA LYS C 305 -55.58 35.84 -27.19
C LYS C 305 -56.57 35.37 -28.25
N ILE C 306 -56.51 34.08 -28.59
CA ILE C 306 -57.34 33.56 -29.68
C ILE C 306 -58.51 32.74 -29.15
N GLU C 307 -58.57 32.56 -27.83
CA GLU C 307 -59.58 31.72 -27.20
C GLU C 307 -61.01 32.19 -27.50
N SER C 308 -61.16 33.48 -27.75
CA SER C 308 -62.47 34.10 -27.93
C SER C 308 -62.89 34.25 -29.39
N LEU C 309 -62.00 33.89 -30.31
CA LEU C 309 -62.27 34.01 -31.75
C LEU C 309 -63.36 33.04 -32.21
N PRO C 310 -63.95 33.30 -33.39
CA PRO C 310 -64.82 32.30 -34.02
C PRO C 310 -64.09 30.96 -34.16
N ALA C 311 -64.73 29.87 -33.72
CA ALA C 311 -64.07 28.57 -33.63
C ALA C 311 -63.46 28.06 -34.94
N SER C 312 -64.02 28.50 -36.06
CA SER C 312 -63.49 28.15 -37.38
C SER C 312 -62.12 28.82 -37.61
N GLN C 313 -62.08 30.11 -37.34
CA GLN C 313 -60.87 30.91 -37.45
C GLN C 313 -59.79 30.44 -36.47
N ARG C 314 -60.19 30.21 -35.23
CA ARG C 314 -59.30 29.70 -34.20
C ARG C 314 -58.77 28.31 -34.57
N ASP C 315 -59.63 27.52 -35.22
CA ASP C 315 -59.21 26.22 -35.72
C ASP C 315 -58.13 26.40 -36.79
N GLU C 316 -58.41 27.25 -37.79
CA GLU C 316 -57.45 27.50 -38.86
C GLU C 316 -56.09 27.92 -38.28
N ILE C 317 -56.12 28.78 -37.27
CA ILE C 317 -54.89 29.19 -36.59
C ILE C 317 -54.17 28.03 -35.90
N ILE C 318 -54.87 27.29 -35.04
CA ILE C 318 -54.22 26.21 -34.27
C ILE C 318 -53.68 25.10 -35.18
N GLU C 319 -54.40 24.81 -36.26
CA GLU C 319 -53.99 23.77 -37.18
C GLU C 319 -52.92 24.28 -38.15
N ASP C 320 -52.80 25.60 -38.29
CA ASP C 320 -51.64 26.16 -38.99
C ASP C 320 -50.39 25.99 -38.11
N LEU C 321 -50.55 26.30 -36.83
CA LEU C 321 -49.51 26.05 -35.85
C LEU C 321 -49.10 24.58 -35.85
N HIS C 322 -50.08 23.69 -36.05
CA HIS C 322 -49.81 22.26 -36.13
C HIS C 322 -49.09 21.90 -37.43
N ARG C 323 -49.50 22.52 -38.53
CA ARG C 323 -48.88 22.29 -39.83
C ARG C 323 -47.46 22.82 -39.88
N CYS C 324 -47.10 23.66 -38.91
CA CYS C 324 -45.72 24.11 -38.79
C CYS C 324 -44.74 22.95 -38.49
N HIS C 325 -45.23 21.89 -37.85
CA HIS C 325 -44.39 20.73 -37.52
C HIS C 325 -43.96 19.94 -38.76
N GLU C 326 -44.57 20.23 -39.90
CA GLU C 326 -44.25 19.52 -41.13
C GLU C 326 -42.78 19.67 -41.51
N HIS C 327 -42.29 20.90 -41.51
CA HIS C 327 -40.90 21.17 -41.85
C HIS C 327 -40.12 21.63 -40.62
N ARG C 328 -40.56 21.19 -39.44
CA ARG C 328 -39.90 21.59 -38.20
C ARG C 328 -39.62 20.37 -37.33
N PRO C 329 -38.57 20.45 -36.51
CA PRO C 329 -38.20 19.30 -35.66
C PRO C 329 -39.27 18.98 -34.63
N GLU C 330 -39.07 17.89 -33.91
CA GLU C 330 -39.96 17.54 -32.82
C GLU C 330 -39.62 18.42 -31.62
N LEU C 331 -40.64 18.82 -30.88
CA LEU C 331 -40.45 19.74 -29.77
C LEU C 331 -40.37 18.96 -28.46
N ALA C 332 -39.41 19.34 -27.61
CA ALA C 332 -39.34 18.76 -26.27
C ALA C 332 -40.57 19.16 -25.48
N MET C 333 -40.94 18.35 -24.50
CA MET C 333 -42.22 18.49 -23.81
C MET C 333 -42.01 18.66 -22.30
N VAL C 334 -42.84 19.51 -21.69
CA VAL C 334 -42.84 19.67 -20.24
C VAL C 334 -43.82 18.67 -19.63
N ASP C 335 -44.99 18.57 -20.26
CA ASP C 335 -46.05 17.66 -19.86
C ASP C 335 -46.79 17.18 -21.10
N SER C 336 -46.42 16.01 -21.61
CA SER C 336 -47.00 15.49 -22.85
C SER C 336 -48.48 15.19 -22.70
N ALA C 337 -48.88 14.75 -21.51
CA ALA C 337 -50.28 14.47 -21.21
C ALA C 337 -51.18 15.67 -21.52
N ARG C 338 -50.95 16.79 -20.84
CA ARG C 338 -51.75 17.99 -21.10
C ARG C 338 -51.19 18.87 -22.20
N GLY C 339 -50.25 18.31 -22.98
CA GLY C 339 -49.71 19.02 -24.13
C GLY C 339 -49.03 20.34 -23.85
N ILE C 340 -48.19 20.38 -22.82
CA ILE C 340 -47.38 21.56 -22.54
C ILE C 340 -45.98 21.37 -23.12
N SER C 341 -45.67 22.10 -24.19
CA SER C 341 -44.38 21.97 -24.85
C SER C 341 -43.33 22.92 -24.26
N ASN C 342 -42.11 22.84 -24.77
CA ASN C 342 -41.01 23.72 -24.36
C ASN C 342 -41.34 25.20 -24.56
N PHE C 343 -42.27 25.49 -25.47
CA PHE C 343 -42.59 26.85 -25.85
C PHE C 343 -43.85 27.40 -25.19
N HIS C 344 -44.43 26.63 -24.27
CA HIS C 344 -45.68 27.04 -23.63
C HIS C 344 -45.53 28.30 -22.76
N SER C 345 -44.47 28.31 -21.94
CA SER C 345 -44.21 29.41 -21.02
C SER C 345 -42.70 29.49 -20.79
N PRO C 346 -42.16 30.71 -20.62
CA PRO C 346 -40.72 30.89 -20.42
C PRO C 346 -40.25 30.31 -19.10
N SER C 347 -41.17 30.21 -18.14
CA SER C 347 -40.83 29.79 -16.78
C SER C 347 -40.92 28.28 -16.57
N ASP C 348 -41.38 27.56 -17.59
CA ASP C 348 -41.54 26.10 -17.48
C ASP C 348 -40.23 25.31 -17.62
N VAL C 349 -39.38 25.69 -18.57
CA VAL C 349 -38.10 25.03 -18.74
C VAL C 349 -36.94 25.98 -18.39
N ILE C 350 -36.52 25.95 -17.12
CA ILE C 350 -35.41 26.79 -16.65
C ILE C 350 -34.09 26.02 -16.69
N VAL C 351 -33.13 26.54 -17.46
CA VAL C 351 -31.88 25.85 -17.78
C VAL C 351 -31.16 25.17 -16.61
N ASP C 352 -31.03 25.90 -15.50
CA ASP C 352 -30.28 25.42 -14.34
C ASP C 352 -30.88 24.15 -13.74
N ALA C 353 -32.19 23.98 -13.85
CA ALA C 353 -32.83 22.75 -13.41
C ALA C 353 -32.98 21.78 -14.56
N SER C 354 -33.31 22.32 -15.74
CA SER C 354 -33.70 21.50 -16.88
C SER C 354 -32.57 20.67 -17.46
N MET C 355 -31.37 21.25 -17.55
CA MET C 355 -30.23 20.50 -18.08
C MET C 355 -29.79 19.33 -17.18
N PRO C 356 -29.70 19.57 -15.86
CA PRO C 356 -29.41 18.42 -14.99
C PRO C 356 -30.46 17.33 -15.12
N ALA C 357 -31.73 17.70 -15.15
CA ALA C 357 -32.79 16.71 -15.27
C ALA C 357 -32.58 15.87 -16.51
N MET C 358 -32.25 16.54 -17.61
CA MET C 358 -32.02 15.87 -18.89
C MET C 358 -30.79 14.94 -18.82
N ILE C 359 -29.70 15.45 -18.24
CA ILE C 359 -28.47 14.70 -18.13
C ILE C 359 -28.64 13.48 -17.21
N ARG C 360 -29.39 13.67 -16.14
CA ARG C 360 -29.71 12.59 -15.21
C ARG C 360 -30.54 11.48 -15.87
N ALA C 361 -31.37 11.87 -16.84
CA ALA C 361 -32.24 10.91 -17.54
C ALA C 361 -31.51 10.22 -18.69
N GLY C 362 -30.20 10.36 -18.73
CA GLY C 362 -29.40 9.72 -19.78
C GLY C 362 -29.38 10.54 -21.05
N GLY C 363 -29.56 11.85 -20.89
CA GLY C 363 -29.54 12.76 -22.02
C GLY C 363 -30.85 12.79 -22.74
N LYS C 364 -31.93 12.64 -21.98
CA LYS C 364 -33.24 12.53 -22.60
C LYS C 364 -34.27 13.51 -22.06
N MET C 365 -35.16 13.94 -22.94
CA MET C 365 -36.32 14.73 -22.53
C MET C 365 -37.57 14.07 -23.11
N TYR C 366 -38.73 14.38 -22.52
CA TYR C 366 -39.97 13.81 -22.99
C TYR C 366 -40.43 14.46 -24.29
N GLY C 367 -40.89 13.64 -25.24
CA GLY C 367 -41.43 14.14 -26.49
C GLY C 367 -42.95 14.11 -26.43
N ALA C 368 -43.59 14.52 -27.52
CA ALA C 368 -45.05 14.60 -27.61
C ALA C 368 -45.78 13.30 -27.23
N ASP C 369 -45.13 12.16 -27.48
CA ASP C 369 -45.72 10.85 -27.18
C ASP C 369 -45.53 10.39 -25.74
N GLY C 370 -44.80 11.17 -24.94
CA GLY C 370 -44.53 10.80 -23.56
C GLY C 370 -43.32 9.88 -23.43
N LYS C 371 -42.65 9.60 -24.55
CA LYS C 371 -41.46 8.76 -24.52
C LYS C 371 -40.19 9.60 -24.44
N LEU C 372 -39.22 9.14 -23.66
CA LEU C 372 -37.94 9.83 -23.56
C LEU C 372 -37.15 9.74 -24.86
N LYS C 373 -36.51 10.84 -25.23
CA LYS C 373 -35.83 10.97 -26.51
C LYS C 373 -34.55 11.77 -26.37
N ASP C 374 -33.60 11.50 -27.26
CA ASP C 374 -32.41 12.33 -27.39
C ASP C 374 -32.84 13.74 -27.77
N THR C 375 -32.00 14.73 -27.51
CA THR C 375 -32.38 16.10 -27.84
C THR C 375 -31.18 16.99 -28.14
N LYS C 376 -31.38 17.94 -29.06
CA LYS C 376 -30.49 19.06 -29.22
C LYS C 376 -30.90 20.05 -28.14
N ALA C 377 -30.04 20.18 -27.12
CA ALA C 377 -30.30 21.11 -26.03
C ALA C 377 -29.75 22.49 -26.38
N VAL C 378 -30.62 23.35 -26.86
CA VAL C 378 -30.22 24.68 -27.33
C VAL C 378 -30.12 25.68 -26.18
N ASN C 379 -28.90 26.07 -25.85
CA ASN C 379 -28.66 27.17 -24.94
C ASN C 379 -27.99 28.27 -25.75
N PRO C 380 -28.77 29.22 -26.28
CA PRO C 380 -28.20 30.27 -27.14
C PRO C 380 -26.94 30.93 -26.55
N GLU C 381 -27.01 31.43 -25.33
CA GLU C 381 -25.82 32.02 -24.70
C GLU C 381 -24.75 30.96 -24.40
N SER C 382 -23.59 31.12 -25.02
CA SER C 382 -22.50 30.17 -24.90
C SER C 382 -21.66 30.37 -23.66
N THR C 383 -21.81 31.52 -23.01
CA THR C 383 -20.95 31.90 -21.88
C THR C 383 -20.85 30.82 -20.80
N PHE C 384 -21.96 30.12 -20.55
CA PHE C 384 -21.99 29.14 -19.48
C PHE C 384 -22.46 27.76 -19.93
N SER C 385 -22.75 27.63 -21.22
CA SER C 385 -23.36 26.41 -21.73
C SER C 385 -22.37 25.36 -22.24
N ARG C 386 -21.09 25.72 -22.32
CA ARG C 386 -20.09 24.78 -22.82
C ARG C 386 -19.82 23.65 -21.84
N ILE C 387 -19.87 23.98 -20.55
CA ILE C 387 -19.68 23.00 -19.49
C ILE C 387 -20.68 21.84 -19.62
N TYR C 388 -21.87 22.16 -20.10
CA TYR C 388 -22.90 21.15 -20.33
C TYR C 388 -22.47 20.19 -21.42
N GLN C 389 -21.98 20.72 -22.53
CA GLN C 389 -21.48 19.85 -23.59
C GLN C 389 -20.33 18.98 -23.08
N GLU C 390 -19.46 19.54 -22.26
CA GLU C 390 -18.33 18.77 -21.75
C GLU C 390 -18.78 17.60 -20.86
N ILE C 391 -19.69 17.88 -19.93
CA ILE C 391 -20.17 16.81 -19.06
C ILE C 391 -21.01 15.78 -19.84
N ILE C 392 -21.72 16.23 -20.87
CA ILE C 392 -22.51 15.32 -21.69
C ILE C 392 -21.61 14.36 -22.47
N ASN C 393 -20.56 14.90 -23.09
CA ASN C 393 -19.58 14.05 -23.77
C ASN C 393 -18.95 13.07 -22.79
N PHE C 394 -18.67 13.57 -21.58
CA PHE C 394 -18.11 12.71 -20.54
C PHE C 394 -19.06 11.56 -20.19
N CYS C 395 -20.35 11.83 -20.14
CA CYS C 395 -21.32 10.77 -19.85
C CYS C 395 -21.41 9.77 -20.99
N LYS C 396 -21.44 10.28 -22.21
CA LYS C 396 -21.46 9.44 -23.40
C LYS C 396 -20.29 8.48 -23.41
N THR C 397 -19.12 8.99 -23.01
CA THR C 397 -17.89 8.21 -23.05
C THR C 397 -17.72 7.24 -21.87
N ASN C 398 -18.13 7.67 -20.68
CA ASN C 398 -17.87 6.93 -19.46
C ASN C 398 -19.11 6.27 -18.85
N GLY C 399 -20.28 6.56 -19.42
CA GLY C 399 -21.53 6.09 -18.85
C GLY C 399 -22.08 7.05 -17.81
N GLN C 400 -23.28 6.77 -17.30
CA GLN C 400 -23.88 7.60 -16.26
C GLN C 400 -23.07 7.55 -14.96
N PHE C 401 -23.09 8.64 -14.19
CA PHE C 401 -22.42 8.68 -12.89
C PHE C 401 -23.04 7.66 -11.93
N ASP C 402 -22.20 7.17 -11.03
CA ASP C 402 -22.59 6.22 -10.00
C ASP C 402 -22.58 6.94 -8.66
N PRO C 403 -23.77 7.23 -8.12
CA PRO C 403 -23.93 7.97 -6.87
C PRO C 403 -23.30 7.25 -5.68
N THR C 404 -23.15 5.93 -5.79
CA THR C 404 -22.58 5.13 -4.70
C THR C 404 -21.06 5.24 -4.61
N THR C 405 -20.40 5.59 -5.70
CA THR C 405 -18.94 5.70 -5.68
C THR C 405 -18.44 7.12 -5.96
N MET C 406 -19.27 7.93 -6.60
CA MET C 406 -18.80 9.24 -7.06
C MET C 406 -18.50 10.20 -5.92
N GLY C 407 -17.58 11.14 -6.19
CA GLY C 407 -17.19 12.13 -5.22
C GLY C 407 -18.21 13.24 -5.10
N THR C 408 -17.83 14.32 -4.43
CA THR C 408 -18.73 15.45 -4.25
C THR C 408 -18.11 16.71 -4.83
N VAL C 409 -18.95 17.64 -5.27
CA VAL C 409 -18.48 18.92 -5.79
C VAL C 409 -19.13 20.08 -5.04
N PRO C 410 -18.54 20.47 -3.89
CA PRO C 410 -19.03 21.65 -3.16
C PRO C 410 -18.76 22.92 -3.96
N ASN C 411 -19.56 23.97 -3.76
CA ASN C 411 -19.39 25.21 -4.52
C ASN C 411 -19.25 26.45 -3.63
N VAL C 412 -18.16 27.20 -3.82
CA VAL C 412 -18.03 28.54 -3.25
C VAL C 412 -18.34 29.56 -4.35
N GLY C 413 -19.47 30.25 -4.20
CA GLY C 413 -19.98 31.11 -5.24
C GLY C 413 -19.93 32.59 -4.94
N LEU C 414 -19.38 33.35 -5.89
CA LEU C 414 -19.31 34.80 -5.80
C LEU C 414 -20.67 35.40 -6.18
N MET C 415 -21.38 35.94 -5.19
CA MET C 415 -22.71 36.46 -5.45
C MET C 415 -23.07 37.68 -4.62
N ALA C 416 -22.21 38.02 -3.67
CA ALA C 416 -22.48 39.13 -2.76
C ALA C 416 -22.73 40.45 -3.49
N GLN C 417 -23.70 41.22 -2.99
CA GLN C 417 -24.05 42.54 -3.53
C GLN C 417 -24.45 42.51 -5.01
N GLN C 418 -25.33 41.56 -5.36
CA GLN C 418 -25.85 41.44 -6.73
C GLN C 418 -24.72 41.34 -7.74
N ALA C 419 -23.73 40.51 -7.40
CA ALA C 419 -22.54 40.32 -8.23
C ALA C 419 -22.85 39.84 -9.65
N GLU C 420 -22.20 40.44 -10.64
CA GLU C 420 -22.30 40.02 -12.02
C GLU C 420 -23.71 40.15 -12.60
N GLU C 421 -24.08 39.25 -13.51
CA GLU C 421 -25.36 39.33 -14.22
C GLU C 421 -26.60 39.56 -13.34
N TYR C 422 -26.60 39.00 -12.15
CA TYR C 422 -27.76 39.13 -11.25
C TYR C 422 -28.07 40.59 -10.88
N GLY C 423 -27.09 41.47 -11.02
CA GLY C 423 -27.29 42.88 -10.72
C GLY C 423 -27.56 43.74 -11.94
N SER C 424 -27.61 43.12 -13.11
CA SER C 424 -27.67 43.87 -14.36
C SER C 424 -29.08 44.26 -14.82
N HIS C 425 -30.09 43.86 -14.08
CA HIS C 425 -31.49 44.08 -14.47
C HIS C 425 -31.87 45.55 -14.70
N ASP C 426 -31.20 46.47 -14.01
CA ASP C 426 -31.42 47.89 -14.23
C ASP C 426 -30.44 48.46 -15.24
N LYS C 427 -29.43 47.68 -15.61
CA LYS C 427 -28.43 48.11 -16.57
C LYS C 427 -28.49 47.27 -17.83
N THR C 428 -29.70 46.97 -18.28
CA THR C 428 -29.89 46.09 -19.43
C THR C 428 -30.96 46.68 -20.35
N PHE C 429 -30.60 46.89 -21.61
CA PHE C 429 -31.41 47.71 -22.49
C PHE C 429 -31.56 47.10 -23.87
N GLU C 430 -32.72 47.31 -24.48
CA GLU C 430 -32.88 46.98 -25.88
C GLU C 430 -32.37 48.17 -26.67
N ILE C 431 -31.51 47.93 -27.64
CA ILE C 431 -30.91 48.99 -28.44
C ILE C 431 -31.93 49.55 -29.44
N PRO C 432 -32.25 50.84 -29.31
CA PRO C 432 -33.30 51.49 -30.11
C PRO C 432 -32.91 51.62 -31.58
N GLU C 433 -31.63 51.87 -31.84
CA GLU C 433 -31.15 51.97 -33.21
C GLU C 433 -29.64 51.75 -33.29
N ASP C 434 -29.15 51.50 -34.50
CA ASP C 434 -27.74 51.19 -34.74
C ASP C 434 -26.82 52.24 -34.15
N GLY C 435 -25.61 51.84 -33.78
CA GLY C 435 -24.64 52.80 -33.29
C GLY C 435 -23.58 52.25 -32.37
N VAL C 436 -23.02 53.12 -31.55
CA VAL C 436 -21.95 52.70 -30.64
C VAL C 436 -22.37 52.86 -29.18
N ALA C 437 -22.42 51.73 -28.46
CA ALA C 437 -22.84 51.68 -27.08
C ALA C 437 -21.62 51.84 -26.16
N ASN C 438 -21.61 52.92 -25.39
CA ASN C 438 -20.47 53.26 -24.54
C ASN C 438 -20.83 53.34 -23.07
N ILE C 439 -19.85 52.97 -22.26
CA ILE C 439 -19.88 53.24 -20.83
C ILE C 439 -18.83 54.32 -20.64
N VAL C 440 -19.30 55.55 -20.42
CA VAL C 440 -18.41 56.71 -20.43
C VAL C 440 -18.34 57.40 -19.07
N ASP C 441 -17.14 57.82 -18.67
CA ASP C 441 -16.95 58.54 -17.41
C ASP C 441 -17.69 59.89 -17.48
N VAL C 442 -18.55 60.13 -16.50
CA VAL C 442 -19.36 61.33 -16.44
C VAL C 442 -18.52 62.60 -16.24
N ALA C 443 -17.52 62.53 -15.37
CA ALA C 443 -16.69 63.68 -15.07
C ALA C 443 -15.69 63.99 -16.16
N THR C 444 -15.20 62.96 -16.85
CA THR C 444 -14.14 63.15 -17.84
C THR C 444 -14.55 62.91 -19.30
N GLY C 445 -15.70 62.28 -19.52
CA GLY C 445 -16.12 61.95 -20.88
C GLY C 445 -15.29 60.84 -21.50
N GLU C 446 -14.44 60.22 -20.69
CA GLU C 446 -13.59 59.14 -21.14
C GLU C 446 -14.42 57.87 -21.39
N VAL C 447 -14.25 57.28 -22.57
CA VAL C 447 -14.97 56.05 -22.88
C VAL C 447 -14.17 54.88 -22.31
N LEU C 448 -14.79 54.14 -21.41
CA LEU C 448 -14.14 53.00 -20.77
C LEU C 448 -14.31 51.73 -21.58
N LEU C 449 -15.56 51.40 -21.87
CA LEU C 449 -15.90 50.24 -22.66
C LEU C 449 -16.83 50.65 -23.81
N THR C 450 -16.55 50.13 -25.00
CA THR C 450 -17.31 50.49 -26.19
C THR C 450 -17.74 49.23 -26.96
N GLU C 451 -18.87 49.34 -27.67
CA GLU C 451 -19.41 48.21 -28.42
C GLU C 451 -20.11 48.73 -29.66
N ASN C 452 -20.04 48.00 -30.77
CA ASN C 452 -20.84 48.37 -31.93
C ASN C 452 -22.10 47.54 -31.94
N VAL C 453 -23.25 48.19 -31.80
CA VAL C 453 -24.50 47.47 -31.65
C VAL C 453 -25.51 47.81 -32.74
N GLU C 454 -26.34 46.82 -33.08
CA GLU C 454 -27.42 47.03 -34.01
C GLU C 454 -28.74 47.19 -33.27
N ALA C 455 -29.71 47.79 -33.94
CA ALA C 455 -31.05 47.92 -33.38
C ALA C 455 -31.62 46.55 -33.13
N GLY C 456 -32.27 46.37 -31.98
CA GLY C 456 -32.83 45.08 -31.62
C GLY C 456 -31.92 44.26 -30.72
N ASP C 457 -30.67 44.69 -30.60
CA ASP C 457 -29.69 43.99 -29.76
C ASP C 457 -29.99 44.24 -28.29
N ILE C 458 -29.54 43.33 -27.42
CA ILE C 458 -29.66 43.51 -25.98
C ILE C 458 -28.29 43.87 -25.41
N TRP C 459 -28.18 45.06 -24.86
CA TRP C 459 -26.92 45.52 -24.29
C TRP C 459 -26.98 45.46 -22.77
N ARG C 460 -25.93 44.94 -22.16
CA ARG C 460 -25.91 44.77 -20.73
C ARG C 460 -24.59 45.23 -20.15
N MET C 461 -24.66 45.88 -19.01
CA MET C 461 -23.48 46.17 -18.21
C MET C 461 -23.53 45.34 -16.93
N CYS C 462 -22.40 44.76 -16.55
CA CYS C 462 -22.34 43.98 -15.32
C CYS C 462 -21.29 44.53 -14.39
N ILE C 463 -21.52 44.36 -13.08
CA ILE C 463 -20.60 44.84 -12.06
C ILE C 463 -20.43 43.77 -10.98
N VAL C 464 -19.18 43.54 -10.57
CA VAL C 464 -18.91 42.78 -9.35
C VAL C 464 -17.90 43.60 -8.54
N LYS C 465 -18.12 43.71 -7.24
CA LYS C 465 -17.30 44.60 -6.41
C LYS C 465 -16.12 43.90 -5.74
N ASP C 466 -15.10 44.67 -5.40
CA ASP C 466 -13.85 44.11 -4.89
C ASP C 466 -14.04 43.38 -3.56
N ALA C 467 -14.78 44.00 -2.63
CA ALA C 467 -15.02 43.38 -1.33
C ALA C 467 -15.66 41.97 -1.40
N PRO C 468 -16.77 41.81 -2.16
CA PRO C 468 -17.31 40.46 -2.37
C PRO C 468 -16.30 39.48 -2.96
N ILE C 469 -15.42 39.96 -3.83
CA ILE C 469 -14.40 39.10 -4.44
C ILE C 469 -13.36 38.62 -3.42
N ARG C 470 -12.82 39.56 -2.64
CA ARG C 470 -11.89 39.22 -1.57
C ARG C 470 -12.54 38.21 -0.62
N ASP C 471 -13.76 38.52 -0.20
CA ASP C 471 -14.53 37.65 0.67
C ASP C 471 -14.69 36.27 0.05
N TRP C 472 -14.84 36.23 -1.27
CA TRP C 472 -15.04 35.00 -2.03
C TRP C 472 -13.79 34.13 -2.02
N VAL C 473 -12.65 34.74 -2.32
CA VAL C 473 -11.37 34.05 -2.26
C VAL C 473 -11.13 33.51 -0.84
N LYS C 474 -11.40 34.36 0.16
CA LYS C 474 -11.23 33.98 1.55
C LYS C 474 -12.09 32.77 1.89
N LEU C 475 -13.33 32.77 1.42
CA LEU C 475 -14.25 31.67 1.67
C LEU C 475 -13.74 30.38 1.01
N ALA C 476 -13.28 30.50 -0.23
CA ALA C 476 -12.72 29.34 -0.95
C ALA C 476 -11.55 28.73 -0.19
N VAL C 477 -10.58 29.57 0.17
CA VAL C 477 -9.42 29.11 0.94
C VAL C 477 -9.82 28.46 2.27
N THR C 478 -10.77 29.09 2.97
CA THR C 478 -11.27 28.56 4.22
C THR C 478 -11.85 27.16 4.05
N ARG C 479 -12.74 27.02 3.07
CA ARG C 479 -13.38 25.74 2.79
C ARG C 479 -12.33 24.70 2.43
N ALA C 480 -11.32 25.14 1.69
CA ALA C 480 -10.19 24.28 1.36
C ALA C 480 -9.52 23.75 2.61
N ARG C 481 -9.11 24.63 3.52
CA ARG C 481 -8.40 24.18 4.71
C ARG C 481 -9.24 23.32 5.63
N ILE C 482 -10.51 23.69 5.79
CA ILE C 482 -11.45 22.92 6.60
C ILE C 482 -11.69 21.51 6.04
N SER C 483 -12.18 21.43 4.82
CA SER C 483 -12.59 20.16 4.23
C SER C 483 -11.42 19.28 3.77
N GLY C 484 -10.27 19.90 3.51
CA GLY C 484 -9.12 19.17 3.03
C GLY C 484 -9.19 18.83 1.55
N MET C 485 -10.20 19.40 0.87
CA MET C 485 -10.37 19.19 -0.56
C MET C 485 -9.57 20.20 -1.38
N PRO C 486 -9.23 19.85 -2.63
CA PRO C 486 -8.62 20.84 -3.52
C PRO C 486 -9.66 21.83 -4.06
N VAL C 487 -9.22 23.04 -4.37
CA VAL C 487 -10.12 24.08 -4.88
C VAL C 487 -9.80 24.41 -6.33
N LEU C 488 -10.85 24.49 -7.14
CA LEU C 488 -10.73 24.78 -8.55
C LEU C 488 -11.49 26.04 -8.88
N PHE C 489 -10.78 27.09 -9.30
CA PHE C 489 -11.45 28.30 -9.77
C PHE C 489 -11.88 28.15 -11.22
N TRP C 490 -13.18 28.10 -11.46
CA TRP C 490 -13.65 27.96 -12.84
C TRP C 490 -13.59 29.30 -13.58
N LEU C 491 -12.40 29.67 -14.03
CA LEU C 491 -12.24 30.94 -14.72
C LEU C 491 -11.66 30.76 -16.13
N ASP C 492 -12.44 31.20 -17.13
CA ASP C 492 -12.04 31.14 -18.52
C ASP C 492 -11.24 32.40 -18.89
N PRO C 493 -9.93 32.24 -19.09
CA PRO C 493 -9.04 33.39 -19.35
C PRO C 493 -9.25 34.00 -20.73
N TYR C 494 -9.99 33.30 -21.59
CA TYR C 494 -10.34 33.84 -22.90
C TYR C 494 -11.63 34.65 -22.82
N ARG C 495 -12.18 34.72 -21.61
CA ARG C 495 -13.31 35.60 -21.32
C ARG C 495 -12.81 36.74 -20.42
N PRO C 496 -12.87 37.97 -20.93
CA PRO C 496 -12.32 39.17 -20.26
C PRO C 496 -12.74 39.35 -18.79
N HIS C 497 -14.03 39.17 -18.51
CA HIS C 497 -14.54 39.26 -17.14
C HIS C 497 -13.80 38.29 -16.22
N GLU C 498 -13.80 37.03 -16.61
CA GLU C 498 -13.12 35.99 -15.84
C GLU C 498 -11.61 36.17 -15.84
N ASN C 499 -11.08 36.94 -16.79
CA ASN C 499 -9.65 37.27 -16.81
C ASN C 499 -9.30 38.28 -15.71
N GLU C 500 -10.14 39.30 -15.60
CA GLU C 500 -10.05 40.24 -14.49
C GLU C 500 -10.17 39.49 -13.16
N LEU C 501 -11.18 38.62 -13.10
CA LEU C 501 -11.36 37.79 -11.92
C LEU C 501 -10.09 36.96 -11.61
N ILE C 502 -9.42 36.46 -12.64
CA ILE C 502 -8.19 35.70 -12.46
C ILE C 502 -7.10 36.56 -11.83
N LYS C 503 -6.97 37.79 -12.32
CA LYS C 503 -6.01 38.70 -11.67
C LYS C 503 -6.34 38.85 -10.18
N LYS C 504 -7.61 39.13 -9.90
CA LYS C 504 -8.08 39.28 -8.53
C LYS C 504 -7.70 38.09 -7.65
N VAL C 505 -8.11 36.90 -8.08
CA VAL C 505 -7.85 35.65 -7.36
C VAL C 505 -6.37 35.42 -7.13
N LYS C 506 -5.57 35.61 -8.18
CA LYS C 506 -4.13 35.43 -8.07
C LYS C 506 -3.53 36.35 -7.01
N THR C 507 -3.94 37.62 -7.00
CA THR C 507 -3.41 38.51 -5.97
C THR C 507 -3.91 38.12 -4.56
N TYR C 508 -5.20 37.91 -4.42
CA TYR C 508 -5.80 37.68 -3.09
C TYR C 508 -5.48 36.31 -2.48
N LEU C 509 -5.01 35.36 -3.29
CA LEU C 509 -4.57 34.07 -2.75
C LEU C 509 -3.35 34.23 -1.83
N LYS C 510 -2.60 35.32 -2.02
CA LYS C 510 -1.42 35.59 -1.22
C LYS C 510 -1.78 36.26 0.12
N ASP C 511 -3.04 36.62 0.29
CA ASP C 511 -3.49 37.20 1.54
C ASP C 511 -3.93 36.12 2.52
N HIS C 512 -3.61 34.86 2.19
CA HIS C 512 -4.04 33.74 3.02
C HIS C 512 -2.97 32.64 3.13
N ASP C 513 -3.08 31.83 4.18
CA ASP C 513 -2.18 30.71 4.40
C ASP C 513 -2.63 29.55 3.50
N THR C 514 -2.12 29.55 2.26
CA THR C 514 -2.48 28.50 1.30
C THR C 514 -1.47 27.34 1.35
N GLU C 515 -0.70 27.28 2.42
CA GLU C 515 0.30 26.22 2.59
C GLU C 515 -0.37 24.89 2.89
N GLY C 516 -0.04 23.88 2.08
CA GLY C 516 -0.65 22.57 2.22
C GLY C 516 -1.99 22.46 1.52
N LEU C 517 -2.33 23.47 0.72
CA LEU C 517 -3.59 23.47 -0.01
C LEU C 517 -3.39 23.30 -1.52
N ASP C 518 -4.26 22.54 -2.15
CA ASP C 518 -4.24 22.41 -3.60
C ASP C 518 -5.23 23.40 -4.20
N ILE C 519 -4.73 24.50 -4.74
CA ILE C 519 -5.61 25.49 -5.37
C ILE C 519 -5.15 25.80 -6.79
N GLN C 520 -6.07 25.62 -7.75
CA GLN C 520 -5.75 25.83 -9.16
C GLN C 520 -6.80 26.68 -9.86
N ILE C 521 -6.40 27.27 -10.99
CA ILE C 521 -7.35 27.96 -11.85
C ILE C 521 -7.37 27.27 -13.21
N MET C 522 -8.55 26.92 -13.68
CA MET C 522 -8.70 26.37 -15.03
C MET C 522 -9.90 27.00 -15.70
N SER C 523 -9.95 26.93 -17.02
CA SER C 523 -11.11 27.39 -17.77
C SER C 523 -12.34 26.61 -17.32
N GLN C 524 -13.52 27.12 -17.64
CA GLN C 524 -14.76 26.48 -17.21
C GLN C 524 -14.85 25.04 -17.72
N VAL C 525 -14.52 24.84 -18.99
CA VAL C 525 -14.65 23.54 -19.64
C VAL C 525 -13.65 22.56 -19.07
N ARG C 526 -12.40 23.03 -18.93
CA ARG C 526 -11.35 22.20 -18.36
C ARG C 526 -11.64 21.89 -16.89
N SER C 527 -12.21 22.85 -16.18
CA SER C 527 -12.56 22.62 -14.79
C SER C 527 -13.65 21.57 -14.68
N MET C 528 -14.61 21.61 -15.60
CA MET C 528 -15.68 20.62 -15.61
C MET C 528 -15.12 19.23 -15.92
N ARG C 529 -14.23 19.16 -16.90
CA ARG C 529 -13.64 17.90 -17.32
C ARG C 529 -12.83 17.29 -16.16
N TYR C 530 -11.98 18.11 -15.56
CA TYR C 530 -11.12 17.71 -14.44
C TYR C 530 -11.95 17.24 -13.26
N THR C 531 -12.93 18.05 -12.90
CA THR C 531 -13.86 17.70 -11.82
C THR C 531 -14.56 16.37 -12.10
N CYS C 532 -14.93 16.14 -13.35
CA CYS C 532 -15.57 14.88 -13.71
C CYS C 532 -14.63 13.67 -13.64
N GLU C 533 -13.38 13.86 -14.07
CA GLU C 533 -12.38 12.79 -14.00
C GLU C 533 -12.15 12.43 -12.54
N ARG C 534 -12.18 13.43 -11.66
CA ARG C 534 -12.00 13.17 -10.22
C ARG C 534 -13.24 12.54 -9.57
N LEU C 535 -14.42 12.93 -10.07
CA LEU C 535 -15.69 12.49 -9.53
C LEU C 535 -15.86 10.97 -9.60
N VAL C 536 -15.56 10.40 -10.76
CA VAL C 536 -15.71 8.97 -10.98
C VAL C 536 -14.64 8.19 -10.21
N ARG C 537 -13.61 8.88 -9.73
CA ARG C 537 -12.57 8.26 -8.93
C ARG C 537 -12.90 8.41 -7.44
N GLY C 538 -14.11 8.87 -7.16
CA GLY C 538 -14.55 9.10 -5.79
C GLY C 538 -13.88 10.28 -5.12
N LEU C 539 -13.21 11.13 -5.91
CA LEU C 539 -12.51 12.29 -5.36
C LEU C 539 -13.40 13.54 -5.30
N ASP C 540 -13.05 14.46 -4.41
CA ASP C 540 -13.83 15.67 -4.22
C ASP C 540 -13.06 16.88 -4.73
N THR C 541 -13.80 17.87 -5.22
CA THR C 541 -13.21 19.08 -5.77
C THR C 541 -14.16 20.22 -5.52
N ILE C 542 -13.69 21.27 -4.83
CA ILE C 542 -14.54 22.43 -4.59
C ILE C 542 -14.54 23.35 -5.80
N ALA C 543 -15.71 23.63 -6.37
CA ALA C 543 -15.79 24.61 -7.45
C ALA C 543 -15.93 26.04 -6.90
N ALA C 544 -14.88 26.82 -7.05
CA ALA C 544 -14.91 28.25 -6.76
C ALA C 544 -15.30 28.97 -8.04
N THR C 545 -16.54 29.48 -8.07
CA THR C 545 -17.11 30.01 -9.31
C THR C 545 -17.85 31.33 -9.12
N GLY C 546 -18.32 31.90 -10.23
CA GLY C 546 -19.14 33.09 -10.20
C GLY C 546 -20.59 32.77 -9.87
N ASN C 547 -21.46 33.77 -10.00
CA ASN C 547 -22.86 33.67 -9.61
C ASN C 547 -23.69 32.66 -10.43
N ILE C 548 -23.67 32.84 -11.74
CA ILE C 548 -24.43 31.97 -12.63
C ILE C 548 -23.93 30.53 -12.56
N LEU C 549 -22.60 30.37 -12.55
CA LEU C 549 -22.00 29.03 -12.42
C LEU C 549 -22.35 28.41 -11.09
N ARG C 550 -22.42 29.24 -10.04
CA ARG C 550 -22.90 28.78 -8.75
C ARG C 550 -24.27 28.16 -8.95
N ASP C 551 -25.19 28.93 -9.56
CA ASP C 551 -26.52 28.38 -9.85
C ASP C 551 -26.49 27.03 -10.60
N TYR C 552 -25.84 27.03 -11.77
CA TYR C 552 -25.83 25.87 -12.67
C TYR C 552 -25.23 24.63 -12.04
N LEU C 553 -24.05 24.78 -11.44
CA LEU C 553 -23.33 23.66 -10.86
C LEU C 553 -24.01 23.14 -9.60
N THR C 554 -24.52 24.06 -8.77
CA THR C 554 -25.20 23.64 -7.55
C THR C 554 -26.57 23.03 -7.84
N ASP C 555 -27.08 23.22 -9.05
CA ASP C 555 -28.21 22.40 -9.47
C ASP C 555 -27.76 21.09 -10.12
N LEU C 556 -26.63 21.13 -10.82
CA LEU C 556 -26.15 20.01 -11.62
C LEU C 556 -25.63 18.85 -10.79
N PHE C 557 -24.57 19.11 -10.03
CA PHE C 557 -23.94 18.04 -9.26
C PHE C 557 -24.80 17.40 -8.16
N PRO C 558 -25.52 18.22 -7.37
CA PRO C 558 -26.35 17.59 -6.34
C PRO C 558 -27.47 16.71 -6.91
N ILE C 559 -27.98 17.03 -8.09
CA ILE C 559 -29.01 16.20 -8.72
C ILE C 559 -28.43 14.84 -9.14
N LEU C 560 -27.18 14.84 -9.59
CA LEU C 560 -26.49 13.60 -9.92
C LEU C 560 -26.10 12.82 -8.66
N GLU C 561 -25.51 13.51 -7.70
CA GLU C 561 -25.07 12.86 -6.47
C GLU C 561 -26.22 12.38 -5.59
N LEU C 562 -27.21 13.25 -5.41
CA LEU C 562 -28.22 13.06 -4.36
C LEU C 562 -29.65 12.89 -4.89
N GLY C 563 -29.82 12.99 -6.21
CA GLY C 563 -31.15 12.92 -6.81
C GLY C 563 -31.80 14.30 -6.89
N THR C 564 -31.56 15.13 -5.87
CA THR C 564 -32.14 16.47 -5.81
C THR C 564 -31.21 17.46 -5.10
N SER C 565 -31.23 18.72 -5.54
CA SER C 565 -30.37 19.75 -4.98
C SER C 565 -30.92 20.31 -3.66
N ALA C 566 -32.10 19.85 -3.27
CA ALA C 566 -32.74 20.31 -2.04
C ALA C 566 -32.07 19.73 -0.79
N LYS C 567 -31.25 18.70 -0.98
CA LYS C 567 -30.56 18.07 0.16
C LYS C 567 -29.19 18.72 0.37
N MET C 568 -29.05 19.94 -0.13
CA MET C 568 -27.81 20.66 0.00
C MET C 568 -27.86 21.63 1.17
N LEU C 569 -26.70 21.83 1.80
CA LEU C 569 -26.53 22.91 2.74
C LEU C 569 -26.18 24.14 1.91
N SER C 570 -26.84 25.27 2.19
CA SER C 570 -26.57 26.50 1.46
C SER C 570 -26.43 27.70 2.40
N VAL C 571 -25.20 27.94 2.85
CA VAL C 571 -24.93 28.95 3.87
C VAL C 571 -24.41 30.25 3.26
N VAL C 572 -25.08 31.35 3.57
CA VAL C 572 -24.72 32.67 3.08
C VAL C 572 -24.35 33.58 4.23
N PRO C 573 -23.05 33.63 4.58
CA PRO C 573 -22.61 34.58 5.60
C PRO C 573 -22.72 36.01 5.08
N LEU C 574 -23.70 36.75 5.58
CA LEU C 574 -23.91 38.14 5.17
C LEU C 574 -22.73 38.98 5.62
N MET C 575 -22.35 39.96 4.81
CA MET C 575 -21.11 40.72 5.03
C MET C 575 -21.17 41.58 6.29
N ALA C 576 -22.38 41.88 6.76
CA ALA C 576 -22.56 42.68 7.97
C ALA C 576 -22.52 41.85 9.26
N GLY C 577 -22.36 40.53 9.13
CA GLY C 577 -22.27 39.66 10.29
C GLY C 577 -23.48 38.77 10.48
N GLY C 578 -24.60 39.13 9.86
CA GLY C 578 -25.79 38.30 9.89
C GLY C 578 -25.62 37.02 9.10
N GLY C 579 -26.66 36.20 9.07
CA GLY C 579 -26.58 34.92 8.40
C GLY C 579 -27.85 34.57 7.66
N MET C 580 -27.67 34.13 6.41
CA MET C 580 -28.79 33.57 5.67
C MET C 580 -28.55 32.08 5.40
N TYR C 581 -29.61 31.31 5.38
CA TYR C 581 -29.52 29.87 5.20
C TYR C 581 -30.60 29.46 4.24
N GLU C 582 -30.20 29.09 3.03
CA GLU C 582 -31.16 28.74 2.00
C GLU C 582 -31.48 27.26 2.15
N THR C 583 -32.75 26.92 1.99
CA THR C 583 -33.22 25.54 2.08
C THR C 583 -32.87 24.76 0.83
N GLY C 584 -31.70 24.14 0.82
CA GLY C 584 -31.20 23.48 -0.36
C GLY C 584 -30.88 24.47 -1.49
N ALA C 585 -30.65 23.94 -2.68
CA ALA C 585 -30.26 24.78 -3.81
C ALA C 585 -31.24 24.63 -4.97
N GLY C 586 -32.44 24.13 -4.67
CA GLY C 586 -33.47 23.97 -5.68
C GLY C 586 -34.49 25.09 -5.68
N GLY C 587 -35.56 24.90 -6.45
CA GLY C 587 -36.67 25.84 -6.47
C GLY C 587 -37.90 25.33 -5.73
N SER C 588 -39.03 26.00 -5.96
CA SER C 588 -40.27 25.73 -5.23
C SER C 588 -41.00 24.48 -5.68
N ALA C 589 -40.41 23.73 -6.62
CA ALA C 589 -40.93 22.44 -7.08
C ALA C 589 -42.44 22.39 -7.35
N PRO C 590 -42.92 23.16 -8.34
CA PRO C 590 -44.36 23.29 -8.59
C PRO C 590 -45.04 21.96 -8.94
N LYS C 591 -44.28 21.00 -9.45
CA LYS C 591 -44.83 19.70 -9.81
C LYS C 591 -45.41 18.97 -8.59
N HIS C 592 -44.83 19.20 -7.42
CA HIS C 592 -45.26 18.53 -6.20
C HIS C 592 -46.68 18.95 -5.79
N VAL C 593 -47.01 20.20 -6.12
CA VAL C 593 -48.29 20.78 -5.76
C VAL C 593 -49.44 19.98 -6.35
N LYS C 594 -49.27 19.53 -7.60
CA LYS C 594 -50.31 18.76 -8.27
C LYS C 594 -50.57 17.45 -7.52
N GLN C 595 -49.50 16.72 -7.24
CA GLN C 595 -49.61 15.45 -6.53
C GLN C 595 -50.27 15.64 -5.17
N LEU C 596 -49.90 16.73 -4.49
CA LEU C 596 -50.56 17.05 -3.23
C LEU C 596 -52.06 17.27 -3.40
N VAL C 597 -52.44 18.25 -4.22
CA VAL C 597 -53.84 18.61 -4.36
C VAL C 597 -54.71 17.47 -4.93
N GLU C 598 -54.09 16.52 -5.62
CA GLU C 598 -54.87 15.47 -6.26
C GLU C 598 -54.87 14.11 -5.57
N GLU C 599 -53.82 13.82 -4.80
CA GLU C 599 -53.73 12.55 -4.08
C GLU C 599 -53.31 12.73 -2.63
N ASN C 600 -53.22 13.98 -2.18
CA ASN C 600 -52.80 14.30 -0.81
C ASN C 600 -51.45 13.68 -0.45
N HIS C 601 -50.52 13.75 -1.39
CA HIS C 601 -49.16 13.28 -1.14
C HIS C 601 -48.16 14.34 -1.58
N LEU C 602 -47.34 14.79 -0.64
CA LEU C 602 -46.35 15.81 -0.92
C LEU C 602 -44.96 15.19 -0.87
N ARG C 603 -44.35 15.01 -2.03
CA ARG C 603 -43.05 14.35 -2.12
C ARG C 603 -41.91 15.32 -1.79
N TRP C 604 -42.27 16.55 -1.44
CA TRP C 604 -41.28 17.56 -1.08
C TRP C 604 -40.43 17.12 0.10
N ASP C 605 -39.12 17.07 -0.11
CA ASP C 605 -38.21 16.73 0.98
C ASP C 605 -37.85 17.99 1.76
N SER C 606 -38.15 17.99 3.06
CA SER C 606 -37.87 19.14 3.92
C SER C 606 -36.46 19.14 4.52
N LEU C 607 -35.67 18.14 4.14
CA LEU C 607 -34.31 17.97 4.68
C LEU C 607 -33.48 19.25 4.69
N GLY C 608 -33.60 20.04 3.63
CA GLY C 608 -32.86 21.27 3.49
C GLY C 608 -33.25 22.30 4.54
N GLU C 609 -34.54 22.32 4.88
CA GLU C 609 -35.04 23.17 5.96
C GLU C 609 -34.37 22.77 7.28
N PHE C 610 -34.32 21.47 7.54
CA PHE C 610 -33.75 20.96 8.79
C PHE C 610 -32.28 21.33 8.89
N LEU C 611 -31.56 21.10 7.79
CA LEU C 611 -30.14 21.40 7.73
C LEU C 611 -29.89 22.89 7.97
N ALA C 612 -30.60 23.73 7.22
CA ALA C 612 -30.44 25.18 7.33
C ALA C 612 -30.78 25.67 8.73
N LEU C 613 -31.76 25.03 9.35
CA LEU C 613 -32.16 25.40 10.69
C LEU C 613 -31.01 25.05 11.65
N GLY C 614 -30.43 23.85 11.47
CA GLY C 614 -29.32 23.42 12.29
C GLY C 614 -28.14 24.38 12.22
N ALA C 615 -27.68 24.65 10.99
CA ALA C 615 -26.66 25.66 10.77
C ALA C 615 -27.03 27.00 11.43
N GLY C 616 -28.30 27.38 11.33
CA GLY C 616 -28.77 28.60 11.95
C GLY C 616 -28.57 28.62 13.46
N PHE C 617 -28.98 27.53 14.11
CA PHE C 617 -28.82 27.37 15.55
C PHE C 617 -27.36 27.42 15.94
N GLU C 618 -26.52 26.71 15.19
CA GLU C 618 -25.09 26.69 15.45
C GLU C 618 -24.45 28.09 15.35
N ASP C 619 -24.81 28.82 14.31
CA ASP C 619 -24.25 30.17 14.12
C ASP C 619 -24.74 31.13 15.19
N ILE C 620 -26.04 31.08 15.49
CA ILE C 620 -26.59 31.83 16.61
C ILE C 620 -25.79 31.54 17.88
N GLY C 621 -25.50 30.25 18.09
CA GLY C 621 -24.68 29.80 19.20
C GLY C 621 -23.32 30.48 19.22
N ILE C 622 -22.60 30.43 18.11
CA ILE C 622 -21.28 31.05 18.01
C ILE C 622 -21.32 32.57 18.29
N LYS C 623 -22.30 33.26 17.69
CA LYS C 623 -22.35 34.72 17.75
C LYS C 623 -22.85 35.28 19.08
N THR C 624 -23.76 34.56 19.72
CA THR C 624 -24.42 35.07 20.93
C THR C 624 -24.00 34.31 22.19
N GLY C 625 -23.37 33.17 22.01
CA GLY C 625 -22.99 32.33 23.13
C GLY C 625 -24.20 31.73 23.82
N ASN C 626 -25.30 31.66 23.08
CA ASN C 626 -26.51 31.02 23.58
C ASN C 626 -26.33 29.51 23.57
N GLU C 627 -26.18 28.93 24.76
CA GLU C 627 -25.90 27.50 24.91
C GLU C 627 -27.06 26.63 24.46
N ARG C 628 -28.28 27.10 24.73
CA ARG C 628 -29.48 26.39 24.33
C ARG C 628 -29.58 26.27 22.81
N ALA C 629 -29.12 27.32 22.12
CA ALA C 629 -29.07 27.30 20.66
C ALA C 629 -28.11 26.21 20.16
N LYS C 630 -26.89 26.22 20.69
CA LYS C 630 -25.88 25.22 20.36
C LYS C 630 -26.47 23.82 20.55
N LEU C 631 -27.16 23.65 21.67
CA LEU C 631 -27.78 22.37 22.01
C LEU C 631 -28.84 21.97 20.98
N LEU C 632 -29.68 22.94 20.61
CA LEU C 632 -30.70 22.76 19.60
C LEU C 632 -30.12 22.32 18.27
N GLY C 633 -28.99 22.93 17.90
CA GLY C 633 -28.28 22.57 16.68
C GLY C 633 -27.74 21.15 16.73
N LYS C 634 -27.07 20.79 17.82
CA LYS C 634 -26.52 19.43 17.93
C LYS C 634 -27.60 18.34 17.91
N THR C 635 -28.67 18.57 18.67
CA THR C 635 -29.76 17.60 18.72
C THR C 635 -30.51 17.53 17.39
N LEU C 636 -30.66 18.67 16.72
CA LEU C 636 -31.30 18.69 15.41
C LEU C 636 -30.47 17.91 14.41
N ASP C 637 -29.15 18.15 14.42
CA ASP C 637 -28.24 17.47 13.51
C ASP C 637 -28.28 15.97 13.76
N ALA C 638 -28.28 15.58 15.04
CA ALA C 638 -28.32 14.16 15.40
C ALA C 638 -29.64 13.52 14.98
N ALA C 639 -30.70 14.31 15.07
CA ALA C 639 -32.03 13.88 14.65
C ALA C 639 -32.07 13.64 13.13
N ILE C 640 -31.46 14.54 12.38
CA ILE C 640 -31.33 14.39 10.94
C ILE C 640 -30.55 13.12 10.64
N GLY C 641 -29.49 12.91 11.40
CA GLY C 641 -28.72 11.68 11.33
C GLY C 641 -29.59 10.44 11.48
N LYS C 642 -30.47 10.43 12.49
CA LYS C 642 -31.39 9.31 12.70
C LYS C 642 -32.39 9.17 11.55
N LEU C 643 -32.79 10.31 11.00
CA LEU C 643 -33.77 10.36 9.92
C LEU C 643 -33.20 9.67 8.70
N LEU C 644 -31.96 10.01 8.38
CA LEU C 644 -31.26 9.38 7.27
C LEU C 644 -30.92 7.92 7.56
N ASP C 645 -30.58 7.62 8.81
CA ASP C 645 -30.26 6.26 9.24
C ASP C 645 -31.44 5.30 9.09
N ASN C 646 -32.66 5.84 9.21
CA ASN C 646 -33.85 5.01 9.14
C ASN C 646 -34.69 5.23 7.88
N ASP C 647 -34.12 5.99 6.95
CA ASP C 647 -34.71 6.20 5.63
C ASP C 647 -36.13 6.78 5.73
N LYS C 648 -36.30 7.79 6.58
CA LYS C 648 -37.59 8.45 6.73
C LYS C 648 -37.72 9.64 5.78
N SER C 649 -36.92 9.65 4.73
CA SER C 649 -37.11 10.60 3.64
C SER C 649 -38.45 10.30 2.98
N PRO C 650 -39.15 11.35 2.52
CA PRO C 650 -40.45 11.16 1.87
C PRO C 650 -40.35 10.30 0.62
N SER C 651 -41.45 9.64 0.26
CA SER C 651 -41.49 8.79 -0.93
C SER C 651 -42.16 9.53 -2.08
N ARG C 652 -41.87 9.12 -3.30
CA ARG C 652 -42.52 9.72 -4.46
C ARG C 652 -43.92 9.12 -4.66
N LYS C 653 -44.15 7.95 -4.08
CA LYS C 653 -45.37 7.18 -4.31
C LYS C 653 -46.50 7.51 -3.33
N THR C 654 -47.71 7.65 -3.88
CA THR C 654 -48.90 7.97 -3.07
C THR C 654 -49.26 6.79 -2.19
N GLY C 655 -49.52 7.07 -0.91
CA GLY C 655 -49.84 6.03 0.04
C GLY C 655 -48.66 5.67 0.93
N GLU C 656 -47.46 6.02 0.47
CA GLU C 656 -46.27 5.84 1.29
C GLU C 656 -45.96 7.11 2.08
N LEU C 657 -44.89 7.09 2.86
CA LEU C 657 -44.54 8.22 3.72
C LEU C 657 -44.31 9.49 2.90
N ASP C 658 -44.83 10.61 3.37
CA ASP C 658 -44.62 11.89 2.67
C ASP C 658 -43.91 12.94 3.52
N ASN C 659 -43.93 14.18 3.07
CA ASN C 659 -43.31 15.31 3.75
C ASN C 659 -43.72 15.39 5.22
N ARG C 660 -45.03 15.29 5.47
CA ARG C 660 -45.59 15.38 6.82
C ARG C 660 -45.08 14.29 7.77
N GLY C 661 -45.06 13.04 7.30
CA GLY C 661 -44.58 11.94 8.11
C GLY C 661 -43.09 12.06 8.40
N SER C 662 -42.35 12.54 7.40
CA SER C 662 -40.92 12.79 7.54
C SER C 662 -40.67 13.84 8.63
N GLN C 663 -41.42 14.94 8.56
CA GLN C 663 -41.34 15.99 9.57
C GLN C 663 -41.72 15.48 10.96
N PHE C 664 -42.68 14.57 11.01
CA PHE C 664 -43.07 13.95 12.28
C PHE C 664 -41.91 13.15 12.86
N TYR C 665 -41.36 12.24 12.07
CA TYR C 665 -40.22 11.45 12.51
C TYR C 665 -39.07 12.36 12.97
N LEU C 666 -38.86 13.46 12.25
CA LEU C 666 -37.87 14.44 12.66
C LEU C 666 -38.16 14.98 14.05
N ALA C 667 -39.39 15.43 14.25
CA ALA C 667 -39.84 15.94 15.55
C ALA C 667 -39.62 14.92 16.66
N MET C 668 -39.92 13.66 16.38
CA MET C 668 -39.74 12.58 17.33
C MET C 668 -38.27 12.43 17.71
N TYR C 669 -37.43 12.13 16.72
CA TYR C 669 -35.99 11.95 16.95
C TYR C 669 -35.36 13.13 17.69
N TRP C 670 -35.80 14.33 17.31
CA TRP C 670 -35.31 15.55 17.91
C TRP C 670 -35.70 15.63 19.37
N ALA C 671 -36.96 15.30 19.65
CA ALA C 671 -37.45 15.27 21.03
C ALA C 671 -36.67 14.25 21.88
N GLN C 672 -36.40 13.10 21.30
CA GLN C 672 -35.61 12.06 21.97
C GLN C 672 -34.20 12.56 22.28
N GLU C 673 -33.55 13.15 21.29
CA GLU C 673 -32.20 13.70 21.47
C GLU C 673 -32.16 14.77 22.56
N LEU C 674 -33.20 15.60 22.59
CA LEU C 674 -33.29 16.66 23.58
C LEU C 674 -33.52 16.10 25.00
N ALA C 675 -34.31 15.03 25.09
CA ALA C 675 -34.61 14.42 26.38
C ALA C 675 -33.44 13.58 26.92
N ALA C 676 -32.63 13.04 26.02
CA ALA C 676 -31.55 12.15 26.40
C ALA C 676 -30.22 12.85 26.67
N GLN C 677 -30.07 14.09 26.20
CA GLN C 677 -28.86 14.86 26.47
C GLN C 677 -28.78 15.28 27.94
N THR C 678 -27.55 15.42 28.44
CA THR C 678 -27.31 15.66 29.86
C THR C 678 -26.89 17.11 30.14
N ASP C 679 -26.66 17.86 29.07
CA ASP C 679 -25.99 19.16 29.16
C ASP C 679 -26.92 20.30 29.58
N ASP C 680 -28.22 20.01 29.67
CA ASP C 680 -29.22 20.99 30.11
C ASP C 680 -30.40 20.21 30.68
N GLN C 681 -30.30 19.85 31.95
CA GLN C 681 -31.27 18.97 32.62
C GLN C 681 -32.71 19.47 32.60
N GLN C 682 -32.88 20.79 32.62
CA GLN C 682 -34.21 21.39 32.59
C GLN C 682 -34.78 21.44 31.17
N LEU C 683 -33.89 21.40 30.18
CA LEU C 683 -34.33 21.33 28.78
C LEU C 683 -34.75 19.90 28.46
N ALA C 684 -33.93 18.95 28.89
CA ALA C 684 -34.28 17.54 28.82
C ALA C 684 -35.61 17.32 29.54
N GLU C 685 -35.76 17.99 30.68
CA GLU C 685 -36.97 17.95 31.48
C GLU C 685 -38.16 18.52 30.71
N HIS C 686 -37.91 19.56 29.94
CA HIS C 686 -38.93 20.18 29.11
C HIS C 686 -39.41 19.25 27.99
N PHE C 687 -38.46 18.56 27.34
CA PHE C 687 -38.79 17.76 26.16
C PHE C 687 -39.07 16.28 26.41
N ALA C 688 -38.89 15.84 27.65
CA ALA C 688 -39.11 14.43 27.99
C ALA C 688 -40.54 13.96 27.70
N SER C 689 -41.52 14.75 28.12
CA SER C 689 -42.92 14.46 27.89
C SER C 689 -43.21 14.27 26.40
N LEU C 690 -42.85 15.28 25.61
CA LEU C 690 -43.01 15.24 24.15
C LEU C 690 -42.35 14.00 23.54
N ALA C 691 -41.09 13.78 23.88
CA ALA C 691 -40.35 12.58 23.44
C ALA C 691 -41.17 11.31 23.70
N ASP C 692 -41.67 11.18 24.92
CA ASP C 692 -42.44 10.02 25.32
C ASP C 692 -43.73 9.84 24.49
N VAL C 693 -44.57 10.88 24.46
CA VAL C 693 -45.84 10.77 23.73
C VAL C 693 -45.62 10.49 22.25
N LEU C 694 -44.66 11.19 21.62
CA LEU C 694 -44.35 10.98 20.22
C LEU C 694 -43.83 9.56 19.94
N THR C 695 -42.91 9.09 20.77
CA THR C 695 -42.38 7.73 20.64
C THR C 695 -43.49 6.70 20.77
N LYS C 696 -44.40 6.93 21.71
CA LYS C 696 -45.54 6.05 21.96
C LYS C 696 -46.47 5.97 20.74
N ASN C 697 -46.94 7.12 20.28
CA ASN C 697 -47.95 7.16 19.22
C ASN C 697 -47.38 7.19 17.80
N GLU C 698 -46.24 6.54 17.61
CA GLU C 698 -45.60 6.46 16.29
C GLU C 698 -46.53 5.86 15.23
N ASP C 699 -46.87 4.58 15.38
CA ASP C 699 -47.77 3.89 14.44
C ASP C 699 -49.13 4.59 14.32
N VAL C 700 -49.60 5.15 15.44
CA VAL C 700 -50.83 5.94 15.47
C VAL C 700 -50.74 7.15 14.54
N ILE C 701 -49.75 8.00 14.79
CA ILE C 701 -49.57 9.22 14.02
C ILE C 701 -49.27 8.95 12.54
N VAL C 702 -48.39 7.99 12.28
CA VAL C 702 -48.12 7.55 10.91
C VAL C 702 -49.41 7.09 10.24
N ARG C 703 -50.28 6.43 11.02
CA ARG C 703 -51.59 6.01 10.51
C ARG C 703 -52.41 7.24 10.13
N GLU C 704 -52.45 8.23 11.01
CA GLU C 704 -53.23 9.44 10.78
C GLU C 704 -52.67 10.30 9.64
N LEU C 705 -51.42 10.05 9.28
CA LEU C 705 -50.77 10.77 8.19
C LEU C 705 -50.85 9.98 6.89
N THR C 706 -51.18 8.69 7.01
CA THR C 706 -51.23 7.80 5.85
C THR C 706 -52.66 7.61 5.34
N GLU C 707 -53.61 7.58 6.26
CA GLU C 707 -55.01 7.27 5.92
C GLU C 707 -55.67 8.37 5.07
N VAL C 708 -55.11 9.57 5.13
CA VAL C 708 -55.65 10.71 4.38
C VAL C 708 -55.18 10.73 2.93
N GLN C 709 -54.16 9.94 2.62
CA GLN C 709 -53.58 9.90 1.28
C GLN C 709 -54.45 9.12 0.28
N GLY C 710 -54.41 9.53 -0.98
CA GLY C 710 -55.15 8.86 -2.03
C GLY C 710 -56.34 9.64 -2.58
N GLU C 711 -56.76 10.68 -1.87
CA GLU C 711 -57.94 11.46 -2.27
C GLU C 711 -57.60 12.92 -2.57
N PRO C 712 -58.34 13.53 -3.51
CA PRO C 712 -58.16 14.95 -3.80
C PRO C 712 -58.34 15.83 -2.57
N VAL C 713 -57.77 17.03 -2.61
CA VAL C 713 -57.72 17.91 -1.45
C VAL C 713 -57.78 19.38 -1.90
N ASP C 714 -58.36 20.24 -1.07
CA ASP C 714 -58.60 21.63 -1.45
C ASP C 714 -57.92 22.57 -0.46
N ILE C 715 -56.92 23.30 -0.94
CA ILE C 715 -56.13 24.19 -0.11
C ILE C 715 -56.57 25.65 -0.28
N GLY C 716 -57.55 25.85 -1.18
CA GLY C 716 -58.16 27.16 -1.33
C GLY C 716 -57.38 28.09 -2.23
N GLY C 717 -56.85 27.56 -3.32
CA GLY C 717 -56.10 28.38 -4.26
C GLY C 717 -54.76 27.77 -4.66
N TYR C 718 -53.84 28.63 -5.07
CA TYR C 718 -52.52 28.19 -5.51
C TYR C 718 -51.48 29.24 -5.12
N TYR C 719 -51.68 30.47 -5.60
CA TYR C 719 -50.77 31.58 -5.32
C TYR C 719 -51.12 32.24 -4.00
N ALA C 720 -52.38 32.10 -3.61
CA ALA C 720 -52.86 32.58 -2.30
C ALA C 720 -53.68 31.49 -1.61
N PRO C 721 -53.01 30.43 -1.11
CA PRO C 721 -53.73 29.39 -0.37
C PRO C 721 -54.34 29.93 0.91
N ASP C 722 -55.49 29.39 1.31
CA ASP C 722 -56.16 29.79 2.55
C ASP C 722 -55.48 29.14 3.76
N SER C 723 -55.08 29.96 4.72
CA SER C 723 -54.35 29.50 5.91
C SER C 723 -55.02 28.30 6.57
N ASP C 724 -56.32 28.40 6.77
CA ASP C 724 -57.07 27.40 7.52
C ASP C 724 -57.20 26.06 6.80
N MET C 725 -57.67 26.07 5.55
CA MET C 725 -57.84 24.83 4.80
C MET C 725 -56.50 24.14 4.59
N THR C 726 -55.46 24.96 4.36
CA THR C 726 -54.10 24.46 4.11
C THR C 726 -53.47 23.88 5.37
N THR C 727 -53.68 24.52 6.52
CA THR C 727 -53.22 23.98 7.80
C THR C 727 -53.94 22.66 8.08
N ALA C 728 -55.26 22.66 7.83
CA ALA C 728 -56.07 21.46 7.96
C ALA C 728 -55.54 20.30 7.13
N VAL C 729 -55.15 20.57 5.89
CA VAL C 729 -54.61 19.53 5.01
C VAL C 729 -53.20 19.09 5.40
N MET C 730 -52.39 20.06 5.83
CA MET C 730 -50.98 19.85 6.14
C MET C 730 -50.74 19.30 7.54
N ARG C 731 -51.71 19.50 8.43
CA ARG C 731 -51.61 18.96 9.78
C ARG C 731 -52.88 18.20 10.12
N PRO C 732 -53.04 17.01 9.51
CA PRO C 732 -54.27 16.22 9.64
C PRO C 732 -54.26 15.25 10.81
N SER C 733 -53.21 15.31 11.63
CA SER C 733 -53.11 14.41 12.78
C SER C 733 -53.44 15.13 14.09
N LYS C 734 -54.61 14.79 14.65
CA LYS C 734 -55.02 15.33 15.94
C LYS C 734 -54.00 14.97 17.04
N THR C 735 -53.53 13.72 17.02
CA THR C 735 -52.51 13.23 17.96
C THR C 735 -51.25 14.09 17.95
N PHE C 736 -50.70 14.30 16.76
CA PHE C 736 -49.49 15.08 16.58
C PHE C 736 -49.71 16.52 17.05
N ASN C 737 -50.75 17.17 16.52
CA ASN C 737 -51.02 18.57 16.81
C ASN C 737 -51.24 18.83 18.30
N ALA C 738 -51.98 17.93 18.93
CA ALA C 738 -52.23 18.00 20.36
C ALA C 738 -50.93 17.81 21.14
N ALA C 739 -50.13 16.84 20.70
CA ALA C 739 -48.83 16.57 21.33
C ALA C 739 -47.94 17.81 21.29
N LEU C 740 -47.98 18.51 20.17
CA LEU C 740 -47.21 19.75 20.00
C LEU C 740 -47.76 20.89 20.83
N GLU C 741 -49.08 20.97 20.96
CA GLU C 741 -49.71 22.05 21.72
C GLU C 741 -49.39 21.93 23.19
N ALA C 742 -49.35 20.69 23.68
CA ALA C 742 -48.80 20.42 25.00
C ALA C 742 -47.32 20.83 25.00
N VAL C 743 -47.10 22.15 25.14
CA VAL C 743 -45.81 22.80 24.90
C VAL C 743 -44.60 22.09 25.48
N GLN D 5 -10.05 -5.10 73.36
CA GLN D 5 -10.28 -3.85 72.65
C GLN D 5 -9.52 -3.75 71.32
N PRO D 6 -9.62 -4.76 70.44
CA PRO D 6 -8.88 -4.63 69.19
C PRO D 6 -9.71 -3.88 68.13
N THR D 7 -9.03 -3.10 67.29
CA THR D 7 -9.70 -2.38 66.22
C THR D 7 -9.06 -2.66 64.86
N ILE D 8 -9.91 -2.98 63.89
CA ILE D 8 -9.48 -3.14 62.51
C ILE D 8 -9.95 -1.95 61.65
N ILE D 9 -9.01 -1.28 60.99
CA ILE D 9 -9.32 -0.21 60.06
C ILE D 9 -9.66 -0.76 58.68
N TYR D 10 -10.94 -0.74 58.33
CA TYR D 10 -11.36 -1.19 57.00
C TYR D 10 -11.46 0.02 56.06
N THR D 11 -10.66 0.02 55.00
CA THR D 11 -10.62 1.16 54.09
C THR D 11 -11.82 1.24 53.14
N LEU D 12 -12.42 2.42 53.08
CA LEU D 12 -13.44 2.69 52.06
C LEU D 12 -12.74 3.33 50.88
N THR D 13 -12.69 2.61 49.76
CA THR D 13 -11.91 3.08 48.63
C THR D 13 -12.80 3.47 47.46
N ASP D 14 -12.49 2.95 46.28
CA ASP D 14 -13.16 3.39 45.07
C ASP D 14 -13.72 2.23 44.28
N GLU D 15 -14.69 2.54 43.43
CA GLU D 15 -15.17 1.60 42.43
C GLU D 15 -15.55 0.22 42.96
N ALA D 16 -14.94 -0.81 42.39
CA ALA D 16 -15.37 -2.20 42.65
C ALA D 16 -15.19 -2.68 44.10
N PRO D 17 -13.98 -2.52 44.68
CA PRO D 17 -13.87 -2.93 46.08
C PRO D 17 -14.75 -2.11 47.02
N LEU D 18 -15.06 -0.86 46.66
CA LEU D 18 -16.00 -0.07 47.44
C LEU D 18 -17.39 -0.69 47.38
N LEU D 19 -17.86 -0.93 46.15
CA LEU D 19 -19.14 -1.60 45.92
C LEU D 19 -19.26 -2.89 46.71
N ALA D 20 -18.20 -3.71 46.66
CA ALA D 20 -18.19 -4.98 47.37
C ALA D 20 -18.21 -4.73 48.88
N THR D 21 -17.50 -3.69 49.31
CA THR D 21 -17.43 -3.32 50.73
C THR D 21 -18.81 -2.93 51.27
N TYR D 22 -19.63 -2.30 50.44
CA TYR D 22 -20.99 -1.95 50.84
C TYR D 22 -21.81 -3.18 51.23
N ALA D 23 -21.47 -4.31 50.63
CA ALA D 23 -22.16 -5.57 50.90
C ALA D 23 -21.47 -6.39 51.98
N PHE D 24 -20.16 -6.25 52.09
CA PHE D 24 -19.38 -7.13 52.97
C PHE D 24 -19.17 -6.56 54.36
N LEU D 25 -19.03 -5.24 54.45
CA LEU D 25 -18.80 -4.57 55.72
C LEU D 25 -19.87 -4.86 56.80
N PRO D 26 -21.17 -4.90 56.41
CA PRO D 26 -22.16 -5.33 57.41
C PRO D 26 -21.93 -6.76 57.91
N ILE D 27 -21.39 -7.63 57.06
CA ILE D 27 -21.07 -9.01 57.45
C ILE D 27 -19.87 -9.05 58.40
N VAL D 28 -18.83 -8.27 58.09
CA VAL D 28 -17.66 -8.20 58.96
C VAL D 28 -18.05 -7.75 60.36
N ARG D 29 -18.97 -6.79 60.43
CA ARG D 29 -19.47 -6.27 61.70
C ARG D 29 -20.19 -7.37 62.50
N ALA D 30 -21.03 -8.12 61.80
CA ALA D 30 -21.83 -9.19 62.41
C ALA D 30 -20.97 -10.25 63.09
N PHE D 31 -19.77 -10.50 62.56
CA PHE D 31 -18.89 -11.53 63.10
C PHE D 31 -17.88 -10.96 64.09
N ALA D 32 -17.31 -9.81 63.76
CA ALA D 32 -16.32 -9.18 64.63
C ALA D 32 -16.93 -8.71 65.96
N GLU D 33 -18.13 -8.15 65.91
CA GLU D 33 -18.78 -7.58 67.10
C GLU D 33 -18.91 -8.48 68.33
N PRO D 34 -19.45 -9.71 68.17
CA PRO D 34 -19.57 -10.57 69.36
C PRO D 34 -18.21 -11.08 69.86
N ALA D 35 -17.16 -10.88 69.07
CA ALA D 35 -15.81 -11.16 69.54
C ALA D 35 -15.19 -9.88 70.09
N GLY D 36 -16.02 -8.85 70.26
CA GLY D 36 -15.58 -7.59 70.82
C GLY D 36 -14.49 -6.88 70.02
N ILE D 37 -14.48 -7.12 68.71
CA ILE D 37 -13.54 -6.42 67.83
C ILE D 37 -14.22 -5.22 67.15
N LYS D 38 -13.64 -4.03 67.30
CA LYS D 38 -14.20 -2.84 66.68
C LYS D 38 -13.81 -2.73 65.21
N ILE D 39 -14.80 -2.53 64.35
CA ILE D 39 -14.54 -2.31 62.93
C ILE D 39 -14.69 -0.83 62.59
N GLU D 40 -13.57 -0.14 62.40
CA GLU D 40 -13.59 1.27 62.05
C GLU D 40 -13.36 1.45 60.55
N ALA D 41 -14.39 1.90 59.84
CA ALA D 41 -14.25 2.19 58.41
C ALA D 41 -13.55 3.54 58.22
N SER D 42 -12.74 3.66 57.18
CA SER D 42 -12.00 4.89 56.92
C SER D 42 -12.03 5.27 55.45
N ASP D 43 -12.75 6.34 55.13
CA ASP D 43 -12.94 6.77 53.75
C ASP D 43 -11.69 7.44 53.18
N ILE D 44 -11.06 6.78 52.21
CA ILE D 44 -9.91 7.35 51.51
C ILE D 44 -10.16 7.35 50.01
N SER D 45 -11.43 7.40 49.65
CA SER D 45 -11.82 7.55 48.25
C SER D 45 -11.23 8.83 47.69
N VAL D 46 -11.05 8.88 46.37
CA VAL D 46 -10.54 10.08 45.73
C VAL D 46 -11.44 11.26 46.10
N ALA D 47 -12.75 11.03 46.09
CA ALA D 47 -13.71 12.04 46.50
C ALA D 47 -13.43 12.55 47.91
N ALA D 48 -13.26 11.63 48.84
CA ALA D 48 -13.03 11.98 50.24
C ALA D 48 -11.70 12.68 50.45
N ARG D 49 -10.72 12.41 49.59
CA ARG D 49 -9.40 13.02 49.69
C ARG D 49 -9.40 14.45 49.11
N ILE D 50 -10.12 14.61 48.00
CA ILE D 50 -10.45 15.94 47.46
C ILE D 50 -11.12 16.78 48.54
N LEU D 51 -12.16 16.21 49.15
CA LEU D 51 -12.86 16.89 50.23
C LEU D 51 -11.91 17.24 51.37
N ALA D 52 -11.09 16.28 51.78
CA ALA D 52 -10.12 16.52 52.85
C ALA D 52 -9.18 17.67 52.52
N GLU D 53 -8.86 17.84 51.24
CA GLU D 53 -7.96 18.91 50.83
C GLU D 53 -8.62 20.30 50.87
N PHE D 54 -9.91 20.37 50.60
CA PHE D 54 -10.60 21.65 50.54
C PHE D 54 -11.72 21.85 51.55
N PRO D 55 -11.40 21.78 52.86
CA PRO D 55 -12.50 21.96 53.82
C PRO D 55 -12.96 23.42 53.86
N ASP D 56 -12.12 24.32 53.34
CA ASP D 56 -12.43 25.75 53.34
C ASP D 56 -13.48 26.13 52.29
N TYR D 57 -13.77 25.18 51.40
CA TYR D 57 -14.78 25.36 50.37
C TYR D 57 -16.07 24.65 50.77
N LEU D 58 -16.08 24.08 51.97
CA LEU D 58 -17.22 23.29 52.45
C LEU D 58 -17.88 23.86 53.71
N THR D 59 -19.16 23.57 53.88
CA THR D 59 -19.86 23.86 55.13
C THR D 59 -19.37 22.89 56.19
N GLU D 60 -19.59 23.20 57.46
CA GLU D 60 -19.10 22.34 58.55
C GLU D 60 -19.72 20.94 58.53
N GLU D 61 -20.94 20.85 58.02
CA GLU D 61 -21.63 19.56 57.88
C GLU D 61 -20.96 18.75 56.77
N GLN D 62 -20.54 19.44 55.71
CA GLN D 62 -19.89 18.81 54.55
C GLN D 62 -18.46 18.38 54.85
N ARG D 63 -17.76 19.11 55.72
CA ARG D 63 -16.35 18.84 56.00
C ARG D 63 -16.08 17.41 56.48
N VAL D 64 -14.90 16.90 56.11
CA VAL D 64 -14.53 15.52 56.38
C VAL D 64 -13.09 15.45 56.90
N PRO D 65 -12.81 14.53 57.83
CA PRO D 65 -11.47 14.47 58.42
C PRO D 65 -10.44 14.00 57.39
N ASP D 66 -9.20 14.50 57.48
CA ASP D 66 -8.15 13.97 56.62
C ASP D 66 -7.78 12.57 57.12
N ASN D 67 -8.52 11.58 56.62
CA ASN D 67 -8.36 10.20 57.06
C ASN D 67 -7.01 9.63 56.67
N LEU D 68 -6.51 10.03 55.51
CA LEU D 68 -5.21 9.57 55.03
C LEU D 68 -4.09 9.96 55.99
N ALA D 69 -4.17 11.18 56.50
CA ALA D 69 -3.21 11.66 57.49
C ALA D 69 -3.31 10.83 58.77
N GLU D 70 -4.55 10.61 59.24
CA GLU D 70 -4.79 9.87 60.47
C GLU D 70 -4.24 8.44 60.39
N LEU D 71 -4.47 7.79 59.25
CA LEU D 71 -3.92 6.48 59.01
C LEU D 71 -2.41 6.55 58.98
N GLY D 72 -1.87 7.57 58.33
CA GLY D 72 -0.44 7.79 58.29
C GLY D 72 0.15 7.88 59.69
N ARG D 73 -0.63 8.42 60.62
CA ARG D 73 -0.19 8.51 62.00
C ARG D 73 -0.30 7.15 62.66
N LEU D 74 -1.38 6.44 62.34
CA LEU D 74 -1.64 5.12 62.89
C LEU D 74 -0.57 4.10 62.50
N THR D 75 0.07 4.31 61.35
CA THR D 75 1.12 3.40 60.89
C THR D 75 2.39 3.52 61.75
N GLN D 76 2.37 4.44 62.70
CA GLN D 76 3.48 4.63 63.63
C GLN D 76 3.15 4.02 64.99
N LEU D 77 1.95 3.44 65.10
CA LEU D 77 1.48 2.82 66.33
C LEU D 77 1.38 1.29 66.15
N PRO D 78 1.68 0.53 67.23
CA PRO D 78 1.86 -0.93 67.19
C PRO D 78 0.58 -1.76 67.18
N ASP D 79 -0.50 -1.22 67.76
CA ASP D 79 -1.78 -1.94 67.78
C ASP D 79 -2.62 -1.62 66.56
N THR D 80 -2.01 -0.96 65.58
CA THR D 80 -2.69 -0.61 64.33
C THR D 80 -2.88 -1.83 63.44
N ASN D 81 -4.11 -2.05 63.01
CA ASN D 81 -4.41 -3.12 62.07
C ASN D 81 -5.30 -2.56 60.98
N ILE D 82 -4.79 -2.57 59.75
CA ILE D 82 -5.51 -1.96 58.66
C ILE D 82 -5.80 -2.99 57.57
N ILE D 83 -7.05 -3.05 57.11
CA ILE D 83 -7.38 -3.82 55.92
C ILE D 83 -7.40 -2.86 54.73
N LYS D 84 -6.32 -2.88 53.94
CA LYS D 84 -6.16 -1.94 52.84
C LYS D 84 -6.71 -2.47 51.53
N LEU D 85 -7.74 -1.82 51.01
CA LEU D 85 -8.35 -2.22 49.75
C LEU D 85 -7.81 -1.34 48.63
N PRO D 86 -7.80 -1.87 47.39
CA PRO D 86 -7.26 -1.10 46.26
C PRO D 86 -7.92 0.28 46.11
N ASN D 87 -7.10 1.32 45.99
CA ASN D 87 -7.62 2.65 45.74
C ASN D 87 -7.07 3.24 44.45
N ILE D 88 -7.81 4.18 43.88
CA ILE D 88 -7.41 4.81 42.62
C ILE D 88 -6.25 5.79 42.82
N SER D 89 -5.17 5.57 42.07
CA SER D 89 -4.15 6.59 41.92
C SER D 89 -4.59 7.43 40.73
N ALA D 90 -5.41 8.43 41.00
CA ALA D 90 -6.15 9.15 39.95
C ALA D 90 -5.30 9.94 38.96
N SER D 91 -5.76 9.96 37.72
CA SER D 91 -5.22 10.88 36.70
C SER D 91 -6.07 12.15 36.67
N VAL D 92 -5.61 13.15 35.92
CA VAL D 92 -6.38 14.38 35.77
C VAL D 92 -7.83 14.18 35.30
N PRO D 93 -8.08 13.32 34.29
CA PRO D 93 -9.49 13.10 33.91
C PRO D 93 -10.36 12.53 35.03
N GLN D 94 -9.84 11.54 35.76
CA GLN D 94 -10.57 10.97 36.88
C GLN D 94 -10.84 12.03 37.95
N LEU D 95 -9.82 12.81 38.26
CA LEU D 95 -9.94 13.89 39.23
C LEU D 95 -11.04 14.85 38.83
N VAL D 96 -11.01 15.27 37.56
CA VAL D 96 -11.99 16.18 36.99
C VAL D 96 -13.41 15.63 37.08
N ALA D 97 -13.55 14.33 36.79
CA ALA D 97 -14.85 13.67 36.86
C ALA D 97 -15.38 13.61 38.30
N ALA D 98 -14.49 13.36 39.25
CA ALA D 98 -14.86 13.31 40.65
C ALA D 98 -15.27 14.70 41.16
N ILE D 99 -14.53 15.71 40.69
CA ILE D 99 -14.83 17.10 40.99
C ILE D 99 -16.23 17.45 40.49
N LYS D 100 -16.51 17.18 39.22
CA LYS D 100 -17.85 17.48 38.70
C LYS D 100 -18.91 16.75 39.51
N GLU D 101 -18.66 15.46 39.74
CA GLU D 101 -19.55 14.62 40.53
C GLU D 101 -19.89 15.25 41.90
N LEU D 102 -18.88 15.81 42.57
CA LEU D 102 -19.05 16.42 43.89
C LEU D 102 -19.73 17.80 43.85
N GLN D 103 -19.38 18.58 42.83
CA GLN D 103 -19.94 19.91 42.64
C GLN D 103 -21.44 19.81 42.39
N ASP D 104 -21.81 18.84 41.56
CA ASP D 104 -23.22 18.63 41.24
C ASP D 104 -24.01 18.03 42.41
N LYS D 105 -23.31 17.71 43.49
CA LYS D 105 -23.94 17.23 44.72
C LYS D 105 -23.93 18.29 45.83
N GLY D 106 -23.35 19.46 45.54
CA GLY D 106 -23.36 20.55 46.50
C GLY D 106 -22.04 20.86 47.18
N TYR D 107 -21.02 20.06 46.89
CA TYR D 107 -19.69 20.33 47.42
C TYR D 107 -18.96 21.30 46.49
N ALA D 108 -18.92 22.57 46.87
CA ALA D 108 -18.42 23.62 45.98
C ALA D 108 -16.89 23.65 45.91
N VAL D 109 -16.29 22.50 45.61
CA VAL D 109 -14.84 22.41 45.44
C VAL D 109 -14.46 23.13 44.15
N PRO D 110 -13.29 23.77 44.14
CA PRO D 110 -12.89 24.52 42.95
C PRO D 110 -12.68 23.60 41.75
N ASP D 111 -12.90 24.14 40.55
CA ASP D 111 -12.58 23.42 39.32
C ASP D 111 -11.07 23.19 39.24
N TYR D 112 -10.67 22.09 38.64
CA TYR D 112 -9.26 21.86 38.37
C TYR D 112 -8.83 22.68 37.16
N PRO D 113 -7.89 23.61 37.36
CA PRO D 113 -7.40 24.44 36.26
C PRO D 113 -6.22 23.80 35.51
N ALA D 114 -6.38 23.66 34.20
CA ALA D 114 -5.31 23.18 33.33
C ALA D 114 -5.48 23.75 31.92
N PRO D 116 -4.23 27.25 33.52
CA PRO D 116 -3.68 27.89 34.72
C PRO D 116 -3.05 29.24 34.37
N LYS D 117 -3.88 30.28 34.32
CA LYS D 117 -3.43 31.60 33.87
C LYS D 117 -3.36 32.63 35.00
N THR D 118 -3.98 32.32 36.13
CA THR D 118 -4.00 33.23 37.28
C THR D 118 -3.36 32.59 38.51
N ASP D 119 -2.83 33.43 39.41
CA ASP D 119 -2.24 32.98 40.66
C ASP D 119 -3.22 32.11 41.47
N GLN D 120 -4.49 32.49 41.45
CA GLN D 120 -5.53 31.74 42.14
C GLN D 120 -5.57 30.31 41.61
N GLU D 121 -5.74 30.19 40.30
CA GLU D 121 -5.75 28.90 39.63
C GLU D 121 -4.47 28.09 39.86
N LYS D 122 -3.33 28.77 39.90
CA LYS D 122 -2.08 28.07 40.13
C LYS D 122 -2.05 27.47 41.53
N ALA D 123 -2.45 28.27 42.51
CA ALA D 123 -2.52 27.83 43.89
C ALA D 123 -3.45 26.63 44.03
N ILE D 124 -4.61 26.72 43.36
CA ILE D 124 -5.59 25.65 43.41
C ILE D 124 -5.04 24.36 42.80
N LYS D 125 -4.36 24.48 41.67
CA LYS D 125 -3.76 23.33 41.01
C LYS D 125 -2.71 22.68 41.92
N GLU D 126 -1.90 23.51 42.56
CA GLU D 126 -0.90 23.00 43.48
C GLU D 126 -1.58 22.30 44.67
N ARG D 127 -2.78 22.76 45.00
CA ARG D 127 -3.58 22.09 46.04
C ARG D 127 -4.04 20.70 45.59
N TYR D 128 -4.69 20.62 44.43
CA TYR D 128 -5.18 19.36 43.88
C TYR D 128 -4.06 18.36 43.57
N ALA D 129 -2.84 18.87 43.40
CA ALA D 129 -1.67 18.02 43.15
C ALA D 129 -1.52 16.94 44.24
N ARG D 130 -1.97 17.26 45.46
CA ARG D 130 -1.94 16.31 46.56
C ARG D 130 -3.02 15.24 46.45
N CYS D 131 -3.95 15.40 45.52
CA CYS D 131 -5.03 14.42 45.32
C CYS D 131 -4.78 13.62 44.05
N LEU D 132 -3.67 13.90 43.37
CA LEU D 132 -3.33 13.22 42.13
C LEU D 132 -2.31 12.11 42.38
N GLY D 133 -2.37 11.07 41.55
CA GLY D 133 -1.39 10.00 41.57
C GLY D 133 -1.49 9.09 42.78
N SER D 134 -0.38 8.43 43.10
CA SER D 134 -0.37 7.53 44.24
C SER D 134 -0.10 8.29 45.53
N ALA D 135 -1.17 8.65 46.22
CA ALA D 135 -1.07 9.44 47.44
C ALA D 135 -1.27 8.57 48.68
N VAL D 136 -2.07 7.52 48.55
CA VAL D 136 -2.38 6.63 49.67
C VAL D 136 -1.24 5.67 50.00
N ASN D 137 -0.89 4.82 49.04
CA ASN D 137 0.08 3.75 49.26
C ASN D 137 1.46 4.15 49.80
N PRO D 138 2.04 5.26 49.33
CA PRO D 138 3.34 5.57 49.93
C PRO D 138 3.22 6.05 51.38
N VAL D 139 2.01 6.44 51.78
CA VAL D 139 1.76 6.87 53.15
C VAL D 139 1.50 5.67 54.08
N LEU D 140 0.75 4.70 53.59
CA LEU D 140 0.42 3.52 54.37
C LEU D 140 1.55 2.48 54.46
N ARG D 141 2.34 2.38 53.40
CA ARG D 141 3.36 1.34 53.30
C ARG D 141 4.63 1.66 54.07
N GLN D 142 4.57 1.45 55.39
CA GLN D 142 5.69 1.73 56.28
C GLN D 142 6.28 0.41 56.77
N GLY D 143 6.12 -0.62 55.94
CA GLY D 143 6.77 -1.90 56.14
C GLY D 143 7.13 -2.45 54.77
N ASN D 144 7.81 -3.60 54.73
CA ASN D 144 8.10 -4.24 53.45
C ASN D 144 7.00 -5.22 53.09
N SER D 145 7.04 -5.73 51.86
CA SER D 145 5.91 -6.45 51.30
C SER D 145 6.10 -7.96 51.25
N ASP D 146 5.17 -8.68 51.86
CA ASP D 146 5.19 -10.13 51.82
C ASP D 146 3.94 -10.59 51.08
N ARG D 147 4.09 -10.86 49.79
CA ARG D 147 2.97 -11.30 48.97
C ARG D 147 3.17 -12.75 48.53
N ARG D 148 2.10 -13.52 48.58
CA ARG D 148 2.16 -14.93 48.20
C ARG D 148 0.75 -15.51 48.06
N ALA D 149 0.60 -16.54 47.24
CA ALA D 149 -0.67 -17.25 47.16
C ALA D 149 -0.74 -18.26 48.29
N PRO D 150 -1.83 -18.23 49.06
CA PRO D 150 -2.05 -19.30 50.06
C PRO D 150 -2.24 -20.64 49.37
N LYS D 151 -1.88 -21.73 50.06
CA LYS D 151 -1.93 -23.09 49.49
C LYS D 151 -3.27 -23.46 48.88
N ALA D 152 -4.35 -23.17 49.62
CA ALA D 152 -5.69 -23.53 49.18
C ALA D 152 -6.15 -22.78 47.92
N VAL D 153 -5.69 -21.54 47.75
CA VAL D 153 -6.00 -20.76 46.56
C VAL D 153 -5.26 -21.33 45.34
N LYS D 154 -3.99 -21.67 45.54
CA LYS D 154 -3.20 -22.30 44.48
C LYS D 154 -3.86 -23.61 44.07
N GLU D 155 -4.35 -24.36 45.05
CA GLU D 155 -5.07 -25.60 44.79
C GLU D 155 -6.32 -25.35 43.98
N TYR D 156 -7.10 -24.35 44.40
CA TYR D 156 -8.30 -23.97 43.67
C TYR D 156 -7.94 -23.74 42.21
N ALA D 157 -6.90 -22.94 41.99
CA ALA D 157 -6.48 -22.60 40.63
C ALA D 157 -6.06 -23.85 39.85
N ARG D 158 -5.48 -24.82 40.56
CA ARG D 158 -5.12 -26.10 39.96
C ARG D 158 -6.34 -26.91 39.52
N LYS D 159 -7.41 -26.86 40.30
CA LYS D 159 -8.62 -27.64 39.98
C LYS D 159 -9.63 -26.91 39.08
N HIS D 160 -9.72 -25.58 39.22
CA HIS D 160 -10.59 -24.80 38.33
C HIS D 160 -9.79 -23.79 37.53
N PRO D 161 -9.17 -24.27 36.44
CA PRO D 161 -8.25 -23.43 35.66
C PRO D 161 -8.95 -22.30 34.90
N HIS D 162 -8.41 -21.10 35.03
CA HIS D 162 -8.88 -19.93 34.30
C HIS D 162 -8.38 -20.00 32.87
N SER D 163 -8.99 -19.23 31.97
CA SER D 163 -8.60 -19.24 30.56
C SER D 163 -7.18 -18.69 30.34
N MET D 164 -6.44 -19.34 29.45
CA MET D 164 -5.08 -18.90 29.11
C MET D 164 -4.89 -18.97 27.59
N GLY D 165 -4.59 -17.83 26.98
CA GLY D 165 -4.39 -17.78 25.54
C GLY D 165 -3.12 -18.49 25.11
N GLU D 166 -3.21 -19.20 23.98
CA GLU D 166 -2.08 -19.95 23.42
C GLU D 166 -0.98 -19.03 22.89
N TRP D 167 0.25 -19.54 22.85
CA TRP D 167 1.37 -18.76 22.34
C TRP D 167 1.93 -19.39 21.08
N SER D 168 1.92 -18.63 19.99
CA SER D 168 2.52 -19.09 18.75
C SER D 168 4.01 -18.81 18.75
N MET D 169 4.79 -19.77 18.27
CA MET D 169 6.23 -19.58 18.14
C MET D 169 6.51 -18.50 17.11
N ALA D 170 5.51 -18.23 16.27
CA ALA D 170 5.62 -17.22 15.23
C ALA D 170 4.98 -15.90 15.64
N SER D 171 4.76 -15.72 16.94
CA SER D 171 4.17 -14.47 17.43
C SER D 171 5.08 -13.28 17.15
N ARG D 172 4.51 -12.21 16.63
CA ARG D 172 5.29 -10.99 16.41
C ARG D 172 5.36 -10.12 17.66
N THR D 173 4.64 -10.52 18.72
CA THR D 173 4.58 -9.71 19.94
C THR D 173 5.94 -9.48 20.61
N HIS D 174 6.21 -8.24 20.98
CA HIS D 174 7.49 -7.91 21.62
C HIS D 174 7.39 -6.63 22.44
N VAL D 175 8.34 -6.46 23.36
CA VAL D 175 8.46 -5.22 24.12
C VAL D 175 9.47 -4.32 23.44
N ALA D 176 9.09 -3.06 23.22
CA ALA D 176 10.03 -2.07 22.71
C ALA D 176 10.33 -1.04 23.77
N HIS D 177 11.55 -1.09 24.31
CA HIS D 177 12.01 -0.12 25.29
C HIS D 177 13.18 0.66 24.72
N MET D 178 13.48 1.82 25.32
CA MET D 178 14.59 2.63 24.85
C MET D 178 15.92 1.90 25.10
N ARG D 179 16.82 1.98 24.13
CA ARG D 179 18.11 1.33 24.21
C ARG D 179 19.17 2.35 24.64
N HIS D 180 18.73 3.60 24.78
CA HIS D 180 19.55 4.67 25.34
C HIS D 180 18.67 5.87 25.62
N GLY D 181 19.11 6.74 26.53
CA GLY D 181 18.44 8.01 26.75
C GLY D 181 17.34 7.95 27.80
N ASP D 182 17.23 6.81 28.47
CA ASP D 182 16.23 6.63 29.52
C ASP D 182 16.89 6.61 30.90
N PHE D 183 16.07 6.49 31.94
CA PHE D 183 16.58 6.49 33.31
C PHE D 183 17.70 5.48 33.50
N TYR D 184 17.50 4.29 32.93
CA TYR D 184 18.45 3.19 33.08
C TYR D 184 19.85 3.51 32.52
N ALA D 185 19.88 4.17 31.37
CA ALA D 185 21.14 4.43 30.69
C ALA D 185 22.02 5.46 31.41
N GLY D 186 21.43 6.54 31.91
CA GLY D 186 22.19 7.59 32.55
C GLY D 186 22.20 7.55 34.08
N GLU D 187 21.78 6.43 34.65
CA GLU D 187 21.65 6.31 36.10
C GLU D 187 23.00 6.33 36.82
N LYS D 188 23.07 7.14 37.87
CA LYS D 188 24.20 7.13 38.78
C LYS D 188 23.66 6.86 40.18
N SER D 189 24.48 6.23 41.03
CA SER D 189 24.01 5.88 42.35
C SER D 189 25.14 5.75 43.35
N MET D 190 24.80 5.77 44.63
CA MET D 190 25.79 5.64 45.69
C MET D 190 25.14 5.33 47.02
N THR D 191 25.91 4.71 47.90
CA THR D 191 25.47 4.57 49.29
C THR D 191 26.17 5.64 50.11
N LEU D 192 25.51 6.08 51.18
CA LEU D 192 26.11 7.10 52.04
C LEU D 192 26.89 6.48 53.19
N ASP D 193 27.95 7.18 53.61
CA ASP D 193 28.78 6.75 54.74
C ASP D 193 28.55 7.70 55.92
N ARG D 194 27.75 8.73 55.69
CA ARG D 194 27.45 9.73 56.71
C ARG D 194 26.16 10.47 56.40
N ALA D 195 25.40 10.78 57.45
CA ALA D 195 24.17 11.54 57.29
C ALA D 195 24.47 12.90 56.69
N ARG D 196 23.96 13.14 55.49
CA ARG D 196 24.18 14.41 54.82
C ARG D 196 22.88 15.17 54.58
N ASN D 197 23.01 16.48 54.37
CA ASN D 197 21.91 17.26 53.81
C ASN D 197 22.30 17.62 52.39
N VAL D 198 21.41 17.39 51.44
CA VAL D 198 21.75 17.64 50.04
C VAL D 198 20.75 18.55 49.34
N ARG D 199 21.19 19.11 48.22
CA ARG D 199 20.42 20.05 47.43
C ARG D 199 20.46 19.57 45.98
N MET D 200 19.36 19.77 45.26
CA MET D 200 19.30 19.45 43.85
C MET D 200 19.28 20.75 43.06
N GLU D 201 20.33 20.95 42.27
CA GLU D 201 20.45 22.18 41.50
C GLU D 201 20.90 21.90 40.07
N LEU D 202 20.60 22.83 39.17
CA LEU D 202 21.03 22.74 37.79
C LEU D 202 22.03 23.84 37.45
N LEU D 203 23.18 23.43 36.93
CA LEU D 203 24.20 24.37 36.47
C LEU D 203 24.04 24.61 34.97
N ALA D 204 23.30 25.65 34.61
CA ALA D 204 23.10 26.02 33.21
C ALA D 204 24.44 26.30 32.52
N LYS D 205 24.52 25.92 31.24
CA LYS D 205 25.69 26.22 30.41
C LYS D 205 25.98 27.71 30.51
N SER D 206 24.90 28.49 30.53
CA SER D 206 24.99 29.94 30.67
C SER D 206 25.32 30.35 32.11
N GLY D 207 26.43 29.85 32.63
CA GLY D 207 26.98 30.25 33.92
C GLY D 207 26.08 30.23 35.15
N LYS D 208 24.76 30.30 34.96
CA LYS D 208 23.79 30.41 36.05
C LYS D 208 23.73 29.19 36.97
N THR D 209 22.78 29.23 37.89
CA THR D 209 22.52 28.12 38.79
C THR D 209 21.07 28.23 39.24
N ILE D 210 20.32 27.14 39.10
CA ILE D 210 18.91 27.12 39.51
C ILE D 210 18.74 26.07 40.60
N VAL D 211 18.07 26.42 41.70
CA VAL D 211 17.87 25.45 42.78
C VAL D 211 16.50 24.80 42.63
N LEU D 212 16.50 23.57 42.13
CA LEU D 212 15.25 22.85 41.87
C LEU D 212 14.70 22.29 43.16
N LYS D 213 15.58 22.05 44.13
CA LYS D 213 15.19 21.46 45.40
C LYS D 213 16.13 21.97 46.48
N PRO D 214 15.69 22.97 47.25
CA PRO D 214 16.44 23.60 48.35
C PRO D 214 17.18 22.59 49.23
N GLU D 215 16.45 21.79 50.01
CA GLU D 215 17.11 20.82 50.89
C GLU D 215 16.35 19.50 51.02
N VAL D 216 17.11 18.42 51.09
CA VAL D 216 16.56 17.09 51.38
C VAL D 216 17.50 16.35 52.35
N PRO D 217 16.96 15.92 53.50
CA PRO D 217 17.73 15.25 54.55
C PRO D 217 18.05 13.79 54.23
N LEU D 218 19.33 13.47 54.11
CA LEU D 218 19.75 12.09 53.90
C LEU D 218 20.29 11.50 55.21
N ASP D 219 20.16 10.19 55.36
CA ASP D 219 20.66 9.53 56.55
C ASP D 219 21.84 8.62 56.23
N ASP D 220 22.47 8.08 57.29
CA ASP D 220 23.59 7.19 57.13
C ASP D 220 23.14 5.90 56.45
N GLY D 221 23.94 5.44 55.49
CA GLY D 221 23.66 4.19 54.81
C GLY D 221 22.51 4.25 53.81
N ASP D 222 22.06 5.47 53.51
CA ASP D 222 21.01 5.64 52.51
C ASP D 222 21.58 5.47 51.11
N VAL D 223 20.90 4.65 50.30
CA VAL D 223 21.27 4.48 48.91
C VAL D 223 20.47 5.48 48.10
N ILE D 224 21.18 6.37 47.39
CA ILE D 224 20.52 7.36 46.55
C ILE D 224 20.93 7.22 45.09
N ASP D 225 20.05 7.66 44.22
CA ASP D 225 20.25 7.55 42.78
C ASP D 225 19.84 8.84 42.11
N SER D 226 20.58 9.21 41.07
CA SER D 226 20.18 10.30 40.20
C SER D 226 20.03 9.70 38.82
N MET D 227 18.90 9.99 38.17
CA MET D 227 18.63 9.41 36.87
C MET D 227 17.86 10.43 36.06
N PHE D 228 17.90 10.30 34.74
CA PHE D 228 17.14 11.20 33.89
C PHE D 228 16.76 10.55 32.58
N MET D 229 15.71 11.09 31.96
CA MET D 229 15.27 10.62 30.66
C MET D 229 15.38 11.74 29.64
N SER D 230 16.20 11.53 28.61
CA SER D 230 16.29 12.48 27.51
C SER D 230 14.99 12.52 26.70
N LYS D 231 14.43 13.72 26.55
CA LYS D 231 13.14 13.89 25.88
C LYS D 231 13.19 13.69 24.38
N LYS D 232 14.29 14.09 23.75
CA LYS D 232 14.44 13.92 22.30
CA LYS D 232 14.37 13.91 22.30
C LYS D 232 14.80 12.49 21.97
N ALA D 233 15.44 11.82 22.93
CA ALA D 233 15.72 10.41 22.78
C ALA D 233 14.38 9.71 22.84
N LEU D 234 13.51 10.18 23.73
CA LEU D 234 12.16 9.64 23.88
C LEU D 234 11.34 9.83 22.62
N CYS D 235 11.39 11.03 22.06
CA CYS D 235 10.61 11.36 20.87
C CYS D 235 11.10 10.66 19.62
N ASP D 236 12.42 10.58 19.48
CA ASP D 236 13.02 9.81 18.40
C ASP D 236 12.62 8.35 18.54
N PHE D 237 12.64 7.87 19.78
CA PHE D 237 12.25 6.50 20.08
C PHE D 237 10.84 6.25 19.61
N TYR D 238 9.92 7.14 19.99
CA TYR D 238 8.53 7.00 19.61
C TYR D 238 8.36 7.01 18.09
N GLU D 239 9.03 7.94 17.41
CA GLU D 239 8.94 8.02 15.96
C GLU D 239 9.41 6.73 15.30
N GLU D 240 10.57 6.26 15.75
CA GLU D 240 11.15 5.01 15.27
C GLU D 240 10.19 3.84 15.46
N GLN D 241 9.63 3.73 16.65
CA GLN D 241 8.78 2.59 17.02
C GLN D 241 7.45 2.58 16.29
N MET D 242 6.86 3.76 16.11
CA MET D 242 5.63 3.87 15.34
C MET D 242 5.90 3.56 13.88
N GLN D 243 7.02 4.05 13.36
CA GLN D 243 7.38 3.77 11.98
C GLN D 243 7.62 2.27 11.76
N ASP D 244 8.27 1.61 12.72
CA ASP D 244 8.58 0.19 12.65
C ASP D 244 7.31 -0.64 12.73
N ALA D 245 6.43 -0.26 13.66
CA ALA D 245 5.17 -0.96 13.83
C ALA D 245 4.31 -0.82 12.56
N PHE D 246 4.39 0.35 11.93
CA PHE D 246 3.66 0.62 10.71
C PHE D 246 4.20 -0.20 9.54
N GLU D 247 5.52 -0.25 9.40
CA GLU D 247 6.15 -0.99 8.31
C GLU D 247 6.05 -2.50 8.50
N THR D 248 5.88 -2.93 9.75
CA THR D 248 5.78 -4.35 10.05
C THR D 248 4.32 -4.82 10.15
N GLY D 249 3.39 -3.88 10.01
CA GLY D 249 1.97 -4.20 10.08
C GLY D 249 1.53 -4.66 11.47
N VAL D 250 2.33 -4.31 12.48
CA VAL D 250 2.08 -4.75 13.85
C VAL D 250 1.33 -3.67 14.64
N MET D 251 0.38 -4.10 15.47
CA MET D 251 -0.41 -3.15 16.25
C MET D 251 0.42 -2.49 17.37
N PHE D 252 0.32 -1.16 17.45
CA PHE D 252 1.06 -0.37 18.41
C PHE D 252 0.33 -0.32 19.76
N SER D 253 1.06 -0.55 20.86
CA SER D 253 0.48 -0.33 22.18
C SER D 253 1.46 0.37 23.12
N LEU D 254 0.93 1.13 24.08
CA LEU D 254 1.77 1.90 24.99
C LEU D 254 1.50 1.51 26.42
N HIS D 255 2.55 1.07 27.11
CA HIS D 255 2.39 0.55 28.47
C HIS D 255 3.31 1.30 29.41
N VAL D 256 2.76 2.30 30.08
CA VAL D 256 3.52 3.07 31.05
C VAL D 256 2.74 3.08 32.36
N LYS D 257 3.38 3.55 33.42
CA LYS D 257 2.66 3.84 34.66
C LYS D 257 2.64 5.35 34.84
N ALA D 258 1.58 5.98 34.34
CA ALA D 258 1.55 7.44 34.24
C ALA D 258 1.61 8.13 35.60
N THR D 259 1.00 7.53 36.62
CA THR D 259 1.04 8.13 37.96
C THR D 259 2.41 7.96 38.64
N MET D 260 3.48 8.38 37.95
CA MET D 260 4.82 8.28 38.48
C MET D 260 5.70 9.45 38.03
N PRO D 266 4.18 14.51 33.08
CA PRO D 266 3.51 13.29 32.56
C PRO D 266 3.90 13.10 31.11
N ILE D 267 5.08 13.62 30.76
CA ILE D 267 5.55 13.78 29.38
C ILE D 267 5.55 12.50 28.54
N VAL D 268 5.71 11.35 29.20
CA VAL D 268 5.87 10.09 28.51
C VAL D 268 4.64 9.75 27.66
N PHE D 269 3.46 9.91 28.25
CA PHE D 269 2.20 9.61 27.57
C PHE D 269 1.93 10.66 26.49
N GLY D 270 1.92 11.92 26.91
CA GLY D 270 1.62 13.03 26.04
C GLY D 270 2.48 13.12 24.80
N HIS D 271 3.77 12.87 24.94
CA HIS D 271 4.63 12.90 23.76
C HIS D 271 4.28 11.78 22.78
N ALA D 272 3.88 10.64 23.31
CA ALA D 272 3.45 9.54 22.45
C ALA D 272 2.21 9.96 21.68
N VAL D 273 1.26 10.57 22.39
CA VAL D 273 0.04 11.05 21.75
C VAL D 273 0.32 12.11 20.68
N ARG D 274 1.20 13.06 21.00
CA ARG D 274 1.53 14.18 20.11
C ARG D 274 2.27 13.73 18.86
N ILE D 275 3.20 12.81 19.04
CA ILE D 275 3.98 12.27 17.93
C ILE D 275 3.11 11.38 17.04
N PHE D 276 2.23 10.59 17.65
CA PHE D 276 1.32 9.79 16.85
C PHE D 276 0.47 10.66 15.93
N TYR D 277 -0.21 11.65 16.51
CA TYR D 277 -1.09 12.52 15.75
C TYR D 277 -0.41 13.81 15.31
N LYS D 278 0.87 13.73 14.97
CA LYS D 278 1.65 14.94 14.68
C LYS D 278 1.10 15.75 13.51
N ASP D 279 0.38 15.10 12.60
CA ASP D 279 -0.19 15.81 11.46
C ASP D 279 -1.32 16.76 11.87
N ALA D 280 -2.26 16.24 12.65
CA ALA D 280 -3.37 17.05 13.15
C ALA D 280 -2.85 18.17 14.05
N PHE D 281 -1.88 17.83 14.89
CA PHE D 281 -1.28 18.81 15.79
C PHE D 281 -0.56 19.91 15.01
N ALA D 282 0.10 19.51 13.93
CA ALA D 282 0.74 20.48 13.05
C ALA D 282 -0.30 21.40 12.43
N LYS D 283 -1.41 20.81 11.99
CA LYS D 283 -2.50 21.57 11.38
C LYS D 283 -3.19 22.50 12.37
N HIS D 284 -3.35 22.05 13.61
CA HIS D 284 -4.16 22.78 14.59
C HIS D 284 -3.38 23.24 15.82
N GLN D 285 -2.08 23.49 15.69
CA GLN D 285 -1.27 23.78 16.87
C GLN D 285 -1.72 25.00 17.66
N GLU D 286 -1.87 26.13 16.98
CA GLU D 286 -2.30 27.39 17.61
C GLU D 286 -3.63 27.25 18.35
N LEU D 287 -4.60 26.59 17.70
CA LEU D 287 -5.91 26.40 18.29
C LEU D 287 -5.79 25.55 19.55
N PHE D 288 -4.98 24.49 19.47
CA PHE D 288 -4.77 23.57 20.59
C PHE D 288 -4.07 24.24 21.77
N ASP D 289 -3.18 25.19 21.47
CA ASP D 289 -2.47 25.94 22.49
C ASP D 289 -3.37 26.97 23.17
N ASP D 290 -4.15 27.70 22.37
CA ASP D 290 -5.06 28.71 22.90
C ASP D 290 -6.28 28.09 23.57
N LEU D 291 -6.39 26.77 23.48
CA LEU D 291 -7.46 26.02 24.13
C LEU D 291 -6.94 25.36 25.41
N GLY D 292 -5.62 25.34 25.58
CA GLY D 292 -5.01 24.71 26.73
C GLY D 292 -4.95 23.18 26.64
N VAL D 293 -4.93 22.67 25.41
CA VAL D 293 -4.93 21.23 25.19
C VAL D 293 -3.66 20.59 25.73
N ASN D 294 -3.82 19.58 26.59
CA ASN D 294 -2.70 18.86 27.16
C ASN D 294 -2.94 17.37 27.07
N VAL D 295 -2.42 16.75 26.02
CA VAL D 295 -2.65 15.33 25.80
C VAL D 295 -1.83 14.46 26.74
N ASN D 296 -1.10 15.11 27.65
CA ASN D 296 -0.52 14.42 28.79
C ASN D 296 -1.62 13.77 29.62
N ASN D 297 -2.84 14.31 29.47
CA ASN D 297 -4.01 13.76 30.13
C ASN D 297 -4.91 13.03 29.12
N GLY D 298 -4.29 12.53 28.05
CA GLY D 298 -4.98 11.74 27.05
C GLY D 298 -5.86 12.51 26.07
N LEU D 299 -6.24 11.83 24.99
CA LEU D 299 -7.11 12.41 23.97
C LEU D 299 -8.41 12.96 24.55
N SER D 300 -8.90 12.31 25.62
CA SER D 300 -10.07 12.79 26.33
C SER D 300 -9.95 14.29 26.60
N ASP D 301 -8.79 14.72 27.10
CA ASP D 301 -8.52 16.14 27.34
C ASP D 301 -8.84 16.97 26.09
N LEU D 302 -8.23 16.60 24.96
CA LEU D 302 -8.51 17.26 23.69
C LEU D 302 -10.02 17.23 23.42
N TYR D 303 -10.63 16.06 23.57
CA TYR D 303 -12.04 15.92 23.25
C TYR D 303 -12.91 16.79 24.16
N SER D 304 -12.38 17.15 25.33
CA SER D 304 -13.16 17.98 26.24
C SER D 304 -12.94 19.46 25.92
N LYS D 305 -11.81 19.76 25.26
CA LYS D 305 -11.47 21.14 24.98
C LYS D 305 -11.93 21.58 23.59
N ILE D 306 -12.47 20.64 22.83
CA ILE D 306 -13.07 20.97 21.55
C ILE D 306 -14.59 20.86 21.70
N GLU D 307 -15.01 20.60 22.93
CA GLU D 307 -16.43 20.53 23.27
C GLU D 307 -17.02 21.95 23.31
N SER D 308 -16.15 22.95 23.44
CA SER D 308 -16.57 24.34 23.47
C SER D 308 -16.52 24.96 22.09
N LEU D 309 -15.95 24.23 21.14
CA LEU D 309 -15.85 24.71 19.76
C LEU D 309 -17.17 24.48 19.02
N PRO D 310 -17.37 25.23 17.92
CA PRO D 310 -18.51 24.98 17.01
C PRO D 310 -18.42 23.58 16.39
N ALA D 311 -19.56 22.89 16.33
CA ALA D 311 -19.63 21.50 15.88
C ALA D 311 -18.95 21.22 14.53
N SER D 312 -19.00 22.21 13.63
CA SER D 312 -18.32 22.10 12.35
C SER D 312 -16.82 21.93 12.55
N GLN D 313 -16.25 22.77 13.41
CA GLN D 313 -14.80 22.77 13.66
C GLN D 313 -14.37 21.53 14.46
N ARG D 314 -15.20 21.16 15.43
CA ARG D 314 -14.98 19.95 16.21
C ARG D 314 -14.90 18.75 15.28
N ASP D 315 -15.91 18.61 14.42
CA ASP D 315 -15.95 17.54 13.44
C ASP D 315 -14.74 17.58 12.51
N GLU D 316 -14.31 18.79 12.16
CA GLU D 316 -13.10 18.97 11.35
C GLU D 316 -11.89 18.33 12.04
N ILE D 317 -11.66 18.71 13.30
CA ILE D 317 -10.57 18.18 14.10
C ILE D 317 -10.62 16.66 14.21
N ILE D 318 -11.78 16.13 14.62
CA ILE D 318 -12.01 14.69 14.69
C ILE D 318 -11.62 13.99 13.38
N GLU D 319 -12.13 14.49 12.27
CA GLU D 319 -11.76 13.95 10.96
C GLU D 319 -10.25 14.04 10.70
N ASP D 320 -9.59 15.09 11.18
CA ASP D 320 -8.14 15.20 11.01
C ASP D 320 -7.40 14.10 11.77
N LEU D 321 -7.77 13.92 13.04
CA LEU D 321 -7.25 12.84 13.85
C LEU D 321 -7.43 11.48 13.15
N HIS D 322 -8.66 11.22 12.69
CA HIS D 322 -8.93 9.98 11.96
C HIS D 322 -7.98 9.85 10.78
N ARG D 323 -7.80 10.96 10.07
CA ARG D 323 -6.93 10.99 8.90
C ARG D 323 -5.49 10.66 9.27
N CYS D 324 -5.13 10.92 10.53
CA CYS D 324 -3.76 10.64 10.96
C CYS D 324 -3.37 9.15 10.92
N HIS D 325 -4.35 8.26 11.02
CA HIS D 325 -4.09 6.82 11.01
C HIS D 325 -3.49 6.31 9.69
N GLU D 326 -3.51 7.13 8.65
CA GLU D 326 -3.02 6.72 7.33
C GLU D 326 -1.58 6.19 7.36
N HIS D 327 -0.64 7.03 7.75
CA HIS D 327 0.76 6.64 7.77
C HIS D 327 1.19 6.24 9.18
N ARG D 328 0.24 5.71 9.95
CA ARG D 328 0.50 5.30 11.32
C ARG D 328 0.08 3.85 11.52
N PRO D 329 0.71 3.15 12.48
CA PRO D 329 0.33 1.74 12.68
C PRO D 329 -1.03 1.67 13.34
N GLU D 330 -1.68 0.50 13.29
CA GLU D 330 -2.94 0.33 14.00
C GLU D 330 -2.69 0.43 15.51
N LEU D 331 -3.68 0.89 16.26
CA LEU D 331 -3.50 1.18 17.67
C LEU D 331 -4.30 0.24 18.57
N ALA D 332 -3.69 -0.21 19.66
CA ALA D 332 -4.37 -1.07 20.62
C ALA D 332 -5.53 -0.32 21.28
N MET D 333 -6.60 -1.05 21.55
CA MET D 333 -7.80 -0.44 22.10
C MET D 333 -8.04 -0.87 23.54
N VAL D 334 -8.75 -0.03 24.29
CA VAL D 334 -9.21 -0.36 25.63
C VAL D 334 -10.64 -0.88 25.55
N ASP D 335 -11.41 -0.27 24.66
CA ASP D 335 -12.80 -0.62 24.43
C ASP D 335 -13.09 -0.34 22.95
N SER D 336 -13.06 -1.38 22.13
CA SER D 336 -13.15 -1.23 20.69
C SER D 336 -14.52 -0.71 20.24
N ALA D 337 -15.56 -1.16 20.91
CA ALA D 337 -16.93 -0.79 20.58
C ALA D 337 -17.17 0.71 20.79
N ARG D 338 -16.83 1.19 21.98
CA ARG D 338 -17.04 2.59 22.31
C ARG D 338 -15.89 3.49 21.84
N GLY D 339 -15.02 2.92 21.01
CA GLY D 339 -13.93 3.67 20.41
C GLY D 339 -12.94 4.28 21.39
N ILE D 340 -12.60 3.53 22.43
CA ILE D 340 -11.61 3.98 23.40
C ILE D 340 -10.25 3.35 23.08
N SER D 341 -9.30 4.18 22.68
CA SER D 341 -7.98 3.70 22.30
C SER D 341 -7.01 3.74 23.47
N ASN D 342 -5.80 3.22 23.24
CA ASN D 342 -4.69 3.25 24.18
C ASN D 342 -4.34 4.70 24.58
N PHE D 343 -4.70 5.65 23.71
CA PHE D 343 -4.34 7.05 23.92
C PHE D 343 -5.48 7.87 24.52
N HIS D 344 -6.59 7.24 24.84
CA HIS D 344 -7.71 7.98 25.40
C HIS D 344 -7.35 8.59 26.75
N SER D 345 -6.75 7.80 27.62
CA SER D 345 -6.44 8.26 28.97
C SER D 345 -5.22 7.55 29.54
N PRO D 346 -4.33 8.32 30.21
CA PRO D 346 -3.10 7.81 30.82
C PRO D 346 -3.33 6.81 31.96
N SER D 347 -4.59 6.57 32.31
CA SER D 347 -4.89 5.68 33.41
C SER D 347 -5.57 4.39 32.97
N ASP D 348 -6.03 4.34 31.73
CA ASP D 348 -6.72 3.14 31.22
C ASP D 348 -5.82 1.92 31.07
N VAL D 349 -4.67 2.11 30.44
CA VAL D 349 -3.67 1.06 30.26
C VAL D 349 -2.45 1.29 31.18
N ILE D 350 -2.45 0.63 32.35
CA ILE D 350 -1.32 0.74 33.26
C ILE D 350 -0.46 -0.52 33.16
N VAL D 351 0.84 -0.35 32.94
CA VAL D 351 1.76 -1.43 32.56
C VAL D 351 1.67 -2.68 33.43
N ASP D 352 1.60 -2.50 34.74
CA ASP D 352 1.60 -3.61 35.69
C ASP D 352 0.38 -4.52 35.53
N ALA D 353 -0.74 -3.94 35.08
CA ALA D 353 -1.94 -4.73 34.85
C ALA D 353 -2.03 -5.15 33.38
N SER D 354 -1.64 -4.24 32.50
CA SER D 354 -1.85 -4.43 31.06
C SER D 354 -0.90 -5.44 30.42
N MET D 355 0.37 -5.42 30.82
CA MET D 355 1.32 -6.39 30.28
C MET D 355 0.98 -7.86 30.59
N PRO D 356 0.62 -8.18 31.86
CA PRO D 356 0.24 -9.57 32.14
C PRO D 356 -1.04 -9.98 31.42
N ALA D 357 -1.96 -9.03 31.25
CA ALA D 357 -3.20 -9.32 30.53
C ALA D 357 -2.86 -9.73 29.10
N MET D 358 -1.97 -8.95 28.49
CA MET D 358 -1.53 -9.20 27.12
C MET D 358 -0.81 -10.55 27.01
N ILE D 359 0.10 -10.82 27.93
CA ILE D 359 0.83 -12.09 27.96
C ILE D 359 -0.12 -13.28 28.16
N ARG D 360 -1.10 -13.11 29.06
CA ARG D 360 -2.07 -14.17 29.34
C ARG D 360 -2.93 -14.50 28.13
N ALA D 361 -3.18 -13.51 27.28
CA ALA D 361 -4.00 -13.71 26.09
C ALA D 361 -3.17 -14.29 24.95
N GLY D 362 -1.94 -14.69 25.27
CA GLY D 362 -1.02 -15.21 24.28
C GLY D 362 -0.30 -14.11 23.53
N GLY D 363 -0.01 -13.01 24.22
CA GLY D 363 0.70 -11.90 23.61
C GLY D 363 -0.16 -11.07 22.70
N LYS D 364 -1.41 -10.84 23.10
CA LYS D 364 -2.34 -10.16 22.22
C LYS D 364 -3.13 -9.07 22.90
N MET D 365 -3.52 -8.06 22.12
CA MET D 365 -4.45 -7.04 22.61
C MET D 365 -5.53 -6.79 21.57
N TYR D 366 -6.55 -6.03 21.95
CA TYR D 366 -7.66 -5.73 21.03
C TYR D 366 -7.34 -4.59 20.06
N GLY D 367 -7.63 -4.82 18.78
CA GLY D 367 -7.51 -3.79 17.76
C GLY D 367 -8.83 -3.06 17.56
N ALA D 368 -8.84 -2.06 16.69
CA ALA D 368 -10.05 -1.27 16.46
C ALA D 368 -11.19 -2.13 15.92
N ASP D 369 -10.84 -3.26 15.30
CA ASP D 369 -11.85 -4.19 14.80
C ASP D 369 -12.48 -5.04 15.91
N GLY D 370 -11.99 -4.90 17.13
CA GLY D 370 -12.47 -5.71 18.24
C GLY D 370 -11.83 -7.09 18.27
N LYS D 371 -10.84 -7.29 17.41
CA LYS D 371 -10.18 -8.59 17.30
C LYS D 371 -8.80 -8.61 17.95
N LEU D 372 -8.47 -9.73 18.61
CA LEU D 372 -7.16 -9.90 19.24
C LEU D 372 -6.05 -10.04 18.19
N LYS D 373 -4.94 -9.35 18.42
CA LYS D 373 -3.78 -9.49 17.55
C LYS D 373 -2.46 -9.20 18.28
N ASP D 374 -1.35 -9.60 17.65
CA ASP D 374 -0.02 -9.38 18.16
C ASP D 374 0.27 -7.89 18.28
N THR D 375 1.10 -7.51 19.24
CA THR D 375 1.39 -6.11 19.45
C THR D 375 2.85 -5.82 19.73
N LYS D 376 3.30 -4.65 19.31
CA LYS D 376 4.52 -4.04 19.82
C LYS D 376 4.12 -3.30 21.08
N ALA D 377 4.41 -3.89 22.23
CA ALA D 377 4.12 -3.28 23.53
C ALA D 377 5.24 -2.35 23.97
N VAL D 378 5.13 -1.08 23.58
CA VAL D 378 6.12 -0.05 23.89
C VAL D 378 6.17 0.29 25.39
N ASN D 379 7.32 0.00 25.99
CA ASN D 379 7.60 0.30 27.38
C ASN D 379 8.85 1.17 27.40
N PRO D 380 8.68 2.48 27.20
CA PRO D 380 9.81 3.40 26.99
C PRO D 380 10.97 3.18 27.97
N GLU D 381 10.70 3.27 29.26
CA GLU D 381 11.72 3.02 30.28
C GLU D 381 12.14 1.56 30.33
N SER D 382 13.41 1.30 30.04
CA SER D 382 13.90 -0.08 29.96
C SER D 382 14.27 -0.71 31.30
N THR D 383 14.22 0.07 32.38
CA THR D 383 14.67 -0.40 33.70
C THR D 383 14.01 -1.71 34.12
N PHE D 384 12.68 -1.77 33.96
CA PHE D 384 11.92 -2.91 34.45
C PHE D 384 11.15 -3.63 33.35
N SER D 385 11.37 -3.24 32.10
CA SER D 385 10.57 -3.79 31.00
C SER D 385 11.22 -4.98 30.31
N ARG D 386 12.50 -5.22 30.59
CA ARG D 386 13.23 -6.29 29.92
CA ARG D 386 13.23 -6.29 29.92
C ARG D 386 12.72 -7.66 30.37
N ILE D 387 12.30 -7.75 31.63
CA ILE D 387 11.76 -8.98 32.17
C ILE D 387 10.57 -9.45 31.35
N TYR D 388 9.81 -8.49 30.84
CA TYR D 388 8.63 -8.78 30.03
C TYR D 388 9.03 -9.43 28.73
N GLN D 389 10.05 -8.88 28.07
CA GLN D 389 10.54 -9.48 26.84
C GLN D 389 11.08 -10.88 27.12
N GLU D 390 11.72 -11.05 28.28
CA GLU D 390 12.28 -12.34 28.63
C GLU D 390 11.17 -13.40 28.78
N ILE D 391 10.13 -13.06 29.53
CA ILE D 391 9.02 -14.00 29.70
C ILE D 391 8.21 -14.20 28.39
N ILE D 392 8.20 -13.18 27.55
CA ILE D 392 7.52 -13.29 26.26
C ILE D 392 8.26 -14.29 25.38
N ASN D 393 9.57 -14.17 25.29
CA ASN D 393 10.40 -15.13 24.55
C ASN D 393 10.26 -16.53 25.13
N PHE D 394 10.19 -16.61 26.45
CA PHE D 394 9.99 -17.89 27.12
C PHE D 394 8.67 -18.52 26.65
N CYS D 395 7.61 -17.73 26.59
CA CYS D 395 6.32 -18.24 26.15
C CYS D 395 6.25 -18.59 24.66
N LYS D 396 6.94 -17.81 23.82
CA LYS D 396 7.00 -18.11 22.40
C LYS D 396 7.68 -19.46 22.23
N THR D 397 8.79 -19.64 22.93
CA THR D 397 9.58 -20.85 22.82
C THR D 397 8.90 -22.09 23.40
N ASN D 398 8.26 -21.92 24.56
CA ASN D 398 7.74 -23.06 25.32
C ASN D 398 6.22 -23.18 25.41
N GLY D 399 5.50 -22.14 25.00
CA GLY D 399 4.05 -22.14 25.08
C GLY D 399 3.55 -21.44 26.32
N GLN D 400 2.23 -21.35 26.43
CA GLN D 400 1.58 -20.72 27.56
C GLN D 400 1.81 -21.55 28.83
N PHE D 401 1.86 -20.87 29.98
CA PHE D 401 2.00 -21.58 31.25
C PHE D 401 0.75 -22.43 31.50
N ASP D 402 0.90 -23.46 32.32
CA ASP D 402 -0.25 -24.27 32.72
C ASP D 402 -0.40 -24.22 34.24
N PRO D 403 -1.48 -23.56 34.70
CA PRO D 403 -1.74 -23.31 36.12
C PRO D 403 -1.92 -24.58 36.92
N THR D 404 -2.37 -25.65 36.28
CA THR D 404 -2.53 -26.93 36.97
C THR D 404 -1.18 -27.48 37.41
N THR D 405 -0.13 -27.07 36.72
CA THR D 405 1.19 -27.68 36.84
C THR D 405 2.24 -26.73 37.39
N MET D 406 2.17 -25.47 36.97
CA MET D 406 3.22 -24.50 37.24
C MET D 406 3.40 -24.23 38.73
N GLY D 407 4.59 -23.76 39.09
CA GLY D 407 4.89 -23.45 40.48
C GLY D 407 4.39 -22.07 40.87
N THR D 408 4.96 -21.51 41.93
CA THR D 408 4.53 -20.21 42.40
C THR D 408 5.72 -19.27 42.60
N VAL D 409 5.47 -17.98 42.44
CA VAL D 409 6.50 -16.96 42.67
C VAL D 409 6.01 -15.98 43.74
N PRO D 410 6.27 -16.31 45.01
CA PRO D 410 6.00 -15.37 46.10
C PRO D 410 6.96 -14.19 45.98
N ASN D 411 6.61 -13.04 46.52
CA ASN D 411 7.47 -11.88 46.40
C ASN D 411 7.74 -11.17 47.72
N VAL D 412 9.01 -10.95 48.03
CA VAL D 412 9.42 -10.12 49.15
C VAL D 412 9.91 -8.80 48.56
N GLY D 413 9.10 -7.76 48.75
CA GLY D 413 9.30 -6.49 48.07
C GLY D 413 9.81 -5.40 48.98
N LEU D 414 10.81 -4.67 48.50
CA LEU D 414 11.40 -3.57 49.25
C LEU D 414 10.59 -2.29 49.01
N MET D 415 9.78 -1.90 49.99
CA MET D 415 8.92 -0.74 49.81
C MET D 415 8.79 0.16 51.03
N ALA D 416 9.30 -0.29 52.17
CA ALA D 416 9.17 0.48 53.41
C ALA D 416 9.73 1.91 53.30
N GLN D 417 9.03 2.85 53.94
CA GLN D 417 9.43 4.27 53.97
C GLN D 417 9.63 4.91 52.59
N GLN D 418 8.64 4.76 51.71
CA GLN D 418 8.69 5.35 50.37
CA GLN D 418 8.69 5.36 50.38
C GLN D 418 9.96 4.97 49.64
N ALA D 419 10.24 3.67 49.57
CA ALA D 419 11.47 3.18 48.96
C ALA D 419 11.56 3.44 47.46
N GLU D 420 12.66 4.05 47.04
CA GLU D 420 12.99 4.22 45.62
C GLU D 420 12.04 5.18 44.88
N GLU D 421 11.66 4.81 43.65
CA GLU D 421 10.85 5.67 42.78
C GLU D 421 9.51 6.13 43.36
N TYR D 422 8.96 5.36 44.31
CA TYR D 422 7.70 5.72 44.94
C TYR D 422 7.84 6.92 45.86
N GLY D 423 9.08 7.24 46.23
CA GLY D 423 9.31 8.32 47.17
C GLY D 423 9.91 9.57 46.53
N SER D 424 10.08 9.53 45.21
CA SER D 424 10.79 10.60 44.52
C SER D 424 9.86 11.62 43.86
N HIS D 425 8.61 11.65 44.32
CA HIS D 425 7.57 12.53 43.77
CA HIS D 425 7.63 12.54 43.71
C HIS D 425 7.77 14.01 44.09
N ASP D 426 8.67 14.30 45.03
CA ASP D 426 8.98 15.68 45.36
C ASP D 426 10.39 16.00 44.87
N LYS D 427 11.07 14.97 44.36
CA LYS D 427 12.42 15.08 43.85
C LYS D 427 12.48 14.84 42.35
N THR D 428 11.40 15.14 41.63
CA THR D 428 11.34 14.94 40.19
C THR D 428 11.02 16.26 39.51
N PHE D 429 11.88 16.70 38.61
CA PHE D 429 11.74 18.01 37.99
C PHE D 429 12.00 17.94 36.51
N GLU D 430 11.25 18.72 35.74
CA GLU D 430 11.55 18.86 34.33
C GLU D 430 12.61 19.93 34.16
N ILE D 431 13.74 19.54 33.59
CA ILE D 431 14.83 20.46 33.29
C ILE D 431 14.35 21.62 32.40
N PRO D 432 14.57 22.87 32.87
CA PRO D 432 14.10 24.07 32.15
C PRO D 432 15.01 24.45 30.98
N GLU D 433 16.32 24.29 31.16
CA GLU D 433 17.31 24.53 30.09
C GLU D 433 18.52 23.61 30.27
N ASP D 434 19.27 23.38 29.19
CA ASP D 434 20.44 22.49 29.21
C ASP D 434 21.46 22.83 30.31
N GLY D 435 22.24 21.83 30.73
CA GLY D 435 23.24 22.06 31.75
C GLY D 435 23.58 20.82 32.54
N VAL D 436 24.07 21.00 33.77
CA VAL D 436 24.53 19.88 34.59
C VAL D 436 23.73 19.75 35.88
N ALA D 437 22.93 18.68 35.96
CA ALA D 437 22.07 18.43 37.11
C ALA D 437 22.85 17.77 38.25
N ASN D 438 23.06 18.51 39.33
CA ASN D 438 23.86 18.05 40.45
C ASN D 438 23.07 17.88 41.75
N ILE D 439 23.40 16.81 42.46
CA ILE D 439 23.02 16.62 43.85
C ILE D 439 24.28 16.97 44.61
N VAL D 440 24.18 17.98 45.48
CA VAL D 440 25.34 18.58 46.13
C VAL D 440 25.15 18.67 47.64
N ASP D 441 26.25 18.63 48.39
CA ASP D 441 26.15 18.84 49.83
C ASP D 441 25.95 20.33 50.08
N VAL D 442 24.96 20.67 50.88
CA VAL D 442 24.66 22.06 51.19
C VAL D 442 25.79 22.68 52.02
N ALA D 443 26.51 21.84 52.75
CA ALA D 443 27.58 22.30 53.64
C ALA D 443 28.94 22.28 52.96
N THR D 444 29.38 21.09 52.55
CA THR D 444 30.71 20.92 51.97
C THR D 444 30.77 21.37 50.50
N GLY D 445 29.62 21.66 49.90
CA GLY D 445 29.55 22.06 48.50
C GLY D 445 29.94 20.96 47.52
N GLU D 446 30.27 19.79 48.07
CA GLU D 446 30.72 18.63 47.31
C GLU D 446 29.70 18.23 46.24
N VAL D 447 30.16 18.04 45.01
CA VAL D 447 29.30 17.53 43.95
C VAL D 447 29.10 16.03 44.17
N LEU D 448 27.96 15.67 44.74
CA LEU D 448 27.69 14.29 45.12
C LEU D 448 27.33 13.41 43.92
N LEU D 449 26.37 13.85 43.12
CA LEU D 449 26.01 13.12 41.89
C LEU D 449 25.71 14.06 40.73
N THR D 450 26.31 13.81 39.57
CA THR D 450 26.16 14.72 38.44
C THR D 450 25.53 14.07 37.20
N GLU D 451 24.76 14.86 36.46
CA GLU D 451 24.17 14.40 35.20
C GLU D 451 24.34 15.48 34.13
N ASN D 452 24.48 15.06 32.88
CA ASN D 452 24.49 15.99 31.77
C ASN D 452 23.11 16.04 31.12
N VAL D 453 22.32 17.05 31.48
CA VAL D 453 20.93 17.08 31.04
C VAL D 453 20.66 18.17 30.01
N GLU D 454 19.59 17.98 29.24
CA GLU D 454 19.15 18.95 28.24
C GLU D 454 17.75 19.45 28.62
N ALA D 455 17.32 20.55 28.03
CA ALA D 455 16.01 21.12 28.33
C ALA D 455 14.88 20.14 28.03
N GLY D 456 13.96 19.99 28.96
CA GLY D 456 12.80 19.14 28.76
C GLY D 456 12.99 17.74 29.29
N ASP D 457 14.22 17.40 29.67
CA ASP D 457 14.51 16.08 30.21
C ASP D 457 13.91 15.96 31.61
N ILE D 458 13.58 14.75 32.03
CA ILE D 458 13.04 14.54 33.37
C ILE D 458 14.14 14.09 34.32
N TRP D 459 14.50 14.93 35.28
CA TRP D 459 15.51 14.58 36.25
C TRP D 459 14.85 14.07 37.51
N ARG D 460 15.39 12.99 38.06
CA ARG D 460 14.81 12.37 39.26
C ARG D 460 15.89 11.90 40.23
N MET D 461 15.64 12.10 41.52
CA MET D 461 16.48 11.57 42.58
C MET D 461 15.72 10.59 43.46
N CYS D 462 16.19 9.36 43.53
CA CYS D 462 15.54 8.31 44.31
C CYS D 462 16.32 8.00 45.58
N ILE D 463 15.61 7.64 46.64
CA ILE D 463 16.24 7.29 47.91
C ILE D 463 15.66 5.98 48.41
N VAL D 464 16.50 5.13 48.96
CA VAL D 464 16.05 3.98 49.75
C VAL D 464 16.92 3.90 50.99
N LYS D 465 16.28 3.70 52.14
CA LYS D 465 16.97 3.80 53.43
C LYS D 465 17.43 2.44 53.95
N ASP D 466 18.44 2.48 54.82
CA ASP D 466 19.08 1.25 55.25
C ASP D 466 18.17 0.34 56.06
N ALA D 467 17.44 0.90 57.01
CA ALA D 467 16.53 0.11 57.84
C ALA D 467 15.48 -0.70 57.05
N PRO D 468 14.82 -0.07 56.05
CA PRO D 468 13.95 -0.85 55.15
C PRO D 468 14.70 -1.98 54.46
N ILE D 469 15.90 -1.71 53.97
CA ILE D 469 16.73 -2.73 53.33
C ILE D 469 17.04 -3.93 54.25
N ARG D 470 17.46 -3.65 55.48
CA ARG D 470 17.73 -4.68 56.47
C ARG D 470 16.48 -5.50 56.76
N ASP D 471 15.39 -4.81 57.04
CA ASP D 471 14.10 -5.45 57.28
C ASP D 471 13.70 -6.35 56.12
N TRP D 472 14.03 -5.91 54.91
CA TRP D 472 13.68 -6.58 53.66
C TRP D 472 14.47 -7.88 53.52
N VAL D 473 15.78 -7.79 53.72
CA VAL D 473 16.63 -8.97 53.69
C VAL D 473 16.19 -9.97 54.75
N LYS D 474 15.99 -9.49 55.96
CA LYS D 474 15.54 -10.34 57.07
C LYS D 474 14.23 -11.03 56.71
N LEU D 475 13.35 -10.29 56.04
CA LEU D 475 12.06 -10.82 55.63
C LEU D 475 12.22 -11.90 54.56
N ALA D 476 13.16 -11.70 53.65
CA ALA D 476 13.47 -12.71 52.64
C ALA D 476 13.98 -13.99 53.28
N VAL D 477 14.98 -13.86 54.15
CA VAL D 477 15.50 -14.99 54.92
C VAL D 477 14.39 -15.71 55.68
N THR D 478 13.52 -14.94 56.31
CA THR D 478 12.41 -15.49 57.08
C THR D 478 11.47 -16.29 56.20
N ARG D 479 11.18 -15.75 55.02
CA ARG D 479 10.29 -16.45 54.08
C ARG D 479 10.94 -17.73 53.56
N ALA D 480 12.25 -17.70 53.36
CA ALA D 480 12.99 -18.92 53.00
C ALA D 480 12.84 -19.96 54.10
N ARG D 481 13.12 -19.55 55.34
CA ARG D 481 13.09 -20.44 56.49
C ARG D 481 11.71 -21.06 56.71
N ILE D 482 10.66 -20.26 56.51
CA ILE D 482 9.28 -20.70 56.74
C ILE D 482 8.73 -21.56 55.61
N SER D 483 9.03 -21.17 54.37
CA SER D 483 8.41 -21.79 53.20
C SER D 483 9.25 -22.93 52.64
N GLY D 484 10.55 -22.90 52.91
CA GLY D 484 11.45 -23.89 52.36
C GLY D 484 11.78 -23.61 50.91
N MET D 485 11.28 -22.47 50.43
CA MET D 485 11.48 -22.08 49.04
C MET D 485 12.80 -21.35 48.88
N PRO D 486 13.47 -21.57 47.73
CA PRO D 486 14.71 -20.82 47.49
C PRO D 486 14.41 -19.34 47.25
N VAL D 487 15.31 -18.48 47.68
CA VAL D 487 15.12 -17.05 47.49
C VAL D 487 16.06 -16.52 46.40
N LEU D 488 15.48 -15.79 45.46
CA LEU D 488 16.22 -15.20 44.37
C LEU D 488 16.13 -13.67 44.43
N PHE D 489 17.25 -13.02 44.70
CA PHE D 489 17.31 -11.56 44.67
C PHE D 489 17.44 -11.05 43.23
N TRP D 490 16.46 -10.27 42.77
CA TRP D 490 16.53 -9.72 41.41
C TRP D 490 17.25 -8.37 41.41
N LEU D 491 18.57 -8.41 41.24
CA LEU D 491 19.37 -7.19 41.24
C LEU D 491 20.35 -7.20 40.08
N ASP D 492 20.30 -6.16 39.26
CA ASP D 492 21.15 -6.06 38.09
C ASP D 492 22.43 -5.30 38.43
N PRO D 493 23.58 -6.01 38.45
CA PRO D 493 24.88 -5.43 38.79
C PRO D 493 25.32 -4.33 37.82
N TYR D 494 24.84 -4.38 36.58
CA TYR D 494 25.13 -3.34 35.59
C TYR D 494 24.25 -2.11 35.80
N ARG D 495 23.37 -2.16 36.78
CA ARG D 495 22.59 -1.00 37.18
C ARG D 495 23.05 -0.56 38.56
N PRO D 496 23.53 0.69 38.67
CA PRO D 496 24.18 1.25 39.86
C PRO D 496 23.38 1.09 41.16
N HIS D 497 22.12 1.47 41.13
CA HIS D 497 21.22 1.36 42.27
C HIS D 497 21.22 -0.06 42.81
N GLU D 498 20.90 -1.00 41.92
CA GLU D 498 20.80 -2.40 42.30
C GLU D 498 22.17 -2.98 42.63
N ASN D 499 23.24 -2.31 42.19
CA ASN D 499 24.59 -2.72 42.57
C ASN D 499 24.83 -2.41 44.05
N GLU D 500 24.50 -1.18 44.44
CA GLU D 500 24.54 -0.80 45.84
C GLU D 500 23.67 -1.74 46.67
N LEU D 501 22.48 -2.05 46.13
CA LEU D 501 21.59 -3.01 46.79
C LEU D 501 22.23 -4.39 46.92
N ILE D 502 23.03 -4.78 45.92
CA ILE D 502 23.74 -6.05 45.95
C ILE D 502 24.73 -6.06 47.11
N LYS D 503 25.49 -4.97 47.24
CA LYS D 503 26.40 -4.82 48.38
C LYS D 503 25.65 -4.95 49.71
N LYS D 504 24.55 -4.22 49.84
CA LYS D 504 23.68 -4.31 51.03
C LYS D 504 23.25 -5.74 51.38
N VAL D 505 22.69 -6.44 50.39
CA VAL D 505 22.18 -7.80 50.59
C VAL D 505 23.29 -8.76 50.96
N LYS D 506 24.40 -8.71 50.22
CA LYS D 506 25.56 -9.53 50.51
C LYS D 506 26.03 -9.33 51.95
N THR D 507 26.20 -8.07 52.34
CA THR D 507 26.60 -7.75 53.71
C THR D 507 25.62 -8.31 54.75
N TYR D 508 24.34 -7.95 54.63
CA TYR D 508 23.34 -8.32 55.64
C TYR D 508 22.94 -9.80 55.64
N LEU D 509 23.34 -10.54 54.62
CA LEU D 509 22.95 -11.96 54.55
C LEU D 509 23.66 -12.78 55.62
N LYS D 510 24.86 -12.34 56.01
CA LYS D 510 25.60 -12.98 57.10
C LYS D 510 24.86 -12.90 58.43
N ASP D 511 24.08 -11.83 58.62
CA ASP D 511 23.39 -11.59 59.89
C ASP D 511 22.18 -12.48 60.13
N HIS D 512 22.11 -13.60 59.40
CA HIS D 512 21.01 -14.55 59.57
C HIS D 512 21.49 -15.98 59.35
N ASP D 513 20.61 -16.94 59.67
CA ASP D 513 20.94 -18.35 59.54
C ASP D 513 20.58 -18.81 58.13
N THR D 514 21.57 -18.86 57.25
CA THR D 514 21.34 -19.20 55.84
C THR D 514 21.50 -20.70 55.59
N GLU D 515 21.75 -21.45 56.67
CA GLU D 515 22.04 -22.88 56.57
C GLU D 515 20.85 -23.72 56.14
N GLY D 516 20.88 -24.20 54.90
CA GLY D 516 19.78 -24.98 54.36
C GLY D 516 18.89 -24.14 53.45
N LEU D 517 19.24 -22.87 53.29
CA LEU D 517 18.47 -21.95 52.45
C LEU D 517 19.20 -21.66 51.15
N ASP D 518 18.50 -21.79 50.02
CA ASP D 518 19.12 -21.49 48.72
C ASP D 518 18.88 -20.03 48.33
N ILE D 519 19.83 -19.18 48.65
CA ILE D 519 19.71 -17.75 48.40
C ILE D 519 20.72 -17.30 47.36
N GLN D 520 20.25 -16.97 46.17
CA GLN D 520 21.12 -16.48 45.11
C GLN D 520 20.79 -15.06 44.71
N ILE D 521 21.65 -14.48 43.89
CA ILE D 521 21.45 -13.13 43.37
C ILE D 521 21.76 -13.15 41.88
N MET D 522 20.78 -12.79 41.07
CA MET D 522 20.99 -12.73 39.62
C MET D 522 20.41 -11.41 39.14
N SER D 523 20.80 -10.99 37.93
CA SER D 523 20.19 -9.82 37.31
C SER D 523 18.70 -10.04 37.15
N GLN D 524 17.97 -8.98 36.81
CA GLN D 524 16.52 -9.10 36.64
C GLN D 524 16.13 -10.10 35.56
N VAL D 525 16.81 -10.02 34.41
CA VAL D 525 16.45 -10.82 33.26
C VAL D 525 16.80 -12.28 33.52
N ARG D 526 17.99 -12.52 34.05
CA ARG D 526 18.41 -13.86 34.42
C ARG D 526 17.49 -14.44 35.51
N SER D 527 17.04 -13.59 36.43
CA SER D 527 16.12 -14.03 37.48
C SER D 527 14.77 -14.44 36.89
N MET D 528 14.24 -13.63 36.00
CA MET D 528 13.01 -13.95 35.28
C MET D 528 13.13 -15.29 34.57
N ARG D 529 14.19 -15.43 33.77
CA ARG D 529 14.45 -16.66 33.02
C ARG D 529 14.50 -17.89 33.93
N TYR D 530 15.39 -17.84 34.91
CA TYR D 530 15.57 -18.92 35.88
C TYR D 530 14.25 -19.29 36.56
N THR D 531 13.52 -18.26 36.98
CA THR D 531 12.21 -18.43 37.62
C THR D 531 11.19 -19.12 36.72
N CYS D 532 11.16 -18.77 35.43
CA CYS D 532 10.23 -19.41 34.49
C CYS D 532 10.60 -20.86 34.24
N GLU D 533 11.90 -21.08 34.08
CA GLU D 533 12.45 -22.42 33.94
C GLU D 533 12.02 -23.31 35.11
N ARG D 534 12.10 -22.77 36.33
CA ARG D 534 11.63 -23.49 37.52
C ARG D 534 10.09 -23.66 37.52
N LEU D 535 9.40 -22.59 37.16
CA LEU D 535 7.93 -22.54 37.16
C LEU D 535 7.33 -23.65 36.34
N VAL D 536 7.83 -23.84 35.12
CA VAL D 536 7.25 -24.86 34.25
C VAL D 536 7.45 -26.30 34.76
N ARG D 537 8.37 -26.48 35.71
CA ARG D 537 8.60 -27.80 36.29
C ARG D 537 7.92 -27.93 37.66
N GLY D 538 6.97 -27.04 37.93
CA GLY D 538 6.23 -27.05 39.19
C GLY D 538 7.05 -26.61 40.39
N LEU D 539 8.19 -25.97 40.14
CA LEU D 539 9.06 -25.53 41.21
C LEU D 539 8.70 -24.12 41.70
N ASP D 540 9.10 -23.81 42.93
CA ASP D 540 8.78 -22.52 43.54
C ASP D 540 10.02 -21.66 43.72
N THR D 541 9.83 -20.34 43.65
CA THR D 541 10.94 -19.40 43.84
C THR D 541 10.44 -18.10 44.44
N ILE D 542 10.99 -17.72 45.59
CA ILE D 542 10.62 -16.44 46.18
C ILE D 542 11.43 -15.36 45.46
N ALA D 543 10.75 -14.35 44.93
CA ALA D 543 11.46 -13.25 44.29
C ALA D 543 11.62 -12.09 45.27
N ALA D 544 12.87 -11.81 45.64
CA ALA D 544 13.18 -10.66 46.48
C ALA D 544 13.55 -9.49 45.58
N THR D 545 12.68 -8.47 45.54
CA THR D 545 12.77 -7.43 44.53
C THR D 545 12.61 -6.02 45.09
N GLY D 546 12.86 -5.03 44.26
CA GLY D 546 12.60 -3.63 44.62
C GLY D 546 11.12 -3.34 44.55
N ASN D 547 10.75 -2.07 44.75
CA ASN D 547 9.35 -1.65 44.81
C ASN D 547 8.59 -1.86 43.49
N ILE D 548 9.10 -1.23 42.43
CA ILE D 548 8.49 -1.35 41.11
C ILE D 548 8.38 -2.81 40.71
N LEU D 549 9.49 -3.54 40.87
CA LEU D 549 9.49 -4.95 40.49
C LEU D 549 8.49 -5.73 41.35
N ARG D 550 8.32 -5.33 42.61
CA ARG D 550 7.30 -5.94 43.46
C ARG D 550 5.94 -5.79 42.80
N ASP D 551 5.60 -4.56 42.45
CA ASP D 551 4.35 -4.28 41.73
C ASP D 551 4.20 -5.17 40.47
N TYR D 552 5.15 -5.03 39.56
CA TYR D 552 5.16 -5.76 38.28
C TYR D 552 4.98 -7.27 38.46
N LEU D 553 5.85 -7.90 39.25
CA LEU D 553 5.82 -9.35 39.42
C LEU D 553 4.58 -9.86 40.14
N THR D 554 4.17 -9.15 41.21
CA THR D 554 2.97 -9.54 41.97
C THR D 554 1.70 -9.27 41.20
N ASP D 555 1.80 -8.53 40.09
CA ASP D 555 0.69 -8.53 39.15
C ASP D 555 0.83 -9.67 38.13
N LEU D 556 2.02 -9.78 37.53
CA LEU D 556 2.29 -10.74 36.45
C LEU D 556 2.06 -12.21 36.81
N PHE D 557 2.77 -12.72 37.82
CA PHE D 557 2.68 -14.15 38.11
C PHE D 557 1.32 -14.63 38.66
N PRO D 558 0.71 -13.88 39.60
CA PRO D 558 -0.61 -14.32 40.07
C PRO D 558 -1.66 -14.38 38.96
N ILE D 559 -1.61 -13.44 38.00
CA ILE D 559 -2.55 -13.47 36.88
C ILE D 559 -2.37 -14.75 36.06
N LEU D 560 -1.11 -15.14 35.89
CA LEU D 560 -0.81 -16.39 35.22
C LEU D 560 -1.19 -17.61 36.07
N GLU D 561 -0.84 -17.56 37.36
CA GLU D 561 -1.09 -18.70 38.26
C GLU D 561 -2.56 -18.85 38.62
N LEU D 562 -3.19 -17.74 39.01
CA LEU D 562 -4.50 -17.77 39.67
C LEU D 562 -5.58 -17.06 38.88
N GLY D 563 -5.23 -16.53 37.72
CA GLY D 563 -6.20 -15.81 36.92
C GLY D 563 -6.28 -14.34 37.30
N THR D 564 -6.27 -14.05 38.60
CA THR D 564 -6.26 -12.65 39.09
C THR D 564 -5.33 -12.45 40.27
N SER D 565 -4.71 -11.27 40.36
CA SER D 565 -3.75 -10.97 41.43
C SER D 565 -4.46 -10.59 42.72
N ALA D 566 -5.79 -10.50 42.67
CA ALA D 566 -6.57 -10.16 43.84
C ALA D 566 -6.66 -11.34 44.80
N LYS D 567 -6.39 -12.54 44.29
CA LYS D 567 -6.47 -13.75 45.11
C LYS D 567 -5.21 -13.95 45.94
N MET D 568 -4.30 -12.99 45.88
CA MET D 568 -3.06 -13.05 46.61
C MET D 568 -3.21 -12.61 48.05
N LEU D 569 -2.34 -13.13 48.91
CA LEU D 569 -2.20 -12.64 50.26
C LEU D 569 -1.13 -11.57 50.21
N SER D 570 -1.43 -10.42 50.80
CA SER D 570 -0.47 -9.31 50.81
C SER D 570 -0.35 -8.78 52.23
N VAL D 571 0.77 -9.09 52.88
CA VAL D 571 0.97 -8.70 54.26
C VAL D 571 2.11 -7.68 54.38
N VAL D 572 1.85 -6.62 55.14
CA VAL D 572 2.84 -5.58 55.38
C VAL D 572 2.99 -5.40 56.88
N PRO D 573 3.98 -6.09 57.47
CA PRO D 573 4.31 -5.83 58.87
C PRO D 573 4.93 -4.43 59.01
N LEU D 574 4.19 -3.51 59.61
CA LEU D 574 4.71 -2.17 59.85
C LEU D 574 5.89 -2.23 60.82
N MET D 575 6.85 -1.32 60.63
CA MET D 575 8.02 -1.25 61.49
C MET D 575 7.67 -0.84 62.92
N ALA D 576 6.48 -0.29 63.09
CA ALA D 576 6.02 0.14 64.39
C ALA D 576 5.38 -1.02 65.16
N GLY D 577 5.29 -2.18 64.51
CA GLY D 577 4.67 -3.34 65.12
C GLY D 577 3.27 -3.58 64.59
N GLY D 578 2.74 -2.60 63.87
CA GLY D 578 1.40 -2.71 63.30
C GLY D 578 1.35 -3.70 62.15
N GLY D 579 0.16 -3.82 61.56
CA GLY D 579 -0.04 -4.71 60.43
C GLY D 579 -1.00 -4.14 59.40
N MET D 580 -0.53 -3.96 58.18
CA MET D 580 -1.42 -3.64 57.09
C MET D 580 -1.61 -4.88 56.21
N TYR D 581 -2.86 -5.19 55.89
CA TYR D 581 -3.19 -6.38 55.13
C TYR D 581 -3.92 -5.95 53.88
N GLU D 582 -3.19 -5.98 52.77
CA GLU D 582 -3.75 -5.53 51.50
C GLU D 582 -4.58 -6.66 50.91
N THR D 583 -5.76 -6.32 50.40
CA THR D 583 -6.66 -7.32 49.85
C THR D 583 -6.30 -7.64 48.40
N GLY D 584 -5.26 -8.44 48.22
CA GLY D 584 -4.78 -8.76 46.90
C GLY D 584 -3.67 -7.84 46.41
N ALA D 585 -3.32 -7.99 45.13
CA ALA D 585 -2.23 -7.21 44.52
C ALA D 585 -2.72 -6.39 43.33
N GLY D 586 -4.00 -6.53 43.00
CA GLY D 586 -4.58 -5.83 41.86
C GLY D 586 -5.16 -4.46 42.22
N GLY D 587 -5.87 -3.87 41.26
CA GLY D 587 -6.46 -2.55 41.44
C GLY D 587 -7.92 -2.57 41.83
N SER D 588 -8.59 -1.44 41.64
CA SER D 588 -9.99 -1.28 42.01
C SER D 588 -10.94 -1.68 40.90
N ALA D 589 -10.37 -2.28 39.84
CA ALA D 589 -11.13 -2.91 38.75
C ALA D 589 -12.33 -2.13 38.22
N PRO D 590 -12.06 -0.99 37.56
CA PRO D 590 -13.16 -0.12 37.08
C PRO D 590 -14.10 -0.84 36.11
N LYS D 591 -13.60 -1.82 35.37
CA LYS D 591 -14.43 -2.55 34.40
C LYS D 591 -15.61 -3.27 35.05
N HIS D 592 -15.46 -3.63 36.32
CA HIS D 592 -16.52 -4.36 37.03
C HIS D 592 -17.69 -3.43 37.38
N VAL D 593 -17.36 -2.16 37.60
CA VAL D 593 -18.36 -1.16 37.93
C VAL D 593 -19.37 -1.06 36.80
N LYS D 594 -18.85 -0.97 35.57
CA LYS D 594 -19.68 -0.88 34.38
C LYS D 594 -20.72 -2.02 34.31
N GLN D 595 -20.24 -3.25 34.44
CA GLN D 595 -21.12 -4.41 34.42
C GLN D 595 -22.12 -4.40 35.58
N LEU D 596 -21.71 -3.91 36.74
CA LEU D 596 -22.66 -3.81 37.85
C LEU D 596 -23.76 -2.77 37.62
N VAL D 597 -23.39 -1.62 37.05
CA VAL D 597 -24.38 -0.56 36.86
C VAL D 597 -25.28 -0.81 35.65
N GLU D 598 -24.82 -1.63 34.71
CA GLU D 598 -25.60 -1.85 33.50
C GLU D 598 -26.26 -3.22 33.39
N GLU D 599 -25.80 -4.17 34.21
CA GLU D 599 -26.34 -5.52 34.22
C GLU D 599 -26.61 -6.04 35.63
N ASN D 600 -26.34 -5.19 36.63
CA ASN D 600 -26.47 -5.57 38.04
C ASN D 600 -25.78 -6.88 38.40
N HIS D 601 -24.57 -7.05 37.89
CA HIS D 601 -23.73 -8.20 38.20
C HIS D 601 -22.30 -7.76 38.49
N LEU D 602 -21.84 -8.03 39.71
CA LEU D 602 -20.48 -7.66 40.09
C LEU D 602 -19.58 -8.88 40.12
N ARG D 603 -18.68 -8.98 39.15
CA ARG D 603 -17.78 -10.14 39.05
C ARG D 603 -16.56 -10.03 39.96
N TRP D 604 -16.46 -8.90 40.67
CA TRP D 604 -15.38 -8.71 41.65
C TRP D 604 -15.27 -9.85 42.65
N ASP D 605 -14.06 -10.36 42.82
CA ASP D 605 -13.81 -11.46 43.76
C ASP D 605 -13.26 -10.90 45.07
N SER D 606 -14.00 -11.07 46.15
CA SER D 606 -13.59 -10.52 47.44
C SER D 606 -12.71 -11.46 48.25
N LEU D 607 -12.19 -12.49 47.58
CA LEU D 607 -11.34 -13.48 48.23
C LEU D 607 -10.20 -12.81 49.01
N GLY D 608 -9.48 -11.94 48.31
CA GLY D 608 -8.38 -11.20 48.90
C GLY D 608 -8.76 -10.42 50.14
N GLU D 609 -10.02 -10.00 50.23
CA GLU D 609 -10.50 -9.35 51.44
C GLU D 609 -10.55 -10.37 52.57
N PHE D 610 -11.29 -11.47 52.33
CA PHE D 610 -11.44 -12.56 53.29
C PHE D 610 -10.08 -12.97 53.84
N LEU D 611 -9.21 -13.40 52.93
CA LEU D 611 -7.82 -13.72 53.24
C LEU D 611 -7.20 -12.67 54.16
N ALA D 612 -7.22 -11.42 53.72
CA ALA D 612 -6.56 -10.36 54.48
C ALA D 612 -7.18 -10.35 55.86
N LEU D 613 -8.51 -10.38 55.90
CA LEU D 613 -9.21 -10.33 57.17
C LEU D 613 -8.76 -11.47 58.06
N GLY D 614 -8.67 -12.68 57.48
CA GLY D 614 -8.19 -13.82 58.23
C GLY D 614 -6.86 -13.47 58.86
N ALA D 615 -5.91 -13.06 58.01
CA ALA D 615 -4.56 -12.77 58.46
C ALA D 615 -4.60 -11.68 59.52
N GLY D 616 -5.58 -10.79 59.42
CA GLY D 616 -5.77 -9.77 60.42
C GLY D 616 -6.07 -10.44 61.74
N PHE D 617 -7.21 -11.13 61.79
CA PHE D 617 -7.71 -11.75 63.02
C PHE D 617 -6.64 -12.59 63.68
N GLU D 618 -6.13 -13.57 62.94
CA GLU D 618 -5.00 -14.40 63.36
C GLU D 618 -3.92 -13.56 64.03
N ASP D 619 -3.41 -12.55 63.32
CA ASP D 619 -2.31 -11.74 63.85
C ASP D 619 -2.70 -11.09 65.17
N ILE D 620 -3.95 -10.63 65.27
CA ILE D 620 -4.42 -10.01 66.50
C ILE D 620 -4.27 -11.01 67.64
N GLY D 621 -4.76 -12.22 67.41
CA GLY D 621 -4.69 -13.25 68.42
C GLY D 621 -3.25 -13.59 68.77
N ILE D 622 -2.36 -13.43 67.79
CA ILE D 622 -0.95 -13.70 67.98
C ILE D 622 -0.28 -12.54 68.72
N LYS D 623 -0.83 -11.34 68.53
CA LYS D 623 -0.20 -10.13 69.05
C LYS D 623 -0.69 -9.76 70.45
N THR D 624 -1.96 -10.06 70.71
CA THR D 624 -2.57 -9.73 72.00
C THR D 624 -2.91 -10.99 72.82
N GLY D 625 -3.50 -11.99 72.16
CA GLY D 625 -3.89 -13.20 72.83
C GLY D 625 -5.40 -13.40 72.85
N ASN D 626 -6.10 -12.65 72.02
CA ASN D 626 -7.54 -12.75 71.94
C ASN D 626 -7.97 -14.06 71.26
N GLU D 627 -8.32 -15.05 72.08
CA GLU D 627 -8.66 -16.39 71.60
C GLU D 627 -9.85 -16.38 70.65
N ARG D 628 -10.69 -15.36 70.80
CA ARG D 628 -11.85 -15.17 69.92
C ARG D 628 -11.44 -14.60 68.56
N ALA D 629 -10.41 -13.76 68.55
CA ALA D 629 -9.85 -13.24 67.29
C ALA D 629 -9.21 -14.39 66.52
N LYS D 630 -8.46 -15.22 67.24
CA LYS D 630 -7.88 -16.43 66.68
C LYS D 630 -8.97 -17.35 66.14
N LEU D 631 -10.04 -17.49 66.91
CA LEU D 631 -11.15 -18.35 66.49
C LEU D 631 -11.76 -17.84 65.18
N LEU D 632 -12.02 -16.53 65.14
CA LEU D 632 -12.51 -15.88 63.94
C LEU D 632 -11.60 -16.14 62.75
N GLY D 633 -10.29 -16.03 62.98
CA GLY D 633 -9.30 -16.33 61.97
C GLY D 633 -9.40 -17.74 61.43
N LYS D 634 -9.21 -18.72 62.31
CA LYS D 634 -9.29 -20.14 61.96
C LYS D 634 -10.58 -20.51 61.22
N THR D 635 -11.72 -20.07 61.76
CA THR D 635 -13.02 -20.36 61.19
C THR D 635 -13.20 -19.72 59.81
N LEU D 636 -12.77 -18.46 59.69
CA LEU D 636 -12.81 -17.76 58.41
C LEU D 636 -11.94 -18.46 57.37
N ASP D 637 -10.76 -18.90 57.78
CA ASP D 637 -9.86 -19.64 56.91
C ASP D 637 -10.55 -20.90 56.40
N ALA D 638 -11.08 -21.68 57.34
CA ALA D 638 -11.78 -22.92 57.00
C ALA D 638 -12.96 -22.67 56.07
N ALA D 639 -13.62 -21.52 56.25
CA ALA D 639 -14.78 -21.14 55.45
C ALA D 639 -14.37 -20.74 54.03
N ILE D 640 -13.22 -20.09 53.92
CA ILE D 640 -12.63 -19.79 52.63
C ILE D 640 -12.34 -21.13 51.96
N GLY D 641 -11.78 -22.05 52.73
CA GLY D 641 -11.56 -23.41 52.29
C GLY D 641 -12.79 -24.05 51.68
N LYS D 642 -13.92 -23.96 52.40
CA LYS D 642 -15.17 -24.57 51.95
C LYS D 642 -15.73 -23.83 50.73
N LEU D 643 -15.51 -22.52 50.69
CA LEU D 643 -15.95 -21.66 49.59
C LEU D 643 -15.26 -22.04 48.28
N LEU D 644 -13.96 -22.30 48.39
CA LEU D 644 -13.16 -22.74 47.25
C LEU D 644 -13.51 -24.17 46.87
N ASP D 645 -13.66 -25.03 47.88
CA ASP D 645 -14.01 -26.43 47.65
C ASP D 645 -15.36 -26.52 46.94
N ASN D 646 -16.26 -25.58 47.23
CA ASN D 646 -17.57 -25.61 46.62
C ASN D 646 -17.71 -24.73 45.39
N ASP D 647 -16.60 -24.12 44.96
CA ASP D 647 -16.56 -23.29 43.76
C ASP D 647 -17.59 -22.15 43.84
N LYS D 648 -17.84 -21.69 45.06
CA LYS D 648 -18.81 -20.62 45.27
C LYS D 648 -18.14 -19.25 45.13
N SER D 649 -17.47 -19.05 44.01
CA SER D 649 -16.82 -17.76 43.73
C SER D 649 -17.59 -17.03 42.64
N PRO D 650 -17.44 -15.70 42.57
CA PRO D 650 -18.19 -14.94 41.56
C PRO D 650 -17.88 -15.39 40.14
N SER D 651 -18.91 -15.41 39.30
CA SER D 651 -18.74 -15.69 37.88
C SER D 651 -18.70 -14.39 37.07
N ARG D 652 -18.21 -14.49 35.84
CA ARG D 652 -18.08 -13.33 34.96
C ARG D 652 -19.36 -13.04 34.18
N LYS D 653 -20.22 -14.06 34.05
CA LYS D 653 -21.46 -13.94 33.28
C LYS D 653 -22.63 -13.37 34.09
N THR D 654 -23.25 -12.33 33.54
CA THR D 654 -24.44 -11.72 34.14
C THR D 654 -25.50 -12.78 34.31
N GLY D 655 -26.04 -12.90 35.53
CA GLY D 655 -27.03 -13.92 35.81
C GLY D 655 -26.49 -14.99 36.74
N GLU D 656 -25.27 -15.45 36.47
CA GLU D 656 -24.64 -16.44 37.33
C GLU D 656 -24.23 -15.79 38.67
N LEU D 657 -23.81 -16.60 39.64
CA LEU D 657 -23.42 -16.10 40.96
C LEU D 657 -22.41 -14.95 40.87
N ASP D 658 -22.66 -13.86 41.60
CA ASP D 658 -21.73 -12.74 41.63
C ASP D 658 -21.10 -12.52 43.01
N ASN D 659 -20.44 -11.38 43.19
CA ASN D 659 -19.76 -11.06 44.46
C ASN D 659 -20.68 -11.18 45.67
N ARG D 660 -21.91 -10.70 45.52
CA ARG D 660 -22.90 -10.71 46.59
C ARG D 660 -23.20 -12.13 47.07
N GLY D 661 -23.59 -13.00 46.13
CA GLY D 661 -23.83 -14.40 46.45
C GLY D 661 -22.63 -15.09 47.06
N SER D 662 -21.44 -14.71 46.58
CA SER D 662 -20.20 -15.26 47.12
C SER D 662 -20.05 -14.90 48.60
N GLN D 663 -20.28 -13.63 48.92
CA GLN D 663 -20.20 -13.17 50.30
C GLN D 663 -21.27 -13.84 51.15
N PHE D 664 -22.43 -14.11 50.55
CA PHE D 664 -23.48 -14.86 51.24
C PHE D 664 -23.01 -16.26 51.62
N TYR D 665 -22.46 -16.98 50.65
CA TYR D 665 -22.00 -18.34 50.91
C TYR D 665 -20.87 -18.35 51.92
N LEU D 666 -20.03 -17.33 51.87
CA LEU D 666 -18.94 -17.22 52.83
C LEU D 666 -19.49 -17.00 54.22
N ALA D 667 -20.51 -16.14 54.31
CA ALA D 667 -21.16 -15.86 55.58
C ALA D 667 -21.77 -17.15 56.13
N MET D 668 -22.42 -17.91 55.28
CA MET D 668 -23.05 -19.18 55.66
C MET D 668 -22.02 -20.18 56.19
N TYR D 669 -20.97 -20.44 55.40
CA TYR D 669 -19.93 -21.39 55.79
C TYR D 669 -19.23 -20.97 57.07
N TRP D 670 -19.05 -19.66 57.22
CA TRP D 670 -18.37 -19.11 58.38
C TRP D 670 -19.23 -19.33 59.60
N ALA D 671 -20.53 -19.11 59.42
CA ALA D 671 -21.50 -19.32 60.49
C ALA D 671 -21.52 -20.77 60.95
N GLN D 672 -21.52 -21.69 59.98
CA GLN D 672 -21.48 -23.12 60.29
C GLN D 672 -20.20 -23.50 61.03
N GLU D 673 -19.08 -22.96 60.53
CA GLU D 673 -17.78 -23.23 61.11
C GLU D 673 -17.68 -22.68 62.54
N LEU D 674 -18.49 -21.66 62.82
CA LEU D 674 -18.54 -21.05 64.14
C LEU D 674 -19.52 -21.74 65.10
N ALA D 675 -20.58 -22.33 64.55
CA ALA D 675 -21.53 -23.09 65.35
C ALA D 675 -20.96 -24.47 65.68
N ALA D 676 -20.04 -24.95 64.83
CA ALA D 676 -19.46 -26.28 65.01
C ALA D 676 -18.33 -26.31 66.06
N GLN D 677 -17.45 -25.30 66.03
CA GLN D 677 -16.25 -25.26 66.88
C GLN D 677 -16.54 -25.35 68.39
N THR D 678 -15.59 -25.94 69.13
CA THR D 678 -15.78 -26.26 70.54
C THR D 678 -14.70 -25.68 71.46
N ASP D 679 -14.33 -24.42 71.23
CA ASP D 679 -13.37 -23.72 72.07
C ASP D 679 -14.10 -22.57 72.73
N ASP D 680 -15.30 -22.30 72.24
CA ASP D 680 -16.11 -21.20 72.71
C ASP D 680 -17.59 -21.50 72.50
N GLN D 681 -18.21 -22.11 73.51
CA GLN D 681 -19.62 -22.46 73.47
C GLN D 681 -20.51 -21.23 73.31
N GLN D 682 -20.12 -20.13 73.96
CA GLN D 682 -20.88 -18.89 73.92
C GLN D 682 -21.02 -18.33 72.50
N LEU D 683 -19.88 -18.22 71.82
CA LEU D 683 -19.84 -17.73 70.45
C LEU D 683 -20.56 -18.71 69.51
N ALA D 684 -20.36 -20.01 69.75
CA ALA D 684 -21.02 -21.05 68.98
C ALA D 684 -22.54 -20.90 69.02
N GLU D 685 -23.10 -20.85 70.22
CA GLU D 685 -24.53 -20.67 70.40
C GLU D 685 -24.99 -19.27 69.98
N HIS D 686 -24.04 -18.33 69.85
CA HIS D 686 -24.38 -17.04 69.26
C HIS D 686 -24.66 -17.21 67.75
N PHE D 687 -23.70 -17.82 67.06
CA PHE D 687 -23.80 -17.93 65.60
C PHE D 687 -24.66 -19.10 65.11
N ALA D 688 -25.16 -19.91 66.04
CA ALA D 688 -25.93 -21.10 65.70
C ALA D 688 -27.19 -20.78 64.90
N SER D 689 -27.97 -19.83 65.41
CA SER D 689 -29.21 -19.42 64.75
C SER D 689 -28.96 -18.80 63.37
N LEU D 690 -27.83 -18.08 63.24
CA LEU D 690 -27.43 -17.54 61.93
C LEU D 690 -27.11 -18.66 60.96
N ALA D 691 -26.34 -19.64 61.44
CA ALA D 691 -25.99 -20.82 60.66
C ALA D 691 -27.25 -21.52 60.15
N ASP D 692 -28.17 -21.82 61.06
CA ASP D 692 -29.43 -22.49 60.72
C ASP D 692 -30.31 -21.69 59.77
N VAL D 693 -30.47 -20.39 60.04
CA VAL D 693 -31.28 -19.52 59.18
C VAL D 693 -30.73 -19.43 57.76
N LEU D 694 -29.44 -19.08 57.65
CA LEU D 694 -28.80 -18.97 56.34
C LEU D 694 -28.78 -20.30 55.57
N THR D 695 -28.50 -21.39 56.28
CA THR D 695 -28.52 -22.71 55.65
C THR D 695 -29.93 -23.07 55.19
N LYS D 696 -30.93 -22.63 55.94
CA LYS D 696 -32.33 -22.90 55.61
C LYS D 696 -32.79 -22.08 54.41
N ASN D 697 -32.43 -20.80 54.40
CA ASN D 697 -32.91 -19.89 53.37
C ASN D 697 -31.94 -19.69 52.22
N GLU D 698 -31.13 -20.72 51.95
CA GLU D 698 -30.17 -20.65 50.85
C GLU D 698 -30.86 -20.36 49.51
N ASP D 699 -31.72 -21.29 49.08
CA ASP D 699 -32.45 -21.19 47.82
C ASP D 699 -33.15 -19.83 47.59
N VAL D 700 -33.86 -19.34 48.61
CA VAL D 700 -34.61 -18.10 48.49
C VAL D 700 -33.72 -16.85 48.46
N ILE D 701 -32.62 -16.87 49.24
CA ILE D 701 -31.68 -15.76 49.27
C ILE D 701 -30.93 -15.66 47.94
N VAL D 702 -30.34 -16.77 47.51
CA VAL D 702 -29.66 -16.86 46.23
C VAL D 702 -30.63 -16.44 45.11
N ARG D 703 -31.89 -16.86 45.24
CA ARG D 703 -32.92 -16.48 44.27
C ARG D 703 -33.12 -14.96 44.23
N GLU D 704 -33.26 -14.34 45.40
CA GLU D 704 -33.41 -12.88 45.47
C GLU D 704 -32.17 -12.18 44.92
N LEU D 705 -31.03 -12.86 44.99
CA LEU D 705 -29.77 -12.34 44.49
C LEU D 705 -29.60 -12.55 42.99
N THR D 706 -30.44 -13.42 42.42
CA THR D 706 -30.39 -13.68 40.98
C THR D 706 -31.45 -12.87 40.23
N GLU D 707 -32.61 -12.69 40.86
CA GLU D 707 -33.72 -11.91 40.27
C GLU D 707 -33.29 -10.50 39.89
N VAL D 708 -32.51 -9.88 40.76
CA VAL D 708 -32.09 -8.49 40.60
C VAL D 708 -31.13 -8.27 39.43
N GLN D 709 -30.51 -9.36 38.95
CA GLN D 709 -29.55 -9.25 37.86
C GLN D 709 -30.24 -9.15 36.50
N GLY D 710 -29.55 -8.57 35.52
CA GLY D 710 -30.09 -8.46 34.17
C GLY D 710 -30.51 -7.06 33.78
N GLU D 711 -30.97 -6.26 34.74
CA GLU D 711 -31.45 -4.91 34.46
C GLU D 711 -30.58 -3.83 35.10
N PRO D 712 -30.38 -2.69 34.40
CA PRO D 712 -29.53 -1.61 34.90
C PRO D 712 -29.98 -1.06 36.25
N VAL D 713 -29.03 -0.53 37.02
CA VAL D 713 -29.32 0.01 38.34
C VAL D 713 -28.68 1.38 38.53
N ASP D 714 -29.00 2.04 39.65
CA ASP D 714 -28.53 3.39 39.90
C ASP D 714 -27.95 3.51 41.30
N ILE D 715 -26.65 3.81 41.37
CA ILE D 715 -25.97 4.02 42.65
C ILE D 715 -25.79 5.52 42.87
N GLY D 716 -26.27 6.30 41.90
CA GLY D 716 -26.28 7.75 41.99
C GLY D 716 -24.91 8.39 42.13
N GLY D 717 -24.01 8.05 41.21
CA GLY D 717 -22.64 8.56 41.26
C GLY D 717 -21.62 7.49 40.92
N TYR D 718 -20.40 7.91 40.63
CA TYR D 718 -19.30 7.00 40.31
C TYR D 718 -18.21 7.07 41.37
N TYR D 719 -17.57 8.23 41.47
CA TYR D 719 -16.51 8.46 42.45
C TYR D 719 -17.10 8.81 43.81
N ALA D 720 -18.30 9.35 43.77
CA ALA D 720 -19.07 9.64 44.98
C ALA D 720 -20.42 8.96 44.83
N PRO D 721 -20.48 7.67 45.17
CA PRO D 721 -21.76 6.94 45.04
C PRO D 721 -22.66 7.26 46.23
N ASP D 722 -23.97 7.25 46.03
CA ASP D 722 -24.92 7.52 47.11
C ASP D 722 -25.01 6.33 48.06
N SER D 723 -24.64 6.55 49.32
CA SER D 723 -24.64 5.50 50.34
C SER D 723 -25.96 4.72 50.44
N ASP D 724 -27.09 5.43 50.46
CA ASP D 724 -28.40 4.78 50.54
C ASP D 724 -28.67 3.89 49.33
N MET D 725 -28.65 4.49 48.15
CA MET D 725 -28.93 3.76 46.90
C MET D 725 -27.96 2.61 46.68
N THR D 726 -26.67 2.88 46.92
CA THR D 726 -25.64 1.86 46.80
C THR D 726 -25.89 0.69 47.76
N THR D 727 -26.25 1.01 49.00
CA THR D 727 -26.57 -0.04 49.98
C THR D 727 -27.78 -0.85 49.52
N ALA D 728 -28.76 -0.15 48.94
CA ALA D 728 -29.95 -0.79 48.42
C ALA D 728 -29.62 -1.79 47.30
N VAL D 729 -28.73 -1.38 46.40
CA VAL D 729 -28.33 -2.22 45.27
C VAL D 729 -27.43 -3.39 45.67
N MET D 730 -26.43 -3.13 46.50
CA MET D 730 -25.46 -4.15 46.91
C MET D 730 -26.02 -5.08 47.97
N ARG D 731 -27.11 -4.67 48.59
CA ARG D 731 -27.75 -5.50 49.59
C ARG D 731 -29.24 -5.58 49.32
N PRO D 732 -29.62 -6.34 48.28
CA PRO D 732 -31.02 -6.42 47.84
C PRO D 732 -31.77 -7.65 48.36
N SER D 733 -31.10 -8.49 49.14
CA SER D 733 -31.78 -9.67 49.71
C SER D 733 -32.29 -9.36 51.11
N LYS D 734 -33.59 -9.06 51.21
CA LYS D 734 -34.20 -8.72 52.49
C LYS D 734 -34.04 -9.85 53.49
N THR D 735 -34.14 -11.09 53.00
CA THR D 735 -34.01 -12.27 53.86
C THR D 735 -32.63 -12.30 54.51
N PHE D 736 -31.61 -12.08 53.69
CA PHE D 736 -30.22 -12.07 54.15
C PHE D 736 -29.98 -10.93 55.14
N ASN D 737 -30.31 -9.71 54.72
CA ASN D 737 -30.13 -8.54 55.58
C ASN D 737 -30.79 -8.74 56.93
N ALA D 738 -32.08 -9.10 56.91
CA ALA D 738 -32.83 -9.41 58.13
C ALA D 738 -32.17 -10.49 58.97
N ALA D 739 -31.62 -11.51 58.30
CA ALA D 739 -30.89 -12.57 58.98
C ALA D 739 -29.67 -12.02 59.71
N LEU D 740 -29.04 -11.00 59.14
CA LEU D 740 -27.82 -10.43 59.72
C LEU D 740 -28.01 -9.76 61.08
N GLU D 741 -29.23 -9.34 61.40
CA GLU D 741 -29.54 -8.82 62.73
C GLU D 741 -29.50 -9.93 63.79
N ALA D 742 -28.29 -10.27 64.23
CA ALA D 742 -28.07 -11.29 65.26
C ALA D 742 -27.28 -10.70 66.42
#